data_1NFV
#
_entry.id   1NFV
#
_cell.length_a   225.300
_cell.length_b   225.300
_cell.length_c   225.300
_cell.angle_alpha   90.00
_cell.angle_beta   90.00
_cell.angle_gamma   90.00
#
_symmetry.space_group_name_H-M   'P 21 3'
#
loop_
_entity.id
_entity.type
_entity.pdbx_description
1 polymer bacterioferritin
2 non-polymer 'FE (III) ION'
3 non-polymer 'SULFATE ION'
4 non-polymer GLYCEROL
5 non-polymer '1,3,5,8-TETRAMETHYL-PORPHINE-2,4,6,7-TETRAPROPIONIC ACID FERROUS COMPLEX'
6 non-polymer '3-HYDROXYPYRUVIC ACID'
7 water water
#
_entity_poly.entity_id   1
_entity_poly.type   'polypeptide(L)'
_entity_poly.pdbx_seq_one_letter_code
;MAGNREDRKAKVIEVLNKARAMELHAIHQYMNQHYSLDDMDYGELAANMKLIAIDEMRHAENFAERIKELGGEPTTQKEG
KVVTGQAVPVIYESDADQEDATIEAYSQFLKVCKEQGDIVTARLFERIIEEEQAHLTYYENIGSHIKNLGDTYLAKIAGT
PSSTGTASKGFVTATPAAE
;
_entity_poly.pdbx_strand_id   A,B,C,D,E,F,G,H,I,J,K,L,M,N,O,P
#
# COMPACT_ATOMS: atom_id res chain seq x y z
N ASN A 4 30.66 -30.41 26.26
CA ASN A 4 30.40 -28.98 26.05
C ASN A 4 28.89 -28.80 25.94
N ARG A 5 28.40 -27.61 26.27
CA ARG A 5 26.98 -27.33 26.23
C ARG A 5 26.41 -27.73 24.86
N GLU A 6 27.05 -27.29 23.79
CA GLU A 6 26.58 -27.47 22.42
C GLU A 6 26.45 -28.94 22.03
N ASP A 7 27.47 -29.68 22.44
CA ASP A 7 27.60 -31.12 22.44
C ASP A 7 26.37 -31.78 23.05
N ARG A 8 26.02 -31.29 24.23
CA ARG A 8 24.92 -31.84 25.01
C ARG A 8 23.60 -31.62 24.29
N LYS A 9 23.41 -30.42 23.77
CA LYS A 9 22.19 -30.09 23.05
C LYS A 9 22.04 -30.94 21.80
N ALA A 10 23.11 -31.04 21.01
CA ALA A 10 23.06 -31.80 19.76
C ALA A 10 22.66 -33.25 19.97
N LYS A 11 23.20 -33.90 20.99
CA LYS A 11 22.87 -35.30 21.28
C LYS A 11 21.42 -35.46 21.70
N VAL A 12 20.88 -34.53 22.48
CA VAL A 12 19.46 -34.64 22.85
C VAL A 12 18.56 -34.38 21.65
N ILE A 13 18.91 -33.39 20.82
CA ILE A 13 18.10 -33.09 19.64
C ILE A 13 18.02 -34.31 18.73
N GLU A 14 19.13 -35.05 18.68
CA GLU A 14 19.19 -36.25 17.85
C GLU A 14 18.21 -37.30 18.34
N VAL A 15 18.23 -37.62 19.65
CA VAL A 15 17.24 -38.63 20.08
C VAL A 15 15.82 -38.08 19.99
N LEU A 16 15.65 -36.76 20.19
CA LEU A 16 14.33 -36.17 20.00
C LEU A 16 13.86 -36.32 18.55
N ASN A 17 14.76 -36.11 17.57
CA ASN A 17 14.31 -36.26 16.19
C ASN A 17 14.07 -37.72 15.84
N LYS A 18 14.83 -38.63 16.43
CA LYS A 18 14.58 -40.05 16.21
C LYS A 18 13.20 -40.44 16.75
N ALA A 19 12.91 -39.95 17.95
CA ALA A 19 11.59 -40.22 18.53
C ALA A 19 10.50 -39.60 17.67
N ARG A 20 10.67 -38.33 17.30
CA ARG A 20 9.70 -37.65 16.45
C ARG A 20 9.50 -38.43 15.17
N ALA A 21 10.56 -38.92 14.52
CA ALA A 21 10.40 -39.71 13.30
C ALA A 21 9.57 -40.95 13.55
N MET A 22 9.72 -41.54 14.73
CA MET A 22 8.90 -42.71 15.05
C MET A 22 7.44 -42.33 15.23
N GLU A 23 7.16 -41.16 15.81
CA GLU A 23 5.79 -40.69 15.96
C GLU A 23 5.17 -40.44 14.58
N LEU A 24 5.93 -39.82 13.67
CA LEU A 24 5.28 -39.58 12.37
C LEU A 24 4.96 -40.92 11.69
N HIS A 25 5.83 -41.92 11.84
CA HIS A 25 5.50 -43.23 11.28
C HIS A 25 4.18 -43.74 11.83
N ALA A 26 4.04 -43.70 13.15
CA ALA A 26 2.88 -44.19 13.90
C ALA A 26 1.60 -43.49 13.49
N ILE A 27 1.68 -42.17 13.35
CA ILE A 27 0.51 -41.45 12.83
C ILE A 27 0.07 -42.04 11.50
N HIS A 28 0.99 -42.17 10.54
CA HIS A 28 0.57 -42.70 9.24
C HIS A 28 0.12 -44.15 9.33
N GLN A 29 0.82 -44.97 10.11
CA GLN A 29 0.52 -46.39 10.23
C GLN A 29 -0.87 -46.60 10.84
N TYR A 30 -1.10 -45.91 11.96
CA TYR A 30 -2.37 -45.99 12.68
C TYR A 30 -3.49 -45.40 11.84
N MET A 31 -3.27 -44.29 11.15
CA MET A 31 -4.40 -43.77 10.37
C MET A 31 -4.68 -44.69 9.19
N ASN A 32 -3.67 -45.37 8.64
CA ASN A 32 -3.99 -46.29 7.54
C ASN A 32 -4.85 -47.45 8.01
N GLN A 33 -4.59 -47.97 9.21
CA GLN A 33 -5.41 -49.01 9.81
C GLN A 33 -6.81 -48.49 10.13
N HIS A 34 -6.90 -47.24 10.58
CA HIS A 34 -8.18 -46.59 10.85
C HIS A 34 -9.03 -46.55 9.59
N TYR A 35 -8.42 -46.23 8.44
CA TYR A 35 -9.16 -46.19 7.18
C TYR A 35 -9.69 -47.57 6.82
N SER A 36 -8.91 -48.61 7.11
CA SER A 36 -9.33 -49.98 6.89
C SER A 36 -10.45 -50.40 7.83
N LEU A 37 -10.31 -50.14 9.12
CA LEU A 37 -11.33 -50.55 10.08
C LEU A 37 -12.65 -49.85 9.79
N ASP A 38 -12.59 -48.56 9.43
CA ASP A 38 -13.75 -47.76 9.10
C ASP A 38 -14.44 -48.36 7.87
N ASP A 39 -13.61 -48.67 6.89
CA ASP A 39 -14.10 -49.27 5.67
C ASP A 39 -14.78 -50.62 5.97
N MET A 40 -14.26 -51.34 6.96
CA MET A 40 -14.81 -52.63 7.32
C MET A 40 -16.05 -52.47 8.21
N ASP A 41 -16.30 -51.24 8.60
CA ASP A 41 -17.44 -50.86 9.42
C ASP A 41 -17.30 -51.44 10.83
N TYR A 42 -16.09 -51.47 11.38
CA TYR A 42 -15.87 -51.81 12.80
C TYR A 42 -15.61 -50.49 13.55
N GLY A 43 -16.67 -49.73 13.74
CA GLY A 43 -16.65 -48.36 14.20
C GLY A 43 -15.92 -48.11 15.49
N GLU A 44 -16.19 -48.94 16.51
CA GLU A 44 -15.52 -48.64 17.78
C GLU A 44 -14.02 -48.83 17.62
N LEU A 45 -13.60 -49.83 16.83
CA LEU A 45 -12.18 -50.05 16.61
C LEU A 45 -11.57 -48.91 15.80
N ALA A 46 -12.27 -48.46 14.77
CA ALA A 46 -11.79 -47.37 13.94
C ALA A 46 -11.63 -46.11 14.76
N ALA A 47 -12.58 -45.88 15.66
CA ALA A 47 -12.58 -44.65 16.44
C ALA A 47 -11.41 -44.63 17.41
N ASN A 48 -11.17 -45.72 18.14
CA ASN A 48 -10.06 -45.67 19.10
C ASN A 48 -8.72 -45.65 18.37
N MET A 49 -8.64 -46.23 17.18
CA MET A 49 -7.38 -46.20 16.42
C MET A 49 -7.05 -44.75 16.09
N LYS A 50 -8.05 -44.01 15.63
CA LYS A 50 -7.85 -42.61 15.28
C LYS A 50 -7.53 -41.76 16.50
N LEU A 51 -8.16 -42.03 17.64
CA LEU A 51 -7.84 -41.30 18.85
C LEU A 51 -6.40 -41.61 19.28
N ILE A 52 -5.97 -42.85 19.07
CA ILE A 52 -4.56 -43.12 19.40
C ILE A 52 -3.66 -42.38 18.43
N ALA A 53 -3.98 -42.36 17.15
CA ALA A 53 -3.19 -41.59 16.19
C ALA A 53 -3.07 -40.12 16.60
N ILE A 54 -4.16 -39.54 17.12
CA ILE A 54 -4.11 -38.14 17.54
C ILE A 54 -3.21 -37.97 18.76
N ASP A 55 -3.14 -38.96 19.67
CA ASP A 55 -2.14 -38.87 20.72
C ASP A 55 -0.73 -38.86 20.11
N GLU A 56 -0.53 -39.65 19.05
CA GLU A 56 0.80 -39.65 18.44
C GLU A 56 1.10 -38.31 17.78
N MET A 57 0.09 -37.67 17.20
CA MET A 57 0.29 -36.33 16.67
C MET A 57 0.75 -35.37 17.76
N ARG A 58 0.13 -35.45 18.93
N ARG A 58 0.15 -35.49 18.93
CA ARG A 58 0.50 -34.60 20.06
CA ARG A 58 0.50 -34.62 20.05
C ARG A 58 1.94 -34.90 20.49
C ARG A 58 1.90 -34.91 20.55
N HIS A 59 2.33 -36.17 20.51
CA HIS A 59 3.71 -36.49 20.86
C HIS A 59 4.67 -35.85 19.85
N ALA A 60 4.38 -35.99 18.55
CA ALA A 60 5.23 -35.40 17.52
C ALA A 60 5.43 -33.91 17.75
N GLU A 61 4.32 -33.25 18.05
CA GLU A 61 4.31 -31.82 18.32
C GLU A 61 5.10 -31.46 19.57
N ASN A 62 4.96 -32.20 20.66
CA ASN A 62 5.72 -31.92 21.89
C ASN A 62 7.22 -32.12 21.67
N PHE A 63 7.56 -33.16 20.94
CA PHE A 63 8.95 -33.38 20.57
C PHE A 63 9.48 -32.21 19.73
N ALA A 64 8.72 -31.78 18.72
CA ALA A 64 9.15 -30.69 17.87
C ALA A 64 9.36 -29.38 18.65
N GLU A 65 8.44 -29.10 19.57
CA GLU A 65 8.52 -27.90 20.40
C GLU A 65 9.75 -27.92 21.28
N ARG A 66 10.10 -29.06 21.86
CA ARG A 66 11.34 -29.12 22.67
C ARG A 66 12.56 -28.99 21.77
N ILE A 67 12.53 -29.55 20.57
CA ILE A 67 13.66 -29.42 19.65
C ILE A 67 13.89 -27.94 19.33
N LYS A 68 12.81 -27.19 19.11
CA LYS A 68 12.97 -25.75 18.91
C LYS A 68 13.54 -25.07 20.15
N GLU A 69 13.10 -25.39 21.36
CA GLU A 69 13.67 -24.78 22.55
C GLU A 69 15.17 -25.03 22.59
N LEU A 70 15.63 -26.17 22.09
CA LEU A 70 17.07 -26.47 22.12
C LEU A 70 17.79 -25.89 20.90
N GLY A 71 17.12 -25.16 20.02
CA GLY A 71 17.71 -24.53 18.86
C GLY A 71 17.83 -25.44 17.65
N GLY A 72 17.22 -26.63 17.69
CA GLY A 72 17.34 -27.56 16.58
C GLY A 72 16.20 -27.43 15.58
N GLU A 73 16.19 -28.32 14.59
CA GLU A 73 15.16 -28.33 13.55
C GLU A 73 14.38 -29.64 13.60
N PRO A 74 13.08 -29.58 13.87
CA PRO A 74 12.31 -30.83 13.98
C PRO A 74 12.25 -31.56 12.64
N THR A 75 12.57 -32.85 12.64
CA THR A 75 12.52 -33.62 11.41
C THR A 75 11.14 -33.66 10.79
N THR A 76 11.05 -33.85 9.47
CA THR A 76 9.76 -33.99 8.79
C THR A 76 9.59 -35.37 8.19
N GLN A 77 10.53 -36.25 8.47
CA GLN A 77 10.45 -37.55 7.80
C GLN A 77 10.14 -38.66 8.79
N LYS A 78 9.27 -39.58 8.40
CA LYS A 78 8.89 -40.65 9.34
C LYS A 78 9.94 -41.76 9.33
N GLU A 79 10.05 -42.54 10.40
CA GLU A 79 11.00 -43.64 10.41
C GLU A 79 10.36 -44.92 9.92
N GLY A 80 10.95 -45.50 8.88
CA GLY A 80 10.50 -46.78 8.36
C GLY A 80 9.28 -46.67 7.47
N LYS A 81 8.76 -47.83 7.07
CA LYS A 81 7.66 -47.88 6.12
C LYS A 81 6.37 -48.37 6.79
N VAL A 82 5.31 -47.78 6.25
CA VAL A 82 3.95 -48.11 6.67
C VAL A 82 3.54 -49.41 5.98
N VAL A 83 3.02 -50.34 6.77
CA VAL A 83 2.53 -51.60 6.24
C VAL A 83 1.05 -51.47 5.91
N THR A 84 0.64 -51.71 4.66
CA THR A 84 -0.79 -51.59 4.35
C THR A 84 -1.43 -52.95 4.11
N GLY A 85 -2.76 -52.97 4.12
CA GLY A 85 -3.54 -54.16 3.84
C GLY A 85 -3.42 -55.22 4.92
N GLN A 86 -3.24 -54.82 6.17
CA GLN A 86 -3.18 -55.77 7.28
C GLN A 86 -4.56 -56.28 7.67
N ALA A 87 -4.66 -57.58 7.92
CA ALA A 87 -5.87 -58.22 8.45
C ALA A 87 -6.13 -57.74 9.86
N VAL A 88 -7.34 -57.79 10.40
CA VAL A 88 -7.57 -57.27 11.75
C VAL A 88 -6.69 -57.87 12.83
N PRO A 89 -6.43 -59.17 12.89
CA PRO A 89 -5.54 -59.71 13.92
C PRO A 89 -4.12 -59.15 13.83
N VAL A 90 -3.65 -58.97 12.60
CA VAL A 90 -2.32 -58.44 12.32
C VAL A 90 -2.18 -56.99 12.79
N ILE A 91 -3.24 -56.21 12.61
CA ILE A 91 -3.22 -54.81 13.04
C ILE A 91 -2.87 -54.75 14.52
N TYR A 92 -3.56 -55.51 15.36
CA TYR A 92 -3.38 -55.41 16.81
C TYR A 92 -2.11 -56.09 17.27
N GLU A 93 -1.77 -57.20 16.61
CA GLU A 93 -0.50 -57.84 16.94
C GLU A 93 0.65 -56.93 16.58
N SER A 94 0.67 -56.37 15.36
CA SER A 94 1.81 -55.55 15.02
C SER A 94 1.82 -54.22 15.79
N ASP A 95 0.65 -53.67 16.11
CA ASP A 95 0.64 -52.41 16.86
C ASP A 95 1.12 -52.63 18.29
N ALA A 96 0.75 -53.76 18.91
CA ALA A 96 1.33 -54.05 20.23
C ALA A 96 2.85 -54.14 20.12
N ASP A 97 3.35 -54.85 19.11
CA ASP A 97 4.77 -54.99 18.87
C ASP A 97 5.45 -53.62 18.74
N GLN A 98 4.83 -52.74 17.95
CA GLN A 98 5.40 -51.41 17.73
C GLN A 98 5.41 -50.59 19.01
N GLU A 99 4.31 -50.61 19.78
CA GLU A 99 4.27 -49.84 21.03
C GLU A 99 5.36 -50.31 21.99
N ASP A 100 5.52 -51.64 22.11
CA ASP A 100 6.55 -52.17 22.99
C ASP A 100 7.94 -51.77 22.52
N ALA A 101 8.19 -51.81 21.20
CA ALA A 101 9.46 -51.31 20.68
C ALA A 101 9.63 -49.81 20.92
N THR A 102 8.57 -49.01 20.81
CA THR A 102 8.69 -47.58 21.05
C THR A 102 9.07 -47.28 22.49
N ILE A 103 8.43 -47.95 23.44
CA ILE A 103 8.78 -47.78 24.85
C ILE A 103 10.22 -48.18 25.08
N GLU A 104 10.70 -49.27 24.49
CA GLU A 104 12.12 -49.64 24.66
C GLU A 104 13.07 -48.57 24.12
N ALA A 105 12.77 -48.09 22.91
CA ALA A 105 13.60 -47.03 22.34
C ALA A 105 13.55 -45.76 23.19
N TYR A 106 12.38 -45.29 23.61
CA TYR A 106 12.30 -43.99 24.28
C TYR A 106 13.00 -44.05 25.64
N SER A 107 12.98 -45.25 26.22
CA SER A 107 13.62 -45.52 27.50
C SER A 107 15.12 -45.39 27.30
N GLN A 108 15.63 -45.80 26.13
CA GLN A 108 17.04 -45.54 25.87
C GLN A 108 17.29 -44.08 25.59
N PHE A 109 16.36 -43.40 24.91
CA PHE A 109 16.57 -41.98 24.62
C PHE A 109 16.59 -41.17 25.91
N LEU A 110 15.73 -41.54 26.86
CA LEU A 110 15.63 -40.89 28.15
C LEU A 110 16.94 -40.92 28.91
N LYS A 111 17.58 -42.07 28.93
CA LYS A 111 18.90 -42.26 29.56
C LYS A 111 19.93 -41.37 28.90
N VAL A 112 19.81 -41.14 27.58
CA VAL A 112 20.76 -40.22 26.93
C VAL A 112 20.54 -38.79 27.47
N CYS A 113 19.25 -38.44 27.59
CA CYS A 113 18.90 -37.14 28.16
C CYS A 113 19.50 -36.98 29.55
N LYS A 114 19.39 -38.02 30.37
CA LYS A 114 19.92 -38.00 31.73
C LYS A 114 21.44 -37.86 31.71
N GLU A 115 22.09 -38.55 30.79
CA GLU A 115 23.54 -38.47 30.64
C GLU A 115 23.98 -37.11 30.14
N GLN A 116 23.19 -36.45 29.32
CA GLN A 116 23.49 -35.12 28.81
C GLN A 116 23.03 -34.00 29.73
N GLY A 117 22.56 -34.34 30.92
CA GLY A 117 22.07 -33.42 31.92
C GLY A 117 20.87 -32.60 31.47
N ASP A 118 19.93 -33.22 30.75
CA ASP A 118 18.76 -32.55 30.24
C ASP A 118 17.49 -33.09 30.91
N ILE A 119 17.18 -32.51 32.06
CA ILE A 119 16.06 -32.88 32.91
C ILE A 119 14.70 -32.58 32.27
N VAL A 120 14.59 -31.44 31.60
CA VAL A 120 13.34 -31.07 30.94
C VAL A 120 13.01 -32.11 29.88
N THR A 121 13.97 -32.43 29.01
CA THR A 121 13.70 -33.43 27.97
C THR A 121 13.47 -34.83 28.55
N ALA A 122 14.17 -35.23 29.59
CA ALA A 122 13.94 -36.55 30.19
C ALA A 122 12.52 -36.62 30.76
N ARG A 123 12.04 -35.54 31.36
CA ARG A 123 10.68 -35.54 31.88
C ARG A 123 9.68 -35.70 30.74
N LEU A 124 9.94 -35.04 29.62
CA LEU A 124 9.10 -35.20 28.43
C LEU A 124 9.00 -36.66 28.00
N PHE A 125 10.14 -37.34 27.91
CA PHE A 125 10.14 -38.76 27.56
C PHE A 125 9.35 -39.58 28.56
N GLU A 126 9.50 -39.27 29.86
CA GLU A 126 8.82 -40.05 30.89
C GLU A 126 7.31 -39.99 30.75
N ARG A 127 6.78 -38.80 30.57
N ARG A 127 6.75 -38.80 30.59
CA ARG A 127 5.34 -38.57 30.39
CA ARG A 127 5.30 -38.67 30.42
C ARG A 127 4.82 -39.26 29.14
C ARG A 127 4.83 -39.35 29.14
N ILE A 128 5.58 -39.15 28.05
CA ILE A 128 5.12 -39.76 26.80
C ILE A 128 5.24 -41.28 26.89
N ILE A 129 6.28 -41.79 27.56
CA ILE A 129 6.36 -43.23 27.72
C ILE A 129 5.15 -43.78 28.46
N GLU A 130 4.60 -43.06 29.43
CA GLU A 130 3.40 -43.53 30.14
C GLU A 130 2.17 -43.55 29.25
N GLU A 131 2.08 -42.63 28.28
CA GLU A 131 1.01 -42.69 27.29
C GLU A 131 1.18 -43.90 26.37
N GLU A 132 2.43 -44.16 25.98
CA GLU A 132 2.67 -45.32 25.13
C GLU A 132 2.23 -46.60 25.84
N GLN A 133 2.43 -46.67 27.15
CA GLN A 133 2.03 -47.87 27.88
C GLN A 133 0.51 -48.04 27.80
N ALA A 134 -0.21 -46.91 27.84
CA ALA A 134 -1.67 -46.99 27.73
C ALA A 134 -2.08 -47.51 26.35
N HIS A 135 -1.34 -47.10 25.33
CA HIS A 135 -1.53 -47.57 23.97
C HIS A 135 -1.25 -49.06 23.87
N LEU A 136 -0.12 -49.47 24.43
CA LEU A 136 0.26 -50.88 24.42
C LEU A 136 -0.82 -51.73 25.09
N THR A 137 -1.23 -51.36 26.29
CA THR A 137 -2.27 -52.13 26.97
C THR A 137 -3.52 -52.24 26.11
N TYR A 138 -3.97 -51.13 25.51
CA TYR A 138 -5.12 -51.17 24.62
C TYR A 138 -4.97 -52.22 23.53
N TYR A 139 -3.84 -52.24 22.82
CA TYR A 139 -3.66 -53.09 21.65
C TYR A 139 -3.57 -54.57 22.02
N GLU A 140 -2.89 -54.83 23.12
CA GLU A 140 -2.85 -56.16 23.73
C GLU A 140 -4.25 -56.61 24.13
N ASN A 141 -5.03 -55.79 24.81
CA ASN A 141 -6.41 -56.17 25.11
C ASN A 141 -7.22 -56.50 23.87
N ILE A 142 -7.22 -55.70 22.80
CA ILE A 142 -8.02 -56.00 21.62
C ILE A 142 -7.54 -57.27 20.92
N GLY A 143 -6.22 -57.42 20.79
CA GLY A 143 -5.65 -58.64 20.23
C GLY A 143 -6.13 -59.87 20.98
N SER A 144 -6.21 -59.78 22.31
CA SER A 144 -6.63 -60.91 23.15
C SER A 144 -8.10 -61.20 22.94
N HIS A 145 -8.96 -60.18 22.83
CA HIS A 145 -10.36 -60.43 22.54
C HIS A 145 -10.51 -61.06 21.16
N ILE A 146 -9.69 -60.62 20.21
CA ILE A 146 -9.85 -61.17 18.86
C ILE A 146 -9.36 -62.61 18.84
N LYS A 147 -8.26 -62.87 19.52
CA LYS A 147 -7.72 -64.21 19.72
C LYS A 147 -8.73 -65.19 20.29
N ASN A 148 -9.30 -64.82 21.43
CA ASN A 148 -10.10 -65.70 22.26
C ASN A 148 -11.54 -65.84 21.76
N LEU A 149 -12.08 -64.78 21.19
CA LEU A 149 -13.51 -64.73 20.89
C LEU A 149 -13.85 -64.72 19.40
N GLY A 150 -12.87 -64.40 18.58
CA GLY A 150 -13.00 -64.30 17.14
C GLY A 150 -14.16 -63.45 16.68
N ASP A 151 -14.98 -64.02 15.81
CA ASP A 151 -16.13 -63.45 15.14
C ASP A 151 -17.24 -63.04 16.10
N THR A 152 -17.30 -63.63 17.29
CA THR A 152 -18.21 -63.18 18.35
C THR A 152 -17.92 -61.75 18.74
N TYR A 153 -16.63 -61.47 18.86
CA TYR A 153 -16.13 -60.13 19.16
C TYR A 153 -16.31 -59.19 17.96
N LEU A 154 -15.97 -59.62 16.76
CA LEU A 154 -16.24 -58.84 15.56
C LEU A 154 -17.71 -58.47 15.45
N ALA A 155 -18.57 -59.42 15.78
CA ALA A 155 -20.01 -59.25 15.62
C ALA A 155 -20.52 -58.16 16.55
N LYS A 156 -19.89 -58.05 17.71
CA LYS A 156 -20.22 -56.96 18.61
C LYS A 156 -19.79 -55.59 18.08
N ILE A 157 -18.65 -55.50 17.41
CA ILE A 157 -18.16 -54.19 16.95
C ILE A 157 -18.78 -53.79 15.61
N ALA A 158 -19.34 -54.75 14.89
CA ALA A 158 -19.88 -54.50 13.56
C ALA A 158 -21.01 -53.47 13.62
N GLY A 159 -20.83 -52.36 12.91
CA GLY A 159 -21.87 -51.34 12.83
C GLY A 159 -21.91 -50.38 13.99
N THR A 160 -20.96 -50.42 14.91
CA THR A 160 -20.95 -49.46 16.01
C THR A 160 -20.59 -48.07 15.52
N PRO A 161 -20.94 -47.01 16.23
CA PRO A 161 -20.49 -45.66 15.91
C PRO A 161 -18.97 -45.54 15.81
N SER A 162 -18.52 -44.77 14.83
CA SER A 162 -17.10 -44.57 14.56
C SER A 162 -16.67 -43.16 14.93
N SER A 163 -17.60 -42.39 15.45
CA SER A 163 -17.32 -41.00 15.80
C SER A 163 -16.25 -40.85 16.87
N THR A 164 -15.35 -39.89 16.70
CA THR A 164 -14.29 -39.55 17.64
C THR A 164 -14.61 -38.20 18.30
N GLY A 165 -15.84 -37.78 18.03
CA GLY A 165 -16.35 -36.55 18.60
C GLY A 165 -16.53 -35.47 17.54
N THR A 166 -16.72 -34.25 18.04
CA THR A 166 -16.82 -33.06 17.23
C THR A 166 -15.64 -32.99 16.25
N ALA A 167 -15.94 -32.54 15.03
CA ALA A 167 -14.82 -32.28 14.11
C ALA A 167 -13.84 -31.32 14.78
N SER A 168 -12.56 -31.62 14.59
N SER A 168 -12.56 -31.58 14.50
CA SER A 168 -11.58 -30.78 15.29
CA SER A 168 -11.46 -30.77 15.02
C SER A 168 -11.44 -29.38 14.69
C SER A 168 -11.53 -29.33 14.55
N LYS A 169 -11.17 -28.42 15.55
N LYS A 169 -11.22 -28.39 15.46
CA LYS A 169 -10.80 -27.06 15.25
CA LYS A 169 -11.20 -26.98 15.10
C LYS A 169 -10.11 -26.93 13.90
C LYS A 169 -10.12 -26.69 14.07
N GLY A 170 -10.55 -26.12 12.96
CA GLY A 170 -9.79 -25.86 11.75
C GLY A 170 -9.78 -24.39 11.40
N PHE A 171 -9.19 -23.98 10.28
CA PHE A 171 -9.15 -22.55 9.99
C PHE A 171 -10.46 -22.10 9.35
N VAL A 172 -10.95 -22.87 8.37
CA VAL A 172 -12.16 -22.47 7.67
C VAL A 172 -13.40 -22.79 8.51
N GLY B 3 -15.13 -45.61 -20.33
CA GLY B 3 -14.42 -46.74 -19.74
C GLY B 3 -15.36 -47.63 -18.95
N ASN B 4 -14.90 -48.84 -18.62
CA ASN B 4 -15.66 -49.77 -17.79
C ASN B 4 -15.59 -49.34 -16.33
N ARG B 5 -16.36 -50.00 -15.47
CA ARG B 5 -16.53 -49.52 -14.10
C ARG B 5 -15.23 -49.48 -13.33
N GLU B 6 -14.43 -50.53 -13.39
CA GLU B 6 -13.18 -50.56 -12.63
C GLU B 6 -12.14 -49.56 -13.16
N ASP B 7 -12.07 -49.33 -14.47
CA ASP B 7 -11.13 -48.34 -15.01
C ASP B 7 -11.47 -46.92 -14.60
N ARG B 8 -12.76 -46.61 -14.40
CA ARG B 8 -13.18 -45.28 -13.97
C ARG B 8 -12.78 -44.98 -12.53
N LYS B 9 -12.84 -46.02 -11.70
CA LYS B 9 -12.44 -45.92 -10.30
C LYS B 9 -10.94 -45.76 -10.18
N ALA B 10 -10.20 -46.58 -10.93
CA ALA B 10 -8.75 -46.54 -10.94
C ALA B 10 -8.22 -45.15 -11.31
N LYS B 11 -8.80 -44.54 -12.34
CA LYS B 11 -8.34 -43.22 -12.76
C LYS B 11 -8.70 -42.17 -11.73
N VAL B 12 -9.84 -42.33 -11.07
CA VAL B 12 -10.21 -41.36 -10.02
C VAL B 12 -9.38 -41.59 -8.77
N ILE B 13 -9.15 -42.84 -8.40
CA ILE B 13 -8.30 -43.15 -7.26
C ILE B 13 -6.91 -42.57 -7.46
N GLU B 14 -6.48 -42.52 -8.72
CA GLU B 14 -5.16 -41.98 -9.04
C GLU B 14 -5.06 -40.49 -8.72
N VAL B 15 -6.01 -39.66 -9.11
CA VAL B 15 -5.87 -38.23 -8.77
C VAL B 15 -6.14 -37.99 -7.29
N LEU B 16 -7.00 -38.79 -6.67
CA LEU B 16 -7.27 -38.66 -5.24
C LEU B 16 -5.99 -38.91 -4.45
N ASN B 17 -5.20 -39.88 -4.90
CA ASN B 17 -3.95 -40.19 -4.21
C ASN B 17 -2.94 -39.08 -4.49
N LYS B 18 -2.96 -38.50 -5.69
CA LYS B 18 -2.09 -37.35 -5.91
C LYS B 18 -2.49 -36.18 -5.01
N ALA B 19 -3.79 -35.94 -4.91
CA ALA B 19 -4.28 -34.85 -4.03
C ALA B 19 -3.90 -35.13 -2.59
N ARG B 20 -4.12 -36.36 -2.12
CA ARG B 20 -3.77 -36.73 -0.75
C ARG B 20 -2.29 -36.59 -0.48
N ALA B 21 -1.45 -36.88 -1.46
CA ALA B 21 -0.01 -36.73 -1.22
C ALA B 21 0.36 -35.27 -1.06
N MET B 22 -0.35 -34.40 -1.76
CA MET B 22 -0.18 -32.96 -1.65
C MET B 22 -0.60 -32.47 -0.26
N GLU B 23 -1.70 -33.04 0.24
CA GLU B 23 -2.15 -32.69 1.58
C GLU B 23 -1.14 -33.13 2.63
N LEU B 24 -0.62 -34.34 2.47
CA LEU B 24 0.36 -34.82 3.46
C LEU B 24 1.56 -33.90 3.50
N HIS B 25 1.99 -33.41 2.33
CA HIS B 25 3.08 -32.44 2.29
C HIS B 25 2.73 -31.12 3.00
N ALA B 26 1.56 -30.57 2.68
CA ALA B 26 1.08 -29.34 3.30
C ALA B 26 1.00 -29.47 4.82
N ILE B 27 0.51 -30.62 5.30
CA ILE B 27 0.45 -30.81 6.75
C ILE B 27 1.84 -30.67 7.39
N HIS B 28 2.84 -31.35 6.81
CA HIS B 28 4.17 -31.31 7.41
C HIS B 28 4.80 -29.94 7.20
N GLN B 29 4.52 -29.31 6.06
CA GLN B 29 5.09 -28.02 5.70
C GLN B 29 4.55 -26.90 6.60
N TYR B 30 3.23 -26.84 6.76
CA TYR B 30 2.62 -25.79 7.58
C TYR B 30 2.91 -26.03 9.06
N MET B 31 2.99 -27.29 9.49
CA MET B 31 3.32 -27.49 10.91
C MET B 31 4.78 -27.15 11.18
N ASN B 32 5.68 -27.43 10.25
CA ASN B 32 7.06 -26.96 10.38
C ASN B 32 7.12 -25.45 10.62
N GLN B 33 6.35 -24.69 9.85
CA GLN B 33 6.35 -23.24 9.96
C GLN B 33 5.71 -22.78 11.27
N HIS B 34 4.69 -23.52 11.69
CA HIS B 34 4.05 -23.29 12.98
C HIS B 34 5.07 -23.40 14.10
N TYR B 35 5.95 -24.39 14.07
CA TYR B 35 6.96 -24.53 15.12
C TYR B 35 7.91 -23.33 15.14
N SER B 36 8.28 -22.80 13.98
CA SER B 36 9.13 -21.62 13.92
C SER B 36 8.41 -20.36 14.44
N LEU B 37 7.18 -20.16 13.99
CA LEU B 37 6.36 -19.01 14.38
C LEU B 37 6.15 -18.97 15.89
N ASP B 38 5.94 -20.16 16.44
CA ASP B 38 5.79 -20.29 17.88
C ASP B 38 7.11 -20.00 18.57
N ASP B 39 8.17 -20.61 18.08
CA ASP B 39 9.50 -20.32 18.64
C ASP B 39 9.78 -18.82 18.57
N MET B 40 9.34 -18.16 17.52
CA MET B 40 9.53 -16.72 17.37
C MET B 40 8.61 -15.88 18.24
N ASP B 41 7.66 -16.53 18.90
CA ASP B 41 6.69 -15.87 19.76
C ASP B 41 5.78 -14.91 19.00
N TYR B 42 5.33 -15.30 17.82
CA TYR B 42 4.32 -14.63 17.03
C TYR B 42 3.04 -15.45 17.07
N GLY B 43 2.38 -15.47 18.22
CA GLY B 43 1.29 -16.35 18.54
C GLY B 43 0.12 -16.40 17.59
N GLU B 44 -0.46 -15.26 17.21
CA GLU B 44 -1.58 -15.21 16.28
C GLU B 44 -1.27 -15.95 14.98
N LEU B 45 -0.05 -15.72 14.46
CA LEU B 45 0.37 -16.39 13.23
C LEU B 45 0.55 -17.89 13.44
N ALA B 46 1.26 -18.25 14.50
CA ALA B 46 1.47 -19.65 14.85
C ALA B 46 0.13 -20.37 14.96
N ALA B 47 -0.81 -19.79 15.70
CA ALA B 47 -2.09 -20.45 15.89
C ALA B 47 -2.83 -20.63 14.57
N ASN B 48 -2.89 -19.59 13.72
CA ASN B 48 -3.60 -19.74 12.46
C ASN B 48 -2.87 -20.72 11.56
N MET B 49 -1.54 -20.76 11.65
CA MET B 49 -0.86 -21.76 10.82
C MET B 49 -1.25 -23.17 11.20
N LYS B 50 -1.29 -23.43 12.51
CA LYS B 50 -1.72 -24.74 12.99
C LYS B 50 -3.16 -25.02 12.58
N LEU B 51 -4.05 -24.03 12.68
CA LEU B 51 -5.44 -24.27 12.28
C LEU B 51 -5.53 -24.63 10.79
N ILE B 52 -4.72 -24.01 9.94
CA ILE B 52 -4.77 -24.38 8.52
C ILE B 52 -4.20 -25.77 8.32
N ALA B 53 -3.11 -26.12 9.01
CA ALA B 53 -2.62 -27.50 8.93
C ALA B 53 -3.68 -28.52 9.30
N ILE B 54 -4.55 -28.20 10.28
CA ILE B 54 -5.61 -29.12 10.68
C ILE B 54 -6.65 -29.22 9.58
N ASP B 55 -6.97 -28.14 8.86
CA ASP B 55 -7.78 -28.23 7.65
C ASP B 55 -7.17 -29.22 6.66
N GLU B 56 -5.85 -29.20 6.45
CA GLU B 56 -5.23 -30.10 5.49
C GLU B 56 -5.31 -31.56 5.94
N MET B 57 -5.19 -31.75 7.26
CA MET B 57 -5.36 -33.08 7.83
C MET B 57 -6.75 -33.60 7.50
N ARG B 58 -7.75 -32.75 7.63
N ARG B 58 -7.77 -32.77 7.65
CA ARG B 58 -9.12 -33.13 7.32
CA ARG B 58 -9.15 -33.14 7.33
C ARG B 58 -9.27 -33.46 5.84
C ARG B 58 -9.29 -33.46 5.84
N HIS B 59 -8.63 -32.68 4.99
CA HIS B 59 -8.61 -32.95 3.55
C HIS B 59 -7.97 -34.31 3.28
N ALA B 60 -6.82 -34.55 3.89
CA ALA B 60 -6.16 -35.84 3.69
C ALA B 60 -7.06 -36.99 4.12
N GLU B 61 -7.82 -36.79 5.19
CA GLU B 61 -8.70 -37.82 5.71
C GLU B 61 -9.90 -38.04 4.79
N ASN B 62 -10.48 -36.95 4.31
CA ASN B 62 -11.59 -37.08 3.38
C ASN B 62 -11.17 -37.76 2.08
N PHE B 63 -10.00 -37.43 1.55
CA PHE B 63 -9.52 -38.09 0.34
C PHE B 63 -9.36 -39.58 0.58
N ALA B 64 -8.71 -39.97 1.68
CA ALA B 64 -8.50 -41.37 1.98
C ALA B 64 -9.83 -42.14 2.07
N GLU B 65 -10.82 -41.49 2.69
CA GLU B 65 -12.12 -42.13 2.92
C GLU B 65 -12.77 -42.41 1.58
N ARG B 66 -12.71 -41.44 0.68
CA ARG B 66 -13.23 -41.63 -0.68
C ARG B 66 -12.44 -42.71 -1.42
N ILE B 67 -11.11 -42.72 -1.27
CA ILE B 67 -10.29 -43.74 -1.91
C ILE B 67 -10.70 -45.13 -1.46
N LYS B 68 -10.90 -45.32 -0.16
CA LYS B 68 -11.46 -46.57 0.36
C LYS B 68 -12.82 -46.90 -0.25
N GLU B 69 -13.72 -45.91 -0.37
CA GLU B 69 -15.03 -46.18 -0.90
C GLU B 69 -14.95 -46.77 -2.31
N LEU B 70 -13.89 -46.43 -3.03
CA LEU B 70 -13.73 -46.84 -4.40
C LEU B 70 -12.82 -48.07 -4.58
N GLY B 71 -12.41 -48.68 -3.48
CA GLY B 71 -11.62 -49.88 -3.44
C GLY B 71 -10.11 -49.67 -3.49
N GLY B 72 -9.60 -48.46 -3.30
CA GLY B 72 -8.17 -48.23 -3.42
C GLY B 72 -7.46 -48.15 -2.08
N GLU B 73 -6.15 -47.97 -2.12
CA GLU B 73 -5.24 -47.86 -0.98
C GLU B 73 -4.76 -46.42 -0.84
N PRO B 74 -5.11 -45.75 0.25
CA PRO B 74 -4.69 -44.37 0.46
C PRO B 74 -3.19 -44.31 0.70
N THR B 75 -2.57 -43.42 -0.08
CA THR B 75 -1.12 -43.30 -0.05
C THR B 75 -0.68 -42.82 1.33
N THR B 76 0.57 -43.15 1.66
CA THR B 76 1.20 -42.62 2.85
C THR B 76 2.40 -41.74 2.51
N GLN B 77 2.59 -41.38 1.25
CA GLN B 77 3.78 -40.61 0.92
C GLN B 77 3.46 -39.19 0.52
N LYS B 78 4.24 -38.24 1.06
CA LYS B 78 3.94 -36.87 0.67
C LYS B 78 4.56 -36.58 -0.70
N GLU B 79 3.92 -35.66 -1.39
CA GLU B 79 4.40 -35.13 -2.65
C GLU B 79 5.45 -34.05 -2.42
N GLY B 80 6.67 -34.20 -2.92
CA GLY B 80 7.68 -33.16 -2.80
C GLY B 80 8.48 -33.20 -1.52
N LYS B 81 9.28 -32.16 -1.29
CA LYS B 81 10.11 -32.04 -0.10
C LYS B 81 9.65 -30.86 0.75
N VAL B 82 9.67 -31.02 2.06
CA VAL B 82 9.38 -29.90 2.97
C VAL B 82 10.59 -28.98 3.09
N VAL B 83 10.35 -27.68 3.04
CA VAL B 83 11.34 -26.64 3.19
C VAL B 83 11.33 -26.08 4.61
N THR B 84 12.49 -26.23 5.25
CA THR B 84 12.61 -25.81 6.64
C THR B 84 13.43 -24.54 6.78
N GLY B 85 13.37 -23.95 7.97
CA GLY B 85 14.11 -22.78 8.34
C GLY B 85 13.74 -21.51 7.62
N GLN B 86 12.53 -21.41 7.05
CA GLN B 86 12.12 -20.20 6.36
C GLN B 86 11.86 -19.04 7.33
N ALA B 87 12.33 -17.85 6.99
CA ALA B 87 12.00 -16.63 7.71
C ALA B 87 10.54 -16.25 7.50
N VAL B 88 10.03 -15.34 8.34
CA VAL B 88 8.63 -14.99 8.27
C VAL B 88 8.16 -14.59 6.87
N PRO B 89 8.81 -13.65 6.20
CA PRO B 89 8.30 -13.23 4.89
C PRO B 89 8.26 -14.37 3.88
N VAL B 90 9.20 -15.29 3.98
CA VAL B 90 9.33 -16.41 3.06
C VAL B 90 8.28 -17.48 3.34
N ILE B 91 7.90 -17.64 4.61
CA ILE B 91 6.84 -18.56 4.96
C ILE B 91 5.57 -18.24 4.17
N TYR B 92 5.15 -16.97 4.21
CA TYR B 92 3.91 -16.55 3.59
C TYR B 92 4.00 -16.45 2.08
N GLU B 93 5.13 -16.04 1.55
N GLU B 93 5.13 -16.04 1.55
CA GLU B 93 5.30 -16.05 0.10
CA GLU B 93 5.37 -16.05 0.12
C GLU B 93 5.18 -17.47 -0.44
C GLU B 93 5.18 -17.47 -0.43
N SER B 94 5.84 -18.42 0.21
CA SER B 94 5.81 -19.80 -0.27
C SER B 94 4.45 -20.46 -0.08
N ASP B 95 3.75 -20.16 1.02
CA ASP B 95 2.48 -20.85 1.26
C ASP B 95 1.40 -20.38 0.29
N ALA B 96 1.41 -19.08 -0.02
CA ALA B 96 0.48 -18.53 -1.01
C ALA B 96 0.68 -19.22 -2.35
N ASP B 97 1.95 -19.32 -2.77
CA ASP B 97 2.23 -20.00 -4.03
C ASP B 97 1.74 -21.45 -3.95
N GLN B 98 1.96 -22.08 -2.79
CA GLN B 98 1.58 -23.48 -2.63
C GLN B 98 0.06 -23.63 -2.79
N GLU B 99 -0.68 -22.74 -2.13
CA GLU B 99 -2.13 -22.86 -2.22
C GLU B 99 -2.63 -22.56 -3.61
N ASP B 100 -2.00 -21.59 -4.27
CA ASP B 100 -2.37 -21.31 -5.65
C ASP B 100 -2.08 -22.51 -6.54
N ALA B 101 -0.97 -23.21 -6.33
CA ALA B 101 -0.69 -24.42 -7.10
C ALA B 101 -1.69 -25.54 -6.83
N THR B 102 -2.10 -25.65 -5.57
CA THR B 102 -3.05 -26.72 -5.21
C THR B 102 -4.41 -26.53 -5.86
N ILE B 103 -4.86 -25.28 -5.84
CA ILE B 103 -6.17 -25.04 -6.44
C ILE B 103 -6.13 -25.34 -7.94
N GLU B 104 -5.07 -24.98 -8.65
CA GLU B 104 -4.89 -25.30 -10.05
C GLU B 104 -4.84 -26.81 -10.27
N ALA B 105 -4.04 -27.50 -9.45
CA ALA B 105 -4.01 -28.94 -9.60
C ALA B 105 -5.37 -29.55 -9.29
N TYR B 106 -6.06 -29.13 -8.23
CA TYR B 106 -7.31 -29.80 -7.89
C TYR B 106 -8.40 -29.53 -8.93
N SER B 107 -8.33 -28.37 -9.57
CA SER B 107 -9.28 -28.06 -10.64
C SER B 107 -9.11 -29.08 -11.77
N GLN B 108 -7.85 -29.37 -12.07
CA GLN B 108 -7.55 -30.41 -13.04
C GLN B 108 -8.04 -31.77 -12.57
N PHE B 109 -7.82 -32.17 -11.33
CA PHE B 109 -8.34 -33.43 -10.82
C PHE B 109 -9.86 -33.49 -10.88
N LEU B 110 -10.50 -32.36 -10.64
CA LEU B 110 -11.96 -32.28 -10.64
C LEU B 110 -12.50 -32.64 -12.03
N LYS B 111 -11.78 -32.12 -13.02
CA LYS B 111 -12.04 -32.39 -14.41
C LYS B 111 -11.92 -33.87 -14.71
N VAL B 112 -10.88 -34.53 -14.23
CA VAL B 112 -10.79 -35.98 -14.43
C VAL B 112 -11.98 -36.72 -13.83
N CYS B 113 -12.46 -36.29 -12.66
CA CYS B 113 -13.61 -36.93 -12.03
C CYS B 113 -14.85 -36.78 -12.90
N LYS B 114 -15.06 -35.58 -13.42
CA LYS B 114 -16.20 -35.35 -14.31
C LYS B 114 -16.13 -36.21 -15.57
N GLU B 115 -14.94 -36.40 -16.13
CA GLU B 115 -14.74 -37.27 -17.28
C GLU B 115 -14.95 -38.74 -16.96
N GLN B 116 -14.66 -39.15 -15.72
CA GLN B 116 -14.87 -40.55 -15.34
C GLN B 116 -16.29 -40.77 -14.81
N GLY B 117 -17.11 -39.74 -14.88
CA GLY B 117 -18.49 -39.83 -14.42
C GLY B 117 -18.57 -40.05 -12.93
N ASP B 118 -17.66 -39.41 -12.19
CA ASP B 118 -17.68 -39.59 -10.74
C ASP B 118 -18.09 -38.28 -10.06
N ILE B 119 -19.39 -38.10 -9.91
CA ILE B 119 -19.98 -36.88 -9.35
C ILE B 119 -19.68 -36.73 -7.87
N VAL B 120 -19.70 -37.83 -7.12
CA VAL B 120 -19.43 -37.69 -5.68
C VAL B 120 -18.02 -37.18 -5.44
N THR B 121 -17.05 -37.76 -6.14
CA THR B 121 -15.66 -37.31 -5.99
C THR B 121 -15.47 -35.88 -6.47
N ALA B 122 -16.13 -35.51 -7.57
CA ALA B 122 -15.98 -34.13 -8.06
C ALA B 122 -16.50 -33.14 -7.04
N ARG B 123 -17.60 -33.47 -6.36
CA ARG B 123 -18.16 -32.54 -5.38
C ARG B 123 -17.20 -32.40 -4.20
N LEU B 124 -16.52 -33.49 -3.86
CA LEU B 124 -15.50 -33.43 -2.79
C LEU B 124 -14.41 -32.43 -3.16
N PHE B 125 -13.86 -32.53 -4.38
CA PHE B 125 -12.83 -31.59 -4.77
C PHE B 125 -13.39 -30.16 -4.74
N GLU B 126 -14.64 -29.99 -5.17
CA GLU B 126 -15.24 -28.66 -5.23
C GLU B 126 -15.23 -28.01 -3.85
N ARG B 127 -15.64 -28.78 -2.84
N ARG B 127 -15.64 -28.79 -2.85
CA ARG B 127 -15.72 -28.26 -1.48
CA ARG B 127 -15.71 -28.30 -1.48
C ARG B 127 -14.33 -27.96 -0.93
C ARG B 127 -14.33 -27.96 -0.93
N ILE B 128 -13.38 -28.86 -1.19
CA ILE B 128 -12.02 -28.63 -0.69
C ILE B 128 -11.33 -27.50 -1.42
N ILE B 129 -11.59 -27.31 -2.72
CA ILE B 129 -11.00 -26.16 -3.44
C ILE B 129 -11.47 -24.84 -2.81
N GLU B 130 -12.73 -24.76 -2.38
CA GLU B 130 -13.21 -23.53 -1.74
C GLU B 130 -12.49 -23.28 -0.43
N GLU B 131 -12.12 -24.35 0.28
CA GLU B 131 -11.35 -24.13 1.50
C GLU B 131 -9.91 -23.75 1.16
N GLU B 132 -9.35 -24.27 0.07
CA GLU B 132 -7.98 -23.87 -0.30
C GLU B 132 -7.96 -22.38 -0.64
N GLN B 133 -9.03 -21.87 -1.26
CA GLN B 133 -9.17 -20.45 -1.59
C GLN B 133 -9.12 -19.59 -0.33
N ALA B 134 -9.74 -20.04 0.78
CA ALA B 134 -9.69 -19.29 2.03
C ALA B 134 -8.27 -19.30 2.61
N HIS B 135 -7.55 -20.42 2.52
CA HIS B 135 -6.14 -20.42 2.92
C HIS B 135 -5.32 -19.43 2.10
N LEU B 136 -5.47 -19.49 0.78
CA LEU B 136 -4.73 -18.65 -0.16
C LEU B 136 -4.94 -17.19 0.20
N THR B 137 -6.22 -16.83 0.32
CA THR B 137 -6.53 -15.44 0.71
C THR B 137 -5.83 -15.09 2.02
N TYR B 138 -5.83 -16.00 2.99
CA TYR B 138 -5.20 -15.72 4.28
C TYR B 138 -3.70 -15.45 4.10
N TYR B 139 -3.03 -16.39 3.44
CA TYR B 139 -1.59 -16.28 3.24
C TYR B 139 -1.21 -15.05 2.42
N GLU B 140 -2.00 -14.74 1.39
CA GLU B 140 -1.70 -13.54 0.61
C GLU B 140 -1.83 -12.28 1.46
N ASN B 141 -2.81 -12.21 2.34
CA ASN B 141 -2.99 -11.01 3.17
C ASN B 141 -1.84 -10.83 4.15
N ILE B 142 -1.43 -11.87 4.86
CA ILE B 142 -0.32 -11.78 5.81
C ILE B 142 0.96 -11.37 5.09
N GLY B 143 1.25 -12.05 3.99
CA GLY B 143 2.43 -11.78 3.17
C GLY B 143 2.47 -10.32 2.76
N SER B 144 1.32 -9.76 2.39
CA SER B 144 1.28 -8.35 2.04
C SER B 144 1.58 -7.44 3.22
N HIS B 145 1.06 -7.79 4.40
CA HIS B 145 1.31 -6.89 5.53
C HIS B 145 2.77 -6.89 5.94
N ILE B 146 3.38 -8.06 5.83
CA ILE B 146 4.79 -8.16 6.21
C ILE B 146 5.64 -7.36 5.23
N LYS B 147 5.42 -7.62 3.95
CA LYS B 147 6.10 -6.91 2.88
C LYS B 147 5.95 -5.40 2.95
N ASN B 148 4.74 -4.95 3.27
CA ASN B 148 4.46 -3.53 3.18
C ASN B 148 4.59 -2.80 4.50
N LEU B 149 4.37 -3.45 5.63
CA LEU B 149 4.32 -2.72 6.89
C LEU B 149 5.43 -3.07 7.87
N GLY B 150 6.23 -4.11 7.64
CA GLY B 150 7.37 -4.41 8.47
C GLY B 150 7.14 -4.57 9.96
N ASP B 151 7.91 -3.83 10.76
CA ASP B 151 8.07 -4.03 12.19
C ASP B 151 6.84 -3.65 12.99
N THR B 152 6.13 -2.59 12.61
CA THR B 152 4.94 -2.20 13.36
C THR B 152 3.89 -3.31 13.30
N TYR B 153 3.83 -4.00 12.16
CA TYR B 153 2.86 -5.08 12.03
C TYR B 153 3.24 -6.25 12.95
N LEU B 154 4.50 -6.66 12.89
CA LEU B 154 4.97 -7.75 13.73
C LEU B 154 4.96 -7.39 15.21
N ALA B 155 5.19 -6.11 15.55
CA ALA B 155 5.17 -5.74 16.98
C ALA B 155 3.78 -5.99 17.53
N LYS B 156 2.78 -5.85 16.65
CA LYS B 156 1.43 -6.12 17.11
C LYS B 156 1.21 -7.61 17.39
N ILE B 157 1.86 -8.46 16.60
CA ILE B 157 1.72 -9.91 16.75
C ILE B 157 2.61 -10.48 17.85
N ALA B 158 3.71 -9.82 18.18
CA ALA B 158 4.65 -10.29 19.20
C ALA B 158 3.95 -10.54 20.53
N GLY B 159 4.15 -11.71 21.10
CA GLY B 159 3.60 -12.05 22.39
C GLY B 159 2.11 -12.26 22.42
N THR B 160 1.43 -12.35 21.28
CA THR B 160 -0.02 -12.59 21.33
C THR B 160 -0.30 -14.03 21.74
N PRO B 161 -1.52 -14.39 22.13
CA PRO B 161 -1.80 -15.78 22.49
C PRO B 161 -1.64 -16.72 21.31
N SER B 162 -1.16 -17.95 21.53
CA SER B 162 -1.02 -18.88 20.42
C SER B 162 -1.95 -20.07 20.54
N SER B 163 -2.88 -20.02 21.50
CA SER B 163 -3.83 -21.08 21.73
C SER B 163 -4.70 -21.37 20.52
N THR B 164 -4.97 -22.64 20.20
CA THR B 164 -5.89 -23.00 19.13
C THR B 164 -7.15 -23.65 19.74
N GLY B 165 -7.26 -23.55 21.06
CA GLY B 165 -8.44 -24.05 21.74
C GLY B 165 -8.09 -25.17 22.70
N THR B 166 -9.12 -25.81 23.24
CA THR B 166 -8.97 -26.96 24.13
C THR B 166 -8.23 -28.08 23.42
N ALA B 167 -7.37 -28.80 24.16
CA ALA B 167 -6.58 -29.88 23.62
C ALA B 167 -7.44 -30.87 22.84
N SER B 168 -6.84 -31.39 21.77
N SER B 168 -6.88 -31.32 21.70
CA SER B 168 -7.40 -32.46 20.95
CA SER B 168 -7.72 -32.18 20.88
C SER B 168 -7.83 -33.66 21.79
C SER B 168 -7.91 -33.55 21.54
N LYS B 169 -9.08 -34.10 21.63
N LYS B 169 -9.13 -34.03 21.41
CA LYS B 169 -9.47 -35.31 22.34
CA LYS B 169 -9.52 -35.38 21.69
C LYS B 169 -8.88 -36.53 21.64
C LYS B 169 -8.40 -36.36 21.43
N GLY B 170 -8.01 -37.20 22.38
CA GLY B 170 -7.14 -38.30 22.06
C GLY B 170 -7.55 -39.55 22.82
N PHE B 171 -6.69 -40.57 22.84
CA PHE B 171 -7.07 -41.80 23.52
C PHE B 171 -6.78 -41.67 25.02
N VAL B 172 -5.58 -41.20 25.38
CA VAL B 172 -5.28 -41.08 26.82
C VAL B 172 -6.06 -39.93 27.44
N GLY C 3 4.97 -32.09 -58.48
CA GLY C 3 4.75 -31.90 -59.90
C GLY C 3 5.88 -31.30 -60.70
N ASN C 4 5.49 -30.56 -61.73
CA ASN C 4 6.34 -29.82 -62.64
C ASN C 4 7.03 -28.69 -61.91
N ARG C 5 7.96 -28.02 -62.59
CA ARG C 5 8.82 -27.04 -61.92
C ARG C 5 8.04 -25.86 -61.37
N GLU C 6 7.08 -25.37 -62.15
CA GLU C 6 6.36 -24.17 -61.70
C GLU C 6 5.35 -24.54 -60.62
N ASP C 7 4.84 -25.75 -60.72
CA ASP C 7 3.98 -26.30 -59.67
C ASP C 7 4.76 -26.36 -58.36
N ARG C 8 6.01 -26.79 -58.40
CA ARG C 8 6.79 -26.89 -57.17
C ARG C 8 7.12 -25.53 -56.58
N LYS C 9 7.42 -24.53 -57.40
CA LYS C 9 7.67 -23.17 -56.95
C LYS C 9 6.42 -22.56 -56.32
N ALA C 10 5.27 -22.82 -56.94
CA ALA C 10 3.99 -22.24 -56.53
C ALA C 10 3.56 -22.75 -55.17
N LYS C 11 3.75 -24.03 -54.92
CA LYS C 11 3.48 -24.64 -53.63
C LYS C 11 4.39 -24.07 -52.54
N VAL C 12 5.64 -23.76 -52.89
CA VAL C 12 6.59 -23.21 -51.93
C VAL C 12 6.33 -21.72 -51.68
N ILE C 13 6.06 -21.00 -52.77
CA ILE C 13 5.75 -19.57 -52.62
C ILE C 13 4.52 -19.40 -51.72
N GLU C 14 3.59 -20.34 -51.79
CA GLU C 14 2.38 -20.36 -50.97
C GLU C 14 2.69 -20.45 -49.49
N VAL C 15 3.50 -21.42 -49.05
CA VAL C 15 3.76 -21.49 -47.61
C VAL C 15 4.66 -20.34 -47.17
N LEU C 16 5.52 -19.83 -48.05
CA LEU C 16 6.38 -18.69 -47.74
C LEU C 16 5.57 -17.43 -47.48
N ASN C 17 4.48 -17.22 -48.22
CA ASN C 17 3.64 -16.04 -48.00
C ASN C 17 2.80 -16.25 -46.75
N LYS C 18 2.40 -17.49 -46.46
CA LYS C 18 1.68 -17.71 -45.20
C LYS C 18 2.61 -17.35 -44.05
N ALA C 19 3.86 -17.79 -44.18
CA ALA C 19 4.87 -17.51 -43.15
C ALA C 19 5.09 -16.01 -43.05
N ARG C 20 5.25 -15.38 -44.22
CA ARG C 20 5.47 -13.94 -44.20
C ARG C 20 4.29 -13.23 -43.54
N ALA C 21 3.06 -13.68 -43.81
CA ALA C 21 1.91 -13.03 -43.21
C ALA C 21 1.94 -13.19 -41.70
N MET C 22 2.52 -14.29 -41.23
CA MET C 22 2.68 -14.51 -39.79
C MET C 22 3.72 -13.59 -39.19
N GLU C 23 4.82 -13.35 -39.88
CA GLU C 23 5.83 -12.39 -39.40
C GLU C 23 5.28 -10.97 -39.35
N LEU C 24 4.51 -10.56 -40.36
CA LEU C 24 3.95 -9.21 -40.39
C LEU C 24 3.03 -8.98 -39.20
N HIS C 25 2.26 -10.00 -38.83
CA HIS C 25 1.44 -9.98 -37.65
C HIS C 25 2.26 -9.79 -36.37
N ALA C 26 3.30 -10.61 -36.26
CA ALA C 26 4.22 -10.62 -35.13
C ALA C 26 4.86 -9.25 -34.94
N ILE C 27 5.22 -8.59 -36.03
CA ILE C 27 5.82 -7.26 -35.94
C ILE C 27 4.87 -6.24 -35.33
N HIS C 28 3.62 -6.20 -35.80
CA HIS C 28 2.64 -5.27 -35.29
C HIS C 28 2.23 -5.65 -33.87
N GLN C 29 2.08 -6.94 -33.61
CA GLN C 29 1.71 -7.38 -32.26
C GLN C 29 2.83 -7.11 -31.26
N TYR C 30 4.09 -7.44 -31.55
CA TYR C 30 5.14 -7.20 -30.56
C TYR C 30 5.43 -5.71 -30.45
N MET C 31 5.33 -4.95 -31.56
CA MET C 31 5.55 -3.51 -31.36
C MET C 31 4.40 -2.89 -30.54
N ASN C 32 3.17 -3.38 -30.72
CA ASN C 32 2.09 -2.83 -29.90
C ASN C 32 2.41 -2.97 -28.42
N GLN C 33 2.91 -4.15 -28.04
CA GLN C 33 3.26 -4.46 -26.66
C GLN C 33 4.46 -3.63 -26.23
N HIS C 34 5.41 -3.44 -27.14
CA HIS C 34 6.55 -2.57 -26.88
C HIS C 34 6.07 -1.18 -26.50
N TYR C 35 5.06 -0.64 -27.19
CA TYR C 35 4.66 0.73 -26.84
C TYR C 35 4.07 0.77 -25.44
N SER C 36 3.36 -0.27 -25.05
CA SER C 36 2.79 -0.39 -23.72
C SER C 36 3.88 -0.44 -22.66
N LEU C 37 4.80 -1.39 -22.84
CA LEU C 37 5.91 -1.56 -21.92
C LEU C 37 6.74 -0.30 -21.75
N ASP C 38 6.96 0.43 -22.83
CA ASP C 38 7.66 1.71 -22.79
C ASP C 38 6.85 2.76 -22.01
N ASP C 39 5.56 2.82 -22.31
CA ASP C 39 4.62 3.67 -21.58
C ASP C 39 4.68 3.35 -20.09
N MET C 40 4.70 2.06 -19.76
CA MET C 40 4.82 1.63 -18.36
C MET C 40 6.20 1.89 -17.78
N ASP C 41 7.16 2.29 -18.58
CA ASP C 41 8.53 2.53 -18.12
C ASP C 41 9.18 1.25 -17.60
N TYR C 42 8.94 0.11 -18.27
CA TYR C 42 9.69 -1.10 -17.99
C TYR C 42 10.71 -1.28 -19.12
N GLY C 43 11.77 -0.48 -19.02
CA GLY C 43 12.80 -0.29 -20.01
C GLY C 43 13.35 -1.56 -20.60
N GLU C 44 13.92 -2.44 -19.76
CA GLU C 44 14.52 -3.66 -20.26
C GLU C 44 13.52 -4.53 -21.02
N LEU C 45 12.29 -4.61 -20.50
CA LEU C 45 11.24 -5.37 -21.17
C LEU C 45 10.88 -4.70 -22.50
N ALA C 46 10.69 -3.38 -22.48
CA ALA C 46 10.39 -2.63 -23.70
C ALA C 46 11.48 -2.82 -24.76
N ALA C 47 12.75 -2.73 -24.33
CA ALA C 47 13.84 -2.87 -25.28
C ALA C 47 13.88 -4.25 -25.92
N ASN C 48 13.79 -5.31 -25.13
CA ASN C 48 13.88 -6.65 -25.69
C ASN C 48 12.67 -7.00 -26.54
N MET C 49 11.50 -6.44 -26.22
CA MET C 49 10.32 -6.68 -27.06
C MET C 49 10.54 -6.07 -28.45
N LYS C 50 11.09 -4.86 -28.48
CA LYS C 50 11.39 -4.23 -29.75
C LYS C 50 12.47 -4.99 -30.50
N LEU C 51 13.48 -5.51 -29.82
CA LEU C 51 14.54 -6.26 -30.51
C LEU C 51 14.04 -7.58 -31.09
N ILE C 52 13.08 -8.23 -30.46
CA ILE C 52 12.51 -9.43 -31.07
C ILE C 52 11.67 -9.03 -32.27
N ALA C 53 10.92 -7.93 -32.18
CA ALA C 53 10.16 -7.43 -33.33
C ALA C 53 11.11 -7.19 -34.51
N ILE C 54 12.31 -6.66 -34.30
CA ILE C 54 13.23 -6.39 -35.41
C ILE C 54 13.70 -7.72 -36.00
N ASP C 55 13.82 -8.74 -35.17
CA ASP C 55 14.05 -10.10 -35.65
C ASP C 55 12.94 -10.53 -36.60
N GLU C 56 11.70 -10.25 -36.22
CA GLU C 56 10.58 -10.66 -37.08
C GLU C 56 10.58 -9.90 -38.40
N MET C 57 10.96 -8.64 -38.40
CA MET C 57 11.11 -7.84 -39.62
C MET C 57 12.15 -8.48 -40.54
N ARG C 58 13.25 -8.97 -39.96
N ARG C 58 13.25 -8.97 -39.96
CA ARG C 58 14.28 -9.63 -40.75
CA ARG C 58 14.26 -9.63 -40.78
C ARG C 58 13.72 -10.93 -41.32
C ARG C 58 13.66 -10.91 -41.37
N HIS C 59 12.88 -11.62 -40.54
CA HIS C 59 12.24 -12.83 -41.07
C HIS C 59 11.34 -12.48 -42.23
N ALA C 60 10.52 -11.46 -42.05
CA ALA C 60 9.62 -11.02 -43.11
C ALA C 60 10.39 -10.71 -44.39
N GLU C 61 11.53 -10.06 -44.24
CA GLU C 61 12.37 -9.67 -45.36
C GLU C 61 13.00 -10.88 -46.07
N ASN C 62 13.50 -11.81 -45.27
CA ASN C 62 14.09 -13.02 -45.79
C ASN C 62 13.06 -13.85 -46.57
N PHE C 63 11.87 -13.95 -45.99
CA PHE C 63 10.81 -14.66 -46.69
C PHE C 63 10.55 -13.95 -48.02
N ALA C 64 10.37 -12.65 -48.00
CA ALA C 64 10.10 -11.92 -49.23
C ALA C 64 11.19 -12.14 -50.29
N GLU C 65 12.46 -12.10 -49.84
CA GLU C 65 13.57 -12.26 -50.76
C GLU C 65 13.52 -13.62 -51.45
N ARG C 66 13.19 -14.66 -50.69
CA ARG C 66 13.12 -15.99 -51.26
C ARG C 66 11.95 -16.08 -52.24
N ILE C 67 10.81 -15.51 -51.86
CA ILE C 67 9.63 -15.51 -52.73
C ILE C 67 10.00 -14.85 -54.05
N LYS C 68 10.79 -13.78 -54.00
CA LYS C 68 11.22 -13.14 -55.24
C LYS C 68 12.13 -14.04 -56.05
N GLU C 69 13.01 -14.79 -55.41
CA GLU C 69 13.92 -15.69 -56.10
C GLU C 69 13.16 -16.80 -56.83
N LEU C 70 11.96 -17.13 -56.37
CA LEU C 70 11.13 -18.17 -56.97
C LEU C 70 10.09 -17.54 -57.91
N GLY C 71 10.23 -16.25 -58.15
CA GLY C 71 9.39 -15.46 -59.01
C GLY C 71 8.03 -15.15 -58.46
N GLY C 72 7.79 -15.23 -57.15
CA GLY C 72 6.44 -14.92 -56.69
C GLY C 72 6.35 -13.46 -56.26
N GLU C 73 5.21 -13.11 -55.65
CA GLU C 73 4.99 -11.75 -55.16
C GLU C 73 4.79 -11.80 -53.65
N PRO C 74 5.62 -11.10 -52.89
CA PRO C 74 5.50 -11.18 -51.43
C PRO C 74 4.24 -10.49 -50.91
N THR C 75 3.49 -11.17 -50.06
CA THR C 75 2.26 -10.57 -49.52
C THR C 75 2.52 -9.34 -48.67
N THR C 76 1.52 -8.46 -48.55
CA THR C 76 1.60 -7.29 -47.69
C THR C 76 0.55 -7.32 -46.58
N GLN C 77 -0.12 -8.46 -46.40
CA GLN C 77 -1.17 -8.50 -45.38
C GLN C 77 -0.80 -9.45 -44.26
N LYS C 78 -1.08 -9.04 -43.03
CA LYS C 78 -0.72 -9.90 -41.90
C LYS C 78 -1.83 -10.94 -41.69
N GLU C 79 -1.44 -12.05 -41.07
CA GLU C 79 -2.37 -13.12 -40.76
C GLU C 79 -2.92 -12.95 -39.34
N GLY C 80 -4.22 -12.67 -39.24
CA GLY C 80 -4.85 -12.56 -37.93
C GLY C 80 -4.92 -11.15 -37.40
N LYS C 81 -5.55 -11.02 -36.24
CA LYS C 81 -5.71 -9.67 -35.68
C LYS C 81 -4.69 -9.43 -34.57
N VAL C 82 -4.28 -8.18 -34.43
CA VAL C 82 -3.44 -7.68 -33.36
C VAL C 82 -4.28 -7.36 -32.13
N VAL C 83 -3.91 -7.93 -30.99
CA VAL C 83 -4.57 -7.74 -29.71
C VAL C 83 -3.92 -6.57 -28.99
N THR C 84 -4.68 -5.55 -28.63
CA THR C 84 -4.15 -4.37 -27.96
C THR C 84 -4.66 -4.33 -26.52
N GLY C 85 -4.11 -3.44 -25.69
CA GLY C 85 -4.50 -3.32 -24.31
C GLY C 85 -4.09 -4.47 -23.43
N GLN C 86 -3.15 -5.31 -23.86
CA GLN C 86 -2.75 -6.45 -23.02
C GLN C 86 -1.93 -5.99 -21.81
N ALA C 87 -2.26 -6.54 -20.65
CA ALA C 87 -1.47 -6.34 -19.46
C ALA C 87 -0.24 -7.25 -19.54
N VAL C 88 0.76 -6.93 -18.73
CA VAL C 88 2.07 -7.57 -18.75
C VAL C 88 2.01 -9.08 -18.61
N PRO C 89 1.33 -9.69 -17.63
CA PRO C 89 1.18 -11.14 -17.58
C PRO C 89 0.58 -11.73 -18.84
N VAL C 90 -0.39 -11.03 -19.42
CA VAL C 90 -1.00 -11.47 -20.67
C VAL C 90 -0.03 -11.28 -21.84
N ILE C 91 0.79 -10.23 -21.80
CA ILE C 91 1.74 -10.07 -22.90
C ILE C 91 2.63 -11.29 -23.10
N TYR C 92 3.27 -11.76 -22.02
CA TYR C 92 4.23 -12.86 -22.13
C TYR C 92 3.57 -14.21 -22.31
N GLU C 93 2.39 -14.41 -21.72
CA GLU C 93 1.66 -15.66 -21.92
C GLU C 93 1.27 -15.89 -23.37
N SER C 94 0.66 -14.86 -23.97
CA SER C 94 0.26 -14.98 -25.37
C SER C 94 1.43 -14.99 -26.32
N ASP C 95 2.50 -14.25 -25.99
CA ASP C 95 3.65 -14.25 -26.90
C ASP C 95 4.29 -15.63 -26.90
N ALA C 96 4.39 -16.29 -25.76
CA ALA C 96 4.87 -17.67 -25.78
C ALA C 96 3.97 -18.58 -26.60
N ASP C 97 2.66 -18.52 -26.40
CA ASP C 97 1.78 -19.37 -27.20
C ASP C 97 1.97 -19.08 -28.68
N GLN C 98 2.12 -17.81 -29.02
CA GLN C 98 2.27 -17.42 -30.41
C GLN C 98 3.54 -17.98 -31.05
N GLU C 99 4.64 -17.97 -30.32
CA GLU C 99 5.92 -18.47 -30.84
C GLU C 99 5.84 -19.99 -31.01
N ASP C 100 5.22 -20.61 -30.00
CA ASP C 100 5.02 -22.04 -30.05
C ASP C 100 4.23 -22.45 -31.30
N ALA C 101 3.18 -21.70 -31.60
CA ALA C 101 2.36 -21.98 -32.78
C ALA C 101 3.11 -21.71 -34.09
N THR C 102 3.97 -20.70 -34.08
CA THR C 102 4.79 -20.38 -35.25
C THR C 102 5.71 -21.54 -35.59
N ILE C 103 6.44 -22.01 -34.59
CA ILE C 103 7.36 -23.12 -34.77
C ILE C 103 6.62 -24.35 -35.28
N GLU C 104 5.43 -24.59 -34.74
CA GLU C 104 4.59 -25.69 -35.19
C GLU C 104 4.25 -25.52 -36.69
N ALA C 105 3.80 -24.31 -37.01
CA ALA C 105 3.45 -23.95 -38.38
C ALA C 105 4.64 -24.04 -39.32
N TYR C 106 5.79 -23.51 -38.89
CA TYR C 106 6.93 -23.45 -39.81
C TYR C 106 7.48 -24.85 -39.99
N SER C 107 7.32 -25.69 -38.97
CA SER C 107 7.77 -27.07 -39.12
C SER C 107 6.96 -27.77 -40.19
N GLN C 108 5.66 -27.51 -40.24
CA GLN C 108 4.88 -28.05 -41.36
C GLN C 108 5.29 -27.41 -42.69
N PHE C 109 5.48 -26.10 -42.78
CA PHE C 109 5.92 -25.48 -44.02
C PHE C 109 7.23 -26.07 -44.54
N LEU C 110 8.14 -26.35 -43.61
CA LEU C 110 9.44 -26.90 -44.00
C LEU C 110 9.25 -28.26 -44.67
N LYS C 111 8.25 -29.03 -44.23
CA LYS C 111 7.98 -30.35 -44.79
C LYS C 111 7.44 -30.26 -46.21
N VAL C 112 6.60 -29.26 -46.46
CA VAL C 112 6.20 -28.96 -47.83
C VAL C 112 7.43 -28.66 -48.67
N CYS C 113 8.32 -27.79 -48.18
CA CYS C 113 9.54 -27.50 -48.94
C CYS C 113 10.29 -28.78 -49.30
N LYS C 114 10.47 -29.67 -48.33
CA LYS C 114 11.23 -30.89 -48.64
C LYS C 114 10.47 -31.69 -49.70
N GLU C 115 9.15 -31.73 -49.59
CA GLU C 115 8.28 -32.46 -50.50
C GLU C 115 8.29 -31.92 -51.91
N GLN C 116 8.50 -30.61 -52.04
CA GLN C 116 8.60 -29.98 -53.34
C GLN C 116 10.04 -29.93 -53.82
N GLY C 117 10.94 -30.64 -53.15
CA GLY C 117 12.34 -30.64 -53.55
C GLY C 117 12.99 -29.27 -53.47
N ASP C 118 12.63 -28.45 -52.48
CA ASP C 118 13.23 -27.12 -52.39
C ASP C 118 14.09 -26.98 -51.11
N ILE C 119 15.35 -27.30 -51.32
CA ILE C 119 16.34 -27.38 -50.26
C ILE C 119 16.72 -26.00 -49.73
N VAL C 120 16.78 -25.04 -50.64
CA VAL C 120 17.17 -23.69 -50.21
C VAL C 120 16.11 -23.15 -49.27
N THR C 121 14.84 -23.34 -49.61
CA THR C 121 13.79 -22.80 -48.76
C THR C 121 13.66 -23.55 -47.44
N ALA C 122 13.82 -24.87 -47.50
CA ALA C 122 13.82 -25.68 -46.28
C ALA C 122 14.90 -25.20 -45.30
N ARG C 123 16.08 -24.87 -45.77
CA ARG C 123 17.13 -24.33 -44.91
C ARG C 123 16.76 -22.99 -44.29
N LEU C 124 16.07 -22.17 -45.10
CA LEU C 124 15.58 -20.90 -44.58
C LEU C 124 14.62 -21.11 -43.42
N PHE C 125 13.65 -22.02 -43.60
CA PHE C 125 12.75 -22.33 -42.50
C PHE C 125 13.50 -22.88 -41.29
N GLU C 126 14.48 -23.74 -41.52
CA GLU C 126 15.26 -24.32 -40.43
C GLU C 126 15.96 -23.26 -39.57
N ARG C 127 16.63 -22.30 -40.21
CA ARG C 127 17.36 -21.28 -39.47
C ARG C 127 16.41 -20.36 -38.69
N ILE C 128 15.31 -19.97 -39.30
CA ILE C 128 14.35 -19.08 -38.63
C ILE C 128 13.65 -19.80 -37.49
N ILE C 129 13.27 -21.07 -37.66
CA ILE C 129 12.70 -21.81 -36.55
C ILE C 129 13.65 -21.82 -35.35
N GLU C 130 14.96 -21.92 -35.57
CA GLU C 130 15.88 -21.82 -34.43
C GLU C 130 15.84 -20.48 -33.73
N GLU C 131 15.57 -19.42 -34.51
CA GLU C 131 15.43 -18.10 -33.89
C GLU C 131 14.12 -17.98 -33.14
N GLU C 132 13.04 -18.56 -33.70
CA GLU C 132 11.77 -18.51 -32.99
C GLU C 132 11.88 -19.24 -31.65
N GLN C 133 12.69 -20.29 -31.61
CA GLN C 133 12.89 -21.02 -30.37
C GLN C 133 13.58 -20.14 -29.32
N ALA C 134 14.54 -19.32 -29.72
CA ALA C 134 15.16 -18.34 -28.82
C ALA C 134 14.11 -17.35 -28.29
N HIS C 135 13.19 -16.92 -29.15
CA HIS C 135 12.11 -16.05 -28.76
C HIS C 135 11.16 -16.74 -27.78
N LEU C 136 10.77 -17.96 -28.12
CA LEU C 136 9.91 -18.74 -27.24
C LEU C 136 10.56 -18.87 -25.86
N THR C 137 11.82 -19.29 -25.81
CA THR C 137 12.49 -19.44 -24.52
C THR C 137 12.48 -18.13 -23.76
N TYR C 138 12.72 -17.01 -24.43
CA TYR C 138 12.73 -15.72 -23.76
C TYR C 138 11.36 -15.44 -23.12
N TYR C 139 10.28 -15.62 -23.88
CA TYR C 139 8.95 -15.23 -23.39
C TYR C 139 8.51 -16.11 -22.22
N GLU C 140 8.91 -17.39 -22.28
CA GLU C 140 8.64 -18.34 -21.21
C GLU C 140 9.36 -17.93 -19.94
N ASN C 141 10.60 -17.47 -20.08
CA ASN C 141 11.39 -17.02 -18.94
C ASN C 141 10.76 -15.80 -18.28
N ILE C 142 10.37 -14.79 -19.04
CA ILE C 142 9.81 -13.59 -18.40
C ILE C 142 8.48 -13.90 -17.70
N GLY C 143 7.62 -14.65 -18.39
CA GLY C 143 6.35 -15.11 -17.84
C GLY C 143 6.57 -15.89 -16.55
N SER C 144 7.66 -16.66 -16.46
CA SER C 144 7.96 -17.35 -15.21
C SER C 144 8.35 -16.40 -14.11
N HIS C 145 9.18 -15.40 -14.38
CA HIS C 145 9.59 -14.43 -13.37
C HIS C 145 8.44 -13.57 -12.90
N ILE C 146 7.57 -13.19 -13.84
CA ILE C 146 6.37 -12.43 -13.47
C ILE C 146 5.42 -13.21 -12.59
N LYS C 147 5.22 -14.48 -12.85
CA LYS C 147 4.44 -15.41 -12.04
C LYS C 147 5.00 -15.60 -10.65
N ASN C 148 6.26 -16.02 -10.58
CA ASN C 148 6.87 -16.45 -9.34
C ASN C 148 7.37 -15.31 -8.46
N LEU C 149 7.67 -14.16 -9.04
CA LEU C 149 8.34 -13.12 -8.28
C LEU C 149 7.53 -11.84 -8.27
N GLY C 150 6.54 -11.75 -9.16
CA GLY C 150 5.61 -10.64 -9.17
C GLY C 150 6.25 -9.26 -9.11
N ASP C 151 5.78 -8.44 -8.17
CA ASP C 151 6.17 -7.03 -8.12
C ASP C 151 7.64 -6.89 -7.80
N THR C 152 8.21 -7.93 -7.17
N THR C 152 8.24 -7.91 -7.15
CA THR C 152 9.63 -7.77 -6.83
CA THR C 152 9.66 -7.70 -6.84
C THR C 152 10.46 -7.75 -8.11
C THR C 152 10.45 -7.70 -8.14
N TYR C 153 10.02 -8.52 -9.11
CA TYR C 153 10.74 -8.53 -10.39
C TYR C 153 10.45 -7.24 -11.16
N LEU C 154 9.20 -6.75 -11.13
CA LEU C 154 8.90 -5.53 -11.89
C LEU C 154 9.62 -4.33 -11.35
N ALA C 155 9.82 -4.29 -10.03
CA ALA C 155 10.52 -3.18 -9.39
C ALA C 155 11.95 -3.10 -9.87
N LYS C 156 12.56 -4.25 -10.13
CA LYS C 156 13.92 -4.24 -10.64
C LYS C 156 13.95 -3.67 -12.06
N ILE C 157 12.89 -3.93 -12.82
CA ILE C 157 12.84 -3.46 -14.21
C ILE C 157 12.41 -2.00 -14.33
N ALA C 158 11.62 -1.54 -13.37
CA ALA C 158 11.13 -0.16 -13.31
C ALA C 158 12.20 0.88 -13.53
N GLY C 159 12.08 1.71 -14.56
CA GLY C 159 13.04 2.78 -14.75
C GLY C 159 14.32 2.33 -15.45
N THR C 160 14.40 1.08 -15.91
CA THR C 160 15.63 0.65 -16.56
C THR C 160 15.74 1.31 -17.93
N PRO C 161 16.92 1.35 -18.54
CA PRO C 161 17.05 1.95 -19.87
C PRO C 161 16.30 1.17 -20.94
N SER C 162 15.69 1.87 -21.90
CA SER C 162 14.87 1.23 -22.93
C SER C 162 15.54 1.21 -24.28
N SER C 163 16.76 1.74 -24.35
CA SER C 163 17.48 1.85 -25.61
C SER C 163 17.80 0.51 -26.25
N THR C 164 17.68 0.48 -27.58
CA THR C 164 18.06 -0.70 -28.37
C THR C 164 19.35 -0.43 -29.11
N GLY C 165 19.95 0.73 -28.85
CA GLY C 165 21.20 1.08 -29.47
C GLY C 165 21.18 2.36 -30.27
N THR C 166 22.09 2.46 -31.24
CA THR C 166 22.14 3.66 -32.09
C THR C 166 20.91 3.73 -32.99
N ALA C 167 20.41 4.95 -33.17
CA ALA C 167 19.24 5.17 -34.02
C ALA C 167 19.47 4.52 -35.39
N SER C 168 18.46 3.76 -35.82
N SER C 168 18.38 3.93 -35.86
CA SER C 168 18.62 3.10 -37.08
CA SER C 168 18.24 3.27 -37.14
C SER C 168 18.95 3.95 -38.29
C SER C 168 18.73 4.10 -38.31
N LYS C 169 19.87 3.40 -39.08
N LYS C 169 19.79 3.63 -38.94
CA LYS C 169 20.12 3.79 -40.45
CA LYS C 169 20.27 4.27 -40.17
C LYS C 169 18.83 4.25 -41.08
C LYS C 169 19.13 4.29 -41.19
N GLY C 170 18.74 5.47 -41.59
CA GLY C 170 17.59 5.84 -42.41
C GLY C 170 18.04 6.66 -43.59
N PHE C 171 17.12 7.22 -44.35
CA PHE C 171 17.47 8.02 -45.52
C PHE C 171 17.87 9.43 -45.12
N VAL C 172 17.08 10.06 -44.24
CA VAL C 172 17.39 11.45 -43.90
C VAL C 172 18.60 11.55 -42.96
N GLY D 3 -11.84 23.08 -26.54
CA GLY D 3 -12.60 22.05 -25.81
C GLY D 3 -11.95 21.77 -24.46
N ASN D 4 -12.46 20.78 -23.73
CA ASN D 4 -11.87 20.38 -22.44
C ASN D 4 -10.63 19.53 -22.69
N ARG D 5 -9.89 19.22 -21.64
CA ARG D 5 -8.59 18.59 -21.73
C ARG D 5 -8.66 17.27 -22.49
N GLU D 6 -9.64 16.43 -22.14
CA GLU D 6 -9.74 15.10 -22.74
C GLU D 6 -10.19 15.18 -24.20
N ASP D 7 -11.05 16.14 -24.50
CA ASP D 7 -11.49 16.36 -25.88
C ASP D 7 -10.34 16.77 -26.78
N ARG D 8 -9.45 17.61 -26.24
CA ARG D 8 -8.32 18.11 -27.02
C ARG D 8 -7.39 16.95 -27.36
N LYS D 9 -7.13 16.08 -26.38
CA LYS D 9 -6.23 14.93 -26.52
C LYS D 9 -6.79 13.92 -27.52
N ALA D 10 -8.09 13.64 -27.40
CA ALA D 10 -8.76 12.71 -28.29
C ALA D 10 -8.75 13.18 -29.74
N LYS D 11 -8.93 14.48 -29.98
CA LYS D 11 -8.89 14.97 -31.36
C LYS D 11 -7.48 14.90 -31.93
N VAL D 12 -6.47 15.15 -31.08
CA VAL D 12 -5.07 15.00 -31.50
C VAL D 12 -4.71 13.53 -31.67
N ILE D 13 -5.18 12.69 -30.75
CA ILE D 13 -4.95 11.26 -30.94
C ILE D 13 -5.53 10.79 -32.25
N GLU D 14 -6.71 11.32 -32.59
CA GLU D 14 -7.33 10.92 -33.86
C GLU D 14 -6.48 11.27 -35.07
N VAL D 15 -5.89 12.46 -35.19
CA VAL D 15 -5.09 12.70 -36.39
C VAL D 15 -3.72 12.05 -36.33
N LEU D 16 -3.22 11.76 -35.14
CA LEU D 16 -1.99 10.99 -34.97
C LEU D 16 -2.14 9.54 -35.45
N ASN D 17 -3.29 8.93 -35.21
CA ASN D 17 -3.56 7.56 -35.64
C ASN D 17 -3.78 7.52 -37.15
N LYS D 18 -4.32 8.63 -37.68
CA LYS D 18 -4.49 8.72 -39.14
C LYS D 18 -3.11 8.76 -39.80
N ALA D 19 -2.26 9.59 -39.20
CA ALA D 19 -0.90 9.73 -39.72
C ALA D 19 -0.12 8.41 -39.61
N ARG D 20 -0.26 7.73 -38.47
CA ARG D 20 0.38 6.43 -38.24
C ARG D 20 -0.08 5.38 -39.25
N ALA D 21 -1.38 5.41 -39.57
CA ALA D 21 -1.93 4.48 -40.56
C ALA D 21 -1.30 4.74 -41.93
N MET D 22 -1.03 6.01 -42.22
CA MET D 22 -0.38 6.34 -43.48
C MET D 22 1.06 5.83 -43.48
N GLU D 23 1.74 5.98 -42.34
CA GLU D 23 3.11 5.47 -42.25
C GLU D 23 3.15 3.96 -42.41
N LEU D 24 2.24 3.26 -41.71
CA LEU D 24 2.22 1.81 -41.84
C LEU D 24 2.01 1.44 -43.30
N HIS D 25 1.17 2.19 -44.02
CA HIS D 25 1.02 1.92 -45.44
C HIS D 25 2.32 2.13 -46.19
N ALA D 26 2.97 3.27 -45.92
CA ALA D 26 4.21 3.59 -46.59
C ALA D 26 5.30 2.57 -46.32
N ILE D 27 5.38 2.00 -45.12
CA ILE D 27 6.39 0.96 -44.89
C ILE D 27 6.17 -0.24 -45.79
N HIS D 28 4.92 -0.69 -45.90
CA HIS D 28 4.66 -1.88 -46.70
C HIS D 28 4.82 -1.63 -48.19
N GLN D 29 4.35 -0.47 -48.62
CA GLN D 29 4.41 -0.08 -50.03
C GLN D 29 5.85 0.05 -50.48
N TYR D 30 6.68 0.75 -49.71
CA TYR D 30 8.06 1.00 -50.12
C TYR D 30 8.91 -0.26 -49.99
N MET D 31 8.66 -1.08 -48.97
CA MET D 31 9.42 -2.32 -48.85
C MET D 31 9.01 -3.28 -49.96
N ASN D 32 7.75 -3.27 -50.38
CA ASN D 32 7.38 -4.06 -51.55
C ASN D 32 8.20 -3.66 -52.78
N GLN D 33 8.41 -2.35 -52.97
CA GLN D 33 9.19 -1.84 -54.10
C GLN D 33 10.66 -2.18 -53.96
N HIS D 34 11.16 -2.12 -52.73
CA HIS D 34 12.51 -2.55 -52.45
C HIS D 34 12.75 -3.99 -52.89
N TYR D 35 11.84 -4.90 -52.59
CA TYR D 35 12.00 -6.30 -52.99
C TYR D 35 12.06 -6.41 -54.51
N SER D 36 11.30 -5.57 -55.20
CA SER D 36 11.37 -5.56 -56.66
C SER D 36 12.70 -4.99 -57.15
N LEU D 37 13.14 -3.87 -56.59
CA LEU D 37 14.38 -3.24 -57.04
C LEU D 37 15.57 -4.14 -56.77
N ASP D 38 15.52 -4.85 -55.65
CA ASP D 38 16.65 -5.75 -55.36
C ASP D 38 16.66 -6.95 -56.30
N ASP D 39 15.46 -7.46 -56.59
CA ASP D 39 15.32 -8.60 -57.50
C ASP D 39 15.86 -8.25 -58.88
N MET D 40 15.63 -7.00 -59.28
CA MET D 40 16.13 -6.48 -60.54
C MET D 40 17.61 -6.16 -60.47
N ASP D 41 18.22 -6.25 -59.29
CA ASP D 41 19.65 -5.97 -59.12
C ASP D 41 20.00 -4.51 -59.42
N TYR D 42 19.14 -3.60 -58.98
CA TYR D 42 19.44 -2.17 -58.98
C TYR D 42 19.77 -1.74 -57.54
N GLY D 43 20.95 -2.07 -57.04
CA GLY D 43 21.31 -1.93 -55.65
C GLY D 43 21.08 -0.60 -55.00
N GLU D 44 21.66 0.46 -55.54
CA GLU D 44 21.55 1.79 -54.96
C GLU D 44 20.10 2.23 -54.82
N LEU D 45 19.30 1.92 -55.85
CA LEU D 45 17.88 2.20 -55.79
C LEU D 45 17.20 1.38 -54.70
N ALA D 46 17.56 0.11 -54.62
CA ALA D 46 16.98 -0.78 -53.63
C ALA D 46 17.38 -0.35 -52.22
N ALA D 47 18.66 0.01 -52.09
CA ALA D 47 19.19 0.43 -50.79
C ALA D 47 18.42 1.65 -50.30
N ASN D 48 18.38 2.70 -51.12
CA ASN D 48 17.71 3.93 -50.73
C ASN D 48 16.21 3.74 -50.45
N MET D 49 15.54 2.89 -51.21
CA MET D 49 14.12 2.63 -50.94
C MET D 49 13.96 2.04 -49.53
N LYS D 50 14.84 1.10 -49.17
CA LYS D 50 14.73 0.50 -47.83
C LYS D 50 15.05 1.53 -46.75
N LEU D 51 16.06 2.37 -47.02
CA LEU D 51 16.40 3.41 -46.06
C LEU D 51 15.23 4.36 -45.88
N ILE D 52 14.46 4.61 -46.95
CA ILE D 52 13.32 5.51 -46.73
C ILE D 52 12.24 4.79 -45.94
N ALA D 53 11.98 3.52 -46.18
CA ALA D 53 11.00 2.76 -45.42
C ALA D 53 11.36 2.73 -43.94
N ILE D 54 12.65 2.64 -43.64
CA ILE D 54 13.09 2.74 -42.23
C ILE D 54 12.79 4.13 -41.68
N ASP D 55 12.88 5.20 -42.47
CA ASP D 55 12.44 6.49 -41.95
C ASP D 55 10.95 6.45 -41.58
N GLU D 56 10.13 5.79 -42.39
CA GLU D 56 8.70 5.72 -42.11
C GLU D 56 8.44 4.82 -40.91
N MET D 57 9.27 3.80 -40.70
CA MET D 57 9.19 2.99 -39.49
C MET D 57 9.41 3.84 -38.24
N ARG D 58 10.39 4.75 -38.32
N ARG D 58 10.40 4.75 -38.29
CA ARG D 58 10.67 5.63 -37.19
CA ARG D 58 10.66 5.62 -37.15
C ARG D 58 9.52 6.61 -36.98
C ARG D 58 9.54 6.64 -36.97
N HIS D 59 8.92 7.08 -38.06
CA HIS D 59 7.78 7.99 -37.97
C HIS D 59 6.61 7.32 -37.27
N ALA D 60 6.24 6.13 -37.71
CA ALA D 60 5.17 5.33 -37.15
C ALA D 60 5.40 5.08 -35.66
N GLU D 61 6.66 4.86 -35.29
CA GLU D 61 7.06 4.68 -33.91
C GLU D 61 6.88 5.96 -33.11
N ASN D 62 7.30 7.09 -33.67
CA ASN D 62 7.16 8.36 -32.95
C ASN D 62 5.72 8.78 -32.77
N PHE D 63 4.87 8.53 -33.78
CA PHE D 63 3.44 8.79 -33.67
C PHE D 63 2.80 7.94 -32.57
N ALA D 64 3.16 6.65 -32.53
CA ALA D 64 2.64 5.80 -31.48
C ALA D 64 3.11 6.17 -30.09
N GLU D 65 4.34 6.63 -29.94
CA GLU D 65 4.82 7.04 -28.61
C GLU D 65 4.07 8.27 -28.14
N ARG D 66 3.81 9.21 -29.04
CA ARG D 66 3.03 10.40 -28.69
C ARG D 66 1.58 10.04 -28.40
N ILE D 67 0.99 9.16 -29.22
CA ILE D 67 -0.33 8.62 -28.89
C ILE D 67 -0.35 8.05 -27.48
N LYS D 68 0.65 7.26 -27.08
CA LYS D 68 0.69 6.69 -25.74
C LYS D 68 0.81 7.79 -24.67
N GLU D 69 1.60 8.82 -24.94
CA GLU D 69 1.73 9.98 -24.06
C GLU D 69 0.39 10.64 -23.77
N LEU D 70 -0.55 10.62 -24.71
CA LEU D 70 -1.82 11.33 -24.58
C LEU D 70 -2.92 10.40 -24.09
N GLY D 71 -2.54 9.20 -23.68
CA GLY D 71 -3.46 8.20 -23.18
C GLY D 71 -4.19 7.40 -24.23
N GLY D 72 -3.75 7.40 -25.49
CA GLY D 72 -4.48 6.68 -26.53
C GLY D 72 -3.88 5.33 -26.87
N GLU D 73 -4.46 4.66 -27.86
CA GLU D 73 -4.02 3.38 -28.39
C GLU D 73 -3.57 3.49 -29.84
N PRO D 74 -2.29 3.20 -30.10
CA PRO D 74 -1.77 3.31 -31.48
C PRO D 74 -2.41 2.30 -32.41
N THR D 75 -2.88 2.78 -33.55
CA THR D 75 -3.50 1.88 -34.51
C THR D 75 -2.52 0.81 -34.98
N THR D 76 -3.05 -0.33 -35.38
CA THR D 76 -2.25 -1.36 -36.02
C THR D 76 -2.67 -1.58 -37.46
N GLN D 77 -3.53 -0.70 -37.96
N GLN D 77 -3.53 -0.72 -37.99
CA GLN D 77 -4.07 -0.84 -39.32
CA GLN D 77 -4.06 -0.88 -39.34
C GLN D 77 -3.44 0.16 -40.28
C GLN D 77 -3.52 0.15 -40.31
N LYS D 78 -3.00 -0.30 -41.44
CA LYS D 78 -2.43 0.63 -42.42
C LYS D 78 -3.56 1.30 -43.22
N GLU D 79 -3.29 2.50 -43.71
CA GLU D 79 -4.28 3.27 -44.45
C GLU D 79 -4.12 3.09 -45.95
N GLY D 80 -5.07 2.39 -46.57
CA GLY D 80 -5.04 2.31 -48.01
C GLY D 80 -4.54 0.98 -48.52
N LYS D 81 -4.55 0.84 -49.84
CA LYS D 81 -4.17 -0.43 -50.44
C LYS D 81 -2.71 -0.38 -50.88
N VAL D 82 -1.98 -1.46 -50.65
CA VAL D 82 -0.61 -1.42 -51.18
C VAL D 82 -0.62 -2.03 -52.58
N VAL D 83 -0.08 -1.26 -53.53
CA VAL D 83 0.00 -1.69 -54.92
C VAL D 83 1.29 -2.50 -55.13
N THR D 84 1.15 -3.76 -55.51
CA THR D 84 2.30 -4.62 -55.71
C THR D 84 2.54 -4.84 -57.21
N GLY D 85 3.72 -5.36 -57.53
CA GLY D 85 4.13 -5.60 -58.91
C GLY D 85 4.40 -4.37 -59.74
N GLN D 86 4.62 -3.20 -59.15
CA GLN D 86 4.86 -2.01 -59.96
C GLN D 86 6.20 -1.99 -60.69
N ALA D 87 6.16 -1.50 -61.92
CA ALA D 87 7.34 -1.34 -62.74
C ALA D 87 8.14 -0.12 -62.25
N VAL D 88 9.41 -0.05 -62.62
CA VAL D 88 10.28 1.02 -62.18
C VAL D 88 9.75 2.41 -62.52
N PRO D 89 9.31 2.76 -63.73
CA PRO D 89 8.78 4.13 -63.91
C PRO D 89 7.59 4.40 -63.02
N VAL D 90 6.83 3.36 -62.70
CA VAL D 90 5.62 3.57 -61.90
C VAL D 90 5.94 3.72 -60.42
N ILE D 91 6.97 3.05 -59.93
CA ILE D 91 7.39 3.16 -58.53
C ILE D 91 7.62 4.60 -58.12
N TYR D 92 8.44 5.30 -58.90
CA TYR D 92 8.89 6.64 -58.54
C TYR D 92 7.81 7.64 -58.79
N GLU D 93 6.97 7.47 -59.81
N GLU D 93 6.98 7.44 -59.81
CA GLU D 93 5.89 8.45 -59.96
CA GLU D 93 5.87 8.39 -60.00
C GLU D 93 4.89 8.29 -58.83
C GLU D 93 4.90 8.28 -58.84
N SER D 94 4.60 7.05 -58.44
CA SER D 94 3.63 6.88 -57.36
C SER D 94 4.21 7.33 -56.02
N ASP D 95 5.45 6.99 -55.68
CA ASP D 95 6.01 7.40 -54.38
C ASP D 95 6.06 8.91 -54.25
N ALA D 96 6.35 9.62 -55.34
CA ALA D 96 6.37 11.09 -55.27
C ALA D 96 4.98 11.64 -55.02
N ASP D 97 3.98 11.13 -55.74
CA ASP D 97 2.61 11.58 -55.46
C ASP D 97 2.18 11.24 -54.04
N GLN D 98 2.55 10.06 -53.57
CA GLN D 98 2.23 9.66 -52.19
C GLN D 98 2.90 10.61 -51.21
N GLU D 99 4.17 10.97 -51.44
CA GLU D 99 4.85 11.86 -50.49
C GLU D 99 4.25 13.25 -50.48
N ASP D 100 3.95 13.76 -51.68
CA ASP D 100 3.29 15.08 -51.70
C ASP D 100 1.94 15.00 -51.03
N ALA D 101 1.15 13.93 -51.14
CA ALA D 101 -0.14 13.88 -50.46
C ALA D 101 -0.01 13.79 -48.95
N THR D 102 0.95 13.00 -48.47
CA THR D 102 1.30 12.94 -47.06
C THR D 102 1.61 14.33 -46.53
N ILE D 103 2.48 15.06 -47.22
CA ILE D 103 2.82 16.41 -46.74
C ILE D 103 1.61 17.32 -46.67
N GLU D 104 0.72 17.27 -47.65
CA GLU D 104 -0.51 18.06 -47.60
C GLU D 104 -1.36 17.61 -46.41
N ALA D 105 -1.49 16.29 -46.25
CA ALA D 105 -2.25 15.75 -45.13
C ALA D 105 -1.63 16.10 -43.80
N TYR D 106 -0.32 15.93 -43.64
CA TYR D 106 0.27 16.25 -42.33
C TYR D 106 0.18 17.74 -42.03
N SER D 107 0.14 18.58 -43.08
CA SER D 107 0.04 20.01 -42.81
C SER D 107 -1.31 20.32 -42.23
N GLN D 108 -2.33 19.59 -42.68
CA GLN D 108 -3.66 19.76 -42.09
C GLN D 108 -3.70 19.23 -40.66
N PHE D 109 -3.12 18.05 -40.40
CA PHE D 109 -3.05 17.50 -39.05
C PHE D 109 -2.35 18.46 -38.09
N LEU D 110 -1.29 19.10 -38.55
CA LEU D 110 -0.55 20.12 -37.81
C LEU D 110 -1.47 21.26 -37.37
N LYS D 111 -2.35 21.64 -38.30
CA LYS D 111 -3.34 22.69 -38.01
C LYS D 111 -4.24 22.27 -36.85
N VAL D 112 -4.74 21.04 -36.85
CA VAL D 112 -5.57 20.51 -35.79
C VAL D 112 -4.84 20.63 -34.45
N CYS D 113 -3.59 20.17 -34.42
CA CYS D 113 -2.81 20.24 -33.20
C CYS D 113 -2.77 21.67 -32.66
N LYS D 114 -2.56 22.61 -33.58
CA LYS D 114 -2.49 24.01 -33.14
C LYS D 114 -3.87 24.43 -32.63
N GLU D 115 -4.92 23.96 -33.29
CA GLU D 115 -6.25 24.36 -32.83
C GLU D 115 -6.57 23.72 -31.49
N GLN D 116 -6.01 22.55 -31.20
CA GLN D 116 -6.26 21.85 -29.94
C GLN D 116 -5.21 22.21 -28.89
N GLY D 117 -4.41 23.23 -29.16
CA GLY D 117 -3.42 23.69 -28.20
C GLY D 117 -2.33 22.70 -27.86
N ASP D 118 -1.97 21.81 -28.78
CA ASP D 118 -0.98 20.78 -28.54
C ASP D 118 0.30 21.17 -29.28
N ILE D 119 1.18 21.87 -28.56
CA ILE D 119 2.42 22.38 -29.16
C ILE D 119 3.43 21.26 -29.36
N VAL D 120 3.54 20.37 -28.38
CA VAL D 120 4.48 19.26 -28.56
C VAL D 120 4.09 18.41 -29.77
N THR D 121 2.81 18.12 -29.95
CA THR D 121 2.41 17.34 -31.12
C THR D 121 2.62 18.12 -32.40
N ALA D 122 2.39 19.43 -32.39
CA ALA D 122 2.61 20.20 -33.62
C ALA D 122 4.06 20.13 -34.04
N ARG D 123 4.99 20.19 -33.08
CA ARG D 123 6.40 20.19 -33.50
C ARG D 123 6.78 18.82 -34.06
N LEU D 124 6.18 17.76 -33.55
CA LEU D 124 6.40 16.43 -34.10
C LEU D 124 5.99 16.37 -35.57
N PHE D 125 4.79 16.84 -35.91
CA PHE D 125 4.38 16.89 -37.31
C PHE D 125 5.33 17.73 -38.15
N GLU D 126 5.71 18.89 -37.63
CA GLU D 126 6.64 19.77 -38.31
C GLU D 126 7.95 19.08 -38.63
N ARG D 127 8.54 18.37 -37.67
N ARG D 127 8.57 18.37 -37.67
CA ARG D 127 9.83 17.72 -37.94
CA ARG D 127 9.83 17.74 -38.01
C ARG D 127 9.64 16.58 -38.93
C ARG D 127 9.60 16.63 -39.04
N ILE D 128 8.53 15.84 -38.83
CA ILE D 128 8.33 14.75 -39.79
C ILE D 128 8.00 15.23 -41.18
N ILE D 129 7.28 16.34 -41.32
CA ILE D 129 7.02 16.91 -42.62
C ILE D 129 8.31 17.30 -43.33
N GLU D 130 9.30 17.79 -42.58
CA GLU D 130 10.58 18.11 -43.23
C GLU D 130 11.29 16.85 -43.73
N GLU D 131 11.15 15.73 -43.05
CA GLU D 131 11.70 14.49 -43.59
C GLU D 131 10.94 13.99 -44.80
N GLU D 132 9.62 14.13 -44.81
CA GLU D 132 8.80 13.73 -45.96
C GLU D 132 9.21 14.51 -47.21
N GLN D 133 9.55 15.78 -47.02
CA GLN D 133 10.03 16.62 -48.09
C GLN D 133 11.33 16.07 -48.65
N ALA D 134 12.21 15.56 -47.79
CA ALA D 134 13.44 14.99 -48.37
C ALA D 134 13.10 13.74 -49.17
N HIS D 135 12.11 12.99 -48.68
CA HIS D 135 11.67 11.82 -49.44
C HIS D 135 11.13 12.25 -50.81
N LEU D 136 10.30 13.29 -50.82
CA LEU D 136 9.65 13.75 -52.04
C LEU D 136 10.65 14.14 -53.11
N THR D 137 11.64 14.95 -52.76
CA THR D 137 12.69 15.41 -53.67
C THR D 137 13.47 14.26 -54.27
N TYR D 138 13.84 13.28 -53.44
CA TYR D 138 14.54 12.09 -53.90
C TYR D 138 13.71 11.38 -54.95
N TYR D 139 12.45 11.09 -54.66
CA TYR D 139 11.58 10.36 -55.59
C TYR D 139 11.34 11.14 -56.87
N GLU D 140 11.24 12.46 -56.78
CA GLU D 140 11.06 13.31 -57.95
C GLU D 140 12.30 13.25 -58.83
N ASN D 141 13.47 13.26 -58.21
CA ASN D 141 14.72 13.23 -58.96
C ASN D 141 14.93 11.88 -59.64
N ILE D 142 14.75 10.76 -58.94
CA ILE D 142 14.93 9.47 -59.61
C ILE D 142 13.91 9.33 -60.75
N GLY D 143 12.67 9.69 -60.45
CA GLY D 143 11.57 9.64 -61.42
C GLY D 143 11.92 10.39 -62.69
N SER D 144 12.44 11.61 -62.53
CA SER D 144 12.89 12.38 -63.68
C SER D 144 14.04 11.69 -64.41
N HIS D 145 15.02 11.09 -63.72
CA HIS D 145 16.10 10.46 -64.49
C HIS D 145 15.60 9.26 -65.28
N ILE D 146 14.68 8.52 -64.69
CA ILE D 146 14.15 7.34 -65.41
C ILE D 146 13.32 7.77 -66.62
N LYS D 147 12.50 8.80 -66.51
CA LYS D 147 11.74 9.34 -67.63
C LYS D 147 12.59 9.96 -68.74
N ASN D 148 13.66 10.66 -68.38
CA ASN D 148 14.44 11.44 -69.33
C ASN D 148 15.66 10.70 -69.86
N LEU D 149 16.23 9.80 -69.07
CA LEU D 149 17.44 9.11 -69.54
C LEU D 149 17.24 7.61 -69.69
N GLY D 150 16.26 7.02 -69.03
CA GLY D 150 15.96 5.61 -69.16
C GLY D 150 17.13 4.68 -68.93
N ASP D 151 17.35 3.76 -69.86
CA ASP D 151 18.27 2.64 -69.65
C ASP D 151 19.70 3.10 -69.47
N THR D 152 20.01 4.28 -70.02
CA THR D 152 21.35 4.83 -69.84
C THR D 152 21.66 5.12 -68.38
N TYR D 153 20.64 5.60 -67.66
CA TYR D 153 20.80 5.90 -66.24
C TYR D 153 20.79 4.62 -65.42
N LEU D 154 19.88 3.71 -65.73
CA LEU D 154 19.78 2.44 -65.00
C LEU D 154 21.04 1.58 -65.20
N ALA D 155 21.74 1.74 -66.32
CA ALA D 155 22.96 0.98 -66.59
C ALA D 155 24.02 1.28 -65.53
N LYS D 156 23.97 2.51 -65.04
CA LYS D 156 24.84 2.96 -63.96
C LYS D 156 24.52 2.26 -62.65
N ILE D 157 23.24 2.01 -62.40
CA ILE D 157 22.78 1.40 -61.17
C ILE D 157 22.89 -0.12 -61.17
N ALA D 158 22.93 -0.73 -62.36
CA ALA D 158 22.96 -2.18 -62.47
C ALA D 158 24.15 -2.77 -61.73
N GLY D 159 23.89 -3.72 -60.84
CA GLY D 159 24.96 -4.37 -60.13
C GLY D 159 25.60 -3.52 -59.06
N THR D 160 25.10 -2.35 -58.69
CA THR D 160 25.75 -1.63 -57.58
C THR D 160 25.48 -2.29 -56.24
N PRO D 161 26.21 -1.95 -55.17
CA PRO D 161 25.93 -2.52 -53.84
C PRO D 161 24.52 -2.19 -53.36
N SER D 162 23.84 -3.09 -52.67
CA SER D 162 22.52 -2.78 -52.14
C SER D 162 22.50 -2.70 -50.61
N SER D 163 23.68 -2.81 -50.02
CA SER D 163 23.82 -2.77 -48.57
C SER D 163 23.29 -1.47 -48.01
N THR D 164 22.56 -1.56 -46.89
CA THR D 164 22.14 -0.33 -46.23
C THR D 164 22.95 -0.20 -44.95
N GLY D 165 24.04 -0.97 -44.94
CA GLY D 165 25.00 -1.03 -43.87
C GLY D 165 24.95 -2.37 -43.15
N THR D 166 25.30 -2.30 -41.87
CA THR D 166 25.34 -3.49 -41.03
C THR D 166 23.94 -3.99 -40.70
N ALA D 167 23.81 -5.32 -40.55
CA ALA D 167 22.54 -5.89 -40.11
C ALA D 167 22.09 -5.21 -38.83
N SER D 168 20.84 -4.75 -38.84
N SER D 168 20.86 -4.69 -38.85
CA SER D 168 20.22 -4.12 -37.69
CA SER D 168 20.38 -3.96 -37.67
C SER D 168 20.30 -4.98 -36.43
C SER D 168 20.42 -4.85 -36.42
N LYS D 169 20.64 -4.34 -35.30
N LYS D 169 20.58 -4.20 -35.28
CA LYS D 169 20.71 -5.07 -34.05
CA LYS D 169 20.61 -4.97 -34.04
C LYS D 169 19.33 -5.63 -33.69
C LYS D 169 19.26 -5.66 -33.84
N GLY D 170 19.26 -6.91 -33.41
CA GLY D 170 18.08 -7.66 -33.06
C GLY D 170 18.21 -8.43 -31.77
N PHE D 171 17.30 -9.34 -31.47
CA PHE D 171 17.37 -10.11 -30.24
C PHE D 171 18.31 -11.30 -30.41
N VAL D 172 18.20 -12.10 -31.46
CA VAL D 172 19.08 -13.27 -31.52
C VAL D 172 20.50 -12.89 -31.89
N GLY E 3 -0.87 46.28 -32.53
CA GLY E 3 -0.47 47.52 -31.86
C GLY E 3 0.84 48.10 -32.39
N ASN E 4 1.41 49.05 -31.67
CA ASN E 4 2.67 49.66 -32.13
C ASN E 4 3.87 48.85 -31.64
N ARG E 5 5.05 49.22 -32.12
CA ARG E 5 6.25 48.43 -31.88
C ARG E 5 6.47 48.22 -30.40
N GLU E 6 6.33 49.29 -29.62
CA GLU E 6 6.61 49.14 -28.19
C GLU E 6 5.43 48.45 -27.51
N ASP E 7 4.25 48.60 -28.09
CA ASP E 7 3.05 47.93 -27.62
C ASP E 7 3.24 46.42 -27.71
N ARG E 8 3.83 45.99 -28.82
CA ARG E 8 4.09 44.58 -29.07
C ARG E 8 5.17 44.03 -28.13
N LYS E 9 6.24 44.79 -27.91
CA LYS E 9 7.31 44.31 -27.03
C LYS E 9 6.78 44.11 -25.61
N ALA E 10 5.98 45.07 -25.17
CA ALA E 10 5.46 45.06 -23.79
C ALA E 10 4.53 43.89 -23.54
N LYS E 11 3.72 43.51 -24.53
CA LYS E 11 2.85 42.37 -24.27
C LYS E 11 3.69 41.10 -24.18
N VAL E 12 4.79 41.07 -24.96
CA VAL E 12 5.59 39.82 -24.93
C VAL E 12 6.37 39.77 -23.64
N ILE E 13 7.02 40.87 -23.28
CA ILE E 13 7.73 40.98 -22.02
C ILE E 13 6.88 40.53 -20.84
N GLU E 14 5.58 40.81 -20.87
CA GLU E 14 4.65 40.42 -19.82
C GLU E 14 4.42 38.93 -19.73
N VAL E 15 4.27 38.21 -20.84
CA VAL E 15 4.10 36.75 -20.74
C VAL E 15 5.44 36.11 -20.39
N LEU E 16 6.52 36.75 -20.84
CA LEU E 16 7.87 36.31 -20.52
C LEU E 16 8.12 36.40 -19.01
N ASN E 17 7.67 37.50 -18.40
CA ASN E 17 7.89 37.70 -16.96
C ASN E 17 6.96 36.78 -16.19
N LYS E 18 5.81 36.40 -16.77
CA LYS E 18 4.96 35.44 -16.07
C LYS E 18 5.58 34.06 -16.08
N ALA E 19 6.08 33.68 -17.25
CA ALA E 19 6.78 32.41 -17.38
C ALA E 19 8.00 32.35 -16.45
N ARG E 20 8.84 33.38 -16.48
CA ARG E 20 10.02 33.43 -15.61
C ARG E 20 9.65 33.28 -14.14
N ALA E 21 8.58 33.94 -13.69
CA ALA E 21 8.14 33.76 -12.31
C ALA E 21 7.72 32.34 -12.00
N MET E 22 7.14 31.65 -12.98
CA MET E 22 6.82 30.24 -12.81
C MET E 22 8.10 29.40 -12.69
N GLU E 23 9.14 29.79 -13.40
CA GLU E 23 10.42 29.07 -13.35
C GLU E 23 11.09 29.27 -11.99
N LEU E 24 11.12 30.51 -11.52
CA LEU E 24 11.68 30.79 -10.20
C LEU E 24 10.99 29.95 -9.15
N HIS E 25 9.67 29.83 -9.26
CA HIS E 25 8.96 28.99 -8.30
C HIS E 25 9.41 27.53 -8.39
N ALA E 26 9.43 27.02 -9.61
CA ALA E 26 9.83 25.63 -9.87
C ALA E 26 11.20 25.35 -9.29
N ILE E 27 12.13 26.27 -9.46
CA ILE E 27 13.47 26.06 -8.93
C ILE E 27 13.45 25.82 -7.44
N HIS E 28 12.75 26.69 -6.70
CA HIS E 28 12.71 26.56 -5.24
C HIS E 28 11.85 25.39 -4.83
N GLN E 29 10.78 25.09 -5.57
CA GLN E 29 9.94 23.96 -5.20
C GLN E 29 10.64 22.63 -5.46
N TYR E 30 11.31 22.49 -6.61
CA TYR E 30 12.01 21.21 -6.84
C TYR E 30 13.26 21.10 -5.99
N MET E 31 13.97 22.20 -5.71
CA MET E 31 15.16 22.01 -4.86
C MET E 31 14.76 21.62 -3.44
N ASN E 32 13.61 22.12 -3.01
CA ASN E 32 13.13 21.79 -1.66
C ASN E 32 12.89 20.29 -1.57
N GLN E 33 12.24 19.75 -2.59
CA GLN E 33 11.95 18.34 -2.69
C GLN E 33 13.25 17.54 -2.77
N HIS E 34 14.22 18.11 -3.46
CA HIS E 34 15.53 17.48 -3.55
C HIS E 34 16.18 17.36 -2.18
N TYR E 35 16.08 18.40 -1.36
CA TYR E 35 16.74 18.34 -0.05
C TYR E 35 16.12 17.24 0.81
N SER E 36 14.80 17.05 0.64
CA SER E 36 14.08 16.02 1.36
C SER E 36 14.44 14.61 0.87
N LEU E 37 14.49 14.42 -0.45
CA LEU E 37 14.80 13.13 -1.06
C LEU E 37 16.23 12.71 -0.69
N ASP E 38 17.12 13.68 -0.70
CA ASP E 38 18.51 13.51 -0.30
C ASP E 38 18.60 13.14 1.17
N ASP E 39 17.89 13.90 2.00
CA ASP E 39 17.85 13.59 3.43
C ASP E 39 17.36 12.17 3.64
N MET E 40 16.42 11.74 2.82
CA MET E 40 15.87 10.40 2.94
C MET E 40 16.83 9.34 2.35
N ASP E 41 17.87 9.80 1.67
CA ASP E 41 18.86 8.91 1.07
C ASP E 41 18.28 8.10 -0.08
N TYR E 42 17.48 8.76 -0.92
CA TYR E 42 16.99 8.16 -2.16
C TYR E 42 17.75 8.82 -3.31
N GLY E 43 19.01 8.46 -3.44
CA GLY E 43 20.01 9.04 -4.30
C GLY E 43 19.53 9.34 -5.71
N GLU E 44 19.10 8.31 -6.41
CA GLU E 44 18.72 8.53 -7.82
C GLU E 44 17.54 9.50 -7.94
N LEU E 45 16.59 9.44 -7.00
CA LEU E 45 15.47 10.38 -7.02
C LEU E 45 16.01 11.76 -6.68
N ALA E 46 16.90 11.86 -5.69
CA ALA E 46 17.39 13.22 -5.37
C ALA E 46 18.16 13.83 -6.52
N ALA E 47 18.95 13.03 -7.22
CA ALA E 47 19.78 13.57 -8.30
C ALA E 47 18.96 14.10 -9.45
N ASN E 48 18.02 13.30 -9.98
CA ASN E 48 17.22 13.73 -11.11
C ASN E 48 16.37 14.95 -10.76
N MET E 49 15.91 15.05 -9.52
CA MET E 49 15.14 16.20 -9.07
C MET E 49 16.00 17.45 -9.20
N LYS E 50 17.25 17.38 -8.74
CA LYS E 50 18.17 18.53 -8.86
C LYS E 50 18.49 18.82 -10.32
N LEU E 51 18.64 17.76 -11.12
CA LEU E 51 18.88 18.00 -12.55
C LEU E 51 17.72 18.71 -13.21
N ILE E 52 16.49 18.33 -12.91
CA ILE E 52 15.34 19.06 -13.44
C ILE E 52 15.33 20.50 -12.94
N ALA E 53 15.62 20.72 -11.64
CA ALA E 53 15.65 22.12 -11.18
C ALA E 53 16.66 22.95 -11.97
N ILE E 54 17.78 22.30 -12.32
CA ILE E 54 18.80 23.04 -13.08
C ILE E 54 18.27 23.33 -14.48
N ASP E 55 17.47 22.48 -15.11
CA ASP E 55 16.82 22.90 -16.36
C ASP E 55 15.96 24.15 -16.17
N GLU E 56 15.19 24.21 -15.08
CA GLU E 56 14.34 25.35 -14.77
C GLU E 56 15.17 26.62 -14.53
N MET E 57 16.37 26.46 -14.00
CA MET E 57 17.31 27.57 -13.89
C MET E 57 17.68 28.12 -15.26
N ARG E 58 17.96 27.22 -16.20
N ARG E 58 17.98 27.26 -16.24
CA ARG E 58 18.28 27.58 -17.59
CA ARG E 58 18.30 27.82 -17.55
C ARG E 58 17.09 28.28 -18.25
C ARG E 58 17.05 28.41 -18.20
N HIS E 59 15.89 27.78 -18.01
CA HIS E 59 14.68 28.41 -18.55
C HIS E 59 14.54 29.83 -18.05
N ALA E 60 14.56 30.02 -16.74
CA ALA E 60 14.57 31.33 -16.11
C ALA E 60 15.57 32.28 -16.76
N GLU E 61 16.79 31.79 -16.97
CA GLU E 61 17.86 32.59 -17.56
C GLU E 61 17.57 32.92 -19.02
N ASN E 62 17.04 31.93 -19.76
CA ASN E 62 16.73 32.23 -21.15
C ASN E 62 15.55 33.21 -21.23
N PHE E 63 14.57 33.08 -20.35
CA PHE E 63 13.48 34.06 -20.41
C PHE E 63 14.06 35.44 -20.09
N ALA E 64 14.91 35.55 -19.07
CA ALA E 64 15.47 36.84 -18.70
C ALA E 64 16.33 37.43 -19.81
N GLU E 65 17.08 36.63 -20.56
CA GLU E 65 17.87 37.22 -21.65
C GLU E 65 16.97 37.78 -22.74
N ARG E 66 15.88 37.11 -23.06
CA ARG E 66 14.93 37.60 -24.06
C ARG E 66 14.27 38.89 -23.61
N ILE E 67 13.84 38.97 -22.36
CA ILE E 67 13.26 40.20 -21.82
C ILE E 67 14.24 41.35 -21.97
N LYS E 68 15.51 41.14 -21.62
CA LYS E 68 16.50 42.21 -21.81
C LYS E 68 16.58 42.64 -23.27
N GLU E 69 16.52 41.63 -24.14
CA GLU E 69 16.57 41.91 -25.58
C GLU E 69 15.39 42.82 -25.92
N LEU E 70 14.21 42.52 -25.39
CA LEU E 70 13.03 43.31 -25.75
C LEU E 70 13.04 44.67 -25.03
N GLY E 71 14.05 44.87 -24.20
CA GLY E 71 14.24 46.07 -23.42
C GLY E 71 13.45 46.09 -22.12
N GLY E 72 12.97 44.96 -21.62
CA GLY E 72 12.20 44.89 -20.40
C GLY E 72 13.06 44.60 -19.19
N GLU E 73 12.47 44.39 -18.02
CA GLU E 73 13.26 44.05 -16.82
C GLU E 73 12.84 42.68 -16.31
N PRO E 74 13.78 41.74 -16.21
CA PRO E 74 13.43 40.39 -15.77
C PRO E 74 12.98 40.41 -14.32
N THR E 75 11.83 39.83 -14.01
CA THR E 75 11.33 39.79 -12.64
C THR E 75 12.24 38.98 -11.71
N THR E 76 12.13 39.23 -10.42
CA THR E 76 12.90 38.56 -9.38
C THR E 76 11.98 37.92 -8.37
N GLN E 77 10.70 37.83 -8.70
CA GLN E 77 9.73 37.27 -7.76
C GLN E 77 9.11 35.99 -8.31
N LYS E 78 9.07 34.93 -7.51
CA LYS E 78 8.55 33.65 -7.97
C LYS E 78 7.03 33.66 -7.93
N GLU E 79 6.40 32.83 -8.76
CA GLU E 79 4.95 32.82 -8.79
C GLU E 79 4.40 31.73 -7.88
N GLY E 80 3.83 32.18 -6.76
CA GLY E 80 3.17 31.27 -5.87
C GLY E 80 3.98 30.91 -4.64
N LYS E 81 3.43 29.94 -3.90
CA LYS E 81 4.11 29.56 -2.68
C LYS E 81 4.75 28.19 -2.88
N VAL E 82 5.92 28.04 -2.26
CA VAL E 82 6.56 26.73 -2.21
C VAL E 82 5.90 25.91 -1.11
N VAL E 83 5.49 24.69 -1.42
CA VAL E 83 4.95 23.73 -0.49
C VAL E 83 6.07 22.85 0.06
N THR E 84 6.15 22.71 1.37
CA THR E 84 7.16 21.86 2.01
C THR E 84 6.52 20.69 2.73
N GLY E 85 7.36 19.75 3.13
CA GLY E 85 6.94 18.58 3.85
C GLY E 85 6.13 17.59 3.07
N GLN E 86 6.11 17.61 1.73
CA GLN E 86 5.23 16.64 1.07
C GLN E 86 5.84 15.25 1.18
N ALA E 87 4.99 14.24 1.31
CA ALA E 87 5.42 12.84 1.25
C ALA E 87 5.81 12.46 -0.18
N VAL E 88 6.51 11.33 -0.37
CA VAL E 88 7.03 11.01 -1.69
C VAL E 88 5.98 10.94 -2.79
N PRO E 89 4.85 10.29 -2.63
CA PRO E 89 3.82 10.29 -3.68
C PRO E 89 3.30 11.67 -4.02
N VAL E 90 3.13 12.53 -3.01
CA VAL E 90 2.65 13.89 -3.24
C VAL E 90 3.66 14.70 -4.04
N ILE E 91 4.94 14.51 -3.77
CA ILE E 91 5.99 15.14 -4.59
C ILE E 91 5.78 14.86 -6.07
N TYR E 92 5.63 13.59 -6.44
CA TYR E 92 5.58 13.28 -7.87
C TYR E 92 4.21 13.59 -8.43
N GLU E 93 3.18 13.44 -7.60
N GLU E 93 3.17 13.44 -7.61
CA GLU E 93 1.83 13.82 -8.00
CA GLU E 93 1.84 13.82 -8.06
C GLU E 93 1.78 15.31 -8.28
C GLU E 93 1.78 15.33 -8.31
N SER E 94 2.25 16.10 -7.33
CA SER E 94 2.18 17.54 -7.49
C SER E 94 3.13 18.03 -8.57
N ASP E 95 4.29 17.42 -8.76
CA ASP E 95 5.21 17.95 -9.77
C ASP E 95 4.68 17.72 -11.17
N ALA E 96 4.02 16.60 -11.38
CA ALA E 96 3.42 16.32 -12.69
C ALA E 96 2.30 17.30 -13.00
N ASP E 97 1.45 17.56 -12.00
CA ASP E 97 0.40 18.55 -12.22
C ASP E 97 0.98 19.92 -12.52
N GLN E 98 2.05 20.28 -11.82
CA GLN E 98 2.70 21.56 -12.05
C GLN E 98 3.30 21.61 -13.44
N GLU E 99 3.83 20.50 -13.93
CA GLU E 99 4.41 20.48 -15.28
C GLU E 99 3.32 20.58 -16.34
N ASP E 100 2.24 19.83 -16.11
CA ASP E 100 1.12 19.88 -17.04
C ASP E 100 0.49 21.27 -17.11
N ALA E 101 0.33 21.88 -15.94
CA ALA E 101 -0.15 23.26 -15.89
C ALA E 101 0.80 24.22 -16.59
N THR E 102 2.11 24.05 -16.41
CA THR E 102 3.07 24.95 -17.06
C THR E 102 2.99 24.81 -18.57
N ILE E 103 2.91 23.57 -19.07
CA ILE E 103 2.79 23.39 -20.53
C ILE E 103 1.56 24.12 -21.05
N GLU E 104 0.44 24.03 -20.34
CA GLU E 104 -0.79 24.73 -20.66
C GLU E 104 -0.60 26.24 -20.69
N ALA E 105 0.03 26.81 -19.66
CA ALA E 105 0.16 28.27 -19.64
C ALA E 105 1.09 28.74 -20.75
N TYR E 106 2.23 28.08 -20.89
CA TYR E 106 3.25 28.37 -21.87
C TYR E 106 2.71 28.28 -23.29
N SER E 107 1.82 27.32 -23.55
CA SER E 107 1.16 27.26 -24.85
C SER E 107 0.30 28.51 -25.07
N GLN E 108 -0.31 29.00 -23.99
CA GLN E 108 -1.07 30.25 -24.14
C GLN E 108 -0.11 31.40 -24.36
N PHE E 109 0.99 31.46 -23.62
CA PHE E 109 1.97 32.51 -23.83
C PHE E 109 2.50 32.51 -25.26
N LEU E 110 2.68 31.34 -25.84
CA LEU E 110 3.16 31.18 -27.22
C LEU E 110 2.22 31.83 -28.24
N LYS E 111 0.93 31.60 -28.02
CA LYS E 111 -0.13 32.20 -28.84
C LYS E 111 -0.05 33.70 -28.73
N VAL E 112 0.22 34.26 -27.55
CA VAL E 112 0.41 35.71 -27.46
C VAL E 112 1.59 36.19 -28.30
N CYS E 113 2.74 35.50 -28.27
CA CYS E 113 3.86 35.92 -29.09
C CYS E 113 3.51 35.92 -30.57
N LYS E 114 2.78 34.89 -31.01
CA LYS E 114 2.47 34.91 -32.44
C LYS E 114 1.56 36.09 -32.78
N GLU E 115 0.56 36.33 -31.93
CA GLU E 115 -0.36 37.45 -32.09
C GLU E 115 0.38 38.79 -32.12
N GLN E 116 1.48 38.88 -31.39
CA GLN E 116 2.31 40.07 -31.34
C GLN E 116 3.44 39.95 -32.33
N GLY E 117 3.37 38.96 -33.20
CA GLY E 117 4.33 38.81 -34.28
C GLY E 117 5.75 38.69 -33.77
N ASP E 118 5.96 37.98 -32.68
CA ASP E 118 7.32 37.85 -32.15
C ASP E 118 7.82 36.43 -32.39
N ILE E 119 8.40 36.18 -33.55
CA ILE E 119 8.80 34.83 -33.94
C ILE E 119 9.91 34.28 -33.07
N VAL E 120 10.89 35.11 -32.73
CA VAL E 120 11.99 34.61 -31.90
C VAL E 120 11.51 34.19 -30.53
N THR E 121 10.63 34.98 -29.89
CA THR E 121 10.15 34.61 -28.57
C THR E 121 9.27 33.37 -28.62
N ALA E 122 8.45 33.24 -29.68
CA ALA E 122 7.63 32.05 -29.78
C ALA E 122 8.50 30.79 -29.89
N ARG E 123 9.60 30.89 -30.64
CA ARG E 123 10.44 29.68 -30.80
C ARG E 123 11.08 29.33 -29.45
N LEU E 124 11.40 30.33 -28.65
CA LEU E 124 11.89 30.08 -27.30
C LEU E 124 10.90 29.29 -26.47
N PHE E 125 9.62 29.66 -26.55
CA PHE E 125 8.57 28.96 -25.81
C PHE E 125 8.40 27.52 -26.31
N GLU E 126 8.42 27.35 -27.62
CA GLU E 126 8.29 26.03 -28.23
C GLU E 126 9.36 25.07 -27.71
N ARG E 127 10.62 25.50 -27.73
N ARG E 127 10.61 25.51 -27.73
CA ARG E 127 11.71 24.67 -27.25
CA ARG E 127 11.72 24.69 -27.25
C ARG E 127 11.55 24.33 -25.77
C ARG E 127 11.53 24.31 -25.78
N ILE E 128 11.12 25.29 -24.97
CA ILE E 128 11.01 25.05 -23.52
C ILE E 128 9.84 24.14 -23.21
N ILE E 129 8.72 24.28 -23.92
CA ILE E 129 7.58 23.39 -23.71
C ILE E 129 7.99 21.96 -23.97
N GLU E 130 8.83 21.69 -24.97
CA GLU E 130 9.33 20.35 -25.21
C GLU E 130 10.14 19.82 -24.02
N GLU E 131 10.92 20.66 -23.37
CA GLU E 131 11.63 20.21 -22.18
C GLU E 131 10.68 19.93 -21.03
N GLU E 132 9.67 20.77 -20.83
CA GLU E 132 8.70 20.59 -19.76
C GLU E 132 7.95 19.28 -19.98
N GLN E 133 7.79 18.92 -21.25
CA GLN E 133 7.16 17.63 -21.55
C GLN E 133 8.07 16.49 -21.09
N ALA E 134 9.38 16.67 -21.24
CA ALA E 134 10.31 15.67 -20.71
C ALA E 134 10.22 15.59 -19.19
N HIS E 135 10.08 16.70 -18.50
CA HIS E 135 9.89 16.64 -17.05
C HIS E 135 8.61 15.93 -16.68
N LEU E 136 7.51 16.25 -17.37
CA LEU E 136 6.20 15.67 -17.04
C LEU E 136 6.20 14.16 -17.09
N THR E 137 6.68 13.62 -18.21
CA THR E 137 6.80 12.17 -18.41
C THR E 137 7.61 11.51 -17.29
N TYR E 138 8.72 12.13 -16.92
CA TYR E 138 9.57 11.66 -15.84
C TYR E 138 8.76 11.55 -14.55
N TYR E 139 8.18 12.67 -14.12
CA TYR E 139 7.43 12.67 -12.85
C TYR E 139 6.24 11.71 -12.92
N GLU E 140 5.53 11.63 -14.05
CA GLU E 140 4.47 10.64 -14.20
C GLU E 140 5.00 9.23 -14.09
N ASN E 141 6.20 8.96 -14.62
CA ASN E 141 6.74 7.61 -14.53
C ASN E 141 7.06 7.21 -13.10
N ILE E 142 7.73 8.09 -12.36
CA ILE E 142 8.07 7.77 -10.97
C ILE E 142 6.82 7.62 -10.11
N GLY E 143 5.89 8.58 -10.22
CA GLY E 143 4.64 8.40 -9.47
C GLY E 143 3.96 7.10 -9.82
N SER E 144 4.11 6.62 -11.04
CA SER E 144 3.45 5.36 -11.39
C SER E 144 4.15 4.18 -10.72
N HIS E 145 5.48 4.18 -10.66
CA HIS E 145 6.16 3.07 -9.97
C HIS E 145 5.84 3.08 -8.49
N ILE E 146 5.88 4.27 -7.88
CA ILE E 146 5.60 4.34 -6.44
C ILE E 146 4.22 3.81 -6.13
N LYS E 147 3.24 4.17 -6.94
CA LYS E 147 1.86 3.73 -6.87
C LYS E 147 1.71 2.22 -7.01
N ASN E 148 2.40 1.69 -8.03
CA ASN E 148 2.22 0.26 -8.29
C ASN E 148 3.12 -0.62 -7.45
N LEU E 149 4.34 -0.17 -7.20
CA LEU E 149 5.35 -1.03 -6.59
C LEU E 149 5.72 -0.58 -5.19
N GLY E 150 5.38 0.63 -4.79
CA GLY E 150 5.59 1.07 -3.42
C GLY E 150 7.00 0.87 -2.89
N ASP E 151 7.08 0.34 -1.67
CA ASP E 151 8.32 0.18 -0.92
C ASP E 151 9.31 -0.72 -1.65
N THR E 152 8.77 -1.60 -2.48
CA THR E 152 9.68 -2.45 -3.26
C THR E 152 10.50 -1.61 -4.23
N TYR E 153 9.88 -0.59 -4.83
CA TYR E 153 10.67 0.24 -5.75
C TYR E 153 11.65 1.10 -4.96
N LEU E 154 11.16 1.67 -3.86
CA LEU E 154 12.00 2.55 -3.06
C LEU E 154 13.19 1.83 -2.47
N ALA E 155 12.98 0.57 -2.06
CA ALA E 155 14.12 -0.18 -1.53
C ALA E 155 15.25 -0.25 -2.56
N LYS E 156 14.84 -0.29 -3.83
CA LYS E 156 15.85 -0.32 -4.89
C LYS E 156 16.61 1.00 -4.95
N ILE E 157 15.93 2.12 -4.71
CA ILE E 157 16.60 3.41 -4.80
C ILE E 157 17.35 3.76 -3.53
N ALA E 158 17.01 3.11 -2.42
CA ALA E 158 17.61 3.47 -1.13
C ALA E 158 19.11 3.32 -1.17
N GLY E 159 19.85 4.38 -0.86
CA GLY E 159 21.30 4.27 -0.81
C GLY E 159 21.97 4.43 -2.16
N THR E 160 21.23 4.69 -3.24
CA THR E 160 21.90 4.92 -4.52
C THR E 160 22.71 6.21 -4.49
N PRO E 161 23.64 6.40 -5.42
CA PRO E 161 24.42 7.63 -5.41
C PRO E 161 23.53 8.82 -5.77
N SER E 162 23.86 9.98 -5.22
CA SER E 162 23.02 11.15 -5.45
C SER E 162 23.73 12.18 -6.33
N SER E 163 24.92 11.83 -6.78
CA SER E 163 25.77 12.67 -7.61
C SER E 163 25.09 13.20 -8.88
N THR E 164 25.32 14.47 -9.20
CA THR E 164 24.79 15.09 -10.40
C THR E 164 25.96 15.56 -11.27
N GLY E 165 27.13 15.04 -10.88
CA GLY E 165 28.35 15.36 -11.57
C GLY E 165 29.37 16.08 -10.69
N THR E 166 30.35 16.60 -11.41
CA THR E 166 31.39 17.44 -10.80
C THR E 166 30.75 18.74 -10.38
N ALA E 167 31.23 19.30 -9.27
CA ALA E 167 30.74 20.55 -8.75
C ALA E 167 30.66 21.61 -9.84
N SER E 168 29.65 22.47 -9.74
N SER E 168 29.74 22.54 -9.62
CA SER E 168 29.41 23.46 -10.79
CA SER E 168 29.57 23.79 -10.34
C SER E 168 30.54 24.48 -10.89
C SER E 168 30.89 24.48 -10.62
N LYS E 169 30.85 24.88 -12.12
N LYS E 169 31.10 24.89 -11.87
CA LYS E 169 31.68 26.03 -12.44
CA LYS E 169 32.23 25.76 -12.19
C LYS E 169 31.42 27.15 -11.45
C LYS E 169 31.82 27.20 -11.82
N GLY E 170 32.41 27.68 -10.75
CA GLY E 170 32.10 28.84 -9.95
C GLY E 170 33.23 29.84 -9.96
N PHE E 171 33.14 30.88 -9.15
CA PHE E 171 34.16 31.90 -9.11
C PHE E 171 35.34 31.48 -8.27
N VAL E 172 35.15 30.95 -7.06
CA VAL E 172 36.33 30.72 -6.22
C VAL E 172 37.14 29.56 -6.78
N GLY F 3 21.36 25.16 25.56
CA GLY F 3 20.41 24.32 26.28
C GLY F 3 20.42 22.86 25.91
N ASN F 4 19.24 22.26 25.93
CA ASN F 4 19.20 20.82 25.60
C ASN F 4 19.65 20.63 24.15
N ARG F 5 19.79 19.38 23.73
CA ARG F 5 20.19 18.99 22.39
C ARG F 5 19.27 19.59 21.34
N GLU F 6 17.97 19.44 21.56
CA GLU F 6 17.00 19.97 20.61
C GLU F 6 17.06 21.49 20.55
N ASP F 7 17.31 22.15 21.68
CA ASP F 7 17.44 23.59 21.76
C ASP F 7 18.66 24.07 20.98
N ARG F 8 19.77 23.37 21.16
CA ARG F 8 21.00 23.72 20.48
C ARG F 8 20.82 23.60 18.97
N LYS F 9 20.15 22.56 18.50
CA LYS F 9 19.89 22.43 17.07
C LYS F 9 19.00 23.55 16.56
N ALA F 10 17.97 23.88 17.33
CA ALA F 10 17.03 24.94 16.96
C ALA F 10 17.72 26.27 16.80
N LYS F 11 18.62 26.66 17.69
CA LYS F 11 19.29 27.95 17.55
C LYS F 11 20.24 27.97 16.36
N VAL F 12 20.90 26.86 16.04
CA VAL F 12 21.76 26.83 14.84
C VAL F 12 20.91 26.84 13.57
N ILE F 13 19.82 26.06 13.55
CA ILE F 13 18.96 26.03 12.37
C ILE F 13 18.48 27.43 12.01
N GLU F 14 18.19 28.22 13.03
CA GLU F 14 17.77 29.60 12.84
C GLU F 14 18.82 30.48 12.18
N VAL F 15 20.09 30.41 12.59
CA VAL F 15 21.08 31.26 11.92
C VAL F 15 21.43 30.72 10.53
N LEU F 16 21.34 29.41 10.31
CA LEU F 16 21.54 28.79 9.00
C LEU F 16 20.48 29.22 7.98
N ASN F 17 19.23 29.29 8.42
CA ASN F 17 18.14 29.80 7.58
C ASN F 17 18.28 31.30 7.39
N LYS F 18 18.81 32.01 8.38
CA LYS F 18 19.13 33.41 8.14
C LYS F 18 20.20 33.55 7.07
N ALA F 19 21.26 32.76 7.17
CA ALA F 19 22.31 32.80 6.16
C ALA F 19 21.78 32.42 4.78
N ARG F 20 21.02 31.31 4.72
CA ARG F 20 20.47 30.83 3.45
C ARG F 20 19.60 31.87 2.78
N ALA F 21 18.78 32.58 3.57
CA ALA F 21 17.93 33.62 3.00
C ALA F 21 18.77 34.73 2.39
N MET F 22 19.92 35.01 3.00
CA MET F 22 20.84 35.99 2.42
C MET F 22 21.44 35.51 1.10
N GLU F 23 21.77 34.22 1.00
CA GLU F 23 22.26 33.63 -0.25
C GLU F 23 21.19 33.68 -1.34
N LEU F 24 19.94 33.34 -0.97
CA LEU F 24 18.87 33.38 -1.96
C LEU F 24 18.74 34.78 -2.55
N HIS F 25 18.89 35.79 -1.69
CA HIS F 25 18.88 37.16 -2.15
C HIS F 25 20.06 37.44 -3.07
N ALA F 26 21.26 37.02 -2.67
CA ALA F 26 22.46 37.29 -3.45
C ALA F 26 22.36 36.65 -4.84
N ILE F 27 21.82 35.43 -4.90
CA ILE F 27 21.65 34.80 -6.22
C ILE F 27 20.77 35.65 -7.12
N HIS F 28 19.63 36.13 -6.60
CA HIS F 28 18.74 36.90 -7.46
C HIS F 28 19.34 38.26 -7.79
N GLN F 29 20.03 38.85 -6.83
CA GLN F 29 20.64 40.17 -7.00
C GLN F 29 21.76 40.17 -8.03
N TYR F 30 22.69 39.25 -7.88
CA TYR F 30 23.82 39.10 -8.78
C TYR F 30 23.36 38.66 -10.16
N MET F 31 22.42 37.72 -10.23
CA MET F 31 21.97 37.34 -11.59
C MET F 31 21.28 38.51 -12.26
N ASN F 32 20.51 39.29 -11.49
CA ASN F 32 19.89 40.46 -12.09
C ASN F 32 20.96 41.35 -12.70
N GLN F 33 22.08 41.56 -12.00
CA GLN F 33 23.12 42.45 -12.53
C GLN F 33 23.83 41.79 -13.70
N HIS F 34 23.92 40.46 -13.63
CA HIS F 34 24.52 39.74 -14.75
C HIS F 34 23.69 39.98 -16.01
N TYR F 35 22.36 39.95 -15.93
CA TYR F 35 21.56 40.20 -17.13
C TYR F 35 21.75 41.59 -17.70
N SER F 36 21.97 42.62 -16.89
CA SER F 36 22.30 43.96 -17.33
C SER F 36 23.67 44.07 -18.01
N LEU F 37 24.71 43.51 -17.42
CA LEU F 37 26.07 43.56 -17.95
C LEU F 37 26.18 42.83 -19.28
N ASP F 38 25.41 41.75 -19.38
CA ASP F 38 25.40 40.95 -20.62
C ASP F 38 24.74 41.75 -21.72
N ASP F 39 23.59 42.33 -21.36
CA ASP F 39 22.87 43.21 -22.27
C ASP F 39 23.80 44.34 -22.71
N MET F 40 24.62 44.85 -21.79
CA MET F 40 25.55 45.94 -22.09
C MET F 40 26.76 45.45 -22.88
N ASP F 41 26.84 44.14 -23.07
CA ASP F 41 27.94 43.54 -23.82
C ASP F 41 29.28 43.79 -23.14
N TYR F 42 29.30 43.74 -21.80
CA TYR F 42 30.52 43.74 -21.01
C TYR F 42 30.78 42.30 -20.53
N GLY F 43 31.26 41.45 -21.41
CA GLY F 43 31.36 40.03 -21.24
C GLY F 43 32.14 39.54 -20.05
N GLU F 44 33.37 39.99 -19.85
CA GLU F 44 34.15 39.49 -18.72
C GLU F 44 33.46 39.76 -17.38
N LEU F 45 32.88 40.95 -17.26
CA LEU F 45 32.10 41.33 -16.09
C LEU F 45 30.84 40.48 -15.92
N ALA F 46 30.12 40.21 -16.99
CA ALA F 46 28.91 39.41 -16.93
C ALA F 46 29.26 37.96 -16.55
N ALA F 47 30.38 37.48 -17.06
CA ALA F 47 30.83 36.11 -16.83
C ALA F 47 31.16 35.91 -15.35
N ASN F 48 31.96 36.81 -14.81
CA ASN F 48 32.36 36.67 -13.41
C ASN F 48 31.17 36.87 -12.46
N MET F 49 30.25 37.76 -12.82
CA MET F 49 29.08 37.99 -11.95
C MET F 49 28.22 36.74 -11.89
N LYS F 50 28.03 36.07 -13.02
CA LYS F 50 27.32 34.79 -13.01
C LYS F 50 28.09 33.74 -12.24
N LEU F 51 29.42 33.67 -12.37
CA LEU F 51 30.15 32.65 -11.62
C LEU F 51 30.06 32.89 -10.11
N ILE F 52 30.01 34.16 -9.70
CA ILE F 52 29.84 34.41 -8.26
C ILE F 52 28.44 33.99 -7.84
N ALA F 53 27.42 34.27 -8.67
CA ALA F 53 26.07 33.82 -8.34
C ALA F 53 26.02 32.31 -8.20
N ILE F 54 26.80 31.57 -8.99
CA ILE F 54 26.79 30.11 -8.83
C ILE F 54 27.44 29.72 -7.51
N ASP F 55 28.45 30.45 -7.06
CA ASP F 55 29.01 30.23 -5.72
C ASP F 55 27.92 30.36 -4.66
N GLU F 56 27.07 31.39 -4.78
CA GLU F 56 26.03 31.63 -3.77
C GLU F 56 24.98 30.55 -3.80
N MET F 57 24.70 30.00 -4.98
CA MET F 57 23.83 28.84 -5.13
C MET F 57 24.38 27.67 -4.34
N ARG F 58 25.70 27.45 -4.42
N ARG F 58 25.70 27.43 -4.41
CA ARG F 58 26.32 26.33 -3.69
CA ARG F 58 26.28 26.33 -3.66
C ARG F 58 26.26 26.58 -2.18
C ARG F 58 26.20 26.57 -2.16
N HIS F 59 26.38 27.84 -1.77
CA HIS F 59 26.26 28.19 -0.35
C HIS F 59 24.85 27.90 0.14
N ALA F 60 23.86 28.38 -0.61
CA ALA F 60 22.47 28.12 -0.23
C ALA F 60 22.23 26.62 -0.08
N GLU F 61 22.81 25.86 -1.01
CA GLU F 61 22.67 24.42 -1.00
C GLU F 61 23.35 23.81 0.22
N ASN F 62 24.55 24.28 0.54
CA ASN F 62 25.25 23.72 1.69
C ASN F 62 24.55 24.04 3.01
N PHE F 63 23.98 25.24 3.08
CA PHE F 63 23.21 25.60 4.26
C PHE F 63 21.95 24.74 4.32
N ALA F 64 21.25 24.58 3.20
CA ALA F 64 20.07 23.71 3.18
C ALA F 64 20.39 22.31 3.66
N GLU F 65 21.50 21.72 3.22
CA GLU F 65 21.86 20.36 3.60
C GLU F 65 22.16 20.23 5.09
N ARG F 66 22.87 21.19 5.67
CA ARG F 66 23.12 21.17 7.11
C ARG F 66 21.82 21.28 7.90
N ILE F 67 20.93 22.18 7.47
CA ILE F 67 19.63 22.33 8.14
C ILE F 67 18.91 20.99 8.16
N LYS F 68 18.85 20.31 7.00
CA LYS F 68 18.27 18.99 6.89
C LYS F 68 18.92 17.98 7.84
N GLU F 69 20.25 18.00 7.91
CA GLU F 69 20.97 17.14 8.85
C GLU F 69 20.51 17.41 10.28
N LEU F 70 20.16 18.66 10.57
CA LEU F 70 19.83 19.07 11.92
C LEU F 70 18.33 18.93 12.17
N GLY F 71 17.59 18.48 11.17
CA GLY F 71 16.16 18.20 11.29
C GLY F 71 15.28 19.40 11.05
N GLY F 72 15.84 20.48 10.51
CA GLY F 72 15.06 21.65 10.19
C GLY F 72 14.54 21.62 8.77
N GLU F 73 13.97 22.73 8.32
CA GLU F 73 13.41 22.90 6.98
C GLU F 73 14.04 24.11 6.32
N PRO F 74 14.74 23.92 5.20
CA PRO F 74 15.45 25.04 4.56
C PRO F 74 14.50 26.11 4.05
N THR F 75 14.73 27.37 4.39
CA THR F 75 13.79 28.38 3.92
C THR F 75 13.77 28.48 2.41
N THR F 76 12.67 28.98 1.85
CA THR F 76 12.55 29.32 0.45
C THR F 76 12.41 30.81 0.22
N GLN F 77 12.65 31.65 1.22
CA GLN F 77 12.45 33.07 0.96
C GLN F 77 13.78 33.82 1.08
N LYS F 78 14.01 34.76 0.17
CA LYS F 78 15.22 35.56 0.24
C LYS F 78 15.03 36.69 1.25
N GLU F 79 16.14 37.18 1.81
CA GLU F 79 16.09 38.27 2.77
C GLU F 79 16.37 39.59 2.07
N GLY F 80 15.40 40.51 2.12
CA GLY F 80 15.59 41.82 1.57
C GLY F 80 15.05 41.92 0.14
N LYS F 81 15.16 43.11 -0.42
CA LYS F 81 14.66 43.37 -1.76
C LYS F 81 15.84 43.41 -2.75
N VAL F 82 15.60 42.91 -3.95
CA VAL F 82 16.57 42.99 -5.04
C VAL F 82 16.46 44.34 -5.70
N VAL F 83 17.54 45.12 -5.76
CA VAL F 83 17.50 46.41 -6.44
C VAL F 83 17.74 46.25 -7.93
N THR F 84 16.92 46.82 -8.80
CA THR F 84 17.14 46.61 -10.23
C THR F 84 17.51 47.89 -10.93
N GLY F 85 17.99 47.74 -12.17
CA GLY F 85 18.37 48.90 -12.95
C GLY F 85 19.61 49.59 -12.43
N GLN F 86 20.51 48.85 -11.78
CA GLN F 86 21.71 49.55 -11.31
C GLN F 86 22.66 49.87 -12.47
N ALA F 87 23.21 51.08 -12.39
CA ALA F 87 24.30 51.48 -13.27
C ALA F 87 25.52 50.65 -12.89
N VAL F 88 26.46 50.52 -13.82
CA VAL F 88 27.67 49.72 -13.61
C VAL F 88 28.44 50.10 -12.35
N PRO F 89 28.74 51.37 -12.11
CA PRO F 89 29.49 51.71 -10.88
C PRO F 89 28.72 51.39 -9.60
N VAL F 90 27.40 51.56 -9.66
CA VAL F 90 26.54 51.24 -8.52
C VAL F 90 26.54 49.74 -8.27
N ILE F 91 26.65 48.98 -9.38
CA ILE F 91 26.69 47.53 -9.18
C ILE F 91 27.83 47.10 -8.29
N TYR F 92 29.05 47.57 -8.57
CA TYR F 92 30.21 47.09 -7.80
C TYR F 92 30.29 47.72 -6.42
N GLU F 93 29.93 48.99 -6.27
CA GLU F 93 29.87 49.55 -4.92
C GLU F 93 28.91 48.78 -4.03
N SER F 94 27.70 48.53 -4.55
CA SER F 94 26.74 47.90 -3.63
C SER F 94 27.10 46.45 -3.40
N ASP F 95 27.68 45.78 -4.39
CA ASP F 95 28.02 44.35 -4.19
C ASP F 95 29.14 44.24 -3.18
N ALA F 96 30.15 45.13 -3.27
CA ALA F 96 31.20 45.13 -2.27
C ALA F 96 30.61 45.35 -0.88
N ASP F 97 29.73 46.36 -0.80
CA ASP F 97 29.09 46.63 0.49
C ASP F 97 28.27 45.43 0.94
N GLN F 98 27.59 44.78 0.01
CA GLN F 98 26.82 43.60 0.37
C GLN F 98 27.71 42.47 0.88
N GLU F 99 28.88 42.25 0.26
CA GLU F 99 29.72 41.14 0.70
C GLU F 99 30.33 41.41 2.07
N ASP F 100 30.74 42.65 2.34
CA ASP F 100 31.30 42.91 3.67
C ASP F 100 30.27 42.66 4.75
N ALA F 101 29.03 43.09 4.54
CA ALA F 101 27.93 42.88 5.49
C ALA F 101 27.64 41.41 5.69
N THR F 102 27.70 40.63 4.62
CA THR F 102 27.55 39.18 4.75
C THR F 102 28.63 38.61 5.66
N ILE F 103 29.86 39.08 5.45
CA ILE F 103 30.96 38.54 6.25
C ILE F 103 30.75 38.91 7.72
N GLU F 104 30.29 40.13 7.99
CA GLU F 104 29.97 40.53 9.37
C GLU F 104 28.88 39.64 9.96
N ALA F 105 27.77 39.47 9.24
CA ALA F 105 26.70 38.62 9.76
C ALA F 105 27.14 37.20 9.97
N TYR F 106 27.86 36.63 8.98
CA TYR F 106 28.22 35.21 9.08
C TYR F 106 29.15 34.99 10.28
N SER F 107 30.04 35.94 10.51
CA SER F 107 30.92 35.82 11.68
C SER F 107 30.10 35.80 12.97
N GLN F 108 28.99 36.52 13.02
CA GLN F 108 28.10 36.44 14.16
C GLN F 108 27.43 35.07 14.22
N PHE F 109 26.94 34.62 13.07
CA PHE F 109 26.30 33.31 13.08
C PHE F 109 27.28 32.24 13.56
N LEU F 110 28.54 32.39 13.19
CA LEU F 110 29.59 31.44 13.55
C LEU F 110 29.69 31.31 15.08
N LYS F 111 29.65 32.45 15.74
CA LYS F 111 29.69 32.54 17.19
C LYS F 111 28.53 31.79 17.82
N VAL F 112 27.34 31.94 17.25
CA VAL F 112 26.19 31.21 17.80
C VAL F 112 26.42 29.70 17.72
N CYS F 113 26.89 29.25 16.56
CA CYS F 113 27.30 27.86 16.38
C CYS F 113 28.23 27.43 17.51
N LYS F 114 29.25 28.25 17.77
CA LYS F 114 30.22 27.86 18.79
C LYS F 114 29.56 27.78 20.17
N GLU F 115 28.75 28.79 20.48
CA GLU F 115 28.01 28.84 21.73
C GLU F 115 27.06 27.67 21.86
N GLN F 116 26.53 27.17 20.74
CA GLN F 116 25.63 26.01 20.82
C GLN F 116 26.40 24.71 20.68
N GLY F 117 27.72 24.78 20.78
CA GLY F 117 28.54 23.59 20.68
C GLY F 117 28.36 22.87 19.36
N ASP F 118 28.30 23.58 18.25
CA ASP F 118 28.11 22.93 16.94
C ASP F 118 29.33 23.20 16.05
N ILE F 119 30.35 22.36 16.20
CA ILE F 119 31.63 22.46 15.49
C ILE F 119 31.48 22.24 14.00
N VAL F 120 30.69 21.25 13.60
CA VAL F 120 30.49 20.99 12.17
C VAL F 120 29.87 22.19 11.50
N THR F 121 28.87 22.81 12.13
CA THR F 121 28.29 24.01 11.51
C THR F 121 29.19 25.21 11.60
N ALA F 122 29.95 25.38 12.68
CA ALA F 122 30.91 26.47 12.69
C ALA F 122 31.88 26.34 11.51
N ARG F 123 32.30 25.10 11.17
CA ARG F 123 33.30 24.93 10.13
C ARG F 123 32.71 25.32 8.77
N LEU F 124 31.46 24.94 8.55
CA LEU F 124 30.71 25.32 7.35
C LEU F 124 30.73 26.82 7.14
N PHE F 125 30.41 27.57 8.20
CA PHE F 125 30.44 29.03 8.11
C PHE F 125 31.85 29.54 7.88
N GLU F 126 32.84 28.93 8.53
CA GLU F 126 34.22 29.38 8.37
C GLU F 126 34.63 29.29 6.90
N ARG F 127 34.31 28.16 6.28
N ARG F 127 34.31 28.16 6.28
CA ARG F 127 34.71 27.95 4.89
CA ARG F 127 34.69 27.94 4.89
C ARG F 127 33.98 28.90 3.95
C ARG F 127 33.97 28.89 3.95
N ILE F 128 32.70 29.15 4.22
CA ILE F 128 31.96 30.06 3.32
C ILE F 128 32.37 31.49 3.56
N ILE F 129 32.72 31.86 4.79
CA ILE F 129 33.25 33.22 4.99
C ILE F 129 34.50 33.45 4.18
N GLU F 130 35.34 32.43 4.01
CA GLU F 130 36.52 32.63 3.16
C GLU F 130 36.14 32.84 1.72
N GLU F 131 35.19 32.09 1.18
CA GLU F 131 34.73 32.37 -0.18
C GLU F 131 34.16 33.78 -0.30
N GLU F 132 33.36 34.25 0.65
CA GLU F 132 32.77 35.59 0.56
C GLU F 132 33.88 36.62 0.47
N GLN F 133 34.97 36.37 1.21
CA GLN F 133 36.07 37.32 1.19
C GLN F 133 36.68 37.41 -0.21
N ALA F 134 36.76 36.28 -0.91
CA ALA F 134 37.22 36.34 -2.30
C ALA F 134 36.24 37.15 -3.14
N HIS F 135 34.94 37.05 -2.87
CA HIS F 135 33.95 37.82 -3.61
C HIS F 135 34.15 39.32 -3.37
N LEU F 136 34.34 39.67 -2.11
CA LEU F 136 34.54 41.06 -1.69
C LEU F 136 35.74 41.66 -2.38
N THR F 137 36.87 40.95 -2.34
CA THR F 137 38.06 41.46 -3.00
C THR F 137 37.78 41.69 -4.49
N TYR F 138 37.08 40.76 -5.14
CA TYR F 138 36.80 40.95 -6.56
C TYR F 138 36.02 42.23 -6.80
N TYR F 139 34.92 42.39 -6.06
CA TYR F 139 34.05 43.54 -6.27
C TYR F 139 34.77 44.83 -5.94
N GLU F 140 35.59 44.79 -4.88
CA GLU F 140 36.34 46.01 -4.58
C GLU F 140 37.29 46.33 -5.72
N ASN F 141 37.92 45.32 -6.35
CA ASN F 141 38.89 45.61 -7.41
C ASN F 141 38.22 46.19 -8.65
N ILE F 142 37.06 45.64 -9.03
CA ILE F 142 36.40 46.20 -10.23
C ILE F 142 35.96 47.63 -9.94
N GLY F 143 35.45 47.90 -8.76
CA GLY F 143 35.05 49.25 -8.35
C GLY F 143 36.17 50.25 -8.46
N SER F 144 37.35 49.82 -8.01
CA SER F 144 38.54 50.64 -8.12
C SER F 144 38.90 50.94 -9.56
N HIS F 145 38.76 49.93 -10.45
CA HIS F 145 39.12 50.20 -11.86
C HIS F 145 38.11 51.11 -12.53
N ILE F 146 36.83 50.92 -12.21
CA ILE F 146 35.83 51.81 -12.85
C ILE F 146 36.03 53.26 -12.40
N LYS F 147 36.30 53.43 -11.10
CA LYS F 147 36.60 54.72 -10.51
C LYS F 147 37.87 55.34 -11.07
N ASN F 148 38.94 54.56 -11.13
CA ASN F 148 40.23 55.09 -11.55
C ASN F 148 40.37 55.29 -13.05
N LEU F 149 39.71 54.45 -13.85
CA LEU F 149 39.96 54.44 -15.29
C LEU F 149 38.74 54.76 -16.12
N GLY F 150 37.55 54.65 -15.54
CA GLY F 150 36.34 55.00 -16.25
C GLY F 150 36.11 54.21 -17.53
N ASP F 151 35.83 54.93 -18.60
CA ASP F 151 35.43 54.36 -19.89
C ASP F 151 36.59 53.67 -20.59
N THR F 152 37.81 54.04 -20.22
CA THR F 152 38.99 53.32 -20.71
C THR F 152 38.96 51.84 -20.30
N TYR F 153 38.51 51.58 -19.07
CA TYR F 153 38.47 50.21 -18.56
C TYR F 153 37.31 49.45 -19.21
N LEU F 154 36.18 50.15 -19.34
CA LEU F 154 35.01 49.62 -20.02
C LEU F 154 35.31 49.36 -21.47
N ALA F 155 36.06 50.22 -22.15
CA ALA F 155 36.38 49.96 -23.54
C ALA F 155 37.09 48.61 -23.66
N LYS F 156 37.90 48.29 -22.64
CA LYS F 156 38.61 47.01 -22.66
C LYS F 156 37.68 45.81 -22.56
N ILE F 157 36.65 45.90 -21.73
CA ILE F 157 35.72 44.81 -21.48
C ILE F 157 34.66 44.67 -22.57
N ALA F 158 34.39 45.77 -23.27
CA ALA F 158 33.40 45.81 -24.34
C ALA F 158 33.64 44.72 -25.38
N GLY F 159 32.65 43.83 -25.54
CA GLY F 159 32.76 42.81 -26.57
C GLY F 159 33.57 41.62 -26.13
N THR F 160 34.01 41.53 -24.87
CA THR F 160 34.76 40.34 -24.47
C THR F 160 33.85 39.12 -24.38
N PRO F 161 34.42 37.92 -24.41
CA PRO F 161 33.62 36.71 -24.24
C PRO F 161 32.90 36.69 -22.90
N SER F 162 31.63 36.30 -22.92
CA SER F 162 30.85 36.26 -21.68
C SER F 162 30.60 34.83 -21.20
N SER F 163 31.18 33.86 -21.88
CA SER F 163 31.05 32.44 -21.58
C SER F 163 31.59 32.02 -20.22
N THR F 164 30.81 31.23 -19.48
CA THR F 164 31.23 30.68 -18.20
C THR F 164 31.53 29.18 -18.36
N GLY F 165 31.77 28.82 -19.62
CA GLY F 165 32.07 27.48 -20.04
C GLY F 165 30.91 26.77 -20.71
N THR F 166 30.91 25.45 -20.53
CA THR F 166 29.88 24.56 -21.07
C THR F 166 28.59 24.67 -20.25
N ALA F 167 27.45 24.47 -20.91
CA ALA F 167 26.19 24.47 -20.18
C ALA F 167 26.19 23.41 -19.09
N SER F 168 25.68 23.85 -17.95
N SER F 168 25.78 23.75 -17.86
CA SER F 168 25.42 23.04 -16.77
CA SER F 168 25.88 22.74 -16.80
C SER F 168 24.60 21.80 -17.10
C SER F 168 25.05 21.50 -17.12
N LYS F 169 25.11 20.64 -16.69
N LYS F 169 25.36 20.37 -16.48
CA LYS F 169 24.44 19.39 -17.03
CA LYS F 169 24.49 19.23 -16.81
C LYS F 169 23.15 19.22 -16.25
C LYS F 169 23.10 19.53 -16.25
N GLY F 170 22.06 19.17 -16.99
CA GLY F 170 20.69 19.20 -16.58
C GLY F 170 19.97 17.90 -16.85
N PHE F 171 18.64 17.91 -16.79
CA PHE F 171 17.91 16.66 -16.93
C PHE F 171 17.69 16.31 -18.40
N VAL F 172 17.34 17.29 -19.21
CA VAL F 172 17.10 16.97 -20.62
C VAL F 172 18.41 17.01 -21.43
N ASN G 4 -3.88 -20.93 -20.83
CA ASN G 4 -3.05 -20.68 -19.63
C ASN G 4 -3.77 -19.66 -18.73
N ARG G 5 -3.25 -19.58 -17.52
CA ARG G 5 -3.72 -18.90 -16.34
C ARG G 5 -4.29 -17.51 -16.60
N GLU G 6 -3.52 -16.65 -17.26
N GLU G 6 -3.51 -16.68 -17.26
CA GLU G 6 -3.88 -15.26 -17.36
CA GLU G 6 -3.79 -15.26 -17.40
C GLU G 6 -5.04 -14.99 -18.31
C GLU G 6 -4.95 -14.96 -18.36
N ASP G 7 -5.11 -15.76 -19.39
CA ASP G 7 -6.21 -15.63 -20.33
C ASP G 7 -7.52 -16.13 -19.71
N ARG G 8 -7.45 -17.25 -19.00
CA ARG G 8 -8.58 -17.80 -18.29
C ARG G 8 -9.14 -16.84 -17.25
N LYS G 9 -8.25 -16.26 -16.45
CA LYS G 9 -8.57 -15.27 -15.44
C LYS G 9 -9.27 -14.06 -16.05
N ALA G 10 -8.76 -13.57 -17.18
CA ALA G 10 -9.34 -12.42 -17.87
C ALA G 10 -10.77 -12.67 -18.32
N LYS G 11 -10.98 -13.87 -18.87
CA LYS G 11 -12.31 -14.26 -19.34
C LYS G 11 -13.31 -14.39 -18.19
N VAL G 12 -12.88 -14.80 -17.01
CA VAL G 12 -13.80 -14.90 -15.86
C VAL G 12 -14.13 -13.51 -15.33
N ILE G 13 -13.12 -12.63 -15.22
CA ILE G 13 -13.38 -11.27 -14.75
C ILE G 13 -14.39 -10.62 -15.67
N GLU G 14 -14.31 -10.92 -16.97
CA GLU G 14 -15.27 -10.27 -17.86
C GLU G 14 -16.70 -10.73 -17.58
N VAL G 15 -16.95 -12.01 -17.36
CA VAL G 15 -18.35 -12.40 -17.11
C VAL G 15 -18.80 -11.99 -15.71
N LEU G 16 -17.88 -11.92 -14.75
CA LEU G 16 -18.21 -11.43 -13.41
C LEU G 16 -18.69 -9.98 -13.45
N ASN G 17 -18.05 -9.14 -14.27
CA ASN G 17 -18.45 -7.73 -14.34
C ASN G 17 -19.74 -7.58 -15.12
N LYS G 18 -19.95 -8.47 -16.09
CA LYS G 18 -21.24 -8.42 -16.78
C LYS G 18 -22.37 -8.75 -15.82
N ALA G 19 -22.15 -9.76 -14.97
CA ALA G 19 -23.19 -10.16 -14.02
C ALA G 19 -23.43 -9.07 -12.99
N ARG G 20 -22.31 -8.53 -12.51
CA ARG G 20 -22.37 -7.44 -11.54
C ARG G 20 -23.13 -6.26 -12.13
N ALA G 21 -22.93 -5.93 -13.41
CA ALA G 21 -23.67 -4.83 -14.02
C ALA G 21 -25.17 -5.13 -14.10
N MET G 22 -25.52 -6.41 -14.21
CA MET G 22 -26.92 -6.81 -14.17
C MET G 22 -27.49 -6.69 -12.78
N GLU G 23 -26.70 -7.00 -11.76
CA GLU G 23 -27.17 -6.81 -10.38
C GLU G 23 -27.43 -5.34 -10.09
N LEU G 24 -26.52 -4.48 -10.55
CA LEU G 24 -26.64 -3.05 -10.27
C LEU G 24 -27.93 -2.53 -10.90
N HIS G 25 -28.27 -3.08 -12.06
CA HIS G 25 -29.54 -2.75 -12.70
C HIS G 25 -30.72 -3.21 -11.86
N ALA G 26 -30.70 -4.46 -11.44
CA ALA G 26 -31.75 -5.05 -10.62
C ALA G 26 -31.99 -4.27 -9.32
N ILE G 27 -30.92 -3.85 -8.65
CA ILE G 27 -31.07 -3.07 -7.43
C ILE G 27 -31.89 -1.80 -7.65
N HIS G 28 -31.58 -1.04 -8.70
CA HIS G 28 -32.25 0.23 -8.93
C HIS G 28 -33.67 0.03 -9.43
N GLN G 29 -33.84 -0.98 -10.27
CA GLN G 29 -35.15 -1.32 -10.83
C GLN G 29 -36.13 -1.75 -9.75
N TYR G 30 -35.69 -2.65 -8.86
CA TYR G 30 -36.59 -3.19 -7.84
C TYR G 30 -36.87 -2.16 -6.74
N MET G 31 -35.86 -1.35 -6.44
CA MET G 31 -36.08 -0.33 -5.40
C MET G 31 -37.02 0.72 -5.96
N ASN G 32 -36.91 0.97 -7.27
CA ASN G 32 -37.87 1.90 -7.86
C ASN G 32 -39.30 1.40 -7.72
N GLN G 33 -39.52 0.12 -7.97
CA GLN G 33 -40.85 -0.48 -7.81
C GLN G 33 -41.25 -0.52 -6.35
N HIS G 34 -40.27 -0.82 -5.49
CA HIS G 34 -40.56 -0.76 -4.06
C HIS G 34 -41.12 0.61 -3.68
N TYR G 35 -40.56 1.71 -4.19
CA TYR G 35 -41.05 3.03 -3.79
C TYR G 35 -42.51 3.19 -4.23
N SER G 36 -42.82 2.66 -5.41
CA SER G 36 -44.18 2.70 -5.90
C SER G 36 -45.15 1.89 -5.02
N LEU G 37 -44.80 0.66 -4.71
CA LEU G 37 -45.66 -0.23 -3.93
C LEU G 37 -45.95 0.32 -2.54
N ASP G 38 -44.93 0.97 -1.98
CA ASP G 38 -45.03 1.59 -0.67
C ASP G 38 -45.94 2.81 -0.70
N ASP G 39 -45.76 3.64 -1.72
CA ASP G 39 -46.62 4.80 -1.96
C ASP G 39 -48.06 4.34 -2.15
N MET G 40 -48.28 3.20 -2.80
CA MET G 40 -49.61 2.62 -2.93
C MET G 40 -50.15 1.99 -1.65
N ASP G 41 -49.28 1.77 -0.69
CA ASP G 41 -49.63 1.19 0.60
C ASP G 41 -50.01 -0.29 0.50
N TYR G 42 -49.27 -1.00 -0.33
CA TYR G 42 -49.32 -2.45 -0.43
C TYR G 42 -48.10 -3.01 0.30
N GLY G 43 -48.14 -2.96 1.61
CA GLY G 43 -47.03 -3.21 2.50
C GLY G 43 -46.29 -4.52 2.30
N GLU G 44 -46.97 -5.65 2.22
CA GLU G 44 -46.33 -6.95 2.05
C GLU G 44 -45.58 -7.02 0.72
N LEU G 45 -46.16 -6.45 -0.34
CA LEU G 45 -45.50 -6.41 -1.64
C LEU G 45 -44.30 -5.48 -1.62
N ALA G 46 -44.43 -4.34 -0.96
CA ALA G 46 -43.34 -3.38 -0.80
C ALA G 46 -42.17 -3.97 -0.02
N ALA G 47 -42.48 -4.67 1.06
CA ALA G 47 -41.44 -5.25 1.91
C ALA G 47 -40.67 -6.33 1.16
N ASN G 48 -41.38 -7.24 0.50
CA ASN G 48 -40.67 -8.30 -0.22
C ASN G 48 -39.86 -7.77 -1.40
N MET G 49 -40.33 -6.72 -2.09
CA MET G 49 -39.58 -6.11 -3.19
C MET G 49 -38.25 -5.58 -2.67
N LYS G 50 -38.26 -4.86 -1.56
CA LYS G 50 -37.02 -4.33 -0.98
C LYS G 50 -36.12 -5.47 -0.51
N LEU G 51 -36.73 -6.49 0.12
CA LEU G 51 -35.92 -7.63 0.54
C LEU G 51 -35.24 -8.28 -0.66
N ILE G 52 -35.95 -8.43 -1.78
CA ILE G 52 -35.29 -8.99 -2.96
C ILE G 52 -34.21 -8.04 -3.46
N ALA G 53 -34.47 -6.73 -3.48
CA ALA G 53 -33.42 -5.80 -3.83
C ALA G 53 -32.21 -5.98 -2.92
N ILE G 54 -32.40 -6.30 -1.64
CA ILE G 54 -31.21 -6.47 -0.79
C ILE G 54 -30.45 -7.72 -1.15
N ASP G 55 -31.11 -8.80 -1.60
CA ASP G 55 -30.40 -9.94 -2.13
C ASP G 55 -29.53 -9.54 -3.34
N GLU G 56 -30.07 -8.66 -4.19
CA GLU G 56 -29.30 -8.28 -5.39
C GLU G 56 -28.10 -7.45 -5.02
N MET G 57 -28.21 -6.64 -3.97
CA MET G 57 -27.08 -5.92 -3.40
C MET G 57 -26.02 -6.90 -2.97
N ARG G 58 -26.43 -7.95 -2.26
N ARG G 58 -26.43 -7.95 -2.25
CA ARG G 58 -25.50 -8.97 -1.77
CA ARG G 58 -25.43 -8.93 -1.80
C ARG G 58 -24.81 -9.64 -2.95
C ARG G 58 -24.76 -9.60 -2.99
N HIS G 59 -25.57 -9.89 -4.01
CA HIS G 59 -25.00 -10.49 -5.22
C HIS G 59 -23.95 -9.55 -5.82
N ALA G 60 -24.31 -8.29 -5.94
CA ALA G 60 -23.40 -7.28 -6.50
C ALA G 60 -22.10 -7.30 -5.71
N GLU G 61 -22.23 -7.36 -4.39
CA GLU G 61 -21.08 -7.36 -3.50
C GLU G 61 -20.21 -8.60 -3.65
N ASN G 62 -20.83 -9.77 -3.73
CA ASN G 62 -20.10 -11.03 -3.89
C ASN G 62 -19.37 -11.10 -5.22
N PHE G 63 -20.02 -10.58 -6.26
CA PHE G 63 -19.35 -10.50 -7.56
C PHE G 63 -18.13 -9.59 -7.44
N ALA G 64 -18.26 -8.44 -6.78
CA ALA G 64 -17.17 -7.49 -6.61
C ALA G 64 -16.01 -8.09 -5.85
N GLU G 65 -16.32 -8.82 -4.78
CA GLU G 65 -15.28 -9.45 -3.96
C GLU G 65 -14.51 -10.48 -4.77
N ARG G 66 -15.23 -11.30 -5.55
CA ARG G 66 -14.52 -12.27 -6.37
C ARG G 66 -13.67 -11.59 -7.44
N ILE G 67 -14.18 -10.59 -8.14
CA ILE G 67 -13.41 -9.79 -9.10
C ILE G 67 -12.14 -9.25 -8.47
N LYS G 68 -12.21 -8.68 -7.27
CA LYS G 68 -11.00 -8.21 -6.60
C LYS G 68 -10.02 -9.36 -6.38
N GLU G 69 -10.56 -10.53 -6.01
CA GLU G 69 -9.75 -11.70 -5.75
C GLU G 69 -8.98 -12.14 -7.00
N LEU G 70 -9.52 -11.86 -8.16
CA LEU G 70 -8.94 -12.22 -9.44
C LEU G 70 -8.07 -11.12 -10.05
N GLY G 71 -7.97 -9.99 -9.35
CA GLY G 71 -7.16 -8.84 -9.70
C GLY G 71 -7.86 -7.80 -10.55
N GLY G 72 -9.16 -7.89 -10.79
CA GLY G 72 -9.85 -6.92 -11.61
C GLY G 72 -10.46 -5.77 -10.84
N GLU G 73 -11.17 -4.89 -11.55
CA GLU G 73 -11.86 -3.75 -10.97
C GLU G 73 -13.36 -3.95 -11.11
N PRO G 74 -14.08 -4.02 -9.99
CA PRO G 74 -15.52 -4.18 -10.08
C PRO G 74 -16.16 -3.00 -10.79
N THR G 75 -17.04 -3.27 -11.75
CA THR G 75 -17.72 -2.19 -12.47
C THR G 75 -18.61 -1.36 -11.57
N THR G 76 -18.87 -0.10 -11.95
CA THR G 76 -19.76 0.78 -11.21
C THR G 76 -20.96 1.16 -12.07
N GLN G 77 -21.09 0.56 -13.26
CA GLN G 77 -22.19 0.94 -14.15
C GLN G 77 -23.24 -0.17 -14.27
N LYS G 78 -24.52 0.21 -14.25
CA LYS G 78 -25.57 -0.79 -14.38
C LYS G 78 -25.76 -1.14 -15.85
N GLU G 79 -26.22 -2.35 -16.12
CA GLU G 79 -26.50 -2.78 -17.48
C GLU G 79 -27.97 -2.57 -17.84
N GLY G 80 -28.23 -1.66 -18.75
CA GLY G 80 -29.59 -1.45 -19.21
C GLY G 80 -30.24 -0.25 -18.56
N LYS G 81 -31.46 0.08 -18.99
CA LYS G 81 -32.17 1.22 -18.43
C LYS G 81 -33.23 0.77 -17.45
N VAL G 82 -33.38 1.55 -16.38
CA VAL G 82 -34.43 1.26 -15.41
C VAL G 82 -35.75 1.85 -15.89
N VAL G 83 -36.82 1.09 -15.75
CA VAL G 83 -38.16 1.49 -16.14
C VAL G 83 -38.97 1.97 -14.94
N THR G 84 -39.44 3.21 -15.00
CA THR G 84 -40.23 3.75 -13.90
C THR G 84 -41.69 3.93 -14.31
N GLY G 85 -42.54 4.22 -13.34
CA GLY G 85 -43.96 4.39 -13.53
C GLY G 85 -44.72 3.12 -13.84
N GLN G 86 -44.16 1.94 -13.55
CA GLN G 86 -44.86 0.71 -13.91
C GLN G 86 -46.03 0.45 -12.96
N ALA G 87 -47.16 0.03 -13.53
CA ALA G 87 -48.34 -0.33 -12.75
C ALA G 87 -48.12 -1.72 -12.13
N VAL G 88 -48.96 -2.07 -11.15
CA VAL G 88 -48.74 -3.32 -10.43
C VAL G 88 -48.61 -4.53 -11.35
N PRO G 89 -49.55 -4.85 -12.23
CA PRO G 89 -49.37 -6.00 -13.13
C PRO G 89 -48.08 -5.94 -13.91
N VAL G 90 -47.66 -4.77 -14.38
CA VAL G 90 -46.44 -4.74 -15.18
C VAL G 90 -45.20 -4.96 -14.35
N ILE G 91 -45.21 -4.50 -13.11
CA ILE G 91 -44.10 -4.76 -12.19
C ILE G 91 -43.77 -6.23 -12.14
N TYR G 92 -44.78 -7.08 -11.89
CA TYR G 92 -44.54 -8.51 -11.72
C TYR G 92 -44.33 -9.27 -13.00
N GLU G 93 -44.99 -8.87 -14.09
CA GLU G 93 -44.67 -9.48 -15.38
C GLU G 93 -43.23 -9.19 -15.76
N SER G 94 -42.84 -7.91 -15.68
CA SER G 94 -41.48 -7.56 -16.10
C SER G 94 -40.42 -8.15 -15.17
N ASP G 95 -40.67 -8.21 -13.86
CA ASP G 95 -39.66 -8.75 -12.97
C ASP G 95 -39.47 -10.24 -13.17
N ALA G 96 -40.56 -10.97 -13.39
CA ALA G 96 -40.41 -12.40 -13.69
C ALA G 96 -39.61 -12.60 -14.96
N ASP G 97 -39.87 -11.75 -15.96
CA ASP G 97 -39.11 -11.88 -17.20
C ASP G 97 -37.64 -11.52 -16.98
N GLN G 98 -37.35 -10.50 -16.18
CA GLN G 98 -35.95 -10.17 -15.91
C GLN G 98 -35.22 -11.31 -15.23
N GLU G 99 -35.80 -11.92 -14.20
CA GLU G 99 -35.18 -12.98 -13.43
C GLU G 99 -34.89 -14.20 -14.29
N ASP G 100 -35.82 -14.50 -15.18
CA ASP G 100 -35.66 -15.60 -16.14
C ASP G 100 -34.47 -15.34 -17.05
N ALA G 101 -34.32 -14.11 -17.55
CA ALA G 101 -33.18 -13.82 -18.44
C ALA G 101 -31.86 -13.83 -17.69
N THR G 102 -31.92 -13.38 -16.44
CA THR G 102 -30.75 -13.40 -15.56
C THR G 102 -30.26 -14.83 -15.39
N ILE G 103 -31.18 -15.73 -15.07
CA ILE G 103 -30.82 -17.14 -14.92
C ILE G 103 -30.22 -17.68 -16.20
N GLU G 104 -30.80 -17.37 -17.36
CA GLU G 104 -30.25 -17.80 -18.64
C GLU G 104 -28.87 -17.18 -18.87
N ALA G 105 -28.73 -15.87 -18.61
CA ALA G 105 -27.39 -15.29 -18.75
C ALA G 105 -26.40 -15.89 -17.75
N TYR G 106 -26.74 -16.03 -16.46
CA TYR G 106 -25.73 -16.56 -15.54
C TYR G 106 -25.42 -18.02 -15.84
N SER G 107 -26.35 -18.78 -16.40
CA SER G 107 -26.00 -20.17 -16.70
C SER G 107 -24.91 -20.21 -17.77
N GLN G 108 -24.96 -19.23 -18.68
CA GLN G 108 -23.89 -19.15 -19.67
C GLN G 108 -22.60 -18.64 -19.02
N PHE G 109 -22.72 -17.66 -18.12
CA PHE G 109 -21.49 -17.23 -17.44
C PHE G 109 -20.87 -18.38 -16.69
N LEU G 110 -21.70 -19.20 -16.05
CA LEU G 110 -21.20 -20.36 -15.32
C LEU G 110 -20.41 -21.27 -16.25
N LYS G 111 -20.92 -21.43 -17.47
CA LYS G 111 -20.28 -22.35 -18.42
C LYS G 111 -18.89 -21.85 -18.79
N VAL G 112 -18.78 -20.52 -18.91
CA VAL G 112 -17.47 -19.91 -19.18
C VAL G 112 -16.51 -20.25 -18.04
N CYS G 113 -17.00 -20.12 -16.81
CA CYS G 113 -16.16 -20.37 -15.63
C CYS G 113 -15.67 -21.82 -15.59
N LYS G 114 -16.57 -22.77 -15.82
CA LYS G 114 -16.15 -24.18 -15.90
C LYS G 114 -15.11 -24.37 -17.00
N GLU G 115 -15.35 -23.80 -18.17
CA GLU G 115 -14.47 -23.86 -19.32
C GLU G 115 -13.10 -23.26 -19.02
N GLN G 116 -13.05 -22.17 -18.27
CA GLN G 116 -11.80 -21.52 -17.88
C GLN G 116 -11.19 -22.14 -16.62
N GLY G 117 -11.75 -23.24 -16.14
CA GLY G 117 -11.26 -23.92 -14.97
C GLY G 117 -11.33 -23.13 -13.68
N ASP G 118 -12.35 -22.29 -13.50
CA ASP G 118 -12.48 -21.49 -12.28
C ASP G 118 -13.61 -22.06 -11.41
N ILE G 119 -13.26 -22.98 -10.53
CA ILE G 119 -14.22 -23.72 -9.70
C ILE G 119 -14.90 -22.82 -8.68
N VAL G 120 -14.11 -21.94 -8.07
CA VAL G 120 -14.63 -21.04 -7.04
C VAL G 120 -15.68 -20.09 -7.63
N THR G 121 -15.41 -19.55 -8.81
CA THR G 121 -16.32 -18.61 -9.46
C THR G 121 -17.54 -19.34 -9.99
N ALA G 122 -17.33 -20.53 -10.53
CA ALA G 122 -18.47 -21.34 -10.97
C ALA G 122 -19.40 -21.65 -9.79
N ARG G 123 -18.88 -22.00 -8.62
CA ARG G 123 -19.77 -22.26 -7.49
C ARG G 123 -20.48 -20.99 -7.01
N LEU G 124 -19.81 -19.85 -7.16
CA LEU G 124 -20.46 -18.58 -6.84
C LEU G 124 -21.68 -18.36 -7.72
N PHE G 125 -21.51 -18.56 -9.03
CA PHE G 125 -22.67 -18.43 -9.91
C PHE G 125 -23.75 -19.47 -9.58
N GLU G 126 -23.39 -20.70 -9.23
CA GLU G 126 -24.37 -21.73 -8.91
C GLU G 126 -25.22 -21.32 -7.72
N ARG G 127 -24.61 -20.85 -6.65
N ARG G 127 -24.62 -20.85 -6.64
CA ARG G 127 -25.37 -20.42 -5.48
CA ARG G 127 -25.43 -20.44 -5.49
C ARG G 127 -26.26 -19.24 -5.82
C ARG G 127 -26.29 -19.24 -5.84
N ILE G 128 -25.76 -18.30 -6.62
CA ILE G 128 -26.60 -17.12 -6.88
C ILE G 128 -27.76 -17.50 -7.78
N ILE G 129 -27.57 -18.37 -8.77
CA ILE G 129 -28.65 -18.78 -9.67
C ILE G 129 -29.80 -19.41 -8.90
N GLU G 130 -29.46 -20.17 -7.87
CA GLU G 130 -30.49 -20.76 -7.01
C GLU G 130 -31.32 -19.67 -6.33
N GLU G 131 -30.69 -18.59 -5.91
CA GLU G 131 -31.42 -17.44 -5.36
C GLU G 131 -32.26 -16.72 -6.40
N GLU G 132 -31.77 -16.52 -7.63
CA GLU G 132 -32.58 -15.94 -8.70
C GLU G 132 -33.83 -16.77 -9.00
N GLN G 133 -33.70 -18.10 -8.99
CA GLN G 133 -34.84 -19.00 -9.14
C GLN G 133 -35.85 -18.78 -8.03
N ALA G 134 -35.41 -18.51 -6.81
CA ALA G 134 -36.38 -18.18 -5.75
C ALA G 134 -37.07 -16.84 -6.03
N HIS G 135 -36.32 -15.85 -6.55
CA HIS G 135 -36.92 -14.57 -6.94
C HIS G 135 -37.94 -14.77 -8.06
N LEU G 136 -37.56 -15.59 -9.05
CA LEU G 136 -38.43 -15.86 -10.19
C LEU G 136 -39.75 -16.44 -9.76
N THR G 137 -39.69 -17.48 -8.93
CA THR G 137 -40.90 -18.12 -8.43
C THR G 137 -41.80 -17.14 -7.69
N TYR G 138 -41.21 -16.31 -6.86
CA TYR G 138 -41.99 -15.32 -6.11
C TYR G 138 -42.75 -14.41 -7.07
N TYR G 139 -42.08 -13.77 -8.01
CA TYR G 139 -42.72 -12.84 -8.94
C TYR G 139 -43.75 -13.52 -9.84
N GLU G 140 -43.51 -14.77 -10.25
CA GLU G 140 -44.50 -15.52 -11.02
C GLU G 140 -45.78 -15.71 -10.21
N ASN G 141 -45.62 -16.12 -8.94
CA ASN G 141 -46.76 -16.31 -8.06
C ASN G 141 -47.54 -15.02 -7.84
N ILE G 142 -46.85 -13.92 -7.54
CA ILE G 142 -47.57 -12.66 -7.34
C ILE G 142 -48.28 -12.25 -8.64
N GLY G 143 -47.59 -12.32 -9.76
CA GLY G 143 -48.23 -12.00 -11.04
C GLY G 143 -49.52 -12.79 -11.24
N SER G 144 -49.52 -14.09 -10.92
CA SER G 144 -50.70 -14.92 -11.09
C SER G 144 -51.81 -14.51 -10.15
N HIS G 145 -51.53 -14.23 -8.88
CA HIS G 145 -52.63 -13.78 -8.01
C HIS G 145 -53.21 -12.45 -8.48
N ILE G 146 -52.34 -11.58 -8.97
CA ILE G 146 -52.86 -10.27 -9.37
C ILE G 146 -53.71 -10.45 -10.62
N LYS G 147 -53.21 -11.24 -11.57
CA LYS G 147 -54.00 -11.47 -12.76
C LYS G 147 -55.33 -12.15 -12.44
N ASN G 148 -55.33 -13.12 -11.53
CA ASN G 148 -56.44 -14.04 -11.39
C ASN G 148 -57.33 -13.80 -10.19
N LEU G 149 -56.91 -13.11 -9.15
CA LEU G 149 -57.77 -13.09 -7.97
C LEU G 149 -58.31 -11.72 -7.61
N GLY G 150 -58.10 -10.73 -8.45
CA GLY G 150 -58.68 -9.42 -8.29
C GLY G 150 -58.59 -8.76 -6.94
N ASP G 151 -59.61 -7.96 -6.66
CA ASP G 151 -59.64 -6.99 -5.57
C ASP G 151 -59.59 -7.66 -4.21
N THR G 152 -60.11 -8.88 -4.06
CA THR G 152 -60.02 -9.50 -2.74
C THR G 152 -58.55 -9.78 -2.41
N TYR G 153 -57.73 -10.05 -3.41
CA TYR G 153 -56.31 -10.26 -3.16
C TYR G 153 -55.61 -8.95 -2.85
N LEU G 154 -55.89 -7.87 -3.56
CA LEU G 154 -55.26 -6.58 -3.25
C LEU G 154 -55.73 -6.04 -1.89
N ALA G 155 -57.00 -6.20 -1.55
CA ALA G 155 -57.54 -5.72 -0.27
C ALA G 155 -56.89 -6.44 0.90
N LYS G 156 -56.50 -7.69 0.67
CA LYS G 156 -55.77 -8.39 1.73
C LYS G 156 -54.42 -7.72 1.98
N ILE G 157 -53.77 -7.28 0.90
CA ILE G 157 -52.47 -6.67 0.99
C ILE G 157 -52.58 -5.22 1.49
N ALA G 158 -53.72 -4.59 1.23
CA ALA G 158 -53.88 -3.17 1.51
C ALA G 158 -53.64 -2.85 2.98
N GLY G 159 -52.67 -1.97 3.25
CA GLY G 159 -52.42 -1.52 4.61
C GLY G 159 -51.62 -2.48 5.45
N THR G 160 -51.04 -3.52 4.88
CA THR G 160 -50.28 -4.47 5.70
C THR G 160 -48.94 -3.87 6.10
N PRO G 161 -48.22 -4.41 7.06
CA PRO G 161 -46.92 -3.86 7.45
C PRO G 161 -45.93 -3.85 6.29
N SER G 162 -45.11 -2.81 6.12
CA SER G 162 -44.14 -2.81 5.03
C SER G 162 -42.72 -2.94 5.58
N SER G 163 -42.61 -3.13 6.89
CA SER G 163 -41.30 -3.23 7.52
C SER G 163 -40.51 -4.46 7.10
N THR G 164 -39.20 -4.29 6.92
CA THR G 164 -38.30 -5.37 6.52
C THR G 164 -37.34 -5.76 7.66
N GLY G 165 -37.59 -5.19 8.83
CA GLY G 165 -36.86 -5.47 10.05
C GLY G 165 -36.37 -4.21 10.75
N THR G 166 -35.33 -4.35 11.58
CA THR G 166 -34.78 -3.14 12.18
C THR G 166 -33.99 -2.36 11.13
N ALA G 167 -33.85 -1.04 11.33
CA ALA G 167 -33.04 -0.24 10.43
C ALA G 167 -31.58 -0.72 10.47
N SER G 168 -31.13 -1.07 9.27
N SER G 168 -31.12 -1.11 9.29
CA SER G 168 -29.82 -1.65 9.04
CA SER G 168 -29.79 -1.67 9.08
C SER G 168 -28.66 -0.89 9.68
C SER G 168 -28.69 -0.88 9.78
N LYS G 169 -27.72 -1.67 10.21
N LYS G 169 -27.83 -1.58 10.52
CA LYS G 169 -26.41 -1.25 10.66
CA LYS G 169 -26.69 -0.95 11.17
C LYS G 169 -25.88 -0.07 9.88
C LYS G 169 -25.86 -0.15 10.15
N GLY G 170 -25.67 1.12 10.45
CA GLY G 170 -25.00 2.13 9.62
C GLY G 170 -23.86 2.76 10.38
N PHE G 171 -23.23 3.80 9.86
CA PHE G 171 -22.12 4.44 10.56
C PHE G 171 -22.60 5.36 11.67
N VAL G 172 -23.61 6.19 11.40
CA VAL G 172 -24.07 7.06 12.48
C VAL G 172 -24.83 6.24 13.52
N GLY H 3 -44.91 30.28 -5.08
CA GLY H 3 -45.69 29.85 -6.25
C GLY H 3 -47.03 29.27 -5.85
N ASN H 4 -47.66 28.52 -6.75
CA ASN H 4 -48.87 27.78 -6.35
C ASN H 4 -48.44 26.45 -5.76
N ARG H 5 -49.34 25.55 -5.39
CA ARG H 5 -48.97 24.33 -4.68
C ARG H 5 -48.12 23.42 -5.56
N GLU H 6 -48.54 23.20 -6.81
CA GLU H 6 -47.86 22.25 -7.69
C GLU H 6 -46.45 22.73 -8.06
N ASP H 7 -46.31 24.05 -8.11
CA ASP H 7 -45.05 24.69 -8.47
C ASP H 7 -44.05 24.56 -7.31
N ARG H 8 -44.60 24.68 -6.09
CA ARG H 8 -43.82 24.55 -4.89
C ARG H 8 -43.29 23.13 -4.72
N LYS H 9 -44.16 22.17 -4.98
CA LYS H 9 -43.78 20.76 -4.92
C LYS H 9 -42.74 20.45 -5.98
N ALA H 10 -42.95 20.96 -7.19
CA ALA H 10 -42.00 20.71 -8.27
C ALA H 10 -40.63 21.28 -7.94
N LYS H 11 -40.58 22.46 -7.32
CA LYS H 11 -39.24 22.97 -7.01
C LYS H 11 -38.56 22.13 -5.94
N VAL H 12 -39.33 21.62 -4.98
CA VAL H 12 -38.74 20.76 -3.95
C VAL H 12 -38.39 19.40 -4.53
N ILE H 13 -39.23 18.80 -5.38
CA ILE H 13 -38.84 17.51 -5.95
C ILE H 13 -37.54 17.59 -6.73
N GLU H 14 -37.28 18.75 -7.32
CA GLU H 14 -36.04 18.95 -8.08
C GLU H 14 -34.80 18.94 -7.22
N VAL H 15 -34.77 19.59 -6.05
CA VAL H 15 -33.56 19.51 -5.23
C VAL H 15 -33.43 18.15 -4.57
N LEU H 16 -34.55 17.52 -4.23
CA LEU H 16 -34.53 16.17 -3.68
C LEU H 16 -33.92 15.21 -4.68
N ASN H 17 -34.26 15.37 -5.96
CA ASN H 17 -33.72 14.43 -6.96
C ASN H 17 -32.26 14.73 -7.21
N LYS H 18 -31.86 16.01 -7.06
CA LYS H 18 -30.43 16.30 -7.20
C LYS H 18 -29.67 15.68 -6.04
N ALA H 19 -30.24 15.79 -4.83
CA ALA H 19 -29.62 15.20 -3.65
C ALA H 19 -29.55 13.68 -3.76
N ARG H 20 -30.68 13.10 -4.14
CA ARG H 20 -30.72 11.63 -4.29
C ARG H 20 -29.66 11.17 -5.27
N ALA H 21 -29.47 11.90 -6.37
CA ALA H 21 -28.48 11.55 -7.38
C ALA H 21 -27.08 11.62 -6.78
N MET H 22 -26.84 12.59 -5.91
CA MET H 22 -25.59 12.65 -5.17
C MET H 22 -25.43 11.45 -4.23
N GLU H 23 -26.54 11.01 -3.61
CA GLU H 23 -26.43 9.83 -2.74
C GLU H 23 -26.09 8.61 -3.58
N LEU H 24 -26.75 8.40 -4.71
CA LEU H 24 -26.46 7.26 -5.58
C LEU H 24 -25.00 7.20 -5.97
N HIS H 25 -24.40 8.37 -6.21
CA HIS H 25 -22.98 8.40 -6.53
C HIS H 25 -22.12 7.96 -5.36
N ALA H 26 -22.45 8.46 -4.16
CA ALA H 26 -21.65 8.16 -2.97
C ALA H 26 -21.68 6.68 -2.64
N ILE H 27 -22.89 6.10 -2.77
CA ILE H 27 -23.00 4.66 -2.55
C ILE H 27 -22.02 3.88 -3.42
N HIS H 28 -21.95 4.18 -4.72
CA HIS H 28 -21.05 3.45 -5.62
C HIS H 28 -19.57 3.77 -5.38
N GLN H 29 -19.31 5.04 -5.10
CA GLN H 29 -17.94 5.48 -4.82
C GLN H 29 -17.42 4.88 -3.53
N TYR H 30 -18.21 4.96 -2.45
CA TYR H 30 -17.74 4.42 -1.19
C TYR H 30 -17.66 2.90 -1.22
N MET H 31 -18.61 2.24 -1.87
CA MET H 31 -18.49 0.79 -1.97
C MET H 31 -17.31 0.40 -2.84
N ASN H 32 -17.01 1.14 -3.90
CA ASN H 32 -15.81 0.85 -4.69
C ASN H 32 -14.56 0.90 -3.82
N GLN H 33 -14.45 1.92 -2.97
CA GLN H 33 -13.29 2.05 -2.08
C GLN H 33 -13.28 0.97 -1.02
N HIS H 34 -14.47 0.62 -0.54
CA HIS H 34 -14.65 -0.52 0.35
C HIS H 34 -14.06 -1.78 -0.24
N TYR H 35 -14.36 -2.09 -1.50
CA TYR H 35 -13.82 -3.33 -2.07
C TYR H 35 -12.29 -3.28 -2.09
N SER H 36 -11.73 -2.09 -2.31
CA SER H 36 -10.27 -1.95 -2.29
C SER H 36 -9.69 -2.12 -0.89
N LEU H 37 -10.29 -1.42 0.09
CA LEU H 37 -9.79 -1.50 1.45
C LEU H 37 -9.86 -2.92 1.98
N ASP H 38 -10.91 -3.65 1.63
CA ASP H 38 -11.10 -5.05 1.98
C ASP H 38 -10.03 -5.91 1.32
N ASP H 39 -9.79 -5.64 0.05
CA ASP H 39 -8.78 -6.34 -0.71
C ASP H 39 -7.39 -6.16 -0.08
N MET H 40 -7.13 -4.98 0.47
CA MET H 40 -5.88 -4.66 1.14
C MET H 40 -5.85 -5.21 2.57
N ASP H 41 -6.98 -5.72 3.02
CA ASP H 41 -7.10 -6.31 4.35
C ASP H 41 -6.92 -5.27 5.45
N TYR H 42 -7.43 -4.07 5.25
CA TYR H 42 -7.54 -3.11 6.34
C TYR H 42 -8.98 -3.18 6.89
N GLY H 43 -9.31 -4.19 7.65
CA GLY H 43 -10.62 -4.44 8.19
C GLY H 43 -11.40 -3.26 8.73
N GLU H 44 -10.87 -2.60 9.77
N GLU H 44 -10.88 -2.61 9.77
CA GLU H 44 -11.60 -1.50 10.39
CA GLU H 44 -11.58 -1.49 10.40
C GLU H 44 -11.96 -0.41 9.39
C GLU H 44 -11.96 -0.42 9.39
N LEU H 45 -11.03 -0.05 8.52
CA LEU H 45 -11.28 0.94 7.49
C LEU H 45 -12.32 0.46 6.49
N ALA H 46 -12.22 -0.82 6.13
CA ALA H 46 -13.16 -1.39 5.17
C ALA H 46 -14.55 -1.43 5.76
N ALA H 47 -14.65 -1.81 7.04
CA ALA H 47 -16.00 -1.95 7.62
C ALA H 47 -16.67 -0.58 7.70
N ASN H 48 -15.94 0.44 8.16
CA ASN H 48 -16.53 1.75 8.34
C ASN H 48 -16.91 2.38 7.01
N MET H 49 -16.18 2.07 5.94
CA MET H 49 -16.52 2.64 4.64
C MET H 49 -17.86 2.09 4.15
N LYS H 50 -18.03 0.78 4.35
CA LYS H 50 -19.27 0.10 4.03
C LYS H 50 -20.42 0.61 4.92
N LEU H 51 -20.15 0.85 6.20
CA LEU H 51 -21.19 1.38 7.08
C LEU H 51 -21.64 2.78 6.65
N ILE H 52 -20.68 3.59 6.19
CA ILE H 52 -21.05 4.93 5.68
C ILE H 52 -21.84 4.78 4.38
N ALA H 53 -21.43 3.85 3.51
CA ALA H 53 -22.19 3.66 2.27
C ALA H 53 -23.63 3.28 2.58
N ILE H 54 -23.84 2.52 3.64
CA ILE H 54 -25.19 2.13 4.06
C ILE H 54 -25.93 3.35 4.57
N ASP H 55 -25.28 4.25 5.31
CA ASP H 55 -25.92 5.53 5.62
C ASP H 55 -26.38 6.22 4.34
N GLU H 56 -25.54 6.20 3.31
CA GLU H 56 -25.94 6.86 2.06
C GLU H 56 -27.11 6.15 1.38
N MET H 57 -27.16 4.83 1.51
CA MET H 57 -28.32 4.10 1.01
C MET H 57 -29.60 4.55 1.68
N ARG H 58 -29.53 4.72 2.99
N ARG H 58 -29.59 4.71 3.00
CA ARG H 58 -30.64 5.20 3.80
CA ARG H 58 -30.75 5.20 3.74
C ARG H 58 -31.10 6.58 3.36
C ARG H 58 -31.15 6.60 3.29
N HIS H 59 -30.14 7.46 3.08
CA HIS H 59 -30.43 8.81 2.60
C HIS H 59 -31.17 8.76 1.27
N ALA H 60 -30.63 7.98 0.34
CA ALA H 60 -31.25 7.81 -0.99
C ALA H 60 -32.70 7.37 -0.89
N GLU H 61 -32.95 6.45 0.03
CA GLU H 61 -34.28 5.94 0.29
C GLU H 61 -35.19 6.99 0.90
N ASN H 62 -34.67 7.73 1.89
CA ASN H 62 -35.50 8.76 2.52
C ASN H 62 -35.85 9.84 1.50
N PHE H 63 -34.88 10.22 0.67
CA PHE H 63 -35.14 11.24 -0.34
C PHE H 63 -36.20 10.73 -1.32
N ALA H 64 -36.06 9.48 -1.78
CA ALA H 64 -37.04 8.88 -2.68
C ALA H 64 -38.42 8.85 -2.05
N GLU H 65 -38.51 8.52 -0.76
CA GLU H 65 -39.84 8.46 -0.14
C GLU H 65 -40.49 9.83 -0.08
N ARG H 66 -39.69 10.85 0.20
CA ARG H 66 -40.27 12.20 0.21
C ARG H 66 -40.72 12.58 -1.19
N ILE H 67 -39.87 12.25 -2.18
CA ILE H 67 -40.25 12.56 -3.57
C ILE H 67 -41.60 11.93 -3.91
N LYS H 68 -41.81 10.68 -3.50
CA LYS H 68 -43.10 10.04 -3.72
C LYS H 68 -44.19 10.76 -2.95
N GLU H 69 -43.92 11.13 -1.69
CA GLU H 69 -44.93 11.81 -0.90
C GLU H 69 -45.39 13.06 -1.62
N LEU H 70 -44.47 13.68 -2.34
CA LEU H 70 -44.76 14.93 -3.04
C LEU H 70 -45.32 14.68 -4.43
N GLY H 71 -45.50 13.43 -4.80
CA GLY H 71 -46.09 13.07 -6.07
C GLY H 71 -45.09 12.99 -7.20
N GLY H 72 -43.80 12.99 -6.88
CA GLY H 72 -42.77 12.94 -7.91
C GLY H 72 -42.26 11.55 -8.23
N GLU H 73 -41.24 11.47 -9.09
CA GLU H 73 -40.60 10.21 -9.47
C GLU H 73 -39.14 10.20 -9.04
N PRO H 74 -38.76 9.27 -8.18
CA PRO H 74 -37.38 9.22 -7.71
C PRO H 74 -36.41 8.86 -8.83
N THR H 75 -35.36 9.66 -9.00
CA THR H 75 -34.38 9.42 -10.05
C THR H 75 -33.67 8.09 -9.87
N THR H 76 -33.11 7.54 -10.95
CA THR H 76 -32.30 6.34 -10.82
C THR H 76 -30.88 6.57 -11.29
N GLN H 77 -30.52 7.82 -11.56
CA GLN H 77 -29.19 8.06 -12.12
C GLN H 77 -28.27 8.72 -11.12
N LYS H 78 -27.01 8.27 -11.07
CA LYS H 78 -26.07 8.90 -10.13
C LYS H 78 -25.47 10.15 -10.78
N GLU H 79 -25.15 11.12 -9.94
CA GLU H 79 -24.56 12.37 -10.41
C GLU H 79 -23.05 12.27 -10.31
N GLY H 80 -22.38 12.46 -11.43
CA GLY H 80 -20.93 12.45 -11.49
C GLY H 80 -20.36 11.07 -11.76
N LYS H 81 -19.04 10.98 -11.89
CA LYS H 81 -18.47 9.68 -12.21
C LYS H 81 -17.74 9.14 -11.00
N VAL H 82 -17.68 7.81 -10.92
CA VAL H 82 -17.00 7.19 -9.78
C VAL H 82 -15.52 7.07 -10.15
N VAL H 83 -14.65 7.44 -9.22
CA VAL H 83 -13.22 7.29 -9.37
C VAL H 83 -12.75 5.96 -8.76
N THR H 84 -12.09 5.14 -9.56
CA THR H 84 -11.61 3.83 -9.17
C THR H 84 -10.10 3.79 -9.01
N GLY H 85 -9.57 2.79 -8.33
CA GLY H 85 -8.14 2.63 -8.16
C GLY H 85 -7.43 3.64 -7.29
N GLN H 86 -8.14 4.42 -6.48
CA GLN H 86 -7.50 5.42 -5.63
C GLN H 86 -6.65 4.74 -4.55
N ALA H 87 -5.48 5.24 -4.25
CA ALA H 87 -4.68 4.74 -3.12
C ALA H 87 -5.28 5.20 -1.79
N VAL H 88 -4.89 4.63 -0.66
CA VAL H 88 -5.56 4.93 0.62
C VAL H 88 -5.54 6.41 0.95
N PRO H 89 -4.43 7.13 0.94
CA PRO H 89 -4.49 8.57 1.29
C PRO H 89 -5.43 9.32 0.36
N VAL H 90 -5.52 8.87 -0.89
CA VAL H 90 -6.39 9.55 -1.85
C VAL H 90 -7.86 9.28 -1.56
N ILE H 91 -8.18 8.08 -1.09
CA ILE H 91 -9.55 7.77 -0.67
C ILE H 91 -10.03 8.78 0.37
N TYR H 92 -9.24 9.02 1.42
CA TYR H 92 -9.73 9.84 2.54
C TYR H 92 -9.73 11.32 2.23
N GLU H 93 -8.77 11.79 1.45
CA GLU H 93 -8.80 13.20 1.07
C GLU H 93 -9.92 13.51 0.09
N SER H 94 -10.14 12.65 -0.92
CA SER H 94 -11.28 12.94 -1.78
C SER H 94 -12.61 12.71 -1.09
N ASP H 95 -12.72 11.77 -0.14
CA ASP H 95 -14.02 11.54 0.51
C ASP H 95 -14.40 12.74 1.39
N ALA H 96 -13.44 13.27 2.14
CA ALA H 96 -13.66 14.47 2.94
C ALA H 96 -14.06 15.66 2.06
N ASP H 97 -13.37 15.86 0.94
CA ASP H 97 -13.76 16.89 -0.01
C ASP H 97 -15.23 16.74 -0.43
N GLN H 98 -15.62 15.51 -0.74
CA GLN H 98 -16.97 15.24 -1.22
C GLN H 98 -18.01 15.45 -0.15
N GLU H 99 -17.73 15.04 1.10
CA GLU H 99 -18.72 15.25 2.15
C GLU H 99 -18.91 16.75 2.39
N ASP H 100 -17.78 17.44 2.37
CA ASP H 100 -17.82 18.90 2.51
C ASP H 100 -18.67 19.50 1.40
N ALA H 101 -18.43 19.12 0.16
CA ALA H 101 -19.25 19.67 -0.92
C ALA H 101 -20.71 19.29 -0.76
N THR H 102 -20.94 18.08 -0.23
CA THR H 102 -22.32 17.61 -0.08
C THR H 102 -23.05 18.51 0.88
N ILE H 103 -22.38 18.85 1.99
CA ILE H 103 -23.07 19.64 3.02
C ILE H 103 -23.36 21.04 2.52
N GLU H 104 -22.44 21.61 1.75
CA GLU H 104 -22.67 22.89 1.10
C GLU H 104 -23.86 22.81 0.17
N ALA H 105 -23.94 21.77 -0.65
CA ALA H 105 -25.05 21.69 -1.61
C ALA H 105 -26.36 21.48 -0.90
N TYR H 106 -26.40 20.60 0.11
CA TYR H 106 -27.63 20.35 0.84
C TYR H 106 -28.08 21.56 1.63
N SER H 107 -27.10 22.35 2.06
CA SER H 107 -27.53 23.56 2.79
C SER H 107 -28.21 24.52 1.82
N GLN H 108 -27.75 24.63 0.56
CA GLN H 108 -28.53 25.39 -0.41
C GLN H 108 -29.84 24.70 -0.77
N PHE H 109 -29.90 23.37 -0.90
CA PHE H 109 -31.19 22.73 -1.11
C PHE H 109 -32.18 23.02 0.02
N LEU H 110 -31.66 23.04 1.25
CA LEU H 110 -32.47 23.30 2.43
C LEU H 110 -33.13 24.67 2.34
N LYS H 111 -32.37 25.64 1.83
CA LYS H 111 -32.87 26.99 1.65
C LYS H 111 -34.06 27.00 0.69
N VAL H 112 -33.90 26.25 -0.41
CA VAL H 112 -34.99 26.10 -1.37
C VAL H 112 -36.24 25.60 -0.64
N CYS H 113 -36.11 24.56 0.18
CA CYS H 113 -37.28 24.03 0.87
C CYS H 113 -38.00 25.08 1.70
N LYS H 114 -37.19 25.85 2.42
CA LYS H 114 -37.72 26.95 3.23
C LYS H 114 -38.41 27.99 2.37
N GLU H 115 -37.84 28.35 1.23
CA GLU H 115 -38.44 29.31 0.32
C GLU H 115 -39.79 28.82 -0.21
N GLN H 116 -39.89 27.51 -0.41
CA GLN H 116 -41.10 26.89 -0.96
C GLN H 116 -42.07 26.49 0.15
N GLY H 117 -41.81 26.90 1.37
CA GLY H 117 -42.70 26.61 2.50
C GLY H 117 -42.88 25.12 2.74
N ASP H 118 -41.82 24.33 2.56
CA ASP H 118 -41.85 22.89 2.80
C ASP H 118 -41.02 22.54 4.04
N ILE H 119 -41.66 22.59 5.20
CA ILE H 119 -41.07 22.33 6.50
C ILE H 119 -40.65 20.88 6.64
N VAL H 120 -41.50 19.96 6.19
CA VAL H 120 -41.11 18.55 6.36
C VAL H 120 -39.86 18.24 5.56
N THR H 121 -39.74 18.76 4.33
CA THR H 121 -38.55 18.42 3.54
C THR H 121 -37.30 19.10 4.11
N ALA H 122 -37.43 20.34 4.57
CA ALA H 122 -36.34 21.05 5.22
C ALA H 122 -35.81 20.30 6.45
N ARG H 123 -36.70 19.75 7.28
CA ARG H 123 -36.27 18.96 8.42
C ARG H 123 -35.50 17.72 7.97
N LEU H 124 -35.91 17.11 6.86
CA LEU H 124 -35.22 15.93 6.34
C LEU H 124 -33.80 16.31 5.95
N PHE H 125 -33.64 17.39 5.19
CA PHE H 125 -32.28 17.82 4.86
C PHE H 125 -31.48 18.17 6.11
N GLU H 126 -32.05 18.86 7.11
CA GLU H 126 -31.27 19.21 8.30
C GLU H 126 -30.72 17.97 9.00
N ARG H 127 -31.58 16.97 9.21
N ARG H 127 -31.59 16.99 9.20
CA ARG H 127 -31.14 15.72 9.82
CA ARG H 127 -31.23 15.70 9.78
C ARG H 127 -30.03 15.06 9.03
C ARG H 127 -30.07 15.07 9.04
N ILE H 128 -30.20 15.00 7.71
CA ILE H 128 -29.20 14.30 6.91
C ILE H 128 -27.91 15.09 6.86
N ILE H 129 -28.00 16.41 6.81
CA ILE H 129 -26.77 17.22 6.87
C ILE H 129 -25.98 16.90 8.12
N GLU H 130 -26.65 16.71 9.25
CA GLU H 130 -25.93 16.36 10.49
C GLU H 130 -25.19 15.04 10.33
N GLU H 131 -25.79 14.10 9.58
CA GLU H 131 -25.12 12.82 9.39
C GLU H 131 -23.93 12.95 8.45
N GLU H 132 -24.05 13.82 7.44
CA GLU H 132 -22.94 14.07 6.54
C GLU H 132 -21.75 14.63 7.33
N GLN H 133 -22.03 15.50 8.30
CA GLN H 133 -20.99 16.06 9.15
C GLN H 133 -20.22 14.97 9.89
N ALA H 134 -20.96 13.97 10.35
CA ALA H 134 -20.34 12.82 11.02
C ALA H 134 -19.40 12.10 10.06
N HIS H 135 -19.82 11.93 8.81
CA HIS H 135 -18.99 11.28 7.80
C HIS H 135 -17.74 12.11 7.54
N LEU H 136 -17.94 13.41 7.36
CA LEU H 136 -16.88 14.37 7.14
C LEU H 136 -15.82 14.30 8.24
N THR H 137 -16.26 14.37 9.50
CA THR H 137 -15.29 14.33 10.59
C THR H 137 -14.52 13.02 10.60
N TYR H 138 -15.21 11.93 10.31
CA TYR H 138 -14.58 10.62 10.24
C TYR H 138 -13.47 10.62 9.19
N TYR H 139 -13.80 11.08 7.98
CA TYR H 139 -12.85 11.02 6.87
C TYR H 139 -11.65 11.93 7.10
N GLU H 140 -11.91 13.12 7.66
CA GLU H 140 -10.83 14.04 8.00
C GLU H 140 -9.85 13.44 8.99
N ASN H 141 -10.39 12.79 10.02
CA ASN H 141 -9.50 12.20 11.03
C ASN H 141 -8.67 11.07 10.43
N ILE H 142 -9.26 10.19 9.64
CA ILE H 142 -8.45 9.12 9.05
C ILE H 142 -7.38 9.72 8.14
N GLY H 143 -7.79 10.66 7.29
CA GLY H 143 -6.81 11.30 6.41
C GLY H 143 -5.70 11.91 7.25
N SER H 144 -6.04 12.54 8.38
CA SER H 144 -4.96 13.18 9.13
C SER H 144 -3.97 12.18 9.70
N HIS H 145 -4.42 11.03 10.20
CA HIS H 145 -3.51 10.04 10.77
C HIS H 145 -2.65 9.40 9.71
N ILE H 146 -3.23 9.24 8.52
CA ILE H 146 -2.44 8.68 7.42
C ILE H 146 -1.37 9.68 7.03
N LYS H 147 -1.71 10.96 6.90
CA LYS H 147 -0.77 11.99 6.50
C LYS H 147 0.29 12.26 7.55
N ASN H 148 -0.06 12.18 8.84
CA ASN H 148 0.89 12.45 9.92
C ASN H 148 1.68 11.24 10.37
N LEU H 149 1.13 10.04 10.29
CA LEU H 149 1.74 8.84 10.88
C LEU H 149 1.98 7.72 9.88
N GLY H 150 1.48 7.89 8.66
CA GLY H 150 1.66 6.93 7.58
C GLY H 150 1.45 5.48 7.97
N ASP H 151 2.42 4.65 7.59
CA ASP H 151 2.42 3.21 7.76
C ASP H 151 2.46 2.80 9.22
N THR H 152 3.05 3.60 10.10
CA THR H 152 2.99 3.19 11.52
C THR H 152 1.54 3.07 11.96
N TYR H 153 0.68 3.94 11.43
CA TYR H 153 -0.75 3.91 11.76
C TYR H 153 -1.48 2.78 11.06
N LEU H 154 -1.31 2.67 9.75
CA LEU H 154 -1.94 1.64 8.93
C LEU H 154 -1.58 0.24 9.38
N ALA H 155 -0.33 0.07 9.84
CA ALA H 155 0.09 -1.26 10.32
C ALA H 155 -0.80 -1.73 11.44
N LYS H 156 -1.42 -0.80 12.17
CA LYS H 156 -2.32 -1.20 13.25
C LYS H 156 -3.71 -1.58 12.76
N ILE H 157 -4.11 -1.17 11.56
CA ILE H 157 -5.40 -1.53 11.00
C ILE H 157 -5.34 -2.89 10.31
N ALA H 158 -4.14 -3.27 9.91
CA ALA H 158 -3.91 -4.49 9.12
C ALA H 158 -4.33 -5.73 9.89
N GLY H 159 -5.16 -6.55 9.25
CA GLY H 159 -5.62 -7.79 9.82
C GLY H 159 -6.73 -7.65 10.84
N THR H 160 -7.25 -6.45 11.04
CA THR H 160 -8.38 -6.23 11.94
C THR H 160 -9.66 -6.78 11.33
N PRO H 161 -10.63 -7.09 12.18
CA PRO H 161 -11.91 -7.60 11.66
C PRO H 161 -12.56 -6.60 10.71
N SER H 162 -13.26 -7.10 9.70
CA SER H 162 -13.93 -6.27 8.71
C SER H 162 -15.45 -6.43 8.75
N SER H 163 -15.94 -7.28 9.64
CA SER H 163 -17.38 -7.53 9.72
C SER H 163 -18.18 -6.28 10.06
N THR H 164 -19.30 -6.09 9.35
CA THR H 164 -20.16 -4.94 9.62
C THR H 164 -21.37 -5.37 10.44
N GLY H 165 -21.41 -6.66 10.75
CA GLY H 165 -22.47 -7.22 11.54
C GLY H 165 -23.17 -8.36 10.82
N THR H 166 -24.35 -8.70 11.35
CA THR H 166 -25.11 -9.84 10.84
C THR H 166 -25.41 -9.63 9.35
N ALA H 167 -25.39 -10.76 8.64
CA ALA H 167 -25.77 -10.75 7.22
C ALA H 167 -27.08 -10.01 7.09
N SER H 168 -27.12 -9.18 6.06
N SER H 168 -27.19 -9.03 6.19
CA SER H 168 -28.29 -8.47 5.56
CA SER H 168 -28.47 -8.32 6.41
C SER H 168 -29.53 -9.35 5.53
C SER H 168 -29.64 -9.05 5.75
N LYS H 169 -30.62 -8.89 6.16
N LYS H 169 -30.77 -8.95 6.45
CA LYS H 169 -31.89 -9.61 6.04
CA LYS H 169 -32.09 -9.28 5.99
C LYS H 169 -32.49 -9.34 4.67
C LYS H 169 -32.17 -9.31 4.47
N GLY H 170 -32.68 -10.40 3.90
CA GLY H 170 -33.02 -10.37 2.49
C GLY H 170 -34.20 -11.28 2.24
N PHE H 171 -34.53 -11.59 1.00
CA PHE H 171 -35.71 -12.41 0.74
C PHE H 171 -35.40 -13.89 0.92
N VAL H 172 -34.31 -14.36 0.31
CA VAL H 172 -33.97 -15.76 0.30
C VAL H 172 -33.59 -16.30 1.68
N GLY I 3 -40.24 44.33 17.00
CA GLY I 3 -41.26 44.32 18.04
C GLY I 3 -40.64 44.38 19.43
N ASN I 4 -41.40 44.81 20.43
CA ASN I 4 -40.87 44.85 21.81
C ASN I 4 -41.08 43.49 22.49
N ARG I 5 -40.53 43.21 23.67
CA ARG I 5 -40.61 41.87 24.25
C ARG I 5 -42.05 41.38 24.39
N GLU I 6 -42.92 42.25 24.87
CA GLU I 6 -44.34 41.98 25.03
C GLU I 6 -45.03 41.77 23.69
N ASP I 7 -44.68 42.60 22.73
CA ASP I 7 -45.30 42.52 21.42
C ASP I 7 -44.92 41.20 20.75
N ARG I 8 -43.69 40.77 20.99
CA ARG I 8 -43.24 39.52 20.37
C ARG I 8 -44.03 38.36 20.95
N LYS I 9 -44.24 38.34 22.25
CA LYS I 9 -44.98 37.25 22.89
C LYS I 9 -46.43 37.23 22.43
N ALA I 10 -47.03 38.41 22.28
CA ALA I 10 -48.45 38.53 21.93
C ALA I 10 -48.74 38.04 20.52
N LYS I 11 -47.85 38.31 19.59
CA LYS I 11 -48.01 37.85 18.23
C LYS I 11 -47.80 36.34 18.13
N VAL I 12 -46.94 35.76 18.97
CA VAL I 12 -46.74 34.31 18.93
C VAL I 12 -47.92 33.62 19.60
N ILE I 13 -48.38 34.25 20.68
CA ILE I 13 -49.53 33.72 21.41
C ILE I 13 -50.74 33.70 20.49
N GLU I 14 -50.89 34.70 19.62
CA GLU I 14 -51.99 34.70 18.64
C GLU I 14 -51.90 33.54 17.67
N VAL I 15 -50.76 33.19 17.09
CA VAL I 15 -50.78 32.04 16.18
C VAL I 15 -50.92 30.74 16.95
N LEU I 16 -50.49 30.69 18.21
CA LEU I 16 -50.63 29.47 19.02
C LEU I 16 -52.08 29.18 19.34
N ASN I 17 -52.81 30.26 19.62
CA ASN I 17 -54.23 30.10 19.93
C ASN I 17 -54.99 29.76 18.65
N LYS I 18 -54.54 30.27 17.51
CA LYS I 18 -55.20 29.91 16.25
C LYS I 18 -54.96 28.42 15.96
N ALA I 19 -53.73 27.99 16.20
CA ALA I 19 -53.39 26.58 15.97
C ALA I 19 -54.18 25.71 16.96
N ARG I 20 -54.26 26.13 18.22
CA ARG I 20 -55.05 25.40 19.21
C ARG I 20 -56.52 25.29 18.84
N ALA I 21 -57.12 26.38 18.32
CA ALA I 21 -58.53 26.28 17.95
C ALA I 21 -58.74 25.28 16.80
N MET I 22 -57.77 25.21 15.90
CA MET I 22 -57.78 24.22 14.82
C MET I 22 -57.72 22.80 15.40
N GLU I 23 -56.89 22.60 16.43
CA GLU I 23 -56.79 21.29 17.06
C GLU I 23 -58.08 20.94 17.77
N LEU I 24 -58.67 21.92 18.46
CA LEU I 24 -59.93 21.60 19.15
C LEU I 24 -60.99 21.20 18.12
N HIS I 25 -61.00 21.83 16.96
CA HIS I 25 -61.95 21.44 15.91
C HIS I 25 -61.72 20.00 15.46
N ALA I 26 -60.48 19.64 15.18
CA ALA I 26 -60.11 18.31 14.72
C ALA I 26 -60.43 17.23 15.73
N ILE I 27 -60.19 17.49 17.02
CA ILE I 27 -60.58 16.51 18.03
C ILE I 27 -62.06 16.15 17.94
N HIS I 28 -62.92 17.17 17.91
CA HIS I 28 -64.36 16.96 17.82
C HIS I 28 -64.75 16.33 16.49
N GLN I 29 -64.15 16.81 15.39
CA GLN I 29 -64.46 16.31 14.05
C GLN I 29 -64.07 14.85 13.85
N TYR I 30 -62.86 14.50 14.27
CA TYR I 30 -62.35 13.14 14.15
C TYR I 30 -63.10 12.18 15.07
N MET I 31 -63.44 12.63 16.27
CA MET I 31 -64.15 11.76 17.22
C MET I 31 -65.57 11.58 16.72
N ASN I 32 -66.12 12.63 16.11
CA ASN I 32 -67.45 12.44 15.53
C ASN I 32 -67.41 11.30 14.50
N GLN I 33 -66.38 11.33 13.64
CA GLN I 33 -66.24 10.27 12.64
C GLN I 33 -65.90 8.94 13.29
N HIS I 34 -65.10 8.97 14.37
CA HIS I 34 -64.86 7.71 15.08
C HIS I 34 -66.18 7.13 15.56
N TYR I 35 -67.13 7.92 16.08
CA TYR I 35 -68.37 7.32 16.57
C TYR I 35 -69.16 6.65 15.44
N SER I 36 -69.14 7.19 14.23
CA SER I 36 -69.78 6.59 13.08
C SER I 36 -69.09 5.30 12.62
N LEU I 37 -67.75 5.33 12.55
CA LEU I 37 -66.98 4.16 12.12
C LEU I 37 -67.20 2.99 13.08
N ASP I 38 -67.24 3.29 14.37
CA ASP I 38 -67.49 2.28 15.40
C ASP I 38 -68.90 1.74 15.27
N ASP I 39 -69.87 2.64 15.06
CA ASP I 39 -71.27 2.21 14.85
C ASP I 39 -71.35 1.26 13.66
N MET I 40 -70.65 1.57 12.57
CA MET I 40 -70.62 0.72 11.39
C MET I 40 -69.84 -0.56 11.65
N ASP I 41 -69.15 -0.62 12.77
CA ASP I 41 -68.39 -1.78 13.19
C ASP I 41 -67.17 -1.99 12.29
N TYR I 42 -66.52 -0.89 11.94
CA TYR I 42 -65.29 -0.94 11.16
C TYR I 42 -64.09 -0.69 12.08
N GLY I 43 -63.82 -1.68 12.91
CA GLY I 43 -62.90 -1.67 14.01
C GLY I 43 -61.58 -0.97 13.75
N GLU I 44 -60.83 -1.43 12.75
CA GLU I 44 -59.49 -0.86 12.59
C GLU I 44 -59.55 0.62 12.22
N LEU I 45 -60.54 0.99 11.41
CA LEU I 45 -60.69 2.38 11.00
C LEU I 45 -61.14 3.22 12.20
N ALA I 46 -62.04 2.63 13.00
CA ALA I 46 -62.52 3.36 14.17
C ALA I 46 -61.38 3.56 15.16
N ALA I 47 -60.60 2.51 15.41
CA ALA I 47 -59.45 2.60 16.30
C ALA I 47 -58.49 3.69 15.85
N ASN I 48 -58.09 3.66 14.57
CA ASN I 48 -57.05 4.59 14.15
C ASN I 48 -57.56 6.02 14.17
N MET I 49 -58.86 6.20 13.89
CA MET I 49 -59.44 7.53 13.95
C MET I 49 -59.35 8.10 15.37
N LYS I 50 -59.66 7.30 16.39
CA LYS I 50 -59.56 7.75 17.77
C LYS I 50 -58.11 8.03 18.15
N LEU I 51 -57.17 7.19 17.72
CA LEU I 51 -55.76 7.42 17.99
C LEU I 51 -55.23 8.71 17.40
N ILE I 52 -55.73 9.07 16.22
CA ILE I 52 -55.29 10.36 15.65
C ILE I 52 -55.92 11.51 16.40
N ALA I 53 -57.18 11.35 16.83
CA ALA I 53 -57.85 12.35 17.64
C ALA I 53 -57.07 12.60 18.93
N ILE I 54 -56.52 11.53 19.48
CA ILE I 54 -55.72 11.65 20.71
C ILE I 54 -54.41 12.36 20.41
N ASP I 55 -53.84 12.21 19.22
CA ASP I 55 -52.69 13.00 18.81
C ASP I 55 -53.05 14.50 18.84
N GLU I 56 -54.23 14.84 18.34
CA GLU I 56 -54.66 16.23 18.29
C GLU I 56 -54.91 16.82 19.68
N MET I 57 -55.40 15.99 20.59
CA MET I 57 -55.56 16.33 22.00
C MET I 57 -54.20 16.72 22.58
N ARG I 58 -53.20 15.91 22.28
N ARG I 58 -53.18 15.92 22.29
CA ARG I 58 -51.82 16.15 22.70
CA ARG I 58 -51.84 16.27 22.76
C ARG I 58 -51.26 17.42 22.08
C ARG I 58 -51.37 17.57 22.14
N HIS I 59 -51.62 17.74 20.83
CA HIS I 59 -51.20 18.99 20.22
C HIS I 59 -51.85 20.18 20.94
N ALA I 60 -53.16 20.08 21.16
CA ALA I 60 -53.90 21.17 21.80
C ALA I 60 -53.27 21.52 23.14
N GLU I 61 -52.81 20.47 23.81
CA GLU I 61 -52.21 20.55 25.13
C GLU I 61 -50.83 21.20 25.11
N ASN I 62 -49.99 20.80 24.16
CA ASN I 62 -48.67 21.37 23.98
C ASN I 62 -48.76 22.85 23.60
N PHE I 63 -49.72 23.19 22.74
CA PHE I 63 -49.89 24.59 22.35
C PHE I 63 -50.31 25.40 23.57
N ALA I 64 -51.22 24.83 24.36
CA ALA I 64 -51.72 25.51 25.55
C ALA I 64 -50.61 25.70 26.57
N GLU I 65 -49.81 24.65 26.78
CA GLU I 65 -48.68 24.78 27.69
C GLU I 65 -47.73 25.87 27.21
N ARG I 66 -47.48 25.96 25.90
CA ARG I 66 -46.55 26.99 25.44
C ARG I 66 -47.14 28.39 25.65
N ILE I 67 -48.42 28.54 25.33
CA ILE I 67 -49.15 29.79 25.58
C ILE I 67 -49.03 30.24 27.03
N LYS I 68 -49.21 29.33 27.99
CA LYS I 68 -49.03 29.66 29.39
C LYS I 68 -47.60 30.15 29.67
N GLU I 69 -46.64 29.49 29.03
CA GLU I 69 -45.23 29.79 29.21
C GLU I 69 -44.94 31.25 28.78
N LEU I 70 -45.72 31.72 27.81
CA LEU I 70 -45.50 33.05 27.26
C LEU I 70 -46.43 34.07 27.92
N GLY I 71 -47.19 33.63 28.92
CA GLY I 71 -48.03 34.48 29.73
C GLY I 71 -49.41 34.72 29.19
N GLY I 72 -49.82 33.93 28.20
CA GLY I 72 -51.11 34.10 27.57
C GLY I 72 -52.18 33.20 28.13
N GLU I 73 -53.35 33.21 27.47
CA GLU I 73 -54.48 32.39 27.90
C GLU I 73 -54.90 31.44 26.79
N PRO I 74 -54.78 30.13 26.99
CA PRO I 74 -55.17 29.16 25.96
C PRO I 74 -56.63 29.27 25.61
N THR I 75 -56.97 29.34 24.32
CA THR I 75 -58.39 29.48 23.96
C THR I 75 -59.21 28.26 24.29
N THR I 76 -60.53 28.42 24.44
CA THR I 76 -61.34 27.22 24.65
C THR I 76 -62.27 26.98 23.47
N GLN I 77 -62.12 27.81 22.44
CA GLN I 77 -63.02 27.85 21.30
C GLN I 77 -62.51 27.06 20.11
N LYS I 78 -63.36 26.30 19.41
CA LYS I 78 -62.83 25.56 18.27
C LYS I 78 -62.96 26.41 17.00
N GLU I 79 -62.09 26.14 16.04
CA GLU I 79 -62.11 26.90 14.79
C GLU I 79 -62.90 26.13 13.72
N GLY I 80 -64.05 26.68 13.36
CA GLY I 80 -64.87 26.14 12.29
C GLY I 80 -65.98 25.24 12.76
N LYS I 81 -66.77 24.72 11.83
CA LYS I 81 -67.84 23.83 12.27
C LYS I 81 -67.50 22.37 12.03
N VAL I 82 -68.00 21.53 12.93
CA VAL I 82 -67.90 20.09 12.77
C VAL I 82 -68.98 19.60 11.80
N VAL I 83 -68.58 18.94 10.72
CA VAL I 83 -69.50 18.32 9.79
C VAL I 83 -69.86 16.91 10.25
N THR I 84 -71.15 16.60 10.36
CA THR I 84 -71.56 15.28 10.82
C THR I 84 -72.23 14.48 9.71
N GLY I 85 -72.40 13.19 9.92
CA GLY I 85 -73.07 12.31 8.98
C GLY I 85 -72.35 12.01 7.69
N GLN I 86 -71.03 12.23 7.68
CA GLN I 86 -70.26 11.99 6.46
C GLN I 86 -70.19 10.49 6.18
N ALA I 87 -70.37 10.15 4.91
CA ALA I 87 -70.13 8.80 4.43
C ALA I 87 -68.64 8.44 4.51
N VAL I 88 -68.31 7.15 4.51
CA VAL I 88 -66.92 6.74 4.61
C VAL I 88 -66.02 7.45 3.60
N PRO I 89 -66.30 7.43 2.31
CA PRO I 89 -65.42 8.11 1.36
C PRO I 89 -65.20 9.58 1.70
N VAL I 90 -66.24 10.24 2.16
CA VAL I 90 -66.18 11.65 2.50
C VAL I 90 -65.31 11.89 3.73
N ILE I 91 -65.32 10.96 4.67
CA ILE I 91 -64.49 11.06 5.87
C ILE I 91 -63.01 11.16 5.51
N TYR I 92 -62.52 10.23 4.68
CA TYR I 92 -61.10 10.23 4.35
C TYR I 92 -60.69 11.33 3.40
N GLU I 93 -61.60 11.67 2.49
N GLU I 93 -61.56 11.71 2.46
CA GLU I 93 -61.34 12.75 1.54
CA GLU I 93 -61.19 12.79 1.55
C GLU I 93 -61.17 14.08 2.26
C GLU I 93 -61.12 14.11 2.29
N SER I 94 -62.15 14.38 3.11
CA SER I 94 -62.18 15.63 3.86
C SER I 94 -61.10 15.71 4.93
N ASP I 95 -60.78 14.60 5.59
CA ASP I 95 -59.72 14.64 6.61
C ASP I 95 -58.36 14.88 5.96
N ALA I 96 -58.17 14.28 4.79
CA ALA I 96 -56.96 14.52 4.04
C ALA I 96 -56.90 16.00 3.68
N ASP I 97 -58.03 16.57 3.27
CA ASP I 97 -58.04 17.99 2.92
C ASP I 97 -57.72 18.86 4.13
N GLN I 98 -58.30 18.47 5.26
CA GLN I 98 -58.11 19.21 6.51
C GLN I 98 -56.66 19.16 6.97
N GLU I 99 -56.02 17.99 6.94
CA GLU I 99 -54.63 17.87 7.37
C GLU I 99 -53.71 18.69 6.48
N ASP I 100 -53.93 18.60 5.16
CA ASP I 100 -53.06 19.37 4.26
C ASP I 100 -53.18 20.85 4.55
N ALA I 101 -54.40 21.31 4.84
CA ALA I 101 -54.65 22.71 5.15
C ALA I 101 -54.00 23.12 6.48
N THR I 102 -54.03 22.21 7.45
CA THR I 102 -53.35 22.43 8.73
C THR I 102 -51.85 22.56 8.53
N ILE I 103 -51.24 21.67 7.74
CA ILE I 103 -49.80 21.82 7.52
C ILE I 103 -49.44 23.16 6.87
N GLU I 104 -50.25 23.62 5.92
CA GLU I 104 -50.08 24.91 5.28
C GLU I 104 -50.21 26.06 6.29
N ALA I 105 -51.27 26.08 7.08
CA ALA I 105 -51.38 27.12 8.10
C ALA I 105 -50.27 27.06 9.15
N TYR I 106 -49.91 25.91 9.68
CA TYR I 106 -48.84 25.85 10.67
C TYR I 106 -47.48 26.26 10.11
N SER I 107 -47.29 26.04 8.81
CA SER I 107 -46.03 26.48 8.19
C SER I 107 -45.96 28.01 8.22
N GLN I 108 -47.09 28.66 8.01
CA GLN I 108 -47.12 30.13 8.12
C GLN I 108 -46.98 30.56 9.57
N PHE I 109 -47.61 29.85 10.50
CA PHE I 109 -47.47 30.21 11.91
C PHE I 109 -46.01 30.10 12.35
N LEU I 110 -45.35 29.08 11.84
CA LEU I 110 -43.93 28.83 12.04
C LEU I 110 -43.11 30.05 11.64
N LYS I 111 -43.44 30.64 10.52
CA LYS I 111 -42.79 31.81 9.95
C LYS I 111 -42.92 33.01 10.88
N VAL I 112 -44.11 33.20 11.43
CA VAL I 112 -44.31 34.26 12.42
C VAL I 112 -43.41 34.08 13.62
N CYS I 113 -43.32 32.86 14.17
CA CYS I 113 -42.45 32.58 15.31
C CYS I 113 -41.00 32.93 15.00
N LYS I 114 -40.54 32.53 13.82
CA LYS I 114 -39.16 32.89 13.47
C LYS I 114 -39.02 34.40 13.39
N GLU I 115 -39.96 35.08 12.74
CA GLU I 115 -39.93 36.53 12.60
C GLU I 115 -39.99 37.24 13.94
N GLN I 116 -40.66 36.65 14.93
CA GLN I 116 -40.71 37.20 16.28
C GLN I 116 -39.57 36.71 17.16
N GLY I 117 -38.63 35.98 16.57
CA GLY I 117 -37.46 35.45 17.24
C GLY I 117 -37.80 34.47 18.34
N ASP I 118 -38.83 33.64 18.15
CA ASP I 118 -39.24 32.65 19.14
C ASP I 118 -38.94 31.23 18.64
N ILE I 119 -37.70 30.83 18.85
CA ILE I 119 -37.13 29.56 18.47
C ILE I 119 -37.80 28.40 19.19
N VAL I 120 -38.11 28.55 20.47
CA VAL I 120 -38.73 27.41 21.16
C VAL I 120 -40.08 27.09 20.51
N THR I 121 -40.91 28.11 20.32
CA THR I 121 -42.21 27.91 19.67
C THR I 121 -42.06 27.45 18.23
N ALA I 122 -41.08 27.92 17.48
CA ALA I 122 -40.87 27.44 16.12
C ALA I 122 -40.62 25.93 16.09
N ARG I 123 -39.82 25.43 17.02
CA ARG I 123 -39.51 24.00 17.06
C ARG I 123 -40.73 23.16 17.43
N LEU I 124 -41.60 23.71 18.27
CA LEU I 124 -42.85 23.01 18.60
C LEU I 124 -43.72 22.85 17.36
N PHE I 125 -43.92 23.92 16.59
CA PHE I 125 -44.67 23.80 15.35
C PHE I 125 -43.98 22.85 14.37
N GLU I 126 -42.66 22.88 14.25
CA GLU I 126 -41.96 21.97 13.35
C GLU I 126 -42.25 20.52 13.71
N ARG I 127 -42.14 20.20 14.99
N ARG I 127 -42.14 20.21 15.00
CA ARG I 127 -42.39 18.84 15.46
CA ARG I 127 -42.41 18.85 15.45
C ARG I 127 -43.84 18.42 15.18
C ARG I 127 -43.83 18.43 15.15
N ILE I 128 -44.78 19.33 15.43
CA ILE I 128 -46.19 18.93 15.24
C ILE I 128 -46.53 18.82 13.76
N ILE I 129 -45.95 19.69 12.92
CA ILE I 129 -46.17 19.58 11.48
C ILE I 129 -45.72 18.20 10.99
N GLU I 130 -44.62 17.68 11.54
CA GLU I 130 -44.24 16.31 11.14
C GLU I 130 -45.30 15.30 11.55
N GLU I 131 -45.98 15.47 12.68
CA GLU I 131 -47.03 14.51 13.01
C GLU I 131 -48.27 14.68 12.14
N GLU I 132 -48.58 15.92 11.77
CA GLU I 132 -49.69 16.16 10.85
C GLU I 132 -49.40 15.48 9.51
N GLN I 133 -48.16 15.47 9.07
CA GLN I 133 -47.78 14.80 7.82
C GLN I 133 -48.05 13.30 7.88
N ALA I 134 -47.81 12.66 9.01
CA ALA I 134 -48.15 11.25 9.22
C ALA I 134 -49.66 11.03 9.20
N HIS I 135 -50.44 11.97 9.73
CA HIS I 135 -51.89 11.84 9.69
C HIS I 135 -52.38 11.98 8.24
N LEU I 136 -51.79 12.92 7.52
CA LEU I 136 -52.13 13.16 6.13
C LEU I 136 -51.88 11.90 5.30
N THR I 137 -50.68 11.34 5.40
CA THR I 137 -50.39 10.12 4.66
C THR I 137 -51.38 9.01 5.02
N TYR I 138 -51.73 8.87 6.28
CA TYR I 138 -52.68 7.85 6.68
C TYR I 138 -54.01 8.05 5.98
N TYR I 139 -54.57 9.26 6.06
CA TYR I 139 -55.88 9.55 5.47
C TYR I 139 -55.84 9.33 3.96
N GLU I 140 -54.76 9.72 3.29
CA GLU I 140 -54.67 9.55 1.84
C GLU I 140 -54.60 8.07 1.45
N ASN I 141 -53.85 7.28 2.21
CA ASN I 141 -53.76 5.84 2.00
C ASN I 141 -55.13 5.19 2.11
N ILE I 142 -55.89 5.47 3.15
CA ILE I 142 -57.23 4.91 3.29
C ILE I 142 -58.16 5.43 2.18
N GLY I 143 -58.14 6.71 1.85
CA GLY I 143 -58.95 7.23 0.75
C GLY I 143 -58.68 6.50 -0.57
N SER I 144 -57.41 6.21 -0.81
CA SER I 144 -56.92 5.49 -1.98
C SER I 144 -57.43 4.04 -2.00
N HIS I 145 -57.41 3.32 -0.89
CA HIS I 145 -57.96 1.97 -0.83
C HIS I 145 -59.48 1.97 -1.02
N ILE I 146 -60.16 2.99 -0.50
CA ILE I 146 -61.61 3.02 -0.70
C ILE I 146 -61.94 3.27 -2.16
N LYS I 147 -61.22 4.20 -2.79
CA LYS I 147 -61.37 4.46 -4.21
C LYS I 147 -61.09 3.23 -5.07
N ASN I 148 -59.93 2.60 -4.87
CA ASN I 148 -59.56 1.50 -5.76
C ASN I 148 -60.27 0.20 -5.42
N LEU I 149 -60.64 -0.04 -4.17
CA LEU I 149 -61.15 -1.34 -3.75
C LEU I 149 -62.54 -1.30 -3.16
N GLY I 150 -63.04 -0.13 -2.76
CA GLY I 150 -64.37 -0.01 -2.22
C GLY I 150 -64.73 -1.02 -1.15
N ASP I 151 -65.94 -1.56 -1.23
CA ASP I 151 -66.50 -2.49 -0.28
C ASP I 151 -65.65 -3.75 -0.12
N THR I 152 -64.83 -4.06 -1.11
CA THR I 152 -63.92 -5.20 -0.93
C THR I 152 -62.92 -4.90 0.20
N TYR I 153 -62.46 -3.66 0.24
CA TYR I 153 -61.58 -3.20 1.30
C TYR I 153 -62.36 -3.18 2.63
N LEU I 154 -63.57 -2.62 2.62
CA LEU I 154 -64.44 -2.54 3.79
C LEU I 154 -64.78 -3.92 4.33
N ALA I 155 -64.95 -4.90 3.43
CA ALA I 155 -65.21 -6.26 3.87
C ALA I 155 -64.07 -6.79 4.75
N LYS I 156 -62.84 -6.40 4.44
CA LYS I 156 -61.72 -6.80 5.29
C LYS I 156 -61.74 -6.17 6.67
N ILE I 157 -62.21 -4.93 6.79
CA ILE I 157 -62.17 -4.21 8.06
C ILE I 157 -63.37 -4.55 8.95
N ALA I 158 -64.49 -4.97 8.36
CA ALA I 158 -65.71 -5.29 9.09
C ALA I 158 -65.48 -6.28 10.22
N GLY I 159 -65.88 -5.88 11.44
CA GLY I 159 -65.74 -6.81 12.55
C GLY I 159 -64.35 -6.87 13.12
N THR I 160 -63.37 -6.10 12.63
CA THR I 160 -62.06 -6.13 13.29
C THR I 160 -62.13 -5.51 14.69
N PRO I 161 -61.13 -5.75 15.54
CA PRO I 161 -61.10 -5.14 16.86
C PRO I 161 -60.96 -3.60 16.78
N SER I 162 -61.65 -2.92 17.69
CA SER I 162 -61.64 -1.46 17.69
C SER I 162 -60.89 -0.88 18.90
N SER I 163 -60.44 -1.74 19.80
CA SER I 163 -59.77 -1.27 21.02
C SER I 163 -58.51 -0.45 20.69
N THR I 164 -58.31 0.61 21.46
CA THR I 164 -57.15 1.47 21.31
C THR I 164 -56.18 1.22 22.45
N GLY I 165 -56.53 0.24 23.26
CA GLY I 165 -55.65 -0.27 24.29
C GLY I 165 -56.30 -0.28 25.65
N THR I 166 -55.44 -0.25 26.66
CA THR I 166 -55.91 -0.17 28.04
C THR I 166 -56.73 1.11 28.22
N ALA I 167 -57.79 1.01 29.00
CA ALA I 167 -58.64 2.18 29.28
C ALA I 167 -57.76 3.33 29.79
N SER I 168 -58.04 4.55 29.30
N SER I 168 -58.22 4.50 29.36
CA SER I 168 -57.07 5.59 29.66
CA SER I 168 -57.82 5.79 29.86
C SER I 168 -57.22 6.07 31.09
C SER I 168 -57.65 5.74 31.38
N LYS I 169 -56.06 6.26 31.71
N LYS I 169 -56.44 6.08 31.82
CA LYS I 169 -55.84 6.84 33.01
CA LYS I 169 -56.15 6.21 33.25
C LYS I 169 -56.95 7.80 33.42
C LYS I 169 -56.61 7.60 33.70
N GLY I 170 -57.63 7.58 34.54
CA GLY I 170 -58.52 8.63 34.99
C GLY I 170 -58.48 8.83 36.48
N PHE I 171 -59.38 9.67 36.99
CA PHE I 171 -59.37 9.91 38.43
C PHE I 171 -60.04 8.77 39.20
N VAL I 172 -61.27 8.40 38.83
CA VAL I 172 -61.94 7.34 39.56
C VAL I 172 -61.18 6.02 39.43
N GLY J 3 -94.92 6.30 24.67
CA GLY J 3 -94.93 6.60 23.24
C GLY J 3 -94.50 5.37 22.46
N ASN J 4 -94.36 5.43 21.15
CA ASN J 4 -93.89 4.20 20.48
C ASN J 4 -92.41 3.99 20.70
N ARG J 5 -91.81 3.09 19.91
CA ARG J 5 -90.39 2.78 20.00
C ARG J 5 -89.54 3.97 19.54
N GLU J 6 -89.84 4.62 18.42
CA GLU J 6 -88.96 5.73 18.05
C GLU J 6 -89.10 6.86 19.07
N ASP J 7 -90.33 7.07 19.55
CA ASP J 7 -90.59 8.18 20.48
C ASP J 7 -89.77 8.06 21.75
N ARG J 8 -89.76 6.87 22.34
CA ARG J 8 -88.97 6.61 23.54
C ARG J 8 -87.49 6.86 23.28
N LYS J 9 -86.98 6.47 22.12
CA LYS J 9 -85.56 6.66 21.87
C LYS J 9 -85.22 8.15 21.75
N ALA J 10 -86.06 8.89 21.02
CA ALA J 10 -85.73 10.30 20.78
C ALA J 10 -85.75 11.07 22.09
N LYS J 11 -86.59 10.63 23.03
CA LYS J 11 -86.62 11.34 24.30
C LYS J 11 -85.39 11.00 25.15
N VAL J 12 -84.88 9.78 24.99
CA VAL J 12 -83.65 9.40 25.67
C VAL J 12 -82.45 9.99 24.94
N ILE J 13 -82.44 9.98 23.61
CA ILE J 13 -81.32 10.64 22.92
C ILE J 13 -81.21 12.10 23.33
N GLU J 14 -82.36 12.75 23.54
CA GLU J 14 -82.33 14.14 23.94
C GLU J 14 -81.66 14.35 25.28
N VAL J 15 -81.96 13.52 26.29
CA VAL J 15 -81.30 13.78 27.58
C VAL J 15 -79.84 13.34 27.51
N LEU J 16 -79.56 12.37 26.63
CA LEU J 16 -78.20 11.90 26.43
C LEU J 16 -77.33 12.99 25.83
N ASN J 17 -77.85 13.70 24.84
CA ASN J 17 -77.09 14.76 24.19
C ASN J 17 -76.94 15.95 25.14
N LYS J 18 -77.90 16.16 26.04
CA LYS J 18 -77.73 17.24 27.02
C LYS J 18 -76.59 16.93 27.99
N ALA J 19 -76.55 15.69 28.47
CA ALA J 19 -75.46 15.23 29.34
C ALA J 19 -74.12 15.37 28.61
N ARG J 20 -74.09 14.88 27.37
CA ARG J 20 -72.85 14.94 26.61
C ARG J 20 -72.39 16.37 26.43
N ALA J 21 -73.28 17.33 26.21
CA ALA J 21 -72.90 18.73 26.09
C ALA J 21 -72.35 19.26 27.41
N MET J 22 -72.89 18.77 28.52
CA MET J 22 -72.36 19.09 29.83
C MET J 22 -70.97 18.50 30.01
N GLU J 23 -70.73 17.28 29.51
CA GLU J 23 -69.38 16.73 29.60
C GLU J 23 -68.40 17.54 28.76
N LEU J 24 -68.82 17.97 27.56
CA LEU J 24 -67.90 18.71 26.69
C LEU J 24 -67.48 20.01 27.35
N HIS J 25 -68.43 20.65 28.05
CA HIS J 25 -68.07 21.86 28.79
C HIS J 25 -67.03 21.52 29.86
N ALA J 26 -67.32 20.51 30.70
CA ALA J 26 -66.44 20.10 31.78
C ALA J 26 -65.02 19.80 31.31
N ILE J 27 -64.92 19.06 30.21
CA ILE J 27 -63.58 18.78 29.69
C ILE J 27 -62.83 20.06 29.42
N HIS J 28 -63.43 21.07 28.79
CA HIS J 28 -62.70 22.29 28.45
C HIS J 28 -62.46 23.17 29.68
N GLN J 29 -63.44 23.15 30.58
CA GLN J 29 -63.36 23.93 31.81
C GLN J 29 -62.26 23.36 32.72
N TYR J 30 -62.23 22.06 32.97
CA TYR J 30 -61.22 21.46 33.85
C TYR J 30 -59.84 21.50 33.22
N MET J 31 -59.74 21.29 31.91
CA MET J 31 -58.42 21.38 31.30
C MET J 31 -57.89 22.80 31.37
N ASN J 32 -58.76 23.82 31.19
CA ASN J 32 -58.24 25.19 31.29
C ASN J 32 -57.66 25.44 32.68
N GLN J 33 -58.35 24.94 33.70
CA GLN J 33 -57.88 25.02 35.08
C GLN J 33 -56.58 24.26 35.30
N HIS J 34 -56.51 23.08 34.68
CA HIS J 34 -55.28 22.30 34.72
C HIS J 34 -54.10 23.11 34.20
N TYR J 35 -54.26 23.82 33.08
CA TYR J 35 -53.14 24.60 32.57
C TYR J 35 -52.70 25.68 33.55
N SER J 36 -53.62 26.32 34.27
CA SER J 36 -53.23 27.30 35.29
C SER J 36 -52.45 26.65 36.44
N LEU J 37 -53.01 25.55 36.95
CA LEU J 37 -52.40 24.83 38.07
C LEU J 37 -51.02 24.31 37.68
N ASP J 38 -50.87 23.86 36.44
CA ASP J 38 -49.57 23.37 35.96
C ASP J 38 -48.56 24.52 35.89
N ASP J 39 -49.00 25.63 35.30
CA ASP J 39 -48.22 26.85 35.22
C ASP J 39 -47.75 27.33 36.59
N MET J 40 -48.57 27.16 37.62
CA MET J 40 -48.25 27.55 38.97
C MET J 40 -47.33 26.52 39.65
N ASP J 41 -47.19 25.37 39.01
CA ASP J 41 -46.32 24.30 39.49
C ASP J 41 -46.88 23.67 40.76
N TYR J 42 -48.19 23.52 40.85
CA TYR J 42 -48.86 22.75 41.89
C TYR J 42 -49.18 21.36 41.30
N GLY J 43 -48.14 20.54 41.21
CA GLY J 43 -48.14 19.29 40.50
C GLY J 43 -49.33 18.39 40.80
N GLU J 44 -49.55 18.06 42.06
CA GLU J 44 -50.62 17.15 42.45
C GLU J 44 -51.99 17.70 42.09
N LEU J 45 -52.18 19.01 42.25
CA LEU J 45 -53.47 19.59 41.91
C LEU J 45 -53.70 19.54 40.41
N ALA J 46 -52.68 19.86 39.64
CA ALA J 46 -52.72 19.83 38.18
C ALA J 46 -52.99 18.43 37.64
N ALA J 47 -52.26 17.44 38.13
CA ALA J 47 -52.44 16.04 37.71
C ALA J 47 -53.85 15.55 37.94
N ASN J 48 -54.36 15.76 39.16
CA ASN J 48 -55.72 15.28 39.45
C ASN J 48 -56.77 16.05 38.65
N MET J 49 -56.54 17.33 38.35
CA MET J 49 -57.51 18.07 37.53
C MET J 49 -57.57 17.45 36.12
N LYS J 50 -56.40 17.13 35.55
CA LYS J 50 -56.33 16.45 34.26
C LYS J 50 -56.95 15.04 34.28
N LEU J 51 -56.71 14.28 35.36
CA LEU J 51 -57.31 12.95 35.50
C LEU J 51 -58.82 13.02 35.58
N ILE J 52 -59.36 14.02 36.29
CA ILE J 52 -60.82 14.17 36.30
C ILE J 52 -61.36 14.56 34.92
N ALA J 53 -60.66 15.44 34.21
CA ALA J 53 -61.04 15.82 32.85
C ALA J 53 -61.06 14.61 31.94
N ILE J 54 -60.14 13.66 32.13
CA ILE J 54 -60.14 12.46 31.30
C ILE J 54 -61.33 11.57 31.66
N ASP J 55 -61.78 11.55 32.91
CA ASP J 55 -63.01 10.84 33.23
C ASP J 55 -64.20 11.49 32.51
N GLU J 56 -64.20 12.83 32.40
CA GLU J 56 -65.27 13.49 31.67
C GLU J 56 -65.18 13.17 30.18
N MET J 57 -63.97 13.00 29.68
CA MET J 57 -63.79 12.57 28.28
C MET J 57 -64.42 11.20 28.04
N ARG J 58 -64.22 10.31 29.00
N ARG J 58 -64.20 10.29 28.99
CA ARG J 58 -64.79 8.96 28.88
CA ARG J 58 -64.80 8.96 28.93
C ARG J 58 -66.30 8.98 29.01
C ARG J 58 -66.33 9.03 28.96
N HIS J 59 -66.83 9.86 29.86
CA HIS J 59 -68.27 10.08 29.94
C HIS J 59 -68.79 10.57 28.58
N ALA J 60 -68.21 11.63 28.06
CA ALA J 60 -68.59 12.17 26.76
C ALA J 60 -68.69 11.05 25.72
N GLU J 61 -67.67 10.21 25.75
CA GLU J 61 -67.56 9.08 24.84
C GLU J 61 -68.64 8.02 25.10
N ASN J 62 -68.89 7.66 26.35
CA ASN J 62 -69.92 6.65 26.63
C ASN J 62 -71.32 7.15 26.25
N PHE J 63 -71.54 8.44 26.46
CA PHE J 63 -72.82 9.04 26.08
C PHE J 63 -73.00 9.01 24.56
N ALA J 64 -71.92 9.36 23.84
CA ALA J 64 -71.95 9.37 22.39
C ALA J 64 -72.20 7.97 21.84
N GLU J 65 -71.51 6.97 22.39
CA GLU J 65 -71.71 5.60 21.93
C GLU J 65 -73.16 5.19 22.13
N ARG J 66 -73.77 5.54 23.27
CA ARG J 66 -75.14 5.10 23.51
C ARG J 66 -76.07 5.82 22.55
N ILE J 67 -75.79 7.09 22.29
CA ILE J 67 -76.58 7.84 21.31
C ILE J 67 -76.54 7.13 19.96
N LYS J 68 -75.37 6.73 19.49
CA LYS J 68 -75.32 5.99 18.24
C LYS J 68 -76.13 4.70 18.33
N GLU J 69 -76.02 3.96 19.42
CA GLU J 69 -76.78 2.72 19.59
C GLU J 69 -78.28 3.02 19.44
N LEU J 70 -78.74 4.19 19.88
CA LEU J 70 -80.14 4.54 19.82
C LEU J 70 -80.56 5.14 18.47
N GLY J 71 -79.62 5.23 17.55
CA GLY J 71 -79.85 5.75 16.23
C GLY J 71 -79.72 7.24 16.12
N GLY J 72 -79.15 7.93 17.10
CA GLY J 72 -79.06 9.39 17.05
C GLY J 72 -77.71 9.94 16.64
N GLU J 73 -77.54 11.25 16.72
CA GLU J 73 -76.31 11.95 16.41
C GLU J 73 -75.74 12.64 17.66
N PRO J 74 -74.52 12.25 18.03
CA PRO J 74 -73.85 12.89 19.16
C PRO J 74 -73.47 14.33 18.85
N THR J 75 -73.92 15.21 19.76
CA THR J 75 -73.64 16.63 19.66
C THR J 75 -72.16 16.91 19.75
N THR J 76 -71.75 18.04 19.17
CA THR J 76 -70.39 18.55 19.28
C THR J 76 -70.37 19.89 20.01
N GLN J 77 -71.50 20.29 20.57
CA GLN J 77 -71.62 21.60 21.20
C GLN J 77 -71.56 21.48 22.72
N LYS J 78 -70.77 22.34 23.36
CA LYS J 78 -70.79 22.27 24.81
C LYS J 78 -71.97 23.09 25.31
N GLU J 79 -72.35 22.78 26.53
CA GLU J 79 -73.43 23.45 27.23
C GLU J 79 -72.85 24.54 28.13
N GLY J 80 -73.14 25.79 27.77
CA GLY J 80 -72.68 26.92 28.53
C GLY J 80 -71.31 27.46 28.16
N LYS J 81 -70.83 28.35 29.04
CA LYS J 81 -69.61 29.09 28.81
C LYS J 81 -68.46 28.59 29.66
N VAL J 82 -67.29 28.50 29.02
CA VAL J 82 -66.11 28.13 29.79
C VAL J 82 -65.50 29.42 30.35
N VAL J 83 -65.40 29.46 31.66
CA VAL J 83 -64.79 30.60 32.34
C VAL J 83 -63.31 30.37 32.53
N THR J 84 -62.49 31.24 31.97
CA THR J 84 -61.04 31.10 32.07
C THR J 84 -60.46 32.03 33.13
N GLY J 85 -59.16 31.92 33.39
CA GLY J 85 -58.49 32.78 34.34
C GLY J 85 -58.90 32.70 35.79
N GLN J 86 -59.75 31.75 36.17
CA GLN J 86 -60.16 31.69 37.58
C GLN J 86 -58.99 31.55 38.55
N ALA J 87 -59.06 32.28 39.65
CA ALA J 87 -58.07 32.09 40.70
C ALA J 87 -58.28 30.73 41.38
N VAL J 88 -57.26 30.23 42.08
CA VAL J 88 -57.33 28.93 42.73
C VAL J 88 -58.53 28.72 43.64
N PRO J 89 -58.92 29.60 44.56
CA PRO J 89 -60.16 29.38 45.34
C PRO J 89 -61.41 29.25 44.48
N VAL J 90 -61.49 30.07 43.44
CA VAL J 90 -62.59 30.07 42.50
C VAL J 90 -62.67 28.73 41.75
N ILE J 91 -61.50 28.22 41.36
CA ILE J 91 -61.44 26.92 40.69
C ILE J 91 -62.18 25.87 41.50
N TYR J 92 -61.88 25.71 42.79
CA TYR J 92 -62.47 24.60 43.54
C TYR J 92 -63.90 24.90 43.95
N GLU J 93 -64.21 26.15 44.26
CA GLU J 93 -65.59 26.45 44.63
C GLU J 93 -66.53 26.21 43.45
N SER J 94 -66.11 26.67 42.27
CA SER J 94 -66.99 26.56 41.11
C SER J 94 -67.01 25.15 40.56
N ASP J 95 -65.90 24.42 40.65
CA ASP J 95 -65.94 23.02 40.22
C ASP J 95 -66.83 22.20 41.14
N ALA J 96 -66.82 22.44 42.45
CA ALA J 96 -67.69 21.65 43.32
C ALA J 96 -69.16 21.94 43.03
N ASP J 97 -69.48 23.20 42.75
CA ASP J 97 -70.85 23.59 42.43
C ASP J 97 -71.27 23.02 41.07
N GLN J 98 -70.36 22.99 40.12
CA GLN J 98 -70.60 22.35 38.85
C GLN J 98 -70.87 20.86 38.98
N GLU J 99 -70.10 20.13 39.79
CA GLU J 99 -70.33 18.70 39.94
C GLU J 99 -71.68 18.43 40.61
N ASP J 100 -72.02 19.25 41.60
CA ASP J 100 -73.30 19.07 42.32
C ASP J 100 -74.50 19.21 41.38
N ALA J 101 -74.47 20.25 40.55
CA ALA J 101 -75.49 20.52 39.55
C ALA J 101 -75.55 19.42 38.49
N THR J 102 -74.39 18.84 38.18
CA THR J 102 -74.35 17.72 37.23
C THR J 102 -75.06 16.51 37.80
N ILE J 103 -74.74 16.20 39.06
CA ILE J 103 -75.45 15.10 39.71
C ILE J 103 -76.94 15.40 39.77
N GLU J 104 -77.36 16.63 40.06
CA GLU J 104 -78.77 16.97 40.08
C GLU J 104 -79.45 16.74 38.74
N ALA J 105 -78.78 17.20 37.68
CA ALA J 105 -79.27 17.07 36.32
C ALA J 105 -79.31 15.63 35.84
N TYR J 106 -78.25 14.88 36.12
CA TYR J 106 -78.20 13.49 35.66
C TYR J 106 -79.22 12.62 36.35
N SER J 107 -79.58 12.97 37.58
CA SER J 107 -80.61 12.23 38.31
C SER J 107 -81.97 12.45 37.68
N GLN J 108 -82.24 13.65 37.18
CA GLN J 108 -83.49 13.86 36.45
C GLN J 108 -83.47 13.08 35.13
N PHE J 109 -82.34 13.10 34.42
CA PHE J 109 -82.20 12.39 33.15
C PHE J 109 -82.39 10.89 33.33
N LEU J 110 -81.86 10.41 34.46
CA LEU J 110 -82.05 9.00 34.84
C LEU J 110 -83.54 8.72 34.94
N LYS J 111 -84.25 9.68 35.54
CA LYS J 111 -85.70 9.58 35.72
C LYS J 111 -86.37 9.36 34.36
N VAL J 112 -85.97 10.16 33.38
CA VAL J 112 -86.51 10.09 32.04
C VAL J 112 -86.24 8.74 31.37
N CYS J 113 -85.03 8.21 31.50
CA CYS J 113 -84.72 6.89 30.95
C CYS J 113 -85.65 5.84 31.52
N LYS J 114 -85.91 5.93 32.82
CA LYS J 114 -86.81 4.99 33.48
C LYS J 114 -88.23 5.13 32.95
N GLU J 115 -88.67 6.36 32.70
CA GLU J 115 -89.99 6.61 32.14
C GLU J 115 -90.12 6.12 30.70
N GLN J 116 -89.03 6.22 29.93
CA GLN J 116 -89.05 5.74 28.55
C GLN J 116 -88.75 4.27 28.44
N GLY J 117 -88.66 3.57 29.56
CA GLY J 117 -88.36 2.14 29.56
C GLY J 117 -86.99 1.81 29.02
N ASP J 118 -85.97 2.61 29.34
CA ASP J 118 -84.63 2.34 28.85
C ASP J 118 -83.68 2.00 30.01
N ILE J 119 -83.68 0.73 30.40
CA ILE J 119 -82.86 0.30 31.55
C ILE J 119 -81.37 0.38 31.26
N VAL J 120 -80.98 0.13 30.01
CA VAL J 120 -79.56 0.21 29.66
C VAL J 120 -79.05 1.64 29.83
N THR J 121 -79.75 2.63 29.28
CA THR J 121 -79.29 4.01 29.48
C THR J 121 -79.40 4.46 30.93
N ALA J 122 -80.42 3.99 31.64
CA ALA J 122 -80.52 4.38 33.04
C ALA J 122 -79.32 3.84 33.81
N ARG J 123 -78.88 2.62 33.52
CA ARG J 123 -77.71 2.13 34.28
C ARG J 123 -76.45 2.93 33.98
N LEU J 124 -76.28 3.33 32.72
CA LEU J 124 -75.19 4.20 32.32
C LEU J 124 -75.16 5.46 33.16
N PHE J 125 -76.31 6.13 33.31
CA PHE J 125 -76.39 7.32 34.14
C PHE J 125 -76.09 7.00 35.60
N GLU J 126 -76.56 5.88 36.13
CA GLU J 126 -76.31 5.51 37.52
C GLU J 126 -74.81 5.37 37.80
N ARG J 127 -74.10 4.70 36.91
N ARG J 127 -74.12 4.70 36.89
CA ARG J 127 -72.65 4.52 37.06
CA ARG J 127 -72.67 4.50 36.96
C ARG J 127 -71.90 5.85 36.96
C ARG J 127 -71.91 5.82 36.94
N ILE J 128 -72.31 6.69 36.00
CA ILE J 128 -71.62 7.97 35.84
C ILE J 128 -71.93 8.91 36.99
N ILE J 129 -73.14 8.92 37.52
CA ILE J 129 -73.46 9.75 38.70
C ILE J 129 -72.56 9.38 39.87
N GLU J 130 -72.27 8.09 40.06
CA GLU J 130 -71.36 7.71 41.14
C GLU J 130 -69.96 8.27 40.89
N GLU J 131 -69.50 8.30 39.63
CA GLU J 131 -68.20 8.92 39.35
C GLU J 131 -68.24 10.43 39.56
N GLU J 132 -69.32 11.11 39.22
CA GLU J 132 -69.43 12.54 39.52
C GLU J 132 -69.35 12.79 41.02
N GLN J 133 -69.94 11.90 41.82
CA GLN J 133 -69.87 12.03 43.27
C GLN J 133 -68.44 12.05 43.79
N ALA J 134 -67.58 11.21 43.21
CA ALA J 134 -66.17 11.14 43.59
C ALA J 134 -65.48 12.45 43.23
N HIS J 135 -65.85 13.01 42.08
CA HIS J 135 -65.33 14.30 41.64
C HIS J 135 -65.78 15.40 42.61
N LEU J 136 -67.07 15.41 42.96
CA LEU J 136 -67.60 16.41 43.89
C LEU J 136 -66.88 16.34 45.23
N THR J 137 -66.73 15.13 45.78
CA THR J 137 -66.02 14.99 47.06
C THR J 137 -64.60 15.52 46.98
N TYR J 138 -63.86 15.24 45.91
CA TYR J 138 -62.49 15.72 45.77
C TYR J 138 -62.41 17.24 45.76
N TYR J 139 -63.23 17.88 44.93
CA TYR J 139 -63.23 19.33 44.82
C TYR J 139 -63.60 20.02 46.13
N GLU J 140 -64.57 19.45 46.86
CA GLU J 140 -64.95 20.02 48.14
C GLU J 140 -63.80 19.94 49.15
N ASN J 141 -63.11 18.79 49.16
CA ASN J 141 -61.98 18.63 50.08
C ASN J 141 -60.87 19.63 49.81
N ILE J 142 -60.39 19.69 48.57
CA ILE J 142 -59.37 20.68 48.24
C ILE J 142 -59.81 22.11 48.52
N GLY J 143 -61.02 22.50 48.14
CA GLY J 143 -61.44 23.88 48.39
C GLY J 143 -61.37 24.21 49.87
N SER J 144 -61.90 23.30 50.69
CA SER J 144 -61.86 23.50 52.14
C SER J 144 -60.42 23.62 52.65
N HIS J 145 -59.47 22.80 52.25
CA HIS J 145 -58.11 22.91 52.78
C HIS J 145 -57.47 24.24 52.44
N ILE J 146 -57.75 24.63 51.21
CA ILE J 146 -57.24 25.90 50.69
C ILE J 146 -57.80 27.04 51.51
N LYS J 147 -59.09 27.05 51.74
CA LYS J 147 -59.79 28.04 52.54
C LYS J 147 -59.31 28.14 53.98
N ASN J 148 -59.19 26.97 54.61
CA ASN J 148 -58.88 26.80 56.01
C ASN J 148 -57.40 26.82 56.35
N LEU J 149 -56.55 26.41 55.41
CA LEU J 149 -55.15 26.18 55.79
C LEU J 149 -54.15 26.96 54.94
N GLY J 150 -54.58 27.56 53.84
CA GLY J 150 -53.76 28.36 52.97
C GLY J 150 -52.39 27.85 52.59
N ASP J 151 -51.39 28.71 52.74
CA ASP J 151 -50.08 28.56 52.14
C ASP J 151 -49.35 27.36 52.71
N THR J 152 -49.50 27.15 54.02
CA THR J 152 -48.87 25.97 54.62
C THR J 152 -49.34 24.71 53.90
N TYR J 153 -50.59 24.71 53.44
CA TYR J 153 -51.13 23.56 52.73
C TYR J 153 -50.62 23.53 51.29
N LEU J 154 -50.67 24.66 50.60
CA LEU J 154 -50.17 24.76 49.23
C LEU J 154 -48.65 24.57 49.17
N ALA J 155 -47.92 24.96 50.21
CA ALA J 155 -46.47 24.71 50.19
C ALA J 155 -46.15 23.23 50.06
N LYS J 156 -47.08 22.41 50.51
CA LYS J 156 -46.94 20.96 50.44
C LYS J 156 -47.05 20.44 49.01
N ILE J 157 -47.89 21.09 48.23
CA ILE J 157 -48.14 20.73 46.84
C ILE J 157 -47.09 21.34 45.91
N ALA J 158 -46.46 22.43 46.33
CA ALA J 158 -45.48 23.12 45.51
C ALA J 158 -44.35 22.24 45.03
N GLY J 159 -44.18 22.10 43.72
CA GLY J 159 -43.07 21.33 43.17
C GLY J 159 -43.27 19.83 43.15
N THR J 160 -44.46 19.33 43.49
CA THR J 160 -44.70 17.89 43.44
C THR J 160 -44.82 17.42 41.99
N PRO J 161 -44.63 16.14 41.71
CA PRO J 161 -44.78 15.63 40.35
C PRO J 161 -46.17 15.92 39.78
N SER J 162 -46.20 16.27 38.50
CA SER J 162 -47.50 16.52 37.85
C SER J 162 -47.82 15.43 36.82
N SER J 163 -46.98 14.41 36.73
CA SER J 163 -47.19 13.36 35.74
C SER J 163 -48.54 12.68 35.95
N THR J 164 -49.26 12.40 34.87
CA THR J 164 -50.49 11.61 34.97
C THR J 164 -50.21 10.20 34.46
N GLY J 165 -48.94 9.94 34.19
CA GLY J 165 -48.46 8.63 33.79
C GLY J 165 -47.84 8.60 32.41
N THR J 166 -47.75 7.40 31.84
CA THR J 166 -47.26 7.20 30.49
C THR J 166 -48.06 8.03 29.49
N ALA J 167 -47.36 8.58 28.49
CA ALA J 167 -48.08 9.26 27.42
C ALA J 167 -49.13 8.31 26.85
N SER J 168 -50.28 8.92 26.63
N SER J 168 -50.40 8.69 26.73
CA SER J 168 -51.41 8.38 25.91
CA SER J 168 -51.31 7.59 26.36
C SER J 168 -51.04 7.68 24.61
C SER J 168 -50.97 7.00 25.00
N LYS J 169 -51.57 6.49 24.42
N LYS J 169 -51.92 6.23 24.49
CA LYS J 169 -51.33 5.78 23.16
CA LYS J 169 -52.02 5.77 23.13
C LYS J 169 -52.09 6.47 22.04
C LYS J 169 -52.15 6.94 22.17
N GLY J 170 -51.33 7.06 21.14
CA GLY J 170 -51.59 7.95 20.04
C GLY J 170 -51.33 7.28 18.71
N PHE J 171 -51.62 7.93 17.59
CA PHE J 171 -51.36 7.27 16.31
C PHE J 171 -49.88 7.35 15.96
N VAL J 172 -49.25 8.52 16.13
CA VAL J 172 -47.83 8.55 15.77
C VAL J 172 -47.01 7.99 16.94
N GLY K 3 35.10 47.94 19.54
CA GLY K 3 35.19 49.20 18.81
C GLY K 3 34.38 49.18 17.54
N ASN K 4 34.50 50.22 16.70
CA ASN K 4 33.86 50.27 15.38
C ASN K 4 34.61 49.39 14.39
N ARG K 5 34.40 49.53 13.08
CA ARG K 5 35.07 48.65 12.12
C ARG K 5 36.57 48.92 12.06
N GLU K 6 36.93 50.19 12.13
CA GLU K 6 38.29 50.70 12.07
C GLU K 6 39.13 50.21 13.23
N ASP K 7 38.58 50.20 14.42
CA ASP K 7 39.27 49.75 15.63
C ASP K 7 39.59 48.27 15.56
N ARG K 8 38.57 47.50 15.14
CA ARG K 8 38.77 46.05 15.10
C ARG K 8 39.79 45.74 14.02
N LYS K 9 39.66 46.40 12.87
CA LYS K 9 40.67 46.19 11.84
C LYS K 9 42.06 46.58 12.36
N ALA K 10 42.15 47.72 13.04
CA ALA K 10 43.45 48.21 13.47
C ALA K 10 44.06 47.28 14.50
N LYS K 11 43.24 46.62 15.31
CA LYS K 11 43.80 45.69 16.28
C LYS K 11 44.34 44.43 15.61
N VAL K 12 43.71 44.02 14.52
CA VAL K 12 44.20 42.83 13.83
C VAL K 12 45.44 43.19 13.04
N ILE K 13 45.45 44.36 12.41
CA ILE K 13 46.63 44.78 11.65
C ILE K 13 47.84 44.81 12.58
N GLU K 14 47.62 45.22 13.83
CA GLU K 14 48.72 45.26 14.80
C GLU K 14 49.29 43.88 15.09
N VAL K 15 48.51 42.83 15.31
CA VAL K 15 49.11 41.52 15.57
C VAL K 15 49.62 40.86 14.27
N LEU K 16 49.05 41.17 13.11
CA LEU K 16 49.60 40.67 11.86
C LEU K 16 50.98 41.27 11.62
N ASN K 17 51.18 42.55 11.93
CA ASN K 17 52.48 43.17 11.69
C ASN K 17 53.50 42.70 12.72
N LYS K 18 53.07 42.37 13.94
CA LYS K 18 53.99 41.75 14.88
C LYS K 18 54.42 40.36 14.41
N ALA K 19 53.47 39.57 13.94
CA ALA K 19 53.78 38.26 13.37
C ALA K 19 54.69 38.38 12.16
N ARG K 20 54.39 39.34 11.30
CA ARG K 20 55.20 39.53 10.09
C ARG K 20 56.63 39.90 10.44
N ALA K 21 56.78 40.70 11.49
CA ALA K 21 58.10 41.11 11.97
C ALA K 21 58.88 39.91 12.50
N MET K 22 58.19 38.98 13.14
CA MET K 22 58.79 37.73 13.61
C MET K 22 59.19 36.84 12.44
N GLU K 23 58.39 36.84 11.36
CA GLU K 23 58.76 36.08 10.16
C GLU K 23 60.00 36.69 9.51
N LEU K 24 60.06 38.01 9.37
CA LEU K 24 61.22 38.64 8.74
C LEU K 24 62.50 38.31 9.49
N HIS K 25 62.38 38.19 10.81
CA HIS K 25 63.50 37.76 11.64
C HIS K 25 63.90 36.32 11.36
N ALA K 26 62.92 35.43 11.36
CA ALA K 26 63.19 34.01 11.12
C ALA K 26 63.83 33.83 9.75
N ILE K 27 63.37 34.55 8.72
CA ILE K 27 63.98 34.48 7.40
C ILE K 27 65.48 34.79 7.48
N HIS K 28 65.86 35.90 8.09
CA HIS K 28 67.28 36.25 8.15
C HIS K 28 68.08 35.33 9.08
N GLN K 29 67.48 34.88 10.17
CA GLN K 29 68.18 33.99 11.11
C GLN K 29 68.41 32.61 10.50
N TYR K 30 67.38 32.04 9.87
CA TYR K 30 67.54 30.71 9.29
C TYR K 30 68.46 30.76 8.07
N MET K 31 68.37 31.80 7.26
CA MET K 31 69.32 31.87 6.13
C MET K 31 70.75 32.06 6.62
N ASN K 32 70.97 32.79 7.69
CA ASN K 32 72.33 32.95 8.21
C ASN K 32 72.85 31.57 8.58
N GLN K 33 72.02 30.78 9.25
CA GLN K 33 72.44 29.42 9.61
C GLN K 33 72.64 28.57 8.37
N HIS K 34 71.77 28.78 7.37
CA HIS K 34 71.92 28.05 6.11
C HIS K 34 73.31 28.29 5.51
N TYR K 35 73.78 29.54 5.49
CA TYR K 35 75.10 29.87 4.94
C TYR K 35 76.21 29.13 5.65
N SER K 36 76.13 29.00 6.97
CA SER K 36 77.10 28.25 7.75
C SER K 36 77.01 26.76 7.42
N LEU K 37 75.79 26.22 7.42
CA LEU K 37 75.66 24.77 7.19
C LEU K 37 76.23 24.41 5.83
N ASP K 38 76.00 25.31 4.87
CA ASP K 38 76.46 25.10 3.51
C ASP K 38 77.97 25.18 3.37
N ASP K 39 78.53 26.19 4.02
CA ASP K 39 79.97 26.39 4.14
C ASP K 39 80.59 25.16 4.79
N MET K 40 79.90 24.60 5.79
CA MET K 40 80.42 23.39 6.42
C MET K 40 80.18 22.16 5.54
N ASP K 41 79.40 22.29 4.48
CA ASP K 41 79.12 21.15 3.59
C ASP K 41 78.32 20.05 4.27
N TYR K 42 77.32 20.42 5.07
CA TYR K 42 76.31 19.49 5.56
C TYR K 42 75.03 19.69 4.74
N GLY K 43 75.05 19.15 3.53
CA GLY K 43 74.06 19.46 2.51
C GLY K 43 72.63 19.28 2.90
N GLU K 44 72.25 18.10 3.39
CA GLU K 44 70.84 17.92 3.74
C GLU K 44 70.39 18.93 4.80
N LEU K 45 71.24 19.20 5.79
CA LEU K 45 70.88 20.19 6.79
C LEU K 45 70.72 21.58 6.19
N ALA K 46 71.68 21.94 5.34
CA ALA K 46 71.63 23.24 4.70
C ALA K 46 70.40 23.35 3.81
N ALA K 47 70.10 22.30 3.05
CA ALA K 47 68.96 22.37 2.15
C ALA K 47 67.67 22.60 2.95
N ASN K 48 67.49 21.79 4.00
CA ASN K 48 66.25 21.88 4.78
C ASN K 48 66.16 23.20 5.55
N MET K 49 67.28 23.75 6.02
CA MET K 49 67.23 25.06 6.64
C MET K 49 66.74 26.10 5.64
N LYS K 50 67.21 26.07 4.40
CA LYS K 50 66.73 27.05 3.41
C LYS K 50 65.27 26.81 3.06
N LEU K 51 64.83 25.56 2.94
CA LEU K 51 63.42 25.26 2.65
C LEU K 51 62.51 25.80 3.74
N ILE K 52 62.94 25.74 5.00
CA ILE K 52 62.14 26.29 6.11
C ILE K 52 62.12 27.80 6.00
N ALA K 53 63.26 28.39 5.67
CA ALA K 53 63.36 29.83 5.42
C ALA K 53 62.35 30.26 4.37
N ILE K 54 62.20 29.45 3.32
CA ILE K 54 61.23 29.79 2.28
C ILE K 54 59.81 29.64 2.78
N ASP K 55 59.48 28.70 3.66
CA ASP K 55 58.18 28.68 4.32
C ASP K 55 57.95 30.00 5.06
N GLU K 56 58.96 30.49 5.76
CA GLU K 56 58.80 31.77 6.48
C GLU K 56 58.58 32.94 5.54
N MET K 57 59.25 32.94 4.39
CA MET K 57 59.01 33.94 3.34
C MET K 57 57.54 33.94 2.93
N ARG K 58 56.98 32.76 2.68
N ARG K 58 57.00 32.75 2.70
CA ARG K 58 55.58 32.62 2.32
CA ARG K 58 55.60 32.62 2.34
C ARG K 58 54.71 33.12 3.46
C ARG K 58 54.71 33.15 3.46
N HIS K 59 55.03 32.80 4.70
CA HIS K 59 54.27 33.33 5.84
C HIS K 59 54.24 34.86 5.88
N ALA K 60 55.42 35.45 5.74
CA ALA K 60 55.58 36.89 5.71
C ALA K 60 54.76 37.55 4.61
N GLU K 61 54.73 36.88 3.47
CA GLU K 61 53.95 37.35 2.32
C GLU K 61 52.45 37.25 2.60
N ASN K 62 52.00 36.15 3.17
CA ASN K 62 50.57 35.92 3.42
C ASN K 62 50.07 36.91 4.47
N PHE K 63 50.91 37.15 5.46
CA PHE K 63 50.60 38.13 6.48
C PHE K 63 50.50 39.52 5.85
N ALA K 64 51.42 39.88 4.98
CA ALA K 64 51.33 41.20 4.36
C ALA K 64 50.13 41.31 3.42
N GLU K 65 49.74 40.22 2.76
CA GLU K 65 48.57 40.28 1.90
C GLU K 65 47.30 40.55 2.71
N ARG K 66 47.18 39.91 3.86
CA ARG K 66 46.03 40.13 4.74
C ARG K 66 46.03 41.56 5.29
N ILE K 67 47.19 42.03 5.69
CA ILE K 67 47.35 43.42 6.12
C ILE K 67 46.83 44.36 5.05
N LYS K 68 47.15 44.10 3.79
CA LYS K 68 46.68 44.91 2.68
C LYS K 68 45.18 44.83 2.50
N GLU K 69 44.62 43.64 2.62
CA GLU K 69 43.18 43.44 2.56
C GLU K 69 42.43 44.31 3.57
N LEU K 70 43.04 44.57 4.71
CA LEU K 70 42.40 45.29 5.80
C LEU K 70 42.72 46.78 5.77
N GLY K 71 43.41 47.25 4.74
CA GLY K 71 43.80 48.63 4.60
C GLY K 71 45.07 49.02 5.31
N GLY K 72 45.84 48.10 5.89
CA GLY K 72 47.05 48.46 6.62
C GLY K 72 48.29 48.52 5.75
N GLU K 73 49.44 48.75 6.37
CA GLU K 73 50.71 48.81 5.67
C GLU K 73 51.66 47.76 6.24
N PRO K 74 52.12 46.84 5.42
CA PRO K 74 53.00 45.78 5.93
C PRO K 74 54.37 46.29 6.35
N THR K 75 54.73 45.97 7.59
CA THR K 75 56.02 46.39 8.13
C THR K 75 57.19 45.86 7.29
N THR K 76 58.33 46.53 7.43
CA THR K 76 59.55 46.11 6.77
C THR K 76 60.65 45.89 7.79
N GLN K 77 60.27 45.92 9.08
CA GLN K 77 61.30 45.79 10.11
C GLN K 77 61.22 44.41 10.73
N LYS K 78 62.37 43.82 11.01
CA LYS K 78 62.31 42.48 11.60
C LYS K 78 62.24 42.61 13.12
N GLU K 79 61.67 41.59 13.76
CA GLU K 79 61.56 41.60 15.21
C GLU K 79 62.79 40.97 15.84
N GLY K 80 63.64 41.77 16.46
CA GLY K 80 64.72 41.14 17.21
C GLY K 80 66.02 41.10 16.46
N LYS K 81 67.05 40.60 17.16
CA LYS K 81 68.37 40.59 16.55
C LYS K 81 68.69 39.21 16.00
N VAL K 82 69.38 39.22 14.88
CA VAL K 82 69.89 37.98 14.30
C VAL K 82 71.25 37.63 14.93
N VAL K 83 71.31 36.45 15.53
CA VAL K 83 72.50 35.90 16.16
C VAL K 83 73.32 35.16 15.11
N THR K 84 74.59 35.52 14.99
CA THR K 84 75.47 34.89 14.00
C THR K 84 76.53 34.06 14.72
N GLY K 85 77.25 33.23 13.97
CA GLY K 85 78.34 32.42 14.47
C GLY K 85 77.95 31.22 15.31
N GLN K 86 76.67 30.84 15.26
CA GLN K 86 76.22 29.69 16.06
C GLN K 86 76.83 28.39 15.54
N ALA K 87 77.30 27.57 16.49
CA ALA K 87 77.70 26.20 16.23
C ALA K 87 76.46 25.33 15.98
N VAL K 88 76.66 24.20 15.32
CA VAL K 88 75.57 23.31 14.96
C VAL K 88 74.64 23.00 16.12
N PRO K 89 75.09 22.56 17.29
CA PRO K 89 74.14 22.25 18.37
C PRO K 89 73.30 23.46 18.77
N VAL K 90 73.95 24.63 18.74
CA VAL K 90 73.22 25.83 19.14
C VAL K 90 72.20 26.22 18.09
N ILE K 91 72.53 25.97 16.82
CA ILE K 91 71.56 26.27 15.76
C ILE K 91 70.24 25.56 16.05
N TYR K 92 70.27 24.26 16.33
CA TYR K 92 69.02 23.53 16.43
C TYR K 92 68.33 23.75 17.76
N GLU K 93 69.13 23.97 18.80
N GLU K 93 69.13 23.97 18.80
CA GLU K 93 68.56 24.28 20.11
CA GLU K 93 68.60 24.29 20.12
C GLU K 93 67.76 25.57 20.04
C GLU K 93 67.76 25.57 20.06
N SER K 94 68.35 26.64 19.54
CA SER K 94 67.67 27.93 19.50
C SER K 94 66.60 28.02 18.44
N ASP K 95 66.72 27.26 17.34
CA ASP K 95 65.61 27.28 16.37
C ASP K 95 64.38 26.61 16.98
N ALA K 96 64.55 25.51 17.72
CA ALA K 96 63.39 24.88 18.36
C ALA K 96 62.76 25.80 19.40
N ASP K 97 63.58 26.46 20.21
CA ASP K 97 63.05 27.46 21.14
C ASP K 97 62.31 28.59 20.41
N GLN K 98 62.84 28.98 19.24
CA GLN K 98 62.24 30.12 18.57
C GLN K 98 60.90 29.71 17.95
N GLU K 99 60.80 28.51 17.41
CA GLU K 99 59.54 28.03 16.83
C GLU K 99 58.46 27.83 17.90
N ASP K 100 58.86 27.21 19.01
CA ASP K 100 57.98 27.08 20.16
C ASP K 100 57.45 28.43 20.63
N ALA K 101 58.29 29.45 20.67
CA ALA K 101 57.86 30.78 21.08
C ALA K 101 56.89 31.39 20.09
N THR K 102 57.13 31.14 18.80
CA THR K 102 56.28 31.66 17.73
C THR K 102 54.88 31.10 17.82
N ILE K 103 54.79 29.79 18.04
CA ILE K 103 53.47 29.16 18.20
C ILE K 103 52.75 29.81 19.38
N GLU K 104 53.46 30.04 20.48
CA GLU K 104 52.92 30.67 21.67
C GLU K 104 52.34 32.02 21.30
N ALA K 105 53.20 32.83 20.66
CA ALA K 105 52.80 34.16 20.26
C ALA K 105 51.63 34.13 19.31
N TYR K 106 51.72 33.30 18.25
CA TYR K 106 50.65 33.30 17.25
C TYR K 106 49.34 32.83 17.85
N SER K 107 49.43 31.97 18.87
CA SER K 107 48.19 31.50 19.49
C SER K 107 47.48 32.65 20.20
N GLN K 108 48.24 33.58 20.77
CA GLN K 108 47.67 34.76 21.39
C GLN K 108 47.04 35.66 20.34
N PHE K 109 47.81 35.84 19.26
CA PHE K 109 47.33 36.63 18.14
C PHE K 109 46.03 36.05 17.60
N LEU K 110 45.96 34.73 17.53
CA LEU K 110 44.75 34.06 17.08
C LEU K 110 43.55 34.50 17.90
N LYS K 111 43.74 34.49 19.21
CA LYS K 111 42.81 34.99 20.21
C LYS K 111 42.35 36.41 19.92
N VAL K 112 43.27 37.33 19.60
CA VAL K 112 42.90 38.71 19.28
C VAL K 112 41.95 38.75 18.10
N CYS K 113 42.34 38.01 17.05
CA CYS K 113 41.50 37.90 15.87
C CYS K 113 40.08 37.46 16.24
N LYS K 114 39.98 36.39 17.02
CA LYS K 114 38.65 35.92 17.40
C LYS K 114 37.94 37.00 18.21
N GLU K 115 38.64 37.63 19.15
CA GLU K 115 38.03 38.70 19.93
C GLU K 115 37.59 39.87 19.06
N GLN K 116 38.24 40.10 17.92
CA GLN K 116 37.82 41.22 17.07
C GLN K 116 36.89 40.77 15.95
N GLY K 117 36.40 39.55 15.97
CA GLY K 117 35.48 39.09 14.93
C GLY K 117 36.13 38.95 13.57
N ASP K 118 37.45 38.78 13.50
CA ASP K 118 38.10 38.57 12.21
C ASP K 118 38.37 37.09 11.97
N ILE K 119 37.39 36.41 11.36
CA ILE K 119 37.46 34.99 11.09
C ILE K 119 38.46 34.64 10.00
N VAL K 120 38.53 35.44 8.93
CA VAL K 120 39.50 35.14 7.88
C VAL K 120 40.92 35.21 8.44
N THR K 121 41.26 36.24 9.19
CA THR K 121 42.57 36.34 9.82
C THR K 121 42.82 35.23 10.84
N ALA K 122 41.82 34.83 11.62
CA ALA K 122 42.02 33.73 12.54
C ALA K 122 42.37 32.44 11.79
N ARG K 123 41.76 32.19 10.64
CA ARG K 123 42.05 30.98 9.88
C ARG K 123 43.48 31.00 9.33
N LEU K 124 43.95 32.17 8.97
CA LEU K 124 45.33 32.32 8.50
C LEU K 124 46.30 31.92 9.60
N PHE K 125 46.11 32.44 10.83
CA PHE K 125 47.03 32.10 11.90
C PHE K 125 46.98 30.61 12.20
N GLU K 126 45.79 30.04 12.13
CA GLU K 126 45.61 28.62 12.43
C GLU K 126 46.40 27.78 11.43
N ARG K 127 46.30 28.14 10.15
N ARG K 127 46.32 28.13 10.15
CA ARG K 127 47.03 27.39 9.14
CA ARG K 127 47.03 27.31 9.17
C ARG K 127 48.53 27.49 9.41
C ARG K 127 48.54 27.51 9.36
N ILE K 128 48.95 28.74 9.64
CA ILE K 128 50.39 28.98 9.76
C ILE K 128 50.94 28.35 11.03
N ILE K 129 50.20 28.35 12.13
CA ILE K 129 50.68 27.70 13.35
C ILE K 129 50.96 26.21 13.13
N GLU K 130 50.18 25.57 12.25
CA GLU K 130 50.42 24.16 11.98
C GLU K 130 51.69 23.93 11.18
N GLU K 131 52.01 24.92 10.34
CA GLU K 131 53.27 24.82 9.63
C GLU K 131 54.42 25.00 10.63
N GLU K 132 54.26 25.92 11.58
CA GLU K 132 55.34 26.18 12.54
C GLU K 132 55.56 24.92 13.39
N GLN K 133 54.49 24.18 13.62
CA GLN K 133 54.61 22.94 14.41
C GLN K 133 55.48 21.95 13.64
N ALA K 134 55.30 21.88 12.32
CA ALA K 134 56.15 21.01 11.51
C ALA K 134 57.62 21.43 11.61
N HIS K 135 57.89 22.73 11.65
CA HIS K 135 59.24 23.24 11.78
C HIS K 135 59.84 22.90 13.14
N LEU K 136 59.02 23.03 14.19
CA LEU K 136 59.42 22.71 15.56
C LEU K 136 59.87 21.26 15.66
N THR K 137 59.04 20.35 15.14
CA THR K 137 59.34 18.93 15.17
C THR K 137 60.66 18.65 14.46
N TYR K 138 60.88 19.27 13.31
CA TYR K 138 62.10 19.06 12.54
C TYR K 138 63.33 19.48 13.36
N TYR K 139 63.31 20.67 13.95
CA TYR K 139 64.42 21.20 14.74
C TYR K 139 64.66 20.37 15.98
N GLU K 140 63.59 19.92 16.62
CA GLU K 140 63.75 19.05 17.79
C GLU K 140 64.41 17.73 17.39
N ASN K 141 63.92 17.18 16.28
CA ASN K 141 64.47 15.93 15.75
C ASN K 141 65.96 16.06 15.46
N ILE K 142 66.37 17.13 14.77
CA ILE K 142 67.81 17.26 14.48
C ILE K 142 68.59 17.45 15.78
N GLY K 143 68.07 18.29 16.67
CA GLY K 143 68.85 18.60 17.88
C GLY K 143 69.07 17.33 18.68
N SER K 144 68.09 16.44 18.64
CA SER K 144 68.20 15.16 19.37
C SER K 144 69.23 14.25 18.72
N HIS K 145 69.30 14.13 17.40
CA HIS K 145 70.34 13.30 16.77
C HIS K 145 71.74 13.82 17.09
N ILE K 146 71.89 15.13 17.06
CA ILE K 146 73.19 15.71 17.35
C ILE K 146 73.58 15.45 18.79
N LYS K 147 72.66 15.64 19.72
CA LYS K 147 72.86 15.33 21.12
C LYS K 147 73.17 13.86 21.36
N ASN K 148 72.44 12.95 20.73
CA ASN K 148 72.60 11.52 20.96
C ASN K 148 73.68 10.89 20.10
N LEU K 149 73.98 11.46 18.93
CA LEU K 149 74.91 10.75 18.05
C LEU K 149 76.07 11.61 17.59
N GLY K 150 76.03 12.92 17.82
CA GLY K 150 77.10 13.83 17.48
C GLY K 150 77.70 13.62 16.10
N ASP K 151 79.02 13.62 16.02
CA ASP K 151 79.81 13.55 14.79
C ASP K 151 79.57 12.25 14.03
N THR K 152 79.00 11.24 14.68
CA THR K 152 78.61 10.05 13.92
C THR K 152 77.44 10.34 12.98
N TYR K 153 76.53 11.20 13.41
CA TYR K 153 75.39 11.63 12.62
C TYR K 153 75.81 12.65 11.56
N LEU K 154 76.54 13.70 11.95
CA LEU K 154 77.07 14.67 11.01
C LEU K 154 77.96 14.01 9.97
N ALA K 155 78.63 12.93 10.35
CA ALA K 155 79.47 12.21 9.39
C ALA K 155 78.62 11.64 8.26
N LYS K 156 77.38 11.27 8.56
CA LYS K 156 76.52 10.78 7.48
C LYS K 156 76.01 11.92 6.59
N ILE K 157 75.88 13.11 7.16
CA ILE K 157 75.36 14.26 6.43
C ILE K 157 76.45 14.95 5.61
N ALA K 158 77.69 14.80 6.02
CA ALA K 158 78.82 15.41 5.33
C ALA K 158 78.79 15.08 3.84
N GLY K 159 78.84 16.09 3.01
CA GLY K 159 78.90 16.00 1.57
C GLY K 159 77.64 15.54 0.87
N THR K 160 76.47 15.58 1.53
CA THR K 160 75.23 15.24 0.84
C THR K 160 74.82 16.38 -0.10
N PRO K 161 73.90 16.14 -1.03
CA PRO K 161 73.46 17.25 -1.89
C PRO K 161 72.81 18.33 -1.04
N SER K 162 73.05 19.58 -1.43
CA SER K 162 72.46 20.71 -0.73
C SER K 162 71.37 21.37 -1.57
N SER K 163 71.02 20.73 -2.68
CA SER K 163 70.05 21.21 -3.64
C SER K 163 68.66 21.34 -3.01
N THR K 164 68.00 22.47 -3.29
CA THR K 164 66.62 22.68 -2.87
C THR K 164 65.72 22.60 -4.09
N GLY K 165 66.36 22.26 -5.21
CA GLY K 165 65.66 22.10 -6.46
C GLY K 165 66.21 23.01 -7.55
N THR K 166 65.45 23.14 -8.64
CA THR K 166 65.82 24.06 -9.71
C THR K 166 65.66 25.51 -9.23
N ALA K 167 66.55 26.35 -9.74
CA ALA K 167 66.59 27.76 -9.41
C ALA K 167 65.18 28.37 -9.46
N SER K 168 64.89 29.15 -8.43
N SER K 168 65.01 29.23 -8.46
CA SER K 168 63.53 29.71 -8.33
CA SER K 168 63.97 30.21 -8.28
C SER K 168 63.25 30.69 -9.45
C SER K 168 63.58 30.89 -9.59
N LYS K 169 62.01 30.71 -9.92
N LYS K 169 62.39 30.63 -10.12
CA LYS K 169 61.51 31.67 -10.89
CA LYS K 169 62.07 31.40 -11.32
C LYS K 169 62.05 33.06 -10.68
C LYS K 169 61.94 32.88 -10.95
N GLY K 170 62.68 33.71 -11.65
CA GLY K 170 62.94 35.11 -11.50
C GLY K 170 62.61 35.94 -12.71
N PHE K 171 62.99 37.22 -12.68
CA PHE K 171 62.75 38.10 -13.82
C PHE K 171 63.71 37.84 -14.98
N VAL K 172 65.01 37.91 -14.74
CA VAL K 172 65.95 37.73 -15.84
C VAL K 172 66.02 36.26 -16.27
N GLY L 3 98.24 44.29 -0.31
CA GLY L 3 98.70 43.63 0.89
C GLY L 3 98.75 42.12 0.87
N ASN L 4 98.87 41.52 2.06
CA ASN L 4 98.97 40.06 2.06
C ASN L 4 97.63 39.42 1.67
N ARG L 5 97.56 38.10 1.72
CA ARG L 5 96.39 37.39 1.25
C ARG L 5 95.15 37.73 2.09
N GLU L 6 95.34 37.84 3.41
CA GLU L 6 94.22 38.10 4.32
C GLU L 6 93.71 39.54 4.20
N ASP L 7 94.59 40.50 3.93
CA ASP L 7 94.21 41.89 3.71
C ASP L 7 93.26 41.99 2.50
N ARG L 8 93.61 41.25 1.47
CA ARG L 8 92.90 41.20 0.19
C ARG L 8 91.50 40.65 0.32
N LYS L 9 91.38 39.54 1.05
CA LYS L 9 90.08 38.94 1.33
C LYS L 9 89.21 39.92 2.12
N ALA L 10 89.80 40.57 3.12
CA ALA L 10 89.09 41.44 4.04
C ALA L 10 88.50 42.61 3.28
N LYS L 11 89.27 43.14 2.31
CA LYS L 11 88.77 44.29 1.55
C LYS L 11 87.66 43.88 0.60
N VAL L 12 87.77 42.65 0.09
CA VAL L 12 86.72 42.11 -0.78
C VAL L 12 85.50 41.77 0.06
N ILE L 13 85.68 41.18 1.24
CA ILE L 13 84.54 40.87 2.09
C ILE L 13 83.76 42.15 2.37
N GLU L 14 84.50 43.23 2.58
CA GLU L 14 83.92 44.55 2.82
C GLU L 14 82.97 45.01 1.73
N VAL L 15 83.39 44.99 0.45
CA VAL L 15 82.43 45.44 -0.55
C VAL L 15 81.33 44.42 -0.78
N LEU L 16 81.60 43.13 -0.59
CA LEU L 16 80.54 42.14 -0.74
C LEU L 16 79.45 42.37 0.30
N ASN L 17 79.83 42.74 1.52
CA ASN L 17 78.82 42.95 2.55
C ASN L 17 78.09 44.26 2.29
N LYS L 18 78.77 45.24 1.70
CA LYS L 18 78.00 46.44 1.34
C LYS L 18 76.99 46.12 0.23
N ALA L 19 77.40 45.33 -0.76
CA ALA L 19 76.46 45.00 -1.84
C ALA L 19 75.30 44.17 -1.29
N ARG L 20 75.62 43.21 -0.41
CA ARG L 20 74.62 42.37 0.21
C ARG L 20 73.57 43.20 0.94
N ALA L 21 74.02 44.22 1.67
CA ALA L 21 73.12 45.10 2.40
C ALA L 21 72.22 45.82 1.41
N MET L 22 72.78 46.16 0.25
CA MET L 22 71.93 46.84 -0.72
C MET L 22 70.90 45.87 -1.26
N GLU L 23 71.27 44.59 -1.46
CA GLU L 23 70.30 43.63 -1.98
C GLU L 23 69.19 43.39 -0.97
N LEU L 24 69.57 43.27 0.30
CA LEU L 24 68.55 43.12 1.35
C LEU L 24 67.60 44.30 1.34
N HIS L 25 68.10 45.51 1.07
CA HIS L 25 67.17 46.64 0.97
C HIS L 25 66.19 46.49 -0.20
N ALA L 26 66.71 46.15 -1.36
CA ALA L 26 65.91 45.98 -2.58
C ALA L 26 64.82 44.94 -2.40
N ILE L 27 65.10 43.85 -1.72
CA ILE L 27 64.12 42.78 -1.51
C ILE L 27 62.92 43.33 -0.74
N HIS L 28 63.17 44.03 0.36
CA HIS L 28 62.08 44.58 1.15
C HIS L 28 61.37 45.71 0.41
N GLN L 29 62.11 46.54 -0.32
CA GLN L 29 61.52 47.66 -1.05
C GLN L 29 60.60 47.19 -2.18
N TYR L 30 61.13 46.30 -3.02
CA TYR L 30 60.37 45.77 -4.15
C TYR L 30 59.18 44.97 -3.67
N MET L 31 59.38 44.16 -2.62
CA MET L 31 58.22 43.38 -2.15
C MET L 31 57.17 44.32 -1.56
N ASN L 32 57.57 45.38 -0.86
CA ASN L 32 56.58 46.37 -0.42
C ASN L 32 55.79 46.90 -1.62
N GLN L 33 56.44 47.27 -2.73
CA GLN L 33 55.67 47.76 -3.88
C GLN L 33 54.83 46.66 -4.51
N HIS L 34 55.35 45.44 -4.52
CA HIS L 34 54.57 44.31 -4.99
C HIS L 34 53.23 44.22 -4.25
N TYR L 35 53.28 44.34 -2.91
CA TYR L 35 52.02 44.22 -2.16
C TYR L 35 51.08 45.35 -2.58
N SER L 36 51.64 46.53 -2.84
CA SER L 36 50.82 47.64 -3.31
C SER L 36 50.19 47.35 -4.68
N LEU L 37 51.01 46.87 -5.59
CA LEU L 37 50.58 46.64 -6.96
C LEU L 37 49.50 45.57 -7.02
N ASP L 38 49.66 44.53 -6.20
CA ASP L 38 48.72 43.43 -6.10
C ASP L 38 47.39 43.93 -5.53
N ASP L 39 47.47 44.74 -4.48
CA ASP L 39 46.30 45.38 -3.90
C ASP L 39 45.57 46.25 -4.93
N MET L 40 46.29 46.91 -5.83
CA MET L 40 45.68 47.72 -6.87
C MET L 40 45.12 46.89 -8.02
N ASP L 41 45.36 45.59 -7.99
CA ASP L 41 44.92 44.69 -9.04
C ASP L 41 45.57 45.04 -10.39
N TYR L 42 46.87 45.37 -10.35
CA TYR L 42 47.67 45.51 -11.56
C TYR L 42 48.57 44.28 -11.70
N GLY L 43 47.95 43.18 -12.13
CA GLY L 43 48.54 41.85 -12.14
C GLY L 43 49.92 41.75 -12.75
N GLU L 44 50.05 42.10 -14.02
CA GLU L 44 51.30 42.05 -14.74
C GLU L 44 52.43 42.78 -14.04
N LEU L 45 52.13 43.94 -13.47
CA LEU L 45 53.09 44.76 -12.74
C LEU L 45 53.44 44.14 -11.40
N ALA L 46 52.44 43.60 -10.69
CA ALA L 46 52.75 42.94 -9.42
C ALA L 46 53.62 41.70 -9.65
N ALA L 47 53.30 40.88 -10.64
CA ALA L 47 54.08 39.66 -10.88
C ALA L 47 55.53 39.98 -11.22
N ASN L 48 55.78 40.97 -12.09
CA ASN L 48 57.15 41.25 -12.47
C ASN L 48 57.93 41.89 -11.32
N MET L 49 57.26 42.68 -10.49
CA MET L 49 57.91 43.22 -9.31
C MET L 49 58.38 42.11 -8.37
N LYS L 50 57.57 41.08 -8.16
CA LYS L 50 57.97 39.96 -7.32
C LYS L 50 59.11 39.16 -7.95
N LEU L 51 59.04 38.95 -9.27
CA LEU L 51 60.10 38.24 -9.96
C LEU L 51 61.42 38.98 -9.85
N ILE L 52 61.38 40.31 -9.93
CA ILE L 52 62.66 41.04 -9.79
C ILE L 52 63.12 40.95 -8.34
N ALA L 53 62.21 40.98 -7.37
CA ALA L 53 62.63 40.84 -5.96
C ALA L 53 63.29 39.49 -5.73
N ILE L 54 62.82 38.45 -6.40
CA ILE L 54 63.46 37.13 -6.27
C ILE L 54 64.85 37.08 -6.90
N ASP L 55 65.07 37.78 -8.02
CA ASP L 55 66.42 38.01 -8.49
C ASP L 55 67.28 38.67 -7.41
N GLU L 56 66.79 39.66 -6.67
CA GLU L 56 67.60 40.30 -5.64
C GLU L 56 67.86 39.38 -4.47
N MET L 57 66.91 38.52 -4.16
CA MET L 57 67.09 37.45 -3.19
C MET L 57 68.26 36.55 -3.60
N ARG L 58 68.29 36.23 -4.90
N ARG L 58 68.27 36.20 -4.89
CA ARG L 58 69.36 35.37 -5.37
CA ARG L 58 69.33 35.35 -5.43
C ARG L 58 70.71 36.08 -5.32
C ARG L 58 70.68 36.07 -5.36
N HIS L 59 70.71 37.38 -5.60
CA HIS L 59 71.93 38.16 -5.50
C HIS L 59 72.41 38.19 -4.06
N ALA L 60 71.51 38.42 -3.10
CA ALA L 60 71.90 38.42 -1.69
C ALA L 60 72.54 37.10 -1.29
N GLU L 61 71.98 36.01 -1.80
CA GLU L 61 72.43 34.65 -1.53
C GLU L 61 73.80 34.42 -2.15
N ASN L 62 73.99 34.80 -3.42
CA ASN L 62 75.30 34.59 -4.06
C ASN L 62 76.39 35.43 -3.37
N PHE L 63 76.03 36.65 -2.97
CA PHE L 63 76.97 37.47 -2.23
C PHE L 63 77.33 36.77 -0.91
N ALA L 64 76.33 36.30 -0.17
CA ALA L 64 76.58 35.64 1.10
C ALA L 64 77.48 34.42 0.92
N GLU L 65 77.22 33.63 -0.12
CA GLU L 65 78.02 32.44 -0.38
C GLU L 65 79.47 32.79 -0.64
N ARG L 66 79.72 33.87 -1.38
CA ARG L 66 81.10 34.25 -1.68
C ARG L 66 81.82 34.77 -0.43
N ILE L 67 81.13 35.54 0.40
CA ILE L 67 81.66 36.01 1.67
C ILE L 67 82.07 34.83 2.55
N LYS L 68 81.25 33.78 2.57
CA LYS L 68 81.60 32.57 3.33
C LYS L 68 82.80 31.88 2.69
N GLU L 69 82.88 31.77 1.38
CA GLU L 69 84.06 31.21 0.72
C GLU L 69 85.32 31.98 1.12
N LEU L 70 85.16 33.27 1.42
CA LEU L 70 86.32 34.09 1.74
C LEU L 70 86.59 34.13 3.24
N GLY L 71 85.83 33.45 4.07
CA GLY L 71 85.98 33.40 5.51
C GLY L 71 85.24 34.49 6.25
N GLY L 72 84.34 35.22 5.59
CA GLY L 72 83.69 36.35 6.26
C GLY L 72 82.35 35.94 6.85
N GLU L 73 81.63 36.88 7.42
CA GLU L 73 80.27 36.67 7.92
C GLU L 73 79.30 37.54 7.13
N PRO L 74 78.31 36.93 6.49
CA PRO L 74 77.40 37.73 5.65
C PRO L 74 76.55 38.64 6.54
N THR L 75 76.39 39.90 6.14
CA THR L 75 75.54 40.80 6.87
C THR L 75 74.07 40.38 6.85
N THR L 76 73.39 40.78 7.92
CA THR L 76 71.95 40.63 8.07
C THR L 76 71.24 41.98 8.10
N GLN L 77 71.95 43.09 7.93
N GLN L 77 71.96 43.07 7.90
CA GLN L 77 71.22 44.36 7.98
CA GLN L 77 71.37 44.40 7.94
C GLN L 77 71.13 44.98 6.59
C GLN L 77 71.15 45.00 6.55
N LYS L 78 69.97 45.53 6.29
CA LYS L 78 69.73 46.16 4.99
C LYS L 78 70.29 47.58 4.99
N GLU L 79 70.71 48.07 3.84
CA GLU L 79 71.28 49.41 3.73
C GLU L 79 70.26 50.46 3.36
N GLY L 80 69.93 51.37 4.26
CA GLY L 80 69.05 52.47 3.91
C GLY L 80 67.61 52.23 4.33
N LYS L 81 66.71 53.08 3.86
CA LYS L 81 65.34 53.03 4.36
C LYS L 81 64.37 52.56 3.29
N VAL L 82 63.40 51.75 3.72
CA VAL L 82 62.35 51.31 2.82
C VAL L 82 61.25 52.37 2.82
N VAL L 83 60.92 52.88 1.65
CA VAL L 83 59.88 53.88 1.45
C VAL L 83 58.55 53.16 1.22
N THR L 84 57.53 53.49 2.00
CA THR L 84 56.24 52.84 1.85
C THR L 84 55.18 53.73 1.20
N GLY L 85 54.09 53.09 0.78
CA GLY L 85 52.94 53.74 0.21
C GLY L 85 53.17 54.50 -1.08
N GLN L 86 54.12 54.06 -1.91
CA GLN L 86 54.38 54.82 -3.13
C GLN L 86 53.32 54.51 -4.19
N ALA L 87 52.83 55.58 -4.83
CA ALA L 87 51.95 55.44 -5.97
C ALA L 87 52.71 54.86 -7.16
N VAL L 88 52.00 54.33 -8.14
CA VAL L 88 52.57 53.71 -9.34
C VAL L 88 53.66 54.54 -10.01
N PRO L 89 53.50 55.80 -10.38
CA PRO L 89 54.58 56.55 -11.01
C PRO L 89 55.81 56.65 -10.11
N VAL L 90 55.59 56.70 -8.80
CA VAL L 90 56.71 56.86 -7.89
C VAL L 90 57.49 55.56 -7.77
N ILE L 91 56.76 54.46 -7.81
CA ILE L 91 57.40 53.16 -7.84
C ILE L 91 58.39 53.06 -8.99
N TYR L 92 57.99 53.37 -10.22
CA TYR L 92 58.92 53.13 -11.34
C TYR L 92 59.99 54.19 -11.42
N GLU L 93 59.69 55.40 -10.95
CA GLU L 93 60.73 56.42 -10.96
C GLU L 93 61.82 56.08 -9.96
N SER L 94 61.37 55.70 -8.75
CA SER L 94 62.37 55.42 -7.72
C SER L 94 63.11 54.11 -7.97
N ASP L 95 62.46 53.08 -8.51
CA ASP L 95 63.15 51.81 -8.78
C ASP L 95 64.17 51.96 -9.90
N ALA L 96 63.84 52.69 -10.95
CA ALA L 96 64.82 53.01 -11.99
C ALA L 96 66.01 53.75 -11.39
N ASP L 97 65.78 54.74 -10.52
CA ASP L 97 66.86 55.44 -9.86
C ASP L 97 67.70 54.52 -8.98
N GLN L 98 67.04 53.64 -8.23
CA GLN L 98 67.74 52.71 -7.37
C GLN L 98 68.64 51.77 -8.15
N GLU L 99 68.14 51.23 -9.27
CA GLU L 99 68.93 50.29 -10.07
C GLU L 99 70.16 50.97 -10.65
N ASP L 100 69.98 52.21 -11.09
CA ASP L 100 71.10 52.95 -11.66
C ASP L 100 72.18 53.17 -10.61
N ALA L 101 71.76 53.58 -9.42
CA ALA L 101 72.72 53.77 -8.33
C ALA L 101 73.39 52.45 -7.98
N THR L 102 72.64 51.37 -8.01
CA THR L 102 73.19 50.05 -7.69
C THR L 102 74.28 49.68 -8.68
N ILE L 103 74.01 49.88 -9.97
CA ILE L 103 75.01 49.56 -10.99
C ILE L 103 76.25 50.40 -10.78
N GLU L 104 76.05 51.68 -10.47
CA GLU L 104 77.16 52.58 -10.20
C GLU L 104 78.03 52.11 -9.06
N ALA L 105 77.39 51.73 -7.96
CA ALA L 105 78.12 51.28 -6.78
C ALA L 105 78.81 49.96 -7.06
N TYR L 106 78.11 49.05 -7.72
CA TYR L 106 78.68 47.74 -8.01
C TYR L 106 79.90 47.84 -8.91
N SER L 107 79.85 48.77 -9.85
CA SER L 107 80.99 49.03 -10.73
C SER L 107 82.19 49.46 -9.89
N GLN L 108 81.93 50.20 -8.83
CA GLN L 108 82.98 50.57 -7.89
C GLN L 108 83.50 49.35 -7.15
N PHE L 109 82.59 48.49 -6.69
CA PHE L 109 83.02 47.33 -5.91
C PHE L 109 83.83 46.38 -6.79
N LEU L 110 83.48 46.37 -8.07
CA LEU L 110 84.13 45.57 -9.10
C LEU L 110 85.60 45.99 -9.22
N LYS L 111 85.79 47.29 -9.21
CA LYS L 111 87.11 47.91 -9.28
C LYS L 111 87.94 47.45 -8.10
N VAL L 112 87.34 47.46 -6.91
CA VAL L 112 88.12 47.01 -5.75
C VAL L 112 88.48 45.54 -5.88
N CYS L 113 87.57 44.68 -6.33
CA CYS L 113 87.91 43.28 -6.53
C CYS L 113 89.10 43.09 -7.45
N LYS L 114 89.14 43.80 -8.57
CA LYS L 114 90.25 43.69 -9.50
C LYS L 114 91.52 44.24 -8.85
N GLU L 115 91.38 45.32 -8.08
CA GLU L 115 92.52 45.84 -7.35
C GLU L 115 93.03 44.85 -6.30
N GLN L 116 92.17 43.99 -5.78
CA GLN L 116 92.60 43.02 -4.77
C GLN L 116 92.92 41.67 -5.42
N GLY L 117 92.90 41.62 -6.75
CA GLY L 117 93.28 40.42 -7.47
C GLY L 117 92.28 39.29 -7.27
N ASP L 118 91.02 39.64 -7.07
CA ASP L 118 89.96 38.66 -6.87
C ASP L 118 89.09 38.55 -8.11
N ILE L 119 89.53 37.73 -9.06
CA ILE L 119 88.90 37.50 -10.33
C ILE L 119 87.55 36.81 -10.16
N VAL L 120 87.50 35.83 -9.27
CA VAL L 120 86.24 35.12 -9.04
C VAL L 120 85.17 36.10 -8.56
N THR L 121 85.48 36.95 -7.59
CA THR L 121 84.49 37.91 -7.09
C THR L 121 84.16 38.98 -8.11
N ALA L 122 85.14 39.45 -8.87
CA ALA L 122 84.91 40.40 -9.95
C ALA L 122 83.93 39.85 -10.97
N ARG L 123 83.98 38.57 -11.33
CA ARG L 123 83.08 37.99 -12.31
C ARG L 123 81.66 37.90 -11.78
N LEU L 124 81.54 37.65 -10.47
CA LEU L 124 80.28 37.66 -9.75
C LEU L 124 79.61 39.03 -9.90
N PHE L 125 80.36 40.09 -9.61
CA PHE L 125 79.85 41.46 -9.78
C PHE L 125 79.51 41.76 -11.24
N GLU L 126 80.30 41.29 -12.19
CA GLU L 126 79.99 41.54 -13.60
C GLU L 126 78.67 40.93 -14.02
N ARG L 127 78.41 39.69 -13.65
N ARG L 127 78.43 39.69 -13.64
CA ARG L 127 77.17 39.01 -14.01
CA ARG L 127 77.21 38.96 -13.95
C ARG L 127 75.97 39.65 -13.33
C ARG L 127 75.99 39.64 -13.33
N ILE L 128 76.15 40.03 -12.07
CA ILE L 128 75.00 40.63 -11.36
C ILE L 128 74.70 42.00 -11.94
N ILE L 129 75.73 42.76 -12.31
CA ILE L 129 75.53 44.08 -12.90
C ILE L 129 74.73 43.95 -14.20
N GLU L 130 75.00 42.91 -14.99
CA GLU L 130 74.19 42.71 -16.20
C GLU L 130 72.73 42.39 -15.85
N GLU L 131 72.50 41.66 -14.76
CA GLU L 131 71.11 41.45 -14.34
C GLU L 131 70.49 42.75 -13.82
N GLU L 132 71.22 43.58 -13.09
CA GLU L 132 70.68 44.87 -12.65
C GLU L 132 70.29 45.75 -13.84
N GLN L 133 71.05 45.69 -14.93
CA GLN L 133 70.77 46.44 -16.13
C GLN L 133 69.43 46.03 -16.74
N ALA L 134 69.11 44.74 -16.72
CA ALA L 134 67.82 44.27 -17.18
C ALA L 134 66.67 44.84 -16.33
N HIS L 135 66.85 44.83 -15.01
CA HIS L 135 65.88 45.44 -14.10
C HIS L 135 65.69 46.93 -14.41
N LEU L 136 66.80 47.64 -14.60
CA LEU L 136 66.77 49.06 -14.87
C LEU L 136 65.99 49.37 -16.15
N THR L 137 66.30 48.65 -17.23
CA THR L 137 65.61 48.83 -18.51
C THR L 137 64.10 48.59 -18.33
N TYR L 138 63.77 47.54 -17.59
CA TYR L 138 62.40 47.20 -17.31
C TYR L 138 61.67 48.37 -16.61
N TYR L 139 62.24 48.83 -15.51
CA TYR L 139 61.65 49.91 -14.72
C TYR L 139 61.55 51.20 -15.51
N GLU L 140 62.56 51.51 -16.31
CA GLU L 140 62.56 52.71 -17.14
C GLU L 140 61.47 52.67 -18.23
N ASN L 141 61.23 51.51 -18.81
CA ASN L 141 60.19 51.33 -19.82
C ASN L 141 58.80 51.55 -19.24
N ILE L 142 58.52 50.91 -18.10
CA ILE L 142 57.23 51.11 -17.44
C ILE L 142 57.05 52.57 -17.07
N GLY L 143 58.05 53.15 -16.42
CA GLY L 143 57.97 54.55 -16.02
C GLY L 143 57.72 55.45 -17.20
N SER L 144 58.36 55.14 -18.33
CA SER L 144 58.20 55.93 -19.54
C SER L 144 56.75 55.91 -20.01
N HIS L 145 56.08 54.76 -19.96
CA HIS L 145 54.70 54.71 -20.43
C HIS L 145 53.77 55.44 -19.47
N ILE L 146 54.09 55.39 -18.18
CA ILE L 146 53.27 56.06 -17.18
C ILE L 146 53.34 57.58 -17.30
N LYS L 147 54.50 58.11 -17.60
CA LYS L 147 54.82 59.50 -17.82
C LYS L 147 54.17 60.09 -19.07
N ASN L 148 54.19 59.31 -20.15
CA ASN L 148 53.81 59.85 -21.46
C ASN L 148 52.41 59.46 -21.88
N LEU L 149 51.80 58.45 -21.27
CA LEU L 149 50.51 57.99 -21.77
C LEU L 149 49.44 58.00 -20.70
N GLY L 150 48.22 57.75 -21.17
CA GLY L 150 47.10 57.81 -20.27
C GLY L 150 46.59 56.47 -19.80
N ASP L 151 45.45 56.52 -19.14
CA ASP L 151 44.69 55.44 -18.57
C ASP L 151 44.59 54.25 -19.51
N THR L 152 44.62 54.46 -20.83
CA THR L 152 44.62 53.31 -21.72
C THR L 152 45.77 52.39 -21.36
N TYR L 153 46.92 52.96 -21.00
CA TYR L 153 48.05 52.10 -20.61
C TYR L 153 47.72 51.25 -19.37
N LEU L 154 47.27 51.84 -18.28
CA LEU L 154 46.92 51.09 -17.07
C LEU L 154 45.70 50.21 -17.20
N ALA L 155 44.70 50.62 -17.97
CA ALA L 155 43.51 49.81 -18.19
C ALA L 155 43.86 48.48 -18.82
N LYS L 156 44.95 48.47 -19.58
CA LYS L 156 45.38 47.18 -20.12
C LYS L 156 45.85 46.23 -19.03
N ILE L 157 46.57 46.71 -18.04
CA ILE L 157 47.13 45.98 -16.91
C ILE L 157 46.09 45.59 -15.87
N ALA L 158 45.05 46.41 -15.71
CA ALA L 158 43.97 46.15 -14.77
C ALA L 158 43.40 44.76 -14.88
N GLY L 159 43.43 43.93 -13.83
CA GLY L 159 42.86 42.61 -13.83
C GLY L 159 43.62 41.54 -14.57
N THR L 160 44.86 41.82 -14.98
CA THR L 160 45.69 40.79 -15.59
C THR L 160 46.08 39.74 -14.56
N PRO L 161 46.55 38.58 -15.02
CA PRO L 161 47.06 37.58 -14.06
C PRO L 161 48.31 38.09 -13.34
N SER L 162 48.41 37.75 -12.06
CA SER L 162 49.55 38.12 -11.24
C SER L 162 50.37 36.90 -10.83
N SER L 163 50.04 35.73 -11.34
CA SER L 163 50.76 34.52 -10.94
C SER L 163 52.23 34.59 -11.34
N THR L 164 53.16 34.17 -10.47
CA THR L 164 54.58 34.19 -10.77
C THR L 164 55.08 32.76 -11.00
N GLY L 165 54.12 31.84 -11.00
CA GLY L 165 54.47 30.45 -11.23
C GLY L 165 53.95 29.60 -10.07
N THR L 166 54.48 28.38 -10.04
CA THR L 166 54.14 27.41 -9.00
C THR L 166 54.61 27.90 -7.64
N ALA L 167 53.84 27.60 -6.60
CA ALA L 167 54.24 27.93 -5.24
C ALA L 167 55.68 27.46 -4.99
N SER L 168 56.40 28.31 -4.28
N SER L 168 56.45 28.37 -4.40
CA SER L 168 57.70 28.07 -3.70
CA SER L 168 57.86 28.12 -4.17
C SER L 168 57.94 26.63 -3.25
C SER L 168 58.09 26.82 -3.39
N LYS L 169 59.08 26.07 -3.67
N LYS L 169 59.10 26.07 -3.83
CA LYS L 169 59.50 24.78 -3.12
CA LYS L 169 59.65 24.97 -3.08
C LYS L 169 59.81 24.97 -1.63
C LYS L 169 59.65 25.20 -1.58
N GLY L 170 59.03 24.40 -0.73
CA GLY L 170 59.21 24.66 0.70
C GLY L 170 59.49 23.44 1.56
N PHE L 171 59.57 23.63 2.88
CA PHE L 171 59.76 22.47 3.76
C PHE L 171 58.41 21.78 3.98
N VAL L 172 57.41 22.52 4.44
CA VAL L 172 56.11 21.86 4.66
C VAL L 172 55.59 21.35 3.32
N GLY M 3 -64.27 -71.17 7.78
CA GLY M 3 -63.54 -72.42 7.82
C GLY M 3 -62.51 -72.51 8.94
N ASN M 4 -61.36 -73.07 8.57
CA ASN M 4 -60.24 -73.29 9.46
C ASN M 4 -59.47 -71.99 9.70
N ARG M 5 -58.50 -72.04 10.59
CA ARG M 5 -57.69 -70.89 10.96
C ARG M 5 -57.07 -70.24 9.72
N GLU M 6 -56.60 -71.09 8.81
CA GLU M 6 -55.88 -70.60 7.65
C GLU M 6 -56.80 -69.93 6.64
N ASP M 7 -58.00 -70.45 6.46
CA ASP M 7 -58.96 -69.90 5.52
C ASP M 7 -59.47 -68.56 6.01
N ARG M 8 -59.59 -68.45 7.33
CA ARG M 8 -60.03 -67.21 7.96
C ARG M 8 -58.98 -66.12 7.76
N LYS M 9 -57.72 -66.49 7.92
CA LYS M 9 -56.64 -65.52 7.71
C LYS M 9 -56.59 -65.03 6.27
N ALA M 10 -56.76 -65.93 5.32
CA ALA M 10 -56.65 -65.64 3.90
C ALA M 10 -57.77 -64.73 3.41
N LYS M 11 -58.99 -64.89 3.89
CA LYS M 11 -60.08 -63.98 3.56
C LYS M 11 -59.87 -62.57 4.09
N VAL M 12 -59.27 -62.44 5.27
CA VAL M 12 -59.04 -61.11 5.84
C VAL M 12 -57.85 -60.44 5.16
N ILE M 13 -56.81 -61.22 4.91
CA ILE M 13 -55.66 -60.69 4.19
C ILE M 13 -56.14 -60.12 2.86
N GLU M 14 -57.08 -60.85 2.24
CA GLU M 14 -57.62 -60.40 0.97
C GLU M 14 -58.28 -59.03 1.04
N VAL M 15 -59.08 -58.73 2.07
CA VAL M 15 -59.63 -57.38 2.10
C VAL M 15 -58.58 -56.38 2.57
N LEU M 16 -57.63 -56.83 3.38
CA LEU M 16 -56.58 -55.94 3.84
C LEU M 16 -55.73 -55.46 2.66
N ASN M 17 -55.46 -56.38 1.73
CA ASN M 17 -54.68 -55.95 0.56
C ASN M 17 -55.55 -55.14 -0.40
N LYS M 18 -56.87 -55.37 -0.41
CA LYS M 18 -57.74 -54.49 -1.18
C LYS M 18 -57.74 -53.07 -0.58
N ALA M 19 -57.75 -53.01 0.75
CA ALA M 19 -57.70 -51.71 1.40
C ALA M 19 -56.36 -51.04 1.17
N ARG M 20 -55.27 -51.78 1.35
CA ARG M 20 -53.94 -51.19 1.15
C ARG M 20 -53.78 -50.65 -0.28
N ALA M 21 -54.28 -51.34 -1.30
CA ALA M 21 -54.19 -50.88 -2.68
C ALA M 21 -54.95 -49.57 -2.88
N MET M 22 -56.04 -49.41 -2.15
CA MET M 22 -56.76 -48.14 -2.16
C MET M 22 -55.95 -47.04 -1.47
N GLU M 23 -55.28 -47.31 -0.36
CA GLU M 23 -54.42 -46.33 0.28
C GLU M 23 -53.26 -45.94 -0.62
N LEU M 24 -52.65 -46.91 -1.29
CA LEU M 24 -51.55 -46.54 -2.20
C LEU M 24 -52.00 -45.60 -3.31
N HIS M 25 -53.19 -45.84 -3.87
CA HIS M 25 -53.75 -44.95 -4.88
C HIS M 25 -53.90 -43.54 -4.31
N ALA M 26 -54.51 -43.48 -3.13
CA ALA M 26 -54.79 -42.21 -2.49
C ALA M 26 -53.53 -41.41 -2.22
N ILE M 27 -52.44 -42.09 -1.84
CA ILE M 27 -51.18 -41.38 -1.59
C ILE M 27 -50.72 -40.67 -2.85
N HIS M 28 -50.70 -41.39 -3.97
CA HIS M 28 -50.30 -40.83 -5.25
C HIS M 28 -51.27 -39.76 -5.74
N GLN M 29 -52.56 -40.01 -5.56
CA GLN M 29 -53.58 -39.07 -6.04
C GLN M 29 -53.49 -37.76 -5.28
N TYR M 30 -53.42 -37.83 -3.96
CA TYR M 30 -53.38 -36.65 -3.12
C TYR M 30 -52.06 -35.92 -3.28
N MET M 31 -50.96 -36.66 -3.37
CA MET M 31 -49.68 -35.94 -3.53
C MET M 31 -49.63 -35.25 -4.88
N ASN M 32 -50.18 -35.91 -5.90
CA ASN M 32 -50.26 -35.27 -7.22
C ASN M 32 -50.99 -33.94 -7.11
N GLN M 33 -52.11 -33.93 -6.38
CA GLN M 33 -52.86 -32.69 -6.19
C GLN M 33 -52.10 -31.69 -5.33
N HIS M 34 -51.34 -32.16 -4.35
CA HIS M 34 -50.54 -31.24 -3.54
C HIS M 34 -49.52 -30.50 -4.41
N TYR M 35 -48.93 -31.19 -5.38
CA TYR M 35 -47.93 -30.56 -6.25
C TYR M 35 -48.59 -29.43 -7.03
N SER M 36 -49.83 -29.62 -7.48
CA SER M 36 -50.53 -28.58 -8.23
C SER M 36 -50.92 -27.40 -7.33
N LEU M 37 -51.50 -27.71 -6.18
CA LEU M 37 -51.87 -26.65 -5.25
C LEU M 37 -50.65 -25.83 -4.87
N ASP M 38 -49.52 -26.52 -4.70
CA ASP M 38 -48.29 -25.82 -4.34
C ASP M 38 -47.81 -24.91 -5.47
N ASP M 39 -47.81 -25.50 -6.66
CA ASP M 39 -47.46 -24.75 -7.85
C ASP M 39 -48.34 -23.51 -7.96
N MET M 40 -49.62 -23.64 -7.63
CA MET M 40 -50.53 -22.50 -7.74
C MET M 40 -50.34 -21.54 -6.56
N ASP M 41 -49.57 -21.92 -5.55
CA ASP M 41 -49.28 -21.07 -4.41
C ASP M 41 -50.50 -20.88 -3.52
N TYR M 42 -51.31 -21.93 -3.41
CA TYR M 42 -52.36 -22.03 -2.42
C TYR M 42 -51.85 -22.84 -1.22
N GLY M 43 -51.07 -22.13 -0.41
CA GLY M 43 -50.30 -22.72 0.66
C GLY M 43 -51.05 -23.55 1.65
N GLU M 44 -52.09 -23.03 2.29
CA GLU M 44 -52.79 -23.81 3.31
C GLU M 44 -53.43 -25.05 2.70
N LEU M 45 -53.93 -24.93 1.48
CA LEU M 45 -54.52 -26.10 0.81
C LEU M 45 -53.45 -27.13 0.48
N ALA M 46 -52.34 -26.69 -0.11
CA ALA M 46 -51.26 -27.64 -0.37
C ALA M 46 -50.82 -28.34 0.90
N ALA M 47 -50.66 -27.60 2.01
CA ALA M 47 -50.14 -28.22 3.22
C ALA M 47 -51.09 -29.29 3.75
N ASN M 48 -52.38 -28.97 3.83
CA ASN M 48 -53.32 -29.96 4.37
C ASN M 48 -53.48 -31.15 3.44
N MET M 49 -53.34 -30.95 2.13
CA MET M 49 -53.40 -32.09 1.21
C MET M 49 -52.24 -33.04 1.45
N LYS M 50 -51.03 -32.51 1.63
CA LYS M 50 -49.90 -33.37 1.99
C LYS M 50 -50.10 -34.06 3.34
N LEU M 51 -50.64 -33.35 4.34
CA LEU M 51 -50.87 -33.96 5.64
C LEU M 51 -51.84 -35.14 5.56
N ILE M 52 -52.85 -35.02 4.69
CA ILE M 52 -53.79 -36.13 4.53
C ILE M 52 -53.16 -37.31 3.80
N ALA M 53 -52.35 -37.05 2.76
CA ALA M 53 -51.59 -38.10 2.11
C ALA M 53 -50.72 -38.88 3.10
N ILE M 54 -50.16 -38.17 4.09
CA ILE M 54 -49.32 -38.80 5.11
C ILE M 54 -50.20 -39.65 6.02
N ASP M 55 -51.42 -39.25 6.34
CA ASP M 55 -52.34 -40.16 7.01
C ASP M 55 -52.55 -41.42 6.16
N GLU M 56 -52.64 -41.28 4.83
CA GLU M 56 -52.90 -42.46 4.02
C GLU M 56 -51.67 -43.36 3.97
N MET M 57 -50.50 -42.76 4.07
CA MET M 57 -49.25 -43.55 4.18
C MET M 57 -49.26 -44.42 5.44
N ARG M 58 -49.60 -43.83 6.57
N ARG M 58 -49.62 -43.84 6.56
CA ARG M 58 -49.78 -44.50 7.86
CA ARG M 58 -49.76 -44.58 7.81
C ARG M 58 -50.83 -45.61 7.78
C ARG M 58 -50.79 -45.70 7.68
N HIS M 59 -51.93 -45.38 7.08
CA HIS M 59 -52.94 -46.43 6.87
C HIS M 59 -52.35 -47.58 6.05
N ALA M 60 -51.65 -47.22 4.96
CA ALA M 60 -51.06 -48.26 4.13
C ALA M 60 -50.11 -49.12 4.94
N GLU M 61 -49.33 -48.46 5.79
CA GLU M 61 -48.39 -49.13 6.68
C GLU M 61 -49.09 -50.01 7.70
N ASN M 62 -50.13 -49.51 8.35
CA ASN M 62 -50.88 -50.30 9.33
C ASN M 62 -51.51 -51.54 8.70
N PHE M 63 -52.05 -51.42 7.48
CA PHE M 63 -52.61 -52.57 6.78
C PHE M 63 -51.52 -53.59 6.48
N ALA M 64 -50.37 -53.11 6.04
CA ALA M 64 -49.26 -53.99 5.72
C ALA M 64 -48.79 -54.71 6.97
N GLU M 65 -48.72 -54.03 8.11
CA GLU M 65 -48.26 -54.69 9.32
C GLU M 65 -49.19 -55.82 9.76
N ARG M 66 -50.48 -55.57 9.66
CA ARG M 66 -51.47 -56.59 10.00
C ARG M 66 -51.39 -57.75 9.02
N ILE M 67 -51.22 -57.44 7.74
CA ILE M 67 -51.08 -58.49 6.72
C ILE M 67 -49.91 -59.40 7.05
N LYS M 68 -48.75 -58.84 7.42
CA LYS M 68 -47.61 -59.64 7.86
C LYS M 68 -47.93 -60.45 9.12
N GLU M 69 -48.65 -59.87 10.07
CA GLU M 69 -49.00 -60.63 11.29
C GLU M 69 -49.83 -61.86 10.95
N LEU M 70 -50.62 -61.75 9.88
CA LEU M 70 -51.53 -62.82 9.48
C LEU M 70 -50.87 -63.84 8.56
N GLY M 71 -49.60 -63.62 8.23
CA GLY M 71 -48.81 -64.48 7.37
C GLY M 71 -48.92 -64.17 5.90
N GLY M 72 -49.48 -63.02 5.51
CA GLY M 72 -49.67 -62.69 4.11
C GLY M 72 -48.60 -61.73 3.59
N GLU M 73 -48.69 -61.38 2.32
CA GLU M 73 -47.76 -60.50 1.61
C GLU M 73 -48.46 -59.18 1.26
N PRO M 74 -47.94 -58.06 1.76
CA PRO M 74 -48.52 -56.75 1.49
C PRO M 74 -48.42 -56.38 0.01
N THR M 75 -49.51 -55.91 -0.60
CA THR M 75 -49.46 -55.56 -2.01
C THR M 75 -48.57 -54.35 -2.26
N THR M 76 -48.03 -54.21 -3.47
CA THR M 76 -47.25 -53.05 -3.92
C THR M 76 -47.96 -52.34 -5.06
N GLN M 77 -49.21 -52.74 -5.32
CA GLN M 77 -49.94 -52.16 -6.43
C GLN M 77 -51.07 -51.23 -5.99
N LYS M 78 -51.13 -50.03 -6.56
CA LYS M 78 -52.26 -49.14 -6.30
C LYS M 78 -53.47 -49.60 -7.11
N GLU M 79 -54.64 -49.40 -6.52
CA GLU M 79 -55.93 -49.71 -7.08
C GLU M 79 -56.46 -48.51 -7.86
N GLY M 80 -56.56 -48.68 -9.18
CA GLY M 80 -57.19 -47.66 -10.00
C GLY M 80 -56.18 -46.80 -10.70
N LYS M 81 -56.64 -45.67 -11.24
CA LYS M 81 -55.63 -44.84 -11.89
C LYS M 81 -55.67 -43.46 -11.27
N VAL M 82 -54.50 -42.84 -11.26
CA VAL M 82 -54.44 -41.48 -10.71
C VAL M 82 -54.89 -40.48 -11.77
N VAL M 83 -55.76 -39.55 -11.39
CA VAL M 83 -56.23 -38.54 -12.35
C VAL M 83 -55.42 -37.27 -12.18
N THR M 84 -54.80 -36.76 -13.24
CA THR M 84 -54.00 -35.54 -13.06
C THR M 84 -54.64 -34.37 -13.79
N GLY M 85 -54.10 -33.19 -13.56
CA GLY M 85 -54.59 -31.99 -14.20
C GLY M 85 -55.89 -31.45 -13.66
N GLN M 86 -56.43 -31.97 -12.57
CA GLN M 86 -57.72 -31.46 -12.09
C GLN M 86 -57.68 -29.99 -11.69
N ALA M 87 -58.67 -29.21 -12.10
CA ALA M 87 -58.89 -27.87 -11.59
C ALA M 87 -59.27 -27.90 -10.11
N VAL M 88 -59.09 -26.80 -9.39
CA VAL M 88 -59.25 -26.75 -7.94
C VAL M 88 -60.62 -27.25 -7.50
N PRO M 89 -61.73 -26.84 -8.11
CA PRO M 89 -63.02 -27.36 -7.65
C PRO M 89 -63.11 -28.87 -7.84
N VAL M 90 -62.50 -29.40 -8.89
CA VAL M 90 -62.54 -30.84 -9.18
C VAL M 90 -61.72 -31.63 -8.16
N ILE M 91 -60.62 -31.05 -7.70
CA ILE M 91 -59.83 -31.73 -6.66
C ILE M 91 -60.71 -32.07 -5.45
N TYR M 92 -61.44 -31.10 -4.92
CA TYR M 92 -62.21 -31.27 -3.69
C TYR M 92 -63.47 -32.09 -3.88
N GLU M 93 -64.15 -31.94 -5.02
CA GLU M 93 -65.29 -32.79 -5.29
C GLU M 93 -64.87 -34.25 -5.44
N SER M 94 -63.84 -34.51 -6.25
CA SER M 94 -63.47 -35.91 -6.44
C SER M 94 -62.84 -36.50 -5.19
N ASP M 95 -62.09 -35.74 -4.39
CA ASP M 95 -61.52 -36.31 -3.17
C ASP M 95 -62.60 -36.63 -2.15
N ALA M 96 -63.63 -35.81 -2.04
CA ALA M 96 -64.75 -36.12 -1.14
C ALA M 96 -65.44 -37.41 -1.59
N ASP M 97 -65.60 -37.57 -2.90
CA ASP M 97 -66.17 -38.77 -3.50
C ASP M 97 -65.37 -40.03 -3.14
N GLN M 98 -64.06 -39.94 -3.33
CA GLN M 98 -63.12 -41.01 -3.04
C GLN M 98 -63.15 -41.41 -1.57
N GLU M 99 -63.18 -40.43 -0.66
CA GLU M 99 -63.24 -40.74 0.76
C GLU M 99 -64.58 -41.39 1.12
N ASP M 100 -65.67 -40.87 0.57
CA ASP M 100 -66.95 -41.52 0.80
C ASP M 100 -66.92 -42.96 0.31
N ALA M 101 -66.36 -43.19 -0.88
CA ALA M 101 -66.30 -44.54 -1.42
C ALA M 101 -65.41 -45.44 -0.57
N THR M 102 -64.34 -44.85 -0.04
CA THR M 102 -63.46 -45.63 0.83
C THR M 102 -64.21 -46.06 2.09
N ILE M 103 -64.92 -45.11 2.69
CA ILE M 103 -65.62 -45.46 3.93
C ILE M 103 -66.59 -46.60 3.67
N GLU M 104 -67.28 -46.53 2.54
CA GLU M 104 -68.24 -47.57 2.15
C GLU M 104 -67.55 -48.91 1.96
N ALA M 105 -66.40 -48.89 1.28
CA ALA M 105 -65.64 -50.11 1.05
C ALA M 105 -65.09 -50.67 2.35
N TYR M 106 -64.55 -49.81 3.19
CA TYR M 106 -63.95 -50.30 4.44
C TYR M 106 -65.01 -50.83 5.40
N SER M 107 -66.19 -50.24 5.34
CA SER M 107 -67.31 -50.80 6.10
C SER M 107 -67.63 -52.22 5.66
N GLN M 108 -67.58 -52.56 4.37
CA GLN M 108 -67.76 -53.93 3.91
C GLN M 108 -66.62 -54.85 4.34
N PHE M 109 -65.39 -54.38 4.22
CA PHE M 109 -64.23 -55.14 4.69
C PHE M 109 -64.31 -55.44 6.18
N LEU M 110 -64.74 -54.47 6.98
CA LEU M 110 -64.96 -54.68 8.41
C LEU M 110 -65.94 -55.83 8.64
N LYS M 111 -67.05 -55.85 7.92
CA LYS M 111 -68.04 -56.93 8.06
C LYS M 111 -67.41 -58.29 7.79
N VAL M 112 -66.52 -58.35 6.81
CA VAL M 112 -65.80 -59.58 6.49
C VAL M 112 -64.90 -60.01 7.64
N CYS M 113 -64.24 -59.07 8.28
CA CYS M 113 -63.40 -59.39 9.45
C CYS M 113 -64.22 -60.00 10.58
N LYS M 114 -65.38 -59.41 10.83
CA LYS M 114 -66.27 -59.93 11.87
C LYS M 114 -66.75 -61.33 11.51
N GLU M 115 -67.13 -61.54 10.26
CA GLU M 115 -67.53 -62.87 9.79
C GLU M 115 -66.43 -63.92 9.99
N GLN M 116 -65.17 -63.55 9.85
CA GLN M 116 -64.03 -64.44 10.00
C GLN M 116 -63.52 -64.47 11.44
N GLY M 117 -64.26 -63.83 12.34
CA GLY M 117 -63.86 -63.77 13.73
C GLY M 117 -62.50 -63.15 13.93
N ASP M 118 -62.23 -62.05 13.20
CA ASP M 118 -60.96 -61.35 13.38
C ASP M 118 -61.21 -59.95 13.94
N ILE M 119 -61.37 -59.91 15.25
CA ILE M 119 -61.66 -58.73 16.04
C ILE M 119 -60.54 -57.70 15.97
N VAL M 120 -59.29 -58.13 16.06
CA VAL M 120 -58.16 -57.19 15.96
C VAL M 120 -58.19 -56.49 14.61
N THR M 121 -58.42 -57.25 13.54
CA THR M 121 -58.47 -56.57 12.24
C THR M 121 -59.70 -55.67 12.15
N ALA M 122 -60.85 -56.14 12.61
CA ALA M 122 -62.04 -55.29 12.59
C ALA M 122 -61.79 -53.96 13.31
N ARG M 123 -61.04 -53.99 14.40
CA ARG M 123 -60.81 -52.77 15.17
C ARG M 123 -59.90 -51.84 14.37
N LEU M 124 -58.96 -52.43 13.64
CA LEU M 124 -58.09 -51.63 12.77
C LEU M 124 -58.93 -50.84 11.78
N PHE M 125 -59.85 -51.51 11.09
CA PHE M 125 -60.72 -50.81 10.14
C PHE M 125 -61.60 -49.78 10.84
N GLU M 126 -62.16 -50.06 12.01
CA GLU M 126 -63.04 -49.10 12.68
C GLU M 126 -62.28 -47.79 12.90
N ARG M 127 -61.06 -47.89 13.41
N ARG M 127 -61.06 -47.91 13.42
CA ARG M 127 -60.27 -46.69 13.71
CA ARG M 127 -60.23 -46.74 13.69
C ARG M 127 -59.88 -45.94 12.45
C ARG M 127 -59.91 -45.93 12.43
N ILE M 128 -59.50 -46.63 11.38
CA ILE M 128 -59.16 -45.96 10.12
C ILE M 128 -60.39 -45.36 9.46
N ILE M 129 -61.55 -46.00 9.52
CA ILE M 129 -62.78 -45.41 8.99
C ILE M 129 -63.03 -44.07 9.66
N GLU M 130 -62.79 -43.97 10.97
CA GLU M 130 -62.98 -42.68 11.65
C GLU M 130 -62.02 -41.62 11.12
N GLU M 131 -60.80 -41.98 10.76
CA GLU M 131 -59.92 -40.97 10.18
C GLU M 131 -60.38 -40.62 8.77
N GLU M 132 -60.88 -41.56 7.99
CA GLU M 132 -61.40 -41.27 6.65
C GLU M 132 -62.56 -40.27 6.73
N GLN M 133 -63.43 -40.41 7.73
CA GLN M 133 -64.51 -39.46 7.95
C GLN M 133 -63.98 -38.05 8.18
N ALA M 134 -62.89 -37.93 8.94
CA ALA M 134 -62.21 -36.65 9.14
C ALA M 134 -61.76 -36.06 7.81
N HIS M 135 -61.16 -36.87 6.94
CA HIS M 135 -60.73 -36.44 5.62
C HIS M 135 -61.92 -36.00 4.76
N LEU M 136 -62.99 -36.79 4.83
CA LEU M 136 -64.20 -36.54 4.07
C LEU M 136 -64.76 -35.18 4.48
N THR M 137 -64.84 -34.93 5.78
CA THR M 137 -65.42 -33.66 6.25
C THR M 137 -64.59 -32.49 5.78
N TYR M 138 -63.28 -32.70 5.78
CA TYR M 138 -62.35 -31.64 5.36
C TYR M 138 -62.59 -31.27 3.89
N TYR M 139 -62.58 -32.27 3.03
CA TYR M 139 -62.76 -32.13 1.59
C TYR M 139 -64.13 -31.54 1.24
N GLU M 140 -65.19 -31.97 1.93
CA GLU M 140 -66.52 -31.40 1.73
C GLU M 140 -66.53 -29.93 2.14
N ASN M 141 -65.86 -29.60 3.24
CA ASN M 141 -65.77 -28.23 3.70
C ASN M 141 -65.06 -27.34 2.68
N ILE M 142 -63.89 -27.74 2.20
CA ILE M 142 -63.19 -26.87 1.25
C ILE M 142 -64.00 -26.75 -0.04
N GLY M 143 -64.52 -27.87 -0.53
CA GLY M 143 -65.35 -27.82 -1.72
C GLY M 143 -66.49 -26.84 -1.57
N SER M 144 -67.08 -26.80 -0.39
CA SER M 144 -68.24 -25.94 -0.13
C SER M 144 -67.81 -24.48 -0.17
N HIS M 145 -66.68 -24.12 0.45
CA HIS M 145 -66.19 -22.76 0.36
C HIS M 145 -65.86 -22.36 -1.06
N ILE M 146 -65.27 -23.28 -1.81
CA ILE M 146 -64.91 -22.93 -3.20
C ILE M 146 -66.18 -22.78 -4.02
N LYS M 147 -67.20 -23.60 -3.75
CA LYS M 147 -68.45 -23.45 -4.48
C LYS M 147 -69.22 -22.20 -4.08
N ASN M 148 -69.25 -21.85 -2.79
CA ASN M 148 -70.09 -20.75 -2.35
C ASN M 148 -69.44 -19.39 -2.52
N LEU M 149 -68.11 -19.36 -2.49
CA LEU M 149 -67.36 -18.12 -2.38
C LEU M 149 -66.39 -17.93 -3.54
N GLY M 150 -65.99 -19.01 -4.19
CA GLY M 150 -65.10 -19.01 -5.34
C GLY M 150 -63.77 -18.35 -5.08
N ASP M 151 -63.42 -17.41 -5.96
CA ASP M 151 -62.11 -16.77 -5.94
C ASP M 151 -61.97 -15.81 -4.76
N THR M 152 -63.09 -15.41 -4.16
CA THR M 152 -63.00 -14.62 -2.94
C THR M 152 -62.40 -15.46 -1.82
N TYR M 153 -62.69 -16.75 -1.76
CA TYR M 153 -62.03 -17.62 -0.80
C TYR M 153 -60.58 -17.86 -1.21
N LEU M 154 -60.34 -18.15 -2.48
CA LEU M 154 -58.99 -18.46 -2.96
C LEU M 154 -58.06 -17.26 -2.78
N ALA M 155 -58.59 -16.04 -2.87
CA ALA M 155 -57.75 -14.86 -2.70
C ALA M 155 -57.12 -14.81 -1.31
N LYS M 156 -57.83 -15.40 -0.37
CA LYS M 156 -57.44 -15.45 1.02
C LYS M 156 -56.37 -16.50 1.25
N ILE M 157 -56.41 -17.56 0.46
CA ILE M 157 -55.44 -18.66 0.62
C ILE M 157 -54.18 -18.38 -0.21
N ALA M 158 -54.27 -17.60 -1.28
CA ALA M 158 -53.08 -17.26 -2.07
C ALA M 158 -51.91 -16.77 -1.22
N GLY M 159 -50.74 -17.39 -1.38
CA GLY M 159 -49.56 -16.92 -0.70
C GLY M 159 -49.44 -17.28 0.76
N THR M 160 -50.36 -18.10 1.29
CA THR M 160 -50.24 -18.56 2.67
C THR M 160 -49.09 -19.56 2.80
N PRO M 161 -48.54 -19.77 3.99
CA PRO M 161 -47.46 -20.76 4.12
C PRO M 161 -47.90 -22.18 3.77
N SER M 162 -47.04 -22.99 3.15
CA SER M 162 -47.38 -24.37 2.81
C SER M 162 -46.58 -25.39 3.63
N SER M 163 -45.83 -24.90 4.61
CA SER M 163 -45.02 -25.80 5.42
C SER M 163 -45.89 -26.80 6.17
N THR M 164 -45.41 -28.02 6.31
CA THR M 164 -46.13 -29.06 7.06
C THR M 164 -45.37 -29.40 8.34
N GLY M 165 -44.44 -28.49 8.68
CA GLY M 165 -43.66 -28.64 9.89
C GLY M 165 -42.20 -28.89 9.62
N THR M 166 -41.56 -29.52 10.60
CA THR M 166 -40.15 -29.87 10.49
C THR M 166 -39.94 -31.02 9.52
N ALA M 167 -38.85 -30.95 8.76
CA ALA M 167 -38.58 -31.96 7.73
C ALA M 167 -38.57 -33.37 8.32
N SER M 168 -39.03 -34.31 7.50
N SER M 168 -38.91 -34.30 7.43
CA SER M 168 -39.27 -35.63 8.10
CA SER M 168 -38.89 -35.73 7.56
C SER M 168 -38.01 -36.43 8.34
C SER M 168 -37.67 -36.29 8.28
N LYS M 169 -38.08 -37.19 9.43
N LYS M 169 -37.87 -37.08 9.32
CA LYS M 169 -37.12 -38.22 9.78
CA LYS M 169 -36.71 -37.78 9.87
C LYS M 169 -36.60 -38.94 8.55
C LYS M 169 -36.40 -38.99 8.97
N GLY M 170 -35.30 -38.87 8.26
CA GLY M 170 -34.77 -39.72 7.22
C GLY M 170 -33.48 -40.37 7.65
N PHE M 171 -32.84 -41.09 6.74
CA PHE M 171 -31.57 -41.75 7.02
C PHE M 171 -30.41 -40.77 6.94
N VAL M 172 -30.32 -39.96 5.89
CA VAL M 172 -29.21 -39.02 5.78
C VAL M 172 -29.20 -37.95 6.88
N GLY N 3 -31.51 -26.89 -27.94
CA GLY N 3 -32.65 -26.42 -28.70
C GLY N 3 -33.27 -25.17 -28.11
N ASN N 4 -34.55 -24.89 -28.37
CA ASN N 4 -35.20 -23.69 -27.84
C ASN N 4 -35.63 -23.91 -26.39
N ARG N 5 -36.20 -22.89 -25.76
CA ARG N 5 -36.57 -22.95 -24.36
C ARG N 5 -37.46 -24.15 -24.04
N GLU N 6 -38.46 -24.37 -24.88
CA GLU N 6 -39.43 -25.42 -24.70
C GLU N 6 -38.79 -26.80 -24.75
N ASP N 7 -37.92 -26.97 -25.74
CA ASP N 7 -37.30 -28.26 -26.03
C ASP N 7 -36.32 -28.58 -24.91
N ARG N 8 -35.67 -27.54 -24.39
N ARG N 8 -35.68 -27.53 -24.40
CA ARG N 8 -34.75 -27.77 -23.29
CA ARG N 8 -34.76 -27.68 -23.29
C ARG N 8 -35.50 -28.20 -22.03
C ARG N 8 -35.51 -28.18 -22.05
N LYS N 9 -36.62 -27.53 -21.73
CA LYS N 9 -37.42 -27.90 -20.58
C LYS N 9 -37.98 -29.32 -20.71
N ALA N 10 -38.54 -29.67 -21.88
CA ALA N 10 -39.06 -31.00 -22.11
C ALA N 10 -37.99 -32.07 -21.91
N LYS N 11 -36.76 -31.83 -22.34
CA LYS N 11 -35.74 -32.86 -22.20
C LYS N 11 -35.36 -33.06 -20.74
N VAL N 12 -35.39 -31.96 -19.98
CA VAL N 12 -35.03 -32.09 -18.56
C VAL N 12 -36.19 -32.74 -17.81
N ILE N 13 -37.44 -32.36 -18.10
CA ILE N 13 -38.61 -32.98 -17.48
C ILE N 13 -38.63 -34.47 -17.78
N GLU N 14 -38.17 -34.86 -18.98
CA GLU N 14 -38.09 -36.28 -19.28
C GLU N 14 -37.14 -36.99 -18.31
N VAL N 15 -35.93 -36.50 -18.06
CA VAL N 15 -35.05 -37.25 -17.16
C VAL N 15 -35.54 -37.15 -15.71
N LEU N 16 -36.23 -36.07 -15.39
CA LEU N 16 -36.76 -35.85 -14.06
C LEU N 16 -37.85 -36.86 -13.75
N ASN N 17 -38.69 -37.15 -14.74
CA ASN N 17 -39.74 -38.14 -14.54
C ASN N 17 -39.14 -39.55 -14.56
N LYS N 18 -38.06 -39.79 -15.30
CA LYS N 18 -37.47 -41.12 -15.20
C LYS N 18 -36.87 -41.32 -13.81
N ALA N 19 -36.24 -40.28 -13.30
CA ALA N 19 -35.71 -40.30 -11.94
C ALA N 19 -36.82 -40.49 -10.91
N ARG N 20 -37.87 -39.68 -11.01
CA ARG N 20 -39.00 -39.82 -10.07
C ARG N 20 -39.57 -41.23 -10.11
N ALA N 21 -39.69 -41.85 -11.28
CA ALA N 21 -40.23 -43.20 -11.38
C ALA N 21 -39.33 -44.18 -10.66
N MET N 22 -38.01 -43.99 -10.76
CA MET N 22 -37.11 -44.86 -10.03
C MET N 22 -37.27 -44.67 -8.52
N GLU N 23 -37.50 -43.44 -8.07
CA GLU N 23 -37.73 -43.17 -6.66
C GLU N 23 -39.01 -43.83 -6.18
N LEU N 24 -40.09 -43.73 -6.95
CA LEU N 24 -41.34 -44.38 -6.58
C LEU N 24 -41.17 -45.88 -6.44
N HIS N 25 -40.34 -46.48 -7.30
CA HIS N 25 -40.03 -47.91 -7.17
C HIS N 25 -39.24 -48.20 -5.90
N ALA N 26 -38.22 -47.39 -5.62
CA ALA N 26 -37.41 -47.58 -4.42
C ALA N 26 -38.28 -47.53 -3.17
N ILE N 27 -39.22 -46.60 -3.12
CA ILE N 27 -40.11 -46.41 -1.96
C ILE N 27 -40.88 -47.69 -1.68
N HIS N 28 -41.49 -48.25 -2.71
CA HIS N 28 -42.28 -49.48 -2.54
C HIS N 28 -41.39 -50.69 -2.27
N GLN N 29 -40.22 -50.70 -2.94
CA GLN N 29 -39.31 -51.82 -2.76
C GLN N 29 -38.71 -51.91 -1.36
N TYR N 30 -38.26 -50.77 -0.83
CA TYR N 30 -37.61 -50.72 0.47
C TYR N 30 -38.63 -50.87 1.59
N MET N 31 -39.84 -50.32 1.35
CA MET N 31 -40.87 -50.48 2.39
C MET N 31 -41.32 -51.93 2.42
N ASN N 32 -41.37 -52.61 1.28
CA ASN N 32 -41.71 -54.04 1.31
C ASN N 32 -40.69 -54.79 2.17
N GLN N 33 -39.42 -54.46 1.96
CA GLN N 33 -38.38 -55.12 2.75
C GLN N 33 -38.49 -54.74 4.23
N HIS N 34 -38.81 -53.46 4.48
CA HIS N 34 -39.06 -53.02 5.84
C HIS N 34 -40.08 -53.89 6.57
N TYR N 35 -41.19 -54.19 5.89
CA TYR N 35 -42.23 -55.00 6.52
C TYR N 35 -41.72 -56.41 6.81
N SER N 36 -40.87 -56.99 5.98
CA SER N 36 -40.31 -58.31 6.24
C SER N 36 -39.37 -58.27 7.44
N LEU N 37 -38.48 -57.26 7.45
CA LEU N 37 -37.50 -57.16 8.54
C LEU N 37 -38.19 -56.93 9.87
N ASP N 38 -39.23 -56.11 9.86
CA ASP N 38 -40.00 -55.81 11.07
C ASP N 38 -40.75 -57.06 11.53
N ASP N 39 -41.36 -57.77 10.58
CA ASP N 39 -41.98 -59.05 10.87
C ASP N 39 -40.97 -59.99 11.54
N MET N 40 -39.73 -60.00 11.06
CA MET N 40 -38.69 -60.87 11.59
C MET N 40 -38.17 -60.32 12.91
N ASP N 41 -38.61 -59.11 13.27
CA ASP N 41 -38.16 -58.53 14.53
C ASP N 41 -36.67 -58.23 14.56
N TYR N 42 -36.15 -57.74 13.43
CA TYR N 42 -34.81 -57.20 13.33
C TYR N 42 -34.86 -55.69 13.34
N GLY N 43 -35.19 -55.14 14.50
CA GLY N 43 -35.52 -53.78 14.77
C GLY N 43 -34.63 -52.75 14.12
N GLU N 44 -33.33 -52.75 14.40
CA GLU N 44 -32.47 -51.72 13.83
C GLU N 44 -32.45 -51.78 12.30
N LEU N 45 -32.51 -52.99 11.77
CA LEU N 45 -32.54 -53.12 10.30
C LEU N 45 -33.86 -52.59 9.74
N ALA N 46 -34.97 -52.94 10.36
CA ALA N 46 -36.28 -52.46 9.90
C ALA N 46 -36.32 -50.94 9.94
N ALA N 47 -35.85 -50.35 11.04
CA ALA N 47 -35.87 -48.91 11.20
C ALA N 47 -35.09 -48.14 10.14
N ASN N 48 -33.84 -48.52 9.89
CA ASN N 48 -33.01 -47.83 8.92
C ASN N 48 -33.53 -48.02 7.49
N MET N 49 -34.12 -49.17 7.18
CA MET N 49 -34.74 -49.40 5.88
C MET N 49 -35.89 -48.43 5.69
N LYS N 50 -36.77 -48.27 6.67
CA LYS N 50 -37.85 -47.28 6.55
C LYS N 50 -37.30 -45.86 6.48
N LEU N 51 -36.26 -45.54 7.24
CA LEU N 51 -35.67 -44.21 7.16
C LEU N 51 -35.09 -43.96 5.77
N ILE N 52 -34.54 -44.99 5.14
CA ILE N 52 -34.01 -44.75 3.79
C ILE N 52 -35.17 -44.56 2.82
N ALA N 53 -36.24 -45.34 3.02
CA ALA N 53 -37.41 -45.17 2.18
C ALA N 53 -37.91 -43.73 2.30
N ILE N 54 -37.84 -43.16 3.50
CA ILE N 54 -38.35 -41.79 3.67
C ILE N 54 -37.43 -40.81 2.96
N ASP N 55 -36.14 -41.09 2.85
CA ASP N 55 -35.25 -40.31 1.98
C ASP N 55 -35.70 -40.39 0.53
N GLU N 56 -36.04 -41.59 0.04
CA GLU N 56 -36.51 -41.69 -1.35
C GLU N 56 -37.83 -40.95 -1.56
N MET N 57 -38.68 -40.96 -0.54
CA MET N 57 -39.93 -40.20 -0.58
C MET N 57 -39.64 -38.72 -0.81
N ARG N 58 -38.64 -38.21 -0.09
N ARG N 58 -38.64 -38.19 -0.10
CA ARG N 58 -38.21 -36.82 -0.22
CA ARG N 58 -38.25 -36.78 -0.25
C ARG N 58 -37.65 -36.53 -1.61
C ARG N 58 -37.64 -36.52 -1.61
N HIS N 59 -36.86 -37.48 -2.12
CA HIS N 59 -36.36 -37.35 -3.49
C HIS N 59 -37.50 -37.28 -4.50
N ALA N 60 -38.49 -38.16 -4.41
CA ALA N 60 -39.59 -38.15 -5.37
C ALA N 60 -40.32 -36.82 -5.34
N GLU N 61 -40.53 -36.29 -4.15
CA GLU N 61 -41.20 -35.01 -3.95
C GLU N 61 -40.36 -33.86 -4.52
N ASN N 62 -39.05 -33.84 -4.25
CA ASN N 62 -38.21 -32.79 -4.83
C ASN N 62 -38.20 -32.85 -6.35
N PHE N 63 -38.14 -34.04 -6.93
CA PHE N 63 -38.18 -34.18 -8.38
C PHE N 63 -39.52 -33.68 -8.91
N ALA N 64 -40.61 -34.05 -8.24
CA ALA N 64 -41.92 -33.56 -8.66
C ALA N 64 -42.00 -32.03 -8.59
N GLU N 65 -41.42 -31.42 -7.57
CA GLU N 65 -41.55 -29.97 -7.42
C GLU N 65 -40.83 -29.26 -8.56
N ARG N 66 -39.69 -29.80 -8.95
CA ARG N 66 -38.90 -29.24 -10.04
C ARG N 66 -39.64 -29.38 -11.38
N ILE N 67 -40.18 -30.56 -11.64
CA ILE N 67 -41.00 -30.82 -12.82
C ILE N 67 -42.13 -29.81 -12.94
N LYS N 68 -42.79 -29.53 -11.81
CA LYS N 68 -43.82 -28.50 -11.82
C LYS N 68 -43.24 -27.14 -12.19
N GLU N 69 -42.12 -26.80 -11.56
CA GLU N 69 -41.44 -25.54 -11.84
C GLU N 69 -41.13 -25.40 -13.33
N LEU N 70 -40.88 -26.52 -14.00
CA LEU N 70 -40.57 -26.49 -15.42
C LEU N 70 -41.80 -26.66 -16.30
N GLY N 71 -43.00 -26.65 -15.72
CA GLY N 71 -44.27 -26.72 -16.40
C GLY N 71 -44.66 -28.12 -16.84
N GLY N 72 -44.07 -29.14 -16.24
CA GLY N 72 -44.39 -30.52 -16.60
C GLY N 72 -45.36 -31.15 -15.62
N GLU N 73 -45.65 -32.43 -15.83
CA GLU N 73 -46.54 -33.19 -14.95
C GLU N 73 -45.75 -34.32 -14.29
N PRO N 74 -45.67 -34.30 -12.97
CA PRO N 74 -44.93 -35.37 -12.30
C PRO N 74 -45.59 -36.74 -12.49
N THR N 75 -44.83 -37.73 -12.93
CA THR N 75 -45.35 -39.07 -13.10
C THR N 75 -45.88 -39.67 -11.80
N THR N 76 -46.75 -40.67 -11.89
CA THR N 76 -47.21 -41.45 -10.75
C THR N 76 -46.96 -42.94 -10.92
N GLN N 77 -46.17 -43.33 -11.90
CA GLN N 77 -45.85 -44.71 -12.20
C GLN N 77 -44.44 -45.06 -11.76
N LYS N 78 -44.28 -46.23 -11.15
CA LYS N 78 -42.96 -46.64 -10.69
C LYS N 78 -42.21 -47.31 -11.83
N GLU N 79 -40.89 -47.25 -11.81
CA GLU N 79 -40.11 -47.90 -12.85
C GLU N 79 -39.65 -49.27 -12.37
N GLY N 80 -40.13 -50.30 -13.05
CA GLY N 80 -39.74 -51.67 -12.72
C GLY N 80 -40.75 -52.32 -11.80
N LYS N 81 -40.48 -53.60 -11.51
CA LYS N 81 -41.34 -54.36 -10.62
C LYS N 81 -40.71 -54.46 -9.25
N VAL N 82 -41.57 -54.48 -8.24
CA VAL N 82 -41.10 -54.73 -6.89
C VAL N 82 -40.95 -56.24 -6.71
N VAL N 83 -39.79 -56.66 -6.23
CA VAL N 83 -39.57 -58.06 -5.91
C VAL N 83 -39.97 -58.29 -4.46
N THR N 84 -40.80 -59.27 -4.13
CA THR N 84 -41.22 -59.51 -2.76
C THR N 84 -40.67 -60.82 -2.23
N GLY N 85 -40.65 -61.01 -0.91
CA GLY N 85 -40.23 -62.24 -0.28
C GLY N 85 -38.73 -62.48 -0.30
N GLN N 86 -37.93 -61.42 -0.41
CA GLN N 86 -36.49 -61.59 -0.46
C GLN N 86 -35.93 -61.98 0.91
N ALA N 87 -35.00 -62.93 0.91
CA ALA N 87 -34.35 -63.29 2.16
C ALA N 87 -33.36 -62.19 2.54
N VAL N 88 -32.95 -62.13 3.80
CA VAL N 88 -32.13 -61.02 4.28
C VAL N 88 -30.90 -60.78 3.43
N PRO N 89 -30.10 -61.77 3.07
CA PRO N 89 -28.91 -61.50 2.24
C PRO N 89 -29.25 -60.90 0.87
N VAL N 90 -30.35 -61.36 0.30
CA VAL N 90 -30.77 -60.88 -1.02
C VAL N 90 -31.25 -59.44 -0.92
N ILE N 91 -31.86 -59.10 0.20
CA ILE N 91 -32.29 -57.73 0.45
C ILE N 91 -31.11 -56.77 0.34
N TYR N 92 -30.04 -57.06 1.07
CA TYR N 92 -28.92 -56.11 1.08
C TYR N 92 -28.09 -56.21 -0.18
N GLU N 93 -28.02 -57.39 -0.80
CA GLU N 93 -27.28 -57.47 -2.05
C GLU N 93 -28.02 -56.73 -3.16
N SER N 94 -29.33 -56.95 -3.24
CA SER N 94 -30.07 -56.30 -4.32
C SER N 94 -30.18 -54.81 -4.06
N ASP N 95 -30.28 -54.37 -2.81
CA ASP N 95 -30.42 -52.93 -2.56
C ASP N 95 -29.13 -52.20 -2.90
N ALA N 96 -27.97 -52.79 -2.63
CA ALA N 96 -26.69 -52.18 -2.99
C ALA N 96 -26.56 -52.05 -4.51
N ASP N 97 -26.91 -53.10 -5.23
CA ASP N 97 -26.93 -53.05 -6.68
C ASP N 97 -27.89 -51.99 -7.19
N GLN N 98 -29.03 -51.86 -6.52
CA GLN N 98 -30.02 -50.88 -6.93
C GLN N 98 -29.49 -49.46 -6.77
N GLU N 99 -28.89 -49.13 -5.64
CA GLU N 99 -28.36 -47.81 -5.34
C GLU N 99 -27.21 -47.48 -6.29
N ASP N 100 -26.39 -48.48 -6.58
CA ASP N 100 -25.33 -48.34 -7.59
C ASP N 100 -25.91 -47.95 -8.93
N ALA N 101 -26.92 -48.71 -9.39
CA ALA N 101 -27.53 -48.40 -10.69
C ALA N 101 -28.17 -47.02 -10.68
N THR N 102 -28.69 -46.60 -9.55
CA THR N 102 -29.32 -45.28 -9.46
C THR N 102 -28.30 -44.17 -9.58
N ILE N 103 -27.17 -44.31 -8.89
CA ILE N 103 -26.11 -43.31 -8.99
C ILE N 103 -25.60 -43.21 -10.43
N GLU N 104 -25.48 -44.33 -11.14
CA GLU N 104 -25.04 -44.32 -12.55
C GLU N 104 -26.05 -43.60 -13.44
N ALA N 105 -27.32 -43.97 -13.26
CA ALA N 105 -28.40 -43.35 -14.02
C ALA N 105 -28.48 -41.86 -13.75
N TYR N 106 -28.53 -41.48 -12.49
CA TYR N 106 -28.65 -40.07 -12.15
C TYR N 106 -27.45 -39.29 -12.65
N SER N 107 -26.29 -39.93 -12.74
CA SER N 107 -25.11 -39.20 -13.22
C SER N 107 -25.27 -38.91 -14.72
N GLN N 108 -25.97 -39.77 -15.45
CA GLN N 108 -26.29 -39.50 -16.85
C GLN N 108 -27.38 -38.43 -16.95
N PHE N 109 -28.35 -38.48 -16.05
CA PHE N 109 -29.39 -37.46 -16.07
C PHE N 109 -28.81 -36.08 -15.79
N LEU N 110 -27.84 -36.01 -14.90
CA LEU N 110 -27.17 -34.75 -14.57
C LEU N 110 -26.52 -34.13 -15.80
N LYS N 111 -25.90 -34.96 -16.62
CA LYS N 111 -25.22 -34.48 -17.82
C LYS N 111 -26.23 -33.89 -18.82
N VAL N 112 -27.41 -34.51 -18.85
CA VAL N 112 -28.46 -33.97 -19.71
C VAL N 112 -28.84 -32.56 -19.26
N CYS N 113 -28.94 -32.37 -17.96
CA CYS N 113 -29.32 -31.08 -17.39
C CYS N 113 -28.31 -30.00 -17.77
N LYS N 114 -27.05 -30.39 -17.69
CA LYS N 114 -25.97 -29.43 -18.01
C LYS N 114 -25.98 -29.16 -19.51
N GLU N 115 -26.18 -30.22 -20.28
CA GLU N 115 -26.36 -30.13 -21.73
C GLU N 115 -27.54 -29.24 -22.12
N GLN N 116 -28.63 -29.29 -21.36
CA GLN N 116 -29.77 -28.43 -21.58
C GLN N 116 -29.61 -27.09 -20.86
N GLY N 117 -28.42 -26.86 -20.31
CA GLY N 117 -28.15 -25.67 -19.54
C GLY N 117 -29.14 -25.45 -18.40
N ASP N 118 -29.48 -26.52 -17.68
CA ASP N 118 -30.41 -26.34 -16.55
C ASP N 118 -29.63 -26.50 -15.24
N ILE N 119 -29.10 -25.40 -14.75
CA ILE N 119 -28.23 -25.46 -13.58
C ILE N 119 -28.96 -25.82 -12.30
N VAL N 120 -30.15 -25.27 -12.10
CA VAL N 120 -30.92 -25.57 -10.89
C VAL N 120 -31.19 -27.07 -10.82
N THR N 121 -31.56 -27.67 -11.96
CA THR N 121 -31.86 -29.10 -11.95
C THR N 121 -30.61 -29.94 -11.79
N ALA N 122 -29.50 -29.56 -12.43
CA ALA N 122 -28.23 -30.25 -12.22
C ALA N 122 -27.86 -30.31 -10.74
N ARG N 123 -28.03 -29.19 -10.03
CA ARG N 123 -27.72 -29.15 -8.61
C ARG N 123 -28.60 -30.06 -7.79
N LEU N 124 -29.88 -30.13 -8.13
CA LEU N 124 -30.77 -31.08 -7.49
C LEU N 124 -30.23 -32.49 -7.63
N PHE N 125 -29.88 -32.92 -8.85
CA PHE N 125 -29.31 -34.24 -9.07
C PHE N 125 -28.00 -34.47 -8.30
N GLU N 126 -27.11 -33.48 -8.27
CA GLU N 126 -25.87 -33.59 -7.51
C GLU N 126 -26.12 -33.86 -6.04
N ARG N 127 -26.99 -33.11 -5.40
CA ARG N 127 -27.29 -33.33 -3.99
C ARG N 127 -27.89 -34.71 -3.70
N ILE N 128 -28.83 -35.10 -4.56
CA ILE N 128 -29.48 -36.39 -4.33
C ILE N 128 -28.50 -37.53 -4.55
N ILE N 129 -27.62 -37.38 -5.53
CA ILE N 129 -26.61 -38.42 -5.75
C ILE N 129 -25.74 -38.63 -4.52
N GLU N 130 -25.39 -37.54 -3.83
CA GLU N 130 -24.63 -37.70 -2.59
C GLU N 130 -25.42 -38.50 -1.55
N GLU N 131 -26.73 -38.29 -1.49
CA GLU N 131 -27.54 -39.05 -0.55
C GLU N 131 -27.69 -40.49 -1.01
N GLU N 132 -27.77 -40.76 -2.31
CA GLU N 132 -27.77 -42.15 -2.77
C GLU N 132 -26.45 -42.86 -2.39
N GLN N 133 -25.34 -42.14 -2.42
CA GLN N 133 -24.06 -42.70 -2.03
C GLN N 133 -24.05 -43.09 -0.56
N ALA N 134 -24.66 -42.31 0.32
CA ALA N 134 -24.82 -42.74 1.71
C ALA N 134 -25.67 -44.01 1.84
N HIS N 135 -26.73 -44.16 1.05
CA HIS N 135 -27.54 -45.37 1.07
C HIS N 135 -26.74 -46.59 0.61
N LEU N 136 -26.01 -46.41 -0.48
CA LEU N 136 -25.19 -47.48 -1.04
C LEU N 136 -24.18 -47.96 0.01
N THR N 137 -23.48 -47.03 0.63
CA THR N 137 -22.51 -47.40 1.65
C THR N 137 -23.16 -48.19 2.78
N TYR N 138 -24.34 -47.76 3.24
CA TYR N 138 -25.05 -48.48 4.29
C TYR N 138 -25.36 -49.92 3.90
N TYR N 139 -25.90 -50.12 2.70
CA TYR N 139 -26.33 -51.44 2.24
C TYR N 139 -25.14 -52.36 2.02
N GLU N 140 -24.05 -51.85 1.46
CA GLU N 140 -22.85 -52.66 1.34
C GLU N 140 -22.35 -53.09 2.72
N ASN N 141 -22.40 -52.15 3.66
CA ASN N 141 -21.92 -52.49 4.99
C ASN N 141 -22.76 -53.59 5.64
N ILE N 142 -24.09 -53.50 5.56
CA ILE N 142 -24.90 -54.55 6.18
C ILE N 142 -24.66 -55.87 5.46
N GLY N 143 -24.66 -55.84 4.13
CA GLY N 143 -24.43 -57.07 3.37
C GLY N 143 -23.11 -57.71 3.74
N SER N 144 -22.07 -56.90 3.93
CA SER N 144 -20.78 -57.46 4.33
C SER N 144 -20.84 -58.09 5.71
N HIS N 145 -21.52 -57.50 6.68
CA HIS N 145 -21.62 -58.15 8.00
C HIS N 145 -22.40 -59.45 7.98
N ILE N 146 -23.45 -59.50 7.19
CA ILE N 146 -24.20 -60.75 7.02
C ILE N 146 -23.34 -61.85 6.41
N LYS N 147 -22.62 -61.54 5.34
CA LYS N 147 -21.66 -62.40 4.70
C LYS N 147 -20.53 -62.88 5.61
N ASN N 148 -19.92 -61.97 6.37
CA ASN N 148 -18.78 -62.33 7.20
C ASN N 148 -19.16 -62.96 8.54
N LEU N 149 -20.29 -62.63 9.13
CA LEU N 149 -20.66 -63.04 10.48
C LEU N 149 -21.98 -63.79 10.58
N GLY N 150 -22.87 -63.69 9.62
CA GLY N 150 -24.13 -64.40 9.63
C GLY N 150 -25.01 -64.19 10.85
N ASP N 151 -25.55 -65.29 11.37
CA ASP N 151 -26.47 -65.30 12.51
C ASP N 151 -25.86 -64.66 13.75
N THR N 152 -24.54 -64.68 13.81
CA THR N 152 -23.86 -64.01 14.93
C THR N 152 -24.16 -62.51 14.91
N TYR N 153 -24.26 -61.97 13.69
CA TYR N 153 -24.54 -60.54 13.57
C TYR N 153 -26.02 -60.28 13.81
N LEU N 154 -26.89 -61.04 13.15
CA LEU N 154 -28.33 -60.90 13.36
C LEU N 154 -28.76 -61.17 14.78
N ALA N 155 -28.08 -62.07 15.49
CA ALA N 155 -28.44 -62.32 16.89
C ALA N 155 -28.34 -61.02 17.68
N LYS N 156 -27.45 -60.14 17.23
CA LYS N 156 -27.30 -58.83 17.84
C LYS N 156 -28.47 -57.90 17.52
N ILE N 157 -29.01 -58.00 16.31
CA ILE N 157 -30.10 -57.14 15.89
C ILE N 157 -31.46 -57.64 16.39
N ALA N 158 -31.60 -58.94 16.58
CA ALA N 158 -32.87 -59.54 16.97
C ALA N 158 -33.47 -58.86 18.19
N GLY N 159 -34.69 -58.35 18.11
CA GLY N 159 -35.28 -57.74 19.29
C GLY N 159 -34.89 -56.33 19.57
N THR N 160 -34.11 -55.68 18.69
CA THR N 160 -33.76 -54.28 18.96
C THR N 160 -34.95 -53.37 18.69
N PRO N 161 -34.92 -52.14 19.15
CA PRO N 161 -36.03 -51.21 18.89
C PRO N 161 -36.17 -50.93 17.39
N SER N 162 -37.41 -50.87 16.90
CA SER N 162 -37.58 -50.64 15.48
C SER N 162 -38.10 -49.23 15.22
N SER N 163 -38.20 -48.41 16.26
CA SER N 163 -38.82 -47.11 16.09
C SER N 163 -37.98 -46.16 15.24
N THR N 164 -38.69 -45.37 14.44
CA THR N 164 -38.00 -44.39 13.59
C THR N 164 -38.20 -43.00 14.18
N GLY N 165 -38.77 -42.99 15.38
CA GLY N 165 -38.97 -41.78 16.14
C GLY N 165 -40.43 -41.53 16.47
N THR N 166 -40.79 -40.25 16.54
CA THR N 166 -42.18 -39.87 16.80
C THR N 166 -43.02 -40.04 15.54
N ALA N 167 -44.29 -40.38 15.72
CA ALA N 167 -45.15 -40.64 14.57
C ALA N 167 -45.20 -39.42 13.65
N SER N 168 -45.32 -39.72 12.37
N SER N 168 -45.08 -39.66 12.36
CA SER N 168 -45.67 -38.87 11.27
CA SER N 168 -44.91 -38.59 11.39
C SER N 168 -46.60 -37.71 11.66
C SER N 168 -46.15 -37.69 11.30
N LYS N 169 -46.20 -36.49 11.32
N LYS N 169 -45.94 -36.39 11.32
CA LYS N 169 -47.15 -35.39 11.53
CA LYS N 169 -46.92 -35.34 11.11
C LYS N 169 -48.04 -35.27 10.30
C LYS N 169 -48.07 -35.79 10.24
N GLY N 170 -49.32 -35.48 10.54
CA GLY N 170 -50.40 -35.77 9.64
C GLY N 170 -51.60 -34.89 9.83
N PHE N 171 -52.70 -35.20 9.12
CA PHE N 171 -53.86 -34.31 9.22
C PHE N 171 -54.66 -34.60 10.48
N VAL N 172 -54.96 -35.88 10.74
CA VAL N 172 -55.79 -36.11 11.92
C VAL N 172 -54.94 -36.02 13.20
N ASN O 4 31.48 -36.34 17.32
CA ASN O 4 31.30 -35.12 18.08
C ASN O 4 31.87 -33.86 17.42
N ARG O 5 31.13 -33.40 16.43
CA ARG O 5 31.40 -32.17 15.70
C ARG O 5 31.50 -30.98 16.66
N GLU O 6 30.60 -30.88 17.64
CA GLU O 6 30.52 -29.70 18.49
C GLU O 6 31.67 -29.62 19.49
N ASP O 7 32.13 -30.76 20.01
CA ASP O 7 33.36 -30.75 20.81
C ASP O 7 34.51 -30.22 19.95
N ARG O 8 34.62 -30.71 18.71
CA ARG O 8 35.73 -30.35 17.85
C ARG O 8 35.70 -28.88 17.47
N LYS O 9 34.57 -28.34 17.04
CA LYS O 9 34.49 -26.90 16.75
C LYS O 9 34.80 -26.06 18.00
N ALA O 10 34.31 -26.52 19.15
CA ALA O 10 34.54 -25.77 20.37
C ALA O 10 36.00 -25.77 20.79
N LYS O 11 36.71 -26.88 20.54
CA LYS O 11 38.11 -26.87 21.00
C LYS O 11 39.01 -26.07 20.05
N VAL O 12 38.63 -26.07 18.77
CA VAL O 12 39.40 -25.26 17.81
C VAL O 12 39.09 -23.80 18.06
N ILE O 13 37.82 -23.44 18.19
CA ILE O 13 37.47 -22.06 18.50
C ILE O 13 38.18 -21.57 19.74
N GLU O 14 38.45 -22.46 20.69
CA GLU O 14 39.16 -21.98 21.87
C GLU O 14 40.61 -21.63 21.56
N VAL O 15 41.31 -22.41 20.73
CA VAL O 15 42.70 -21.97 20.51
C VAL O 15 42.71 -20.81 19.52
N LEU O 16 41.75 -20.77 18.60
CA LEU O 16 41.71 -19.61 17.69
C LEU O 16 41.50 -18.33 18.48
N ASN O 17 40.70 -18.39 19.57
CA ASN O 17 40.44 -17.14 20.29
C ASN O 17 41.66 -16.82 21.14
N LYS O 18 42.38 -17.89 21.48
CA LYS O 18 43.59 -17.65 22.24
C LYS O 18 44.63 -16.96 21.36
N ALA O 19 44.81 -17.49 20.16
CA ALA O 19 45.78 -16.88 19.24
C ALA O 19 45.34 -15.46 18.92
N ARG O 20 44.03 -15.31 18.65
CA ARG O 20 43.53 -13.96 18.37
C ARG O 20 43.83 -13.01 19.51
N ALA O 21 43.72 -13.44 20.78
CA ALA O 21 44.04 -12.44 21.82
C ALA O 21 45.53 -12.17 21.85
N MET O 22 46.34 -13.13 21.40
CA MET O 22 47.77 -12.81 21.33
C MET O 22 48.02 -11.81 20.22
N GLU O 23 47.30 -11.93 19.09
CA GLU O 23 47.40 -10.90 18.06
C GLU O 23 46.92 -9.53 18.53
N LEU O 24 45.78 -9.46 19.22
CA LEU O 24 45.37 -8.12 19.68
C LEU O 24 46.41 -7.50 20.59
N HIS O 25 47.09 -8.27 21.44
CA HIS O 25 48.11 -7.68 22.31
C HIS O 25 49.29 -7.14 21.52
N ALA O 26 49.72 -7.95 20.55
CA ALA O 26 50.85 -7.67 19.66
C ALA O 26 50.60 -6.37 18.90
N ILE O 27 49.40 -6.26 18.31
CA ILE O 27 49.04 -5.02 17.64
C ILE O 27 49.28 -3.81 18.55
N HIS O 28 48.77 -3.85 19.78
CA HIS O 28 48.91 -2.69 20.65
C HIS O 28 50.36 -2.52 21.11
N GLN O 29 51.05 -3.63 21.36
CA GLN O 29 52.44 -3.57 21.78
C GLN O 29 53.33 -3.03 20.67
N TYR O 30 53.20 -3.57 19.47
CA TYR O 30 54.05 -3.04 18.40
C TYR O 30 53.69 -1.61 18.04
N MET O 31 52.41 -1.25 18.05
CA MET O 31 52.14 0.17 17.71
C MET O 31 52.62 1.09 18.81
N ASN O 32 52.59 0.64 20.08
CA ASN O 32 53.15 1.52 21.11
C ASN O 32 54.63 1.76 20.83
N GLN O 33 55.36 0.73 20.44
CA GLN O 33 56.78 0.90 20.12
C GLN O 33 56.99 1.73 18.87
N HIS O 34 56.15 1.54 17.86
CA HIS O 34 56.18 2.39 16.69
C HIS O 34 56.09 3.86 17.06
N TYR O 35 55.17 4.23 17.95
CA TYR O 35 55.04 5.66 18.27
C TYR O 35 56.32 6.17 18.92
N SER O 36 56.95 5.38 19.77
CA SER O 36 58.22 5.73 20.37
C SER O 36 59.32 5.85 19.33
N LEU O 37 59.47 4.87 18.44
CA LEU O 37 60.51 4.93 17.42
C LEU O 37 60.35 6.13 16.49
N ASP O 38 59.10 6.42 16.15
CA ASP O 38 58.78 7.55 15.29
C ASP O 38 59.13 8.85 15.98
N ASP O 39 58.77 8.92 17.27
CA ASP O 39 59.10 10.11 18.05
C ASP O 39 60.62 10.32 18.10
N MET O 40 61.39 9.24 18.11
CA MET O 40 62.84 9.28 18.14
C MET O 40 63.44 9.66 16.78
N ASP O 41 62.63 9.52 15.74
CA ASP O 41 63.03 9.83 14.38
C ASP O 41 63.99 8.76 13.88
N TYR O 42 63.75 7.51 14.26
CA TYR O 42 64.41 6.36 13.66
C TYR O 42 63.45 5.74 12.63
N GLY O 43 63.26 6.47 11.54
CA GLY O 43 62.26 6.22 10.53
C GLY O 43 62.12 4.78 10.09
N GLU O 44 63.22 4.23 9.57
CA GLU O 44 63.19 2.87 9.03
C GLU O 44 62.66 1.85 10.03
N LEU O 45 63.09 2.00 11.27
CA LEU O 45 62.66 1.12 12.35
C LEU O 45 61.17 1.32 12.67
N ALA O 46 60.75 2.58 12.65
CA ALA O 46 59.37 2.93 12.91
C ALA O 46 58.46 2.38 11.82
N ALA O 47 58.90 2.47 10.57
CA ALA O 47 58.09 2.01 9.45
C ALA O 47 57.89 0.50 9.53
N ASN O 48 58.99 -0.23 9.73
CA ASN O 48 58.88 -1.69 9.79
C ASN O 48 58.09 -2.15 11.00
N MET O 49 58.17 -1.47 12.13
CA MET O 49 57.38 -1.85 13.30
C MET O 49 55.89 -1.69 13.02
N LYS O 50 55.48 -0.61 12.36
CA LYS O 50 54.08 -0.50 11.95
C LYS O 50 53.69 -1.53 10.90
N LEU O 51 54.58 -1.88 9.96
CA LEU O 51 54.25 -2.89 8.96
C LEU O 51 54.00 -4.25 9.61
N ILE O 52 54.78 -4.61 10.62
CA ILE O 52 54.59 -5.86 11.38
C ILE O 52 53.28 -5.78 12.17
N ALA O 53 52.94 -4.65 12.77
CA ALA O 53 51.65 -4.46 13.44
C ALA O 53 50.49 -4.73 12.50
N ILE O 54 50.60 -4.20 11.28
CA ILE O 54 49.57 -4.43 10.26
C ILE O 54 49.49 -5.90 9.90
N ASP O 55 50.60 -6.63 9.83
CA ASP O 55 50.57 -8.07 9.65
C ASP O 55 49.78 -8.77 10.77
N GLU O 56 50.01 -8.35 12.01
CA GLU O 56 49.25 -8.87 13.16
C GLU O 56 47.77 -8.52 13.09
N MET O 57 47.42 -7.35 12.58
CA MET O 57 46.02 -7.01 12.36
C MET O 57 45.37 -8.01 11.41
N ARG O 58 46.09 -8.36 10.34
N ARG O 58 46.09 -8.37 10.34
CA ARG O 58 45.62 -9.33 9.36
CA ARG O 58 45.59 -9.34 9.37
C ARG O 58 45.51 -10.73 9.97
C ARG O 58 45.49 -10.74 9.99
N HIS O 59 46.39 -11.06 10.91
CA HIS O 59 46.30 -12.34 11.61
C HIS O 59 45.05 -12.37 12.51
N ALA O 60 44.85 -11.29 13.27
CA ALA O 60 43.68 -11.16 14.14
C ALA O 60 42.40 -11.33 13.33
N GLU O 61 42.34 -10.71 12.16
CA GLU O 61 41.18 -10.80 11.27
C GLU O 61 40.97 -12.20 10.73
N ASN O 62 42.05 -12.85 10.25
CA ASN O 62 41.91 -14.20 9.72
C ASN O 62 41.43 -15.15 10.82
N PHE O 63 41.92 -14.93 12.03
CA PHE O 63 41.50 -15.81 13.14
C PHE O 63 40.02 -15.55 13.42
N ALA O 64 39.62 -14.29 13.42
CA ALA O 64 38.22 -13.94 13.65
C ALA O 64 37.28 -14.54 12.61
N GLU O 65 37.69 -14.53 11.34
CA GLU O 65 36.82 -14.99 10.28
C GLU O 65 36.66 -16.51 10.35
N ARG O 66 37.76 -17.18 10.68
CA ARG O 66 37.63 -18.63 10.81
C ARG O 66 36.75 -18.97 12.01
N ILE O 67 36.93 -18.28 13.13
CA ILE O 67 36.09 -18.47 14.31
C ILE O 67 34.62 -18.35 13.92
N LYS O 68 34.28 -17.35 13.11
CA LYS O 68 32.91 -17.15 12.65
C LYS O 68 32.42 -18.30 11.78
N GLU O 69 33.28 -18.78 10.88
CA GLU O 69 32.93 -19.94 10.06
C GLU O 69 32.60 -21.14 10.95
N LEU O 70 33.24 -21.25 12.10
CA LEU O 70 33.06 -22.38 13.02
C LEU O 70 31.92 -22.14 14.03
N GLY O 71 31.25 -21.00 13.90
CA GLY O 71 30.13 -20.56 14.67
C GLY O 71 30.50 -20.00 16.02
N GLY O 72 31.68 -19.42 16.18
CA GLY O 72 32.08 -18.85 17.45
C GLY O 72 31.94 -17.34 17.46
N GLU O 73 32.36 -16.74 18.56
CA GLU O 73 32.42 -15.30 18.75
C GLU O 73 33.90 -14.90 18.88
N PRO O 74 34.40 -14.08 17.96
CA PRO O 74 35.79 -13.63 18.04
C PRO O 74 36.02 -12.79 19.28
N THR O 75 37.00 -13.11 20.11
CA THR O 75 37.26 -12.28 21.29
C THR O 75 37.65 -10.84 20.96
N THR O 76 37.46 -9.88 21.86
CA THR O 76 37.89 -8.50 21.72
C THR O 76 38.92 -8.13 22.79
N GLN O 77 39.35 -9.12 23.58
CA GLN O 77 40.26 -8.78 24.65
C GLN O 77 41.67 -9.27 24.35
N LYS O 78 42.68 -8.51 24.71
CA LYS O 78 44.07 -8.89 24.42
C LYS O 78 44.65 -9.69 25.58
N GLU O 79 45.57 -10.59 25.25
CA GLU O 79 46.19 -11.43 26.28
C GLU O 79 47.43 -10.74 26.82
N GLY O 80 47.47 -10.56 28.15
CA GLY O 80 48.66 -10.03 28.77
C GLY O 80 48.72 -8.51 28.73
N LYS O 81 49.75 -7.95 29.33
CA LYS O 81 49.84 -6.50 29.43
C LYS O 81 50.81 -5.91 28.41
N VAL O 82 50.44 -4.70 27.98
CA VAL O 82 51.32 -3.96 27.10
C VAL O 82 52.34 -3.24 27.96
N VAL O 83 53.62 -3.45 27.64
CA VAL O 83 54.69 -2.69 28.27
C VAL O 83 55.00 -1.41 27.50
N THR O 84 55.04 -0.27 28.18
CA THR O 84 55.32 1.01 27.55
C THR O 84 56.67 1.54 28.02
N GLY O 85 57.09 2.65 27.42
CA GLY O 85 58.35 3.31 27.66
C GLY O 85 59.56 2.42 27.49
N GLN O 86 59.43 1.36 26.67
CA GLN O 86 60.58 0.49 26.45
C GLN O 86 61.67 1.20 25.66
N ALA O 87 62.90 1.05 26.14
CA ALA O 87 64.05 1.59 25.44
C ALA O 87 64.37 0.73 24.21
N VAL O 88 65.10 1.29 23.26
CA VAL O 88 65.32 0.62 21.99
C VAL O 88 65.90 -0.77 22.11
N PRO O 89 66.93 -1.02 22.89
CA PRO O 89 67.41 -2.41 23.05
C PRO O 89 66.34 -3.34 23.58
N VAL O 90 65.53 -2.85 24.52
CA VAL O 90 64.49 -3.71 25.10
C VAL O 90 63.36 -3.99 24.11
N ILE O 91 63.02 -3.01 23.28
CA ILE O 91 62.03 -3.25 22.23
C ILE O 91 62.38 -4.46 21.40
N TYR O 92 63.59 -4.50 20.82
CA TYR O 92 63.93 -5.64 19.96
C TYR O 92 64.10 -6.92 20.74
N GLU O 93 64.77 -6.84 21.90
CA GLU O 93 64.90 -8.05 22.68
C GLU O 93 63.55 -8.60 23.09
N SER O 94 62.66 -7.73 23.54
CA SER O 94 61.35 -8.23 23.97
C SER O 94 60.51 -8.64 22.77
N ASP O 95 60.62 -7.96 21.62
CA ASP O 95 59.81 -8.41 20.47
C ASP O 95 60.30 -9.76 19.97
N ALA O 96 61.63 -9.95 19.98
CA ALA O 96 62.17 -11.24 19.60
C ALA O 96 61.65 -12.34 20.51
N ASP O 97 61.62 -12.09 21.82
CA ASP O 97 61.14 -13.10 22.76
C ASP O 97 59.65 -13.42 22.57
N GLN O 98 58.82 -12.41 22.41
CA GLN O 98 57.40 -12.58 22.17
C GLN O 98 57.10 -13.30 20.85
N GLU O 99 57.85 -13.04 19.78
CA GLU O 99 57.62 -13.78 18.55
C GLU O 99 57.98 -15.26 18.69
N ASP O 100 59.05 -15.51 19.44
CA ASP O 100 59.42 -16.92 19.64
C ASP O 100 58.35 -17.61 20.48
N ALA O 101 57.89 -16.99 21.55
CA ALA O 101 56.79 -17.53 22.35
C ALA O 101 55.52 -17.74 21.54
N THR O 102 55.23 -16.87 20.58
CA THR O 102 54.04 -17.04 19.73
C THR O 102 54.17 -18.24 18.82
N ILE O 103 55.36 -18.43 18.22
CA ILE O 103 55.53 -19.61 17.35
C ILE O 103 55.35 -20.86 18.18
N GLU O 104 55.90 -20.87 19.41
CA GLU O 104 55.71 -22.04 20.28
C GLU O 104 54.25 -22.28 20.59
N ALA O 105 53.52 -21.21 20.92
CA ALA O 105 52.11 -21.32 21.24
C ALA O 105 51.28 -21.81 20.08
N TYR O 106 51.51 -21.23 18.91
CA TYR O 106 50.72 -21.61 17.74
C TYR O 106 51.05 -23.02 17.25
N SER O 107 52.28 -23.48 17.49
CA SER O 107 52.59 -24.85 17.05
C SER O 107 51.80 -25.81 17.93
N GLN O 108 51.52 -25.41 19.17
N GLN O 108 51.49 -25.42 19.17
CA GLN O 108 50.68 -26.17 20.06
CA GLN O 108 50.65 -26.30 20.00
C GLN O 108 49.22 -26.16 19.58
C GLN O 108 49.19 -26.18 19.59
N PHE O 109 48.79 -24.99 19.15
CA PHE O 109 47.41 -24.77 18.70
C PHE O 109 47.16 -25.56 17.41
N LEU O 110 48.19 -25.58 16.58
CA LEU O 110 48.17 -26.37 15.35
C LEU O 110 47.91 -27.83 15.67
N LYS O 111 48.55 -28.28 16.75
CA LYS O 111 48.46 -29.67 17.19
C LYS O 111 47.01 -30.02 17.52
N VAL O 112 46.33 -29.15 18.24
CA VAL O 112 44.93 -29.32 18.60
C VAL O 112 44.03 -29.40 17.38
N CYS O 113 44.23 -28.45 16.47
CA CYS O 113 43.53 -28.49 15.18
C CYS O 113 43.65 -29.86 14.54
N LYS O 114 44.88 -30.38 14.43
CA LYS O 114 45.05 -31.69 13.79
C LYS O 114 44.34 -32.77 14.59
N GLU O 115 44.40 -32.72 15.91
CA GLU O 115 43.72 -33.69 16.75
C GLU O 115 42.21 -33.63 16.59
N GLN O 116 41.68 -32.44 16.34
CA GLN O 116 40.25 -32.23 16.16
C GLN O 116 39.82 -32.41 14.70
N GLY O 117 40.71 -32.92 13.86
CA GLY O 117 40.40 -33.13 12.46
C GLY O 117 40.00 -31.85 11.75
N ASP O 118 40.58 -30.72 12.13
CA ASP O 118 40.31 -29.46 11.44
C ASP O 118 41.48 -29.06 10.54
N ILE O 119 41.52 -29.58 9.33
CA ILE O 119 42.58 -29.34 8.36
C ILE O 119 42.64 -27.88 7.89
N VAL O 120 41.49 -27.28 7.62
CA VAL O 120 41.46 -25.89 7.18
C VAL O 120 42.07 -24.98 8.22
N THR O 121 41.74 -25.16 9.48
CA THR O 121 42.32 -24.32 10.53
C THR O 121 43.78 -24.65 10.78
N ALA O 122 44.15 -25.92 10.63
CA ALA O 122 45.56 -26.27 10.78
C ALA O 122 46.40 -25.52 9.74
N ARG O 123 45.92 -25.48 8.50
CA ARG O 123 46.64 -24.77 7.43
C ARG O 123 46.73 -23.28 7.71
N LEU O 124 45.65 -22.70 8.24
CA LEU O 124 45.72 -21.30 8.67
C LEU O 124 46.84 -21.08 9.69
N PHE O 125 47.00 -21.97 10.67
CA PHE O 125 48.07 -21.77 11.64
C PHE O 125 49.45 -21.95 11.00
N GLU O 126 49.62 -22.96 10.16
CA GLU O 126 50.93 -23.16 9.51
C GLU O 126 51.33 -21.91 8.74
N ARG O 127 50.39 -21.36 7.96
N ARG O 127 50.38 -21.36 7.98
CA ARG O 127 50.68 -20.14 7.20
CA ARG O 127 50.60 -20.16 7.18
C ARG O 127 51.06 -18.98 8.09
C ARG O 127 51.01 -18.97 8.05
N ILE O 128 50.33 -18.78 9.18
CA ILE O 128 50.64 -17.64 10.08
C ILE O 128 51.95 -17.84 10.83
N ILE O 129 52.24 -19.06 11.24
CA ILE O 129 53.52 -19.41 11.87
C ILE O 129 54.69 -19.02 10.99
N GLU O 130 54.66 -19.32 9.69
CA GLU O 130 55.75 -18.89 8.79
C GLU O 130 55.89 -17.38 8.68
N GLU O 131 54.82 -16.58 8.72
CA GLU O 131 54.93 -15.15 8.86
C GLU O 131 55.52 -14.72 10.21
N GLU O 132 55.15 -15.40 11.28
CA GLU O 132 55.70 -15.05 12.59
C GLU O 132 57.21 -15.26 12.61
N GLN O 133 57.67 -16.28 11.88
CA GLN O 133 59.11 -16.54 11.73
C GLN O 133 59.77 -15.41 10.98
N ALA O 134 59.09 -14.80 10.01
CA ALA O 134 59.68 -13.65 9.32
C ALA O 134 59.87 -12.48 10.26
N HIS O 135 58.91 -12.28 11.16
CA HIS O 135 58.99 -11.22 12.15
C HIS O 135 60.10 -11.50 13.16
N LEU O 136 60.17 -12.76 13.61
CA LEU O 136 61.19 -13.14 14.57
C LEU O 136 62.59 -12.83 14.05
N THR O 137 62.86 -13.30 12.84
CA THR O 137 64.14 -13.08 12.19
C THR O 137 64.45 -11.60 12.12
N TYR O 138 63.45 -10.82 11.71
CA TYR O 138 63.64 -9.38 11.65
C TYR O 138 64.07 -8.83 12.99
N TYR O 139 63.32 -9.11 14.06
CA TYR O 139 63.64 -8.55 15.37
C TYR O 139 64.99 -9.02 15.89
N GLU O 140 65.29 -10.29 15.67
CA GLU O 140 66.58 -10.86 16.03
C GLU O 140 67.71 -10.08 15.36
N ASN O 141 67.65 -9.86 14.05
CA ASN O 141 68.65 -9.09 13.32
C ASN O 141 68.80 -7.67 13.83
N ILE O 142 67.71 -6.93 14.05
CA ILE O 142 67.85 -5.55 14.55
C ILE O 142 68.48 -5.56 15.93
N GLY O 143 68.03 -6.41 16.84
CA GLY O 143 68.61 -6.49 18.17
C GLY O 143 70.11 -6.74 18.11
N SER O 144 70.52 -7.64 17.23
CA SER O 144 71.94 -7.94 17.09
C SER O 144 72.72 -6.73 16.60
N HIS O 145 72.21 -6.02 15.60
CA HIS O 145 72.95 -4.86 15.12
C HIS O 145 73.14 -3.83 16.22
N ILE O 146 72.06 -3.57 16.93
CA ILE O 146 72.10 -2.59 18.01
C ILE O 146 73.11 -3.00 19.08
N LYS O 147 73.20 -4.30 19.36
CA LYS O 147 74.09 -4.82 20.39
C LYS O 147 75.57 -4.84 19.98
N ASN O 148 75.84 -5.09 18.71
CA ASN O 148 77.20 -5.14 18.21
C ASN O 148 77.71 -3.80 17.66
N LEU O 149 76.84 -2.92 17.20
CA LEU O 149 77.35 -1.69 16.57
C LEU O 149 76.88 -0.46 17.32
N GLY O 150 75.89 -0.64 18.20
CA GLY O 150 75.40 0.44 19.03
C GLY O 150 74.99 1.68 18.24
N ASP O 151 75.45 2.85 18.67
CA ASP O 151 75.13 4.14 18.10
C ASP O 151 75.65 4.31 16.67
N THR O 152 76.60 3.47 16.29
CA THR O 152 77.10 3.57 14.92
C THR O 152 76.02 3.16 13.93
N TYR O 153 75.23 2.16 14.35
CA TYR O 153 74.14 1.67 13.49
C TYR O 153 72.95 2.62 13.52
N LEU O 154 72.66 3.19 14.68
CA LEU O 154 71.54 4.11 14.86
C LEU O 154 71.72 5.41 14.07
N ALA O 155 72.92 5.99 14.06
CA ALA O 155 73.17 7.19 13.25
C ALA O 155 72.76 6.92 11.81
N LYS O 156 72.89 5.68 11.37
CA LYS O 156 72.45 5.36 10.00
C LYS O 156 70.93 5.40 9.87
N ILE O 157 70.21 5.04 10.93
CA ILE O 157 68.75 5.04 10.89
C ILE O 157 68.19 6.44 11.12
N ALA O 158 68.96 7.31 11.76
CA ALA O 158 68.48 8.66 12.11
C ALA O 158 68.01 9.47 10.92
N GLY O 159 66.77 9.98 10.97
CA GLY O 159 66.34 10.84 9.89
C GLY O 159 65.85 10.13 8.66
N THR O 160 65.87 8.79 8.65
CA THR O 160 65.36 8.09 7.47
C THR O 160 63.85 8.25 7.34
N PRO O 161 63.29 8.05 6.17
CA PRO O 161 61.82 8.14 6.03
C PRO O 161 61.13 7.06 6.85
N SER O 162 59.98 7.38 7.41
CA SER O 162 59.21 6.40 8.17
C SER O 162 57.95 5.97 7.44
N SER O 163 57.66 6.52 6.28
CA SER O 163 56.44 6.24 5.54
C SER O 163 56.28 4.76 5.25
N THR O 164 55.06 4.25 5.37
CA THR O 164 54.78 2.84 5.14
C THR O 164 54.00 2.65 3.84
N GLY O 165 53.76 3.77 3.18
CA GLY O 165 53.11 3.76 1.89
C GLY O 165 51.99 4.78 1.81
N THR O 166 51.11 4.57 0.84
CA THR O 166 49.94 5.43 0.67
C THR O 166 48.98 5.26 1.84
N ALA O 167 48.25 6.33 2.17
CA ALA O 167 47.26 6.31 3.24
C ALA O 167 46.25 5.17 3.04
N SER O 168 45.92 4.47 4.13
N SER O 168 46.00 4.56 4.19
CA SER O 168 45.06 3.30 3.99
CA SER O 168 45.05 3.52 4.51
C SER O 168 43.61 3.66 3.64
C SER O 168 43.67 3.80 3.91
N LYS O 169 43.05 2.90 2.71
N LYS O 169 43.21 2.87 3.07
CA LYS O 169 41.68 2.97 2.24
CA LYS O 169 41.85 2.90 2.54
C LYS O 169 40.69 3.11 3.40
C LYS O 169 40.90 3.27 3.66
N GLY O 170 39.99 4.23 3.48
CA GLY O 170 39.08 4.47 4.59
C GLY O 170 37.68 4.73 4.07
N PHE O 171 36.78 5.07 4.99
CA PHE O 171 35.42 5.44 4.64
C PHE O 171 35.37 6.89 4.16
N VAL O 172 35.95 7.79 4.94
CA VAL O 172 35.94 9.19 4.52
C VAL O 172 37.01 9.40 3.44
N GLY P 3 47.49 27.98 33.34
CA GLY P 3 48.52 27.13 33.92
C GLY P 3 49.89 27.40 33.33
N ASN P 4 50.91 26.69 33.80
CA ASN P 4 52.27 26.83 33.25
C ASN P 4 52.37 25.97 31.99
N ARG P 5 53.54 25.91 31.36
CA ARG P 5 53.62 25.14 30.12
C ARG P 5 53.22 23.70 30.34
N GLU P 6 53.78 23.07 31.36
CA GLU P 6 53.57 21.67 31.67
C GLU P 6 52.11 21.34 32.00
N ASP P 7 51.47 22.24 32.72
CA ASP P 7 50.08 22.14 33.17
C ASP P 7 49.16 21.98 31.96
N ARG P 8 49.32 22.86 31.00
CA ARG P 8 48.56 22.88 29.76
C ARG P 8 48.78 21.62 28.95
N LYS P 9 50.06 21.22 28.82
CA LYS P 9 50.32 20.00 28.06
C LYS P 9 49.58 18.83 28.69
N ALA P 10 49.64 18.71 30.01
CA ALA P 10 49.07 17.59 30.73
C ALA P 10 47.56 17.52 30.61
N LYS P 11 46.92 18.68 30.68
CA LYS P 11 45.48 18.78 30.50
C LYS P 11 45.04 18.35 29.10
N VAL P 12 45.81 18.69 28.08
CA VAL P 12 45.49 18.28 26.71
C VAL P 12 45.83 16.82 26.48
N ILE P 13 46.94 16.36 27.05
CA ILE P 13 47.28 14.94 26.91
C ILE P 13 46.19 14.09 27.53
N GLU P 14 45.58 14.61 28.60
CA GLU P 14 44.48 13.87 29.22
C GLU P 14 43.29 13.73 28.28
N VAL P 15 42.83 14.80 27.64
CA VAL P 15 41.65 14.61 26.77
C VAL P 15 42.02 13.80 25.53
N LEU P 16 43.26 13.94 25.05
CA LEU P 16 43.71 13.16 23.90
C LEU P 16 43.67 11.68 24.22
N ASN P 17 44.08 11.33 25.45
CA ASN P 17 44.09 9.91 25.81
C ASN P 17 42.67 9.38 26.00
N LYS P 18 41.77 10.25 26.46
CA LYS P 18 40.35 9.91 26.57
C LYS P 18 39.76 9.63 25.19
N ALA P 19 40.02 10.52 24.25
CA ALA P 19 39.62 10.32 22.85
C ALA P 19 40.24 9.06 22.25
N ARG P 20 41.54 8.86 22.55
CA ARG P 20 42.19 7.69 21.96
C ARG P 20 41.55 6.41 22.45
N ALA P 21 41.21 6.38 23.74
CA ALA P 21 40.56 5.20 24.29
C ALA P 21 39.19 5.00 23.63
N MET P 22 38.52 6.09 23.26
CA MET P 22 37.25 5.96 22.56
C MET P 22 37.48 5.37 21.17
N GLU P 23 38.52 5.82 20.47
CA GLU P 23 38.80 5.23 19.16
C GLU P 23 39.15 3.75 19.27
N LEU P 24 39.94 3.39 20.28
CA LEU P 24 40.30 1.99 20.45
C LEU P 24 39.06 1.13 20.68
N HIS P 25 38.09 1.68 21.39
CA HIS P 25 36.81 0.99 21.57
C HIS P 25 36.06 0.83 20.25
N ALA P 26 35.91 1.89 19.47
CA ALA P 26 35.17 1.86 18.21
C ALA P 26 35.78 0.87 17.23
N ILE P 27 37.12 0.84 17.21
CA ILE P 27 37.80 -0.13 16.35
C ILE P 27 37.37 -1.54 16.69
N HIS P 28 37.45 -1.93 17.97
CA HIS P 28 37.05 -3.29 18.29
C HIS P 28 35.55 -3.50 18.13
N GLN P 29 34.76 -2.48 18.41
CA GLN P 29 33.31 -2.61 18.27
C GLN P 29 32.84 -2.74 16.82
N TYR P 30 33.35 -1.87 15.96
CA TYR P 30 33.00 -1.89 14.53
C TYR P 30 33.55 -3.11 13.82
N MET P 31 34.76 -3.56 14.20
CA MET P 31 35.25 -4.79 13.57
C MET P 31 34.47 -6.00 14.03
N ASN P 32 34.07 -6.06 15.29
CA ASN P 32 33.21 -7.17 15.74
C ASN P 32 31.97 -7.26 14.84
N GLN P 33 31.31 -6.13 14.62
CA GLN P 33 30.14 -6.02 13.77
C GLN P 33 30.41 -6.37 12.32
N HIS P 34 31.57 -5.92 11.82
CA HIS P 34 31.97 -6.32 10.49
C HIS P 34 32.06 -7.83 10.38
N TYR P 35 32.63 -8.49 11.41
CA TYR P 35 32.72 -9.94 11.36
C TYR P 35 31.34 -10.57 11.31
N SER P 36 30.36 -10.00 11.99
CA SER P 36 29.00 -10.56 11.90
C SER P 36 28.41 -10.33 10.52
N LEU P 37 28.50 -9.11 10.02
CA LEU P 37 27.92 -8.72 8.73
C LEU P 37 28.52 -9.54 7.61
N ASP P 38 29.82 -9.76 7.71
CA ASP P 38 30.51 -10.60 6.72
C ASP P 38 29.98 -12.03 6.78
N ASP P 39 29.73 -12.51 7.99
CA ASP P 39 29.21 -13.86 8.21
C ASP P 39 27.81 -13.99 7.64
N MET P 40 27.04 -12.91 7.70
CA MET P 40 25.71 -12.95 7.12
C MET P 40 25.75 -12.80 5.61
N ASP P 41 26.90 -12.45 5.06
CA ASP P 41 27.11 -12.28 3.63
C ASP P 41 26.35 -11.05 3.11
N TYR P 42 26.38 -9.98 3.92
CA TYR P 42 25.90 -8.66 3.52
C TYR P 42 27.10 -7.78 3.12
N GLY P 43 27.64 -8.03 1.94
CA GLY P 43 28.90 -7.48 1.46
C GLY P 43 29.07 -6.00 1.62
N GLU P 44 28.20 -5.20 1.02
CA GLU P 44 28.35 -3.76 1.06
C GLU P 44 28.39 -3.24 2.49
N LEU P 45 27.57 -3.80 3.37
CA LEU P 45 27.52 -3.38 4.76
C LEU P 45 28.77 -3.74 5.51
N ALA P 46 29.20 -5.00 5.31
CA ALA P 46 30.44 -5.40 5.97
C ALA P 46 31.61 -4.55 5.47
N ALA P 47 31.68 -4.28 4.17
CA ALA P 47 32.83 -3.53 3.63
C ALA P 47 32.89 -2.14 4.27
N ASN P 48 31.74 -1.45 4.28
CA ASN P 48 31.73 -0.10 4.80
C ASN P 48 31.99 -0.09 6.30
N MET P 49 31.55 -1.11 7.03
CA MET P 49 31.89 -1.17 8.45
C MET P 49 33.40 -1.28 8.65
N LYS P 50 34.10 -2.10 7.87
CA LYS P 50 35.55 -2.19 8.03
C LYS P 50 36.23 -0.91 7.58
N LEU P 51 35.69 -0.22 6.59
CA LEU P 51 36.34 1.03 6.17
C LEU P 51 36.20 2.10 7.24
N ILE P 52 35.06 2.09 7.95
CA ILE P 52 34.89 3.07 9.02
C ILE P 52 35.82 2.70 10.16
N ALA P 53 35.98 1.39 10.46
CA ALA P 53 36.89 0.99 11.54
C ALA P 53 38.31 1.45 11.22
N ILE P 54 38.70 1.34 9.94
CA ILE P 54 40.03 1.82 9.52
C ILE P 54 40.14 3.32 9.70
N ASP P 55 39.09 4.09 9.45
CA ASP P 55 39.13 5.51 9.80
C ASP P 55 39.40 5.68 11.29
N GLU P 56 38.82 4.80 12.12
CA GLU P 56 39.02 4.94 13.57
C GLU P 56 40.45 4.59 13.96
N MET P 57 41.04 3.56 13.36
CA MET P 57 42.44 3.27 13.53
C MET P 57 43.32 4.48 13.27
N ARG P 58 42.97 5.24 12.23
N ARG P 58 42.99 5.24 12.23
CA ARG P 58 43.78 6.40 11.88
CA ARG P 58 43.77 6.42 11.84
C ARG P 58 43.59 7.51 12.89
C ARG P 58 43.55 7.57 12.81
N HIS P 59 42.36 7.67 13.40
CA HIS P 59 42.14 8.64 14.46
C HIS P 59 42.99 8.25 15.67
N ALA P 60 42.91 6.98 16.04
CA ALA P 60 43.71 6.49 17.15
C ALA P 60 45.19 6.86 16.97
N GLU P 61 45.75 6.64 15.78
CA GLU P 61 47.14 6.91 15.45
C GLU P 61 47.48 8.39 15.49
N ASN P 62 46.60 9.20 14.92
CA ASN P 62 46.76 10.65 14.98
C ASN P 62 46.73 11.14 16.43
N PHE P 63 45.82 10.59 17.25
CA PHE P 63 45.81 11.01 18.64
C PHE P 63 47.11 10.64 19.32
N ALA P 64 47.58 9.42 19.10
CA ALA P 64 48.82 8.98 19.72
C ALA P 64 50.01 9.81 19.26
N GLU P 65 50.07 10.10 17.96
CA GLU P 65 51.18 10.91 17.46
C GLU P 65 51.20 12.27 18.13
N ARG P 66 50.03 12.85 18.33
CA ARG P 66 50.02 14.17 18.95
C ARG P 66 50.37 14.08 20.42
N ILE P 67 49.94 13.00 21.07
CA ILE P 67 50.29 12.77 22.47
C ILE P 67 51.81 12.67 22.58
N LYS P 68 52.45 11.96 21.65
CA LYS P 68 53.91 11.93 21.66
C LYS P 68 54.50 13.33 21.49
N GLU P 69 53.99 14.15 20.59
CA GLU P 69 54.48 15.51 20.35
C GLU P 69 54.47 16.36 21.62
N LEU P 70 53.55 16.05 22.52
CA LEU P 70 53.36 16.81 23.75
C LEU P 70 54.04 16.13 24.94
N GLY P 71 54.84 15.11 24.71
CA GLY P 71 55.60 14.45 25.74
C GLY P 71 54.81 13.46 26.55
N GLY P 72 53.70 12.93 26.03
CA GLY P 72 52.93 11.99 26.83
C GLY P 72 53.09 10.56 26.37
N GLU P 73 52.36 9.64 26.99
CA GLU P 73 52.34 8.24 26.60
C GLU P 73 50.95 7.86 26.09
N PRO P 74 50.86 7.34 24.87
CA PRO P 74 49.58 6.93 24.32
C PRO P 74 49.02 5.71 25.07
N THR P 75 47.77 5.87 25.51
CA THR P 75 47.10 4.78 26.22
C THR P 75 46.98 3.54 25.33
N THR P 76 46.90 2.39 26.00
CA THR P 76 46.65 1.15 25.29
C THR P 76 45.29 0.58 25.68
N GLN P 77 44.49 1.30 26.45
CA GLN P 77 43.23 0.68 26.87
C GLN P 77 42.03 1.31 26.19
N LYS P 78 41.05 0.50 25.77
CA LYS P 78 39.85 1.02 25.14
C LYS P 78 38.85 1.50 26.19
N GLU P 79 38.15 2.58 25.85
CA GLU P 79 37.18 3.17 26.76
C GLU P 79 35.85 2.45 26.66
N GLY P 80 35.49 1.72 27.71
CA GLY P 80 34.22 1.03 27.76
C GLY P 80 34.28 -0.42 27.33
N LYS P 81 33.10 -1.00 27.15
CA LYS P 81 33.09 -2.42 26.85
C LYS P 81 32.50 -2.66 25.47
N VAL P 82 33.04 -3.67 24.79
CA VAL P 82 32.54 -4.03 23.48
C VAL P 82 31.31 -4.93 23.61
N VAL P 83 30.23 -4.56 22.91
CA VAL P 83 29.02 -5.36 22.88
C VAL P 83 29.00 -6.26 21.66
N THR P 84 28.86 -7.56 21.88
CA THR P 84 28.89 -8.53 20.78
C THR P 84 27.53 -9.18 20.56
N GLY P 85 27.43 -9.88 19.43
CA GLY P 85 26.24 -10.57 19.00
C GLY P 85 25.10 -9.62 18.68
N GLN P 86 25.38 -8.35 18.36
CA GLN P 86 24.27 -7.44 18.10
C GLN P 86 23.53 -7.84 16.84
N ALA P 87 22.21 -7.69 16.87
CA ALA P 87 21.42 -7.93 15.65
C ALA P 87 21.61 -6.75 14.71
N VAL P 88 21.32 -6.95 13.43
CA VAL P 88 21.53 -5.88 12.45
C VAL P 88 20.85 -4.58 12.83
N PRO P 89 19.58 -4.56 13.20
CA PRO P 89 18.97 -3.27 13.56
C PRO P 89 19.71 -2.62 14.72
N VAL P 90 20.20 -3.44 15.65
CA VAL P 90 20.91 -2.92 16.82
C VAL P 90 22.28 -2.35 16.44
N ILE P 91 22.94 -2.97 15.48
CA ILE P 91 24.26 -2.40 15.08
C ILE P 91 24.18 -0.94 14.69
N TYR P 92 23.25 -0.61 13.79
CA TYR P 92 23.18 0.74 13.22
C TYR P 92 22.60 1.72 14.21
N GLU P 93 21.65 1.31 15.04
N GLU P 93 21.66 1.26 15.02
CA GLU P 93 21.14 2.27 16.02
CA GLU P 93 21.08 2.10 16.07
C GLU P 93 22.17 2.50 17.11
C GLU P 93 22.14 2.47 17.09
N SER P 94 22.84 1.44 17.58
CA SER P 94 23.88 1.75 18.59
C SER P 94 25.07 2.47 17.96
N ASP P 95 25.43 2.17 16.71
CA ASP P 95 26.55 2.92 16.11
C ASP P 95 26.21 4.37 15.89
N ALA P 96 24.99 4.71 15.44
CA ALA P 96 24.63 6.13 15.36
C ALA P 96 24.69 6.80 16.71
N ASP P 97 24.11 6.16 17.75
CA ASP P 97 24.20 6.75 19.09
C ASP P 97 25.65 7.00 19.50
N GLN P 98 26.48 5.97 19.30
CA GLN P 98 27.88 6.06 19.68
C GLN P 98 28.54 7.22 18.95
N GLU P 99 28.26 7.42 17.67
CA GLU P 99 28.97 8.47 16.91
C GLU P 99 28.51 9.83 17.41
N ASP P 100 27.20 9.92 17.65
CA ASP P 100 26.71 11.20 18.16
C ASP P 100 27.37 11.56 19.50
N ALA P 101 27.53 10.55 20.34
CA ALA P 101 28.16 10.75 21.65
C ALA P 101 29.61 11.19 21.54
N THR P 102 30.32 10.56 20.61
CA THR P 102 31.72 10.89 20.37
C THR P 102 31.85 12.33 19.93
N ILE P 103 30.89 12.75 19.10
CA ILE P 103 30.98 14.11 18.58
C ILE P 103 30.72 15.11 19.70
N GLU P 104 29.79 14.78 20.59
CA GLU P 104 29.55 15.61 21.77
C GLU P 104 30.80 15.65 22.65
N ALA P 105 31.35 14.46 22.89
CA ALA P 105 32.57 14.35 23.69
C ALA P 105 33.74 15.11 23.10
N TYR P 106 34.02 14.92 21.80
CA TYR P 106 35.16 15.58 21.18
C TYR P 106 34.98 17.10 21.12
N SER P 107 33.73 17.55 20.98
CA SER P 107 33.51 19.00 20.93
C SER P 107 33.82 19.65 22.27
N GLN P 108 33.63 18.91 23.37
CA GLN P 108 34.07 19.40 24.67
C GLN P 108 35.59 19.29 24.79
N PHE P 109 36.18 18.20 24.29
CA PHE P 109 37.64 18.07 24.31
C PHE P 109 38.31 19.24 23.61
N LEU P 110 37.66 19.69 22.55
CA LEU P 110 38.11 20.81 21.72
C LEU P 110 38.16 22.10 22.52
N LYS P 111 37.08 22.37 23.24
CA LYS P 111 37.02 23.52 24.13
C LYS P 111 38.18 23.51 25.13
N VAL P 112 38.50 22.32 25.64
CA VAL P 112 39.64 22.22 26.54
C VAL P 112 40.91 22.68 25.85
N CYS P 113 41.19 22.13 24.67
CA CYS P 113 42.40 22.52 23.95
C CYS P 113 42.44 24.02 23.71
N LYS P 114 41.29 24.61 23.40
CA LYS P 114 41.32 26.05 23.12
C LYS P 114 41.59 26.83 24.40
N GLU P 115 40.97 26.38 25.51
CA GLU P 115 41.24 26.97 26.81
C GLU P 115 42.69 26.79 27.25
N GLN P 116 43.32 25.68 26.87
CA GLN P 116 44.72 25.46 27.24
C GLN P 116 45.67 26.04 26.20
N GLY P 117 45.15 26.84 25.26
CA GLY P 117 45.95 27.50 24.25
C GLY P 117 46.70 26.58 23.29
N ASP P 118 46.12 25.46 22.93
CA ASP P 118 46.76 24.47 22.05
C ASP P 118 45.99 24.40 20.74
N ILE P 119 46.31 25.31 19.84
CA ILE P 119 45.61 25.42 18.57
C ILE P 119 45.81 24.20 17.69
N VAL P 120 47.01 23.62 17.72
CA VAL P 120 47.29 22.46 16.90
C VAL P 120 46.42 21.28 17.31
N THR P 121 46.25 21.10 18.63
CA THR P 121 45.39 19.98 19.03
C THR P 121 43.93 20.31 18.76
N ALA P 122 43.51 21.56 18.92
CA ALA P 122 42.11 21.87 18.64
C ALA P 122 41.77 21.53 17.18
N ARG P 123 42.69 21.85 16.27
CA ARG P 123 42.47 21.59 14.84
C ARG P 123 42.40 20.09 14.56
N LEU P 124 43.23 19.29 15.22
CA LEU P 124 43.10 17.84 15.08
C LEU P 124 41.68 17.43 15.45
N PHE P 125 41.15 17.94 16.55
CA PHE P 125 39.80 17.53 16.97
C PHE P 125 38.76 18.01 15.99
N GLU P 126 38.87 19.24 15.50
CA GLU P 126 37.90 19.70 14.49
C GLU P 126 37.88 18.82 13.24
N ARG P 127 39.03 18.42 12.72
N ARG P 127 39.03 18.42 12.72
CA ARG P 127 39.00 17.59 11.51
CA ARG P 127 39.04 17.59 11.52
C ARG P 127 38.42 16.22 11.77
C ARG P 127 38.44 16.22 11.76
N ILE P 128 38.74 15.65 12.93
CA ILE P 128 38.24 14.30 13.23
C ILE P 128 36.75 14.36 13.50
N ILE P 129 36.25 15.43 14.12
CA ILE P 129 34.79 15.59 14.31
C ILE P 129 34.06 15.67 12.97
N GLU P 130 34.63 16.35 11.98
CA GLU P 130 34.04 16.30 10.66
C GLU P 130 34.00 14.88 10.11
N GLU P 131 34.99 14.04 10.42
CA GLU P 131 34.92 12.68 9.93
C GLU P 131 33.88 11.85 10.69
N GLU P 132 33.74 12.11 11.99
CA GLU P 132 32.78 11.36 12.79
C GLU P 132 31.35 11.65 12.31
N GLN P 133 31.11 12.88 11.89
CA GLN P 133 29.86 13.33 11.27
C GLN P 133 29.58 12.50 10.02
N ALA P 134 30.59 12.25 9.21
CA ALA P 134 30.37 11.40 8.03
C ALA P 134 29.94 10.01 8.46
N HIS P 135 30.50 9.52 9.56
CA HIS P 135 30.14 8.20 10.07
C HIS P 135 28.70 8.17 10.59
N LEU P 136 28.35 9.19 11.37
CA LEU P 136 27.01 9.31 11.93
C LEU P 136 25.96 9.29 10.83
N THR P 137 26.13 10.16 9.83
CA THR P 137 25.22 10.23 8.69
C THR P 137 25.11 8.87 8.01
N TYR P 138 26.22 8.16 7.85
CA TYR P 138 26.15 6.86 7.20
C TYR P 138 25.30 5.90 8.05
N TYR P 139 25.54 5.85 9.36
CA TYR P 139 24.87 4.88 10.24
C TYR P 139 23.39 5.17 10.32
N GLU P 140 23.04 6.45 10.42
CA GLU P 140 21.64 6.87 10.39
C GLU P 140 20.93 6.48 9.10
N ASN P 141 21.59 6.63 7.95
CA ASN P 141 20.93 6.30 6.69
C ASN P 141 20.67 4.81 6.60
N ILE P 142 21.65 3.99 6.95
CA ILE P 142 21.40 2.55 6.93
C ILE P 142 20.30 2.19 7.92
N GLY P 143 20.35 2.74 9.13
CA GLY P 143 19.38 2.41 10.17
C GLY P 143 17.97 2.71 9.69
N SER P 144 17.79 3.87 9.09
CA SER P 144 16.47 4.25 8.57
C SER P 144 16.01 3.36 7.44
N HIS P 145 16.85 2.99 6.46
CA HIS P 145 16.34 2.07 5.46
C HIS P 145 15.92 0.74 6.06
N ILE P 146 16.72 0.27 7.02
CA ILE P 146 16.40 -1.03 7.60
C ILE P 146 15.04 -0.97 8.30
N LYS P 147 14.85 0.10 9.08
CA LYS P 147 13.56 0.22 9.77
C LYS P 147 12.42 0.36 8.76
N ASN P 148 12.56 1.20 7.75
CA ASN P 148 11.50 1.51 6.80
C ASN P 148 11.27 0.44 5.74
N LEU P 149 12.32 -0.26 5.36
CA LEU P 149 12.24 -1.17 4.21
C LEU P 149 12.54 -2.61 4.55
N GLY P 150 13.12 -2.89 5.71
CA GLY P 150 13.39 -4.23 6.16
C GLY P 150 14.15 -5.12 5.20
N ASP P 151 13.75 -6.39 5.16
CA ASP P 151 14.34 -7.45 4.35
C ASP P 151 14.32 -7.10 2.87
N THR P 152 13.37 -6.27 2.46
CA THR P 152 13.36 -5.87 1.05
C THR P 152 14.67 -5.15 0.72
N TYR P 153 15.11 -4.28 1.63
CA TYR P 153 16.38 -3.57 1.46
C TYR P 153 17.55 -4.53 1.64
N LEU P 154 17.50 -5.35 2.69
CA LEU P 154 18.57 -6.32 2.92
C LEU P 154 18.68 -7.35 1.82
N ALA P 155 17.57 -7.67 1.15
CA ALA P 155 17.69 -8.63 0.06
C ALA P 155 18.62 -8.08 -1.03
N LYS P 156 18.58 -6.77 -1.21
CA LYS P 156 19.44 -6.07 -2.17
C LYS P 156 20.92 -6.21 -1.83
N ILE P 157 21.25 -6.15 -0.55
CA ILE P 157 22.64 -6.20 -0.09
C ILE P 157 23.14 -7.63 -0.02
N ALA P 158 22.27 -8.63 0.14
CA ALA P 158 22.68 -10.03 0.20
C ALA P 158 23.57 -10.47 -0.95
N GLY P 159 24.74 -11.03 -0.64
CA GLY P 159 25.56 -11.55 -1.73
C GLY P 159 26.39 -10.49 -2.42
N THR P 160 26.36 -9.22 -2.00
CA THR P 160 27.21 -8.24 -2.71
C THR P 160 28.68 -8.42 -2.38
N PRO P 161 29.59 -7.80 -3.13
CA PRO P 161 31.01 -7.85 -2.79
C PRO P 161 31.32 -7.23 -1.44
N SER P 162 32.26 -7.81 -0.69
CA SER P 162 32.66 -7.27 0.60
C SER P 162 34.08 -6.72 0.60
N SER P 163 34.71 -6.73 -0.57
CA SER P 163 36.09 -6.28 -0.66
C SER P 163 36.25 -4.82 -0.28
N THR P 164 37.30 -4.52 0.45
CA THR P 164 37.63 -3.15 0.84
C THR P 164 38.83 -2.64 0.06
N GLY P 165 39.15 -3.37 -1.01
CA GLY P 165 40.25 -2.92 -1.84
C GLY P 165 41.47 -3.82 -1.64
N THR P 166 42.52 -3.41 -2.33
CA THR P 166 43.78 -4.15 -2.31
C THR P 166 44.27 -4.31 -0.87
N ALA P 167 44.79 -5.50 -0.58
CA ALA P 167 45.37 -5.92 0.68
C ALA P 167 46.32 -4.88 1.26
N SER P 168 46.27 -4.83 2.58
N SER P 168 46.31 -4.69 2.58
CA SER P 168 47.12 -4.02 3.43
CA SER P 168 47.13 -3.59 3.08
C SER P 168 48.60 -4.19 3.12
C SER P 168 48.61 -3.94 3.25
N LYS P 169 49.29 -3.06 3.08
N LYS P 169 49.42 -2.97 2.85
CA LYS P 169 50.74 -2.97 3.08
CA LYS P 169 50.83 -2.86 3.14
C LYS P 169 51.26 -3.53 4.40
C LYS P 169 51.21 -3.57 4.43
N GLY P 170 51.93 -4.68 4.38
CA GLY P 170 52.40 -5.33 5.60
C GLY P 170 53.88 -5.61 5.56
N PHE P 171 54.43 -6.32 6.53
CA PHE P 171 55.87 -6.55 6.48
C PHE P 171 56.19 -7.77 5.62
N VAL P 172 55.43 -8.86 5.80
CA VAL P 172 55.79 -10.04 5.01
C VAL P 172 55.29 -9.89 3.57
#